data_3K4W
#
_entry.id   3K4W
#
_cell.length_a   84.923
_cell.length_b   248.768
_cell.length_c   90.618
_cell.angle_alpha   90.00
_cell.angle_beta   104.92
_cell.angle_gamma   90.00
#
_symmetry.space_group_name_H-M   'P 1 21 1'
#
loop_
_entity.id
_entity.type
_entity.pdbx_description
1 polymer 'uncharacterized protein Bb4693'
2 water water
#
_entity_poly.entity_id   1
_entity_poly.type   'polypeptide(L)'
_entity_poly.pdbx_seq_one_letter_code
;MSLKIIDFRLRPPAMGFLNARIYTRPDIRNRFTRQLGFEPAPSAEEKSLELMFEEMAAAGIEQGVCVGRNSSVLGSVSNA
DVAAVAKAYPDKFHPVGSIEAATRKEAMAQMQEILDLGIRIVNLEPGVWATPMHVDDRRLYPLYAFCEDNGIPVIMMTGG
NAGPDITYTNPEHIDRVLGDFPDLTVVSSHGNWPWVQEIIHVAFRRPNLYLSPDMYLYNLPGHADFIQAANSFLADRMLF
GTAYPMCPLKEYTEWFLTLPIKPDAMEKILHGNAERLLAQAGREGHHHHHH
;
_entity_poly.pdbx_strand_id   A,B,C,D,E,F,G,H,I,J,K,L
#
# COMPACT_ATOMS: atom_id res chain seq x y z
N LEU A 3 14.49 -77.54 -20.52
CA LEU A 3 14.55 -76.08 -20.26
C LEU A 3 14.48 -75.86 -18.76
N LYS A 4 15.39 -75.04 -18.26
CA LYS A 4 15.64 -74.93 -16.85
C LYS A 4 15.01 -73.61 -16.34
N ILE A 5 14.28 -73.67 -15.24
CA ILE A 5 13.76 -72.45 -14.63
C ILE A 5 14.31 -72.29 -13.22
N ILE A 6 14.84 -71.09 -12.94
CA ILE A 6 15.31 -70.67 -11.61
C ILE A 6 14.26 -69.69 -11.08
N ASP A 7 13.55 -70.07 -10.03
CA ASP A 7 12.57 -69.16 -9.46
C ASP A 7 13.28 -68.11 -8.54
N PHE A 8 13.25 -66.85 -8.93
CA PHE A 8 14.01 -65.85 -8.13
C PHE A 8 13.41 -65.45 -6.80
N ARG A 9 12.25 -66.01 -6.42
CA ARG A 9 11.67 -65.66 -5.15
C ARG A 9 10.77 -66.75 -4.65
N LEU A 10 11.29 -67.63 -3.85
CA LEU A 10 10.49 -68.80 -3.50
C LEU A 10 10.74 -69.08 -2.05
N ARG A 11 9.69 -69.14 -1.22
CA ARG A 11 9.90 -69.25 0.24
C ARG A 11 9.28 -70.56 0.60
N PRO A 12 10.13 -71.60 0.84
CA PRO A 12 9.58 -72.96 0.89
C PRO A 12 8.93 -73.18 2.26
N PRO A 13 7.98 -74.12 2.36
CA PRO A 13 7.37 -74.28 3.68
C PRO A 13 8.22 -75.15 4.61
N ALA A 14 9.42 -74.69 4.96
CA ALA A 14 10.32 -75.44 5.80
C ALA A 14 11.11 -74.63 6.82
N MET A 15 11.48 -75.26 7.93
CA MET A 15 12.29 -74.63 8.94
C MET A 15 11.77 -73.33 9.47
N GLY A 16 12.65 -72.37 9.44
CA GLY A 16 12.42 -71.02 9.87
C GLY A 16 11.39 -70.32 9.05
N PHE A 17 11.26 -70.71 7.81
CA PHE A 17 10.29 -70.09 6.92
C PHE A 17 8.89 -70.31 7.49
N LEU A 18 8.61 -71.44 8.11
CA LEU A 18 7.30 -71.66 8.69
C LEU A 18 6.86 -70.57 9.70
N ASN A 19 7.81 -69.71 10.07
CA ASN A 19 7.59 -68.67 11.07
C ASN A 19 7.26 -67.30 10.52
N ALA A 20 7.41 -67.13 9.22
CA ALA A 20 7.12 -65.83 8.63
C ALA A 20 5.59 -65.62 8.61
N ARG A 21 5.17 -64.35 8.48
CA ARG A 21 3.76 -63.99 8.42
C ARG A 21 3.10 -64.48 7.11
N ILE A 22 3.91 -64.99 6.18
CA ILE A 22 3.36 -65.51 4.92
C ILE A 22 2.85 -66.89 5.10
N TYR A 23 3.33 -67.55 6.16
CA TYR A 23 2.86 -68.87 6.59
C TYR A 23 2.13 -68.85 7.92
N THR A 24 2.28 -67.82 8.75
CA THR A 24 1.52 -67.87 10.01
C THR A 24 0.18 -67.17 9.85
N ARG A 25 0.06 -66.32 8.84
CA ARG A 25 -1.23 -65.73 8.53
C ARG A 25 -1.72 -66.11 7.11
N PRO A 26 -2.18 -67.38 6.93
CA PRO A 26 -2.62 -67.89 5.61
C PRO A 26 -3.73 -66.98 5.07
N ASP A 27 -4.51 -66.41 5.99
CA ASP A 27 -5.72 -65.65 5.66
C ASP A 27 -5.38 -64.32 5.02
N ILE A 28 -4.27 -63.70 5.45
CA ILE A 28 -3.79 -62.51 4.72
C ILE A 28 -3.22 -62.87 3.35
N ARG A 29 -2.36 -63.90 3.35
CA ARG A 29 -1.71 -64.38 2.15
C ARG A 29 -2.72 -64.57 1.04
N ASN A 30 -3.72 -65.41 1.36
CA ASN A 30 -4.81 -65.84 0.49
C ASN A 30 -5.64 -64.70 -0.09
N ARG A 31 -5.84 -63.61 0.66
CA ARG A 31 -6.44 -62.44 0.06
C ARG A 31 -5.55 -61.99 -1.08
N PHE A 32 -4.23 -61.81 -0.84
CA PHE A 32 -3.39 -61.34 -1.95
C PHE A 32 -3.47 -62.28 -3.14
N THR A 33 -3.47 -63.60 -2.87
CA THR A 33 -3.47 -64.61 -3.96
C THR A 33 -4.74 -64.62 -4.84
N ARG A 34 -5.91 -64.68 -4.19
CA ARG A 34 -7.19 -64.62 -4.87
C ARG A 34 -7.45 -63.29 -5.50
N GLN A 35 -7.06 -62.22 -4.83
CA GLN A 35 -7.09 -60.89 -5.44
C GLN A 35 -6.25 -60.78 -6.74
N LEU A 36 -5.13 -61.51 -6.84
CA LEU A 36 -4.34 -61.58 -8.06
C LEU A 36 -5.05 -62.39 -9.08
N GLY A 37 -5.99 -63.24 -8.63
CA GLY A 37 -6.66 -64.17 -9.52
C GLY A 37 -6.19 -65.62 -9.45
N PHE A 38 -5.36 -66.01 -8.48
CA PHE A 38 -4.94 -67.45 -8.36
C PHE A 38 -5.71 -68.13 -7.23
N GLU A 39 -5.74 -69.45 -7.24
CA GLU A 39 -6.07 -70.32 -6.07
C GLU A 39 -4.78 -70.59 -5.29
N PRO A 40 -4.85 -70.66 -3.94
CA PRO A 40 -3.61 -70.92 -3.20
C PRO A 40 -3.07 -72.27 -3.57
N ALA A 41 -1.74 -72.33 -3.65
CA ALA A 41 -1.06 -73.59 -3.86
C ALA A 41 -1.45 -74.54 -2.73
N PRO A 42 -1.83 -75.79 -3.09
CA PRO A 42 -2.09 -76.82 -2.06
C PRO A 42 -0.90 -77.03 -1.08
N SER A 43 0.36 -76.99 -1.56
CA SER A 43 1.50 -77.11 -0.63
C SER A 43 1.64 -75.94 0.39
N ALA A 44 1.18 -74.74 0.05
CA ALA A 44 1.21 -73.64 0.97
C ALA A 44 0.14 -73.86 2.05
N GLU A 45 -1.08 -74.14 1.63
CA GLU A 45 -2.23 -74.48 2.54
C GLU A 45 -1.92 -75.45 3.69
N GLU A 46 -1.37 -76.60 3.32
CA GLU A 46 -0.87 -77.66 4.21
C GLU A 46 0.52 -77.44 4.81
N LYS A 47 1.32 -76.54 4.22
CA LYS A 47 2.71 -76.27 4.69
C LYS A 47 3.55 -77.53 4.54
N SER A 48 3.33 -78.20 3.42
CA SER A 48 4.01 -79.43 3.13
C SER A 48 5.08 -79.21 2.07
N LEU A 49 6.34 -79.28 2.50
CA LEU A 49 7.54 -79.21 1.64
C LEU A 49 7.56 -80.23 0.52
N GLU A 50 7.20 -81.47 0.85
CA GLU A 50 7.17 -82.54 -0.13
C GLU A 50 6.19 -82.34 -1.27
N LEU A 51 5.03 -81.78 -0.95
CA LEU A 51 4.06 -81.36 -1.92
C LEU A 51 4.60 -80.20 -2.76
N MET A 52 5.32 -79.27 -2.16
CA MET A 52 5.94 -78.15 -2.91
C MET A 52 6.92 -78.64 -3.97
N PHE A 53 7.77 -79.59 -3.59
CA PHE A 53 8.67 -80.25 -4.52
C PHE A 53 7.95 -80.92 -5.67
N GLU A 54 6.83 -81.59 -5.41
CA GLU A 54 5.95 -82.10 -6.45
C GLU A 54 5.44 -80.99 -7.43
N GLU A 55 4.88 -79.90 -6.90
CA GLU A 55 4.40 -78.79 -7.70
C GLU A 55 5.56 -78.16 -8.50
N MET A 56 6.74 -78.03 -7.86
CA MET A 56 7.98 -77.44 -8.48
C MET A 56 8.37 -78.16 -9.80
N ALA A 57 8.49 -79.50 -9.70
CA ALA A 57 8.77 -80.38 -10.84
C ALA A 57 7.62 -80.37 -11.84
N ALA A 58 6.37 -80.39 -11.40
CA ALA A 58 5.25 -80.27 -12.32
C ALA A 58 5.32 -78.95 -13.11
N ALA A 59 5.75 -77.86 -12.45
CA ALA A 59 5.87 -76.56 -13.08
C ALA A 59 7.12 -76.45 -13.96
N GLY A 60 8.07 -77.35 -13.79
CA GLY A 60 9.35 -77.26 -14.54
C GLY A 60 10.40 -76.40 -13.88
N ILE A 61 10.26 -76.11 -12.61
CA ILE A 61 11.22 -75.23 -11.97
C ILE A 61 12.30 -76.06 -11.27
N GLU A 62 13.57 -75.75 -11.63
CA GLU A 62 14.67 -76.58 -11.29
C GLU A 62 15.25 -76.08 -9.99
N GLN A 63 15.27 -74.77 -9.76
CA GLN A 63 15.87 -74.21 -8.52
C GLN A 63 15.13 -72.98 -8.07
N GLY A 64 15.27 -72.65 -6.81
CA GLY A 64 14.69 -71.46 -6.30
C GLY A 64 15.61 -70.69 -5.39
N VAL A 65 15.44 -69.38 -5.42
CA VAL A 65 16.27 -68.50 -4.62
C VAL A 65 15.41 -68.21 -3.37
N CYS A 66 15.92 -68.64 -2.20
CA CYS A 66 15.24 -68.53 -0.92
C CYS A 66 15.55 -67.28 -0.17
N VAL A 67 14.64 -66.33 -0.28
CA VAL A 67 14.86 -65.01 0.29
C VAL A 67 14.38 -65.01 1.72
N GLY A 68 15.29 -64.80 2.65
CA GLY A 68 14.88 -64.78 4.06
C GLY A 68 14.25 -63.46 4.45
N ARG A 69 13.41 -63.50 5.47
CA ARG A 69 12.87 -62.26 6.02
C ARG A 69 13.43 -61.98 7.42
N ASN A 70 14.01 -60.80 7.57
CA ASN A 70 14.39 -60.29 8.89
C ASN A 70 13.58 -59.01 9.21
N SER A 71 12.32 -59.23 9.58
CA SER A 71 11.40 -58.17 9.94
C SER A 71 10.83 -58.37 11.38
N SER A 72 10.46 -57.27 12.05
CA SER A 72 9.62 -57.38 13.24
C SER A 72 8.13 -57.16 12.85
N VAL A 73 7.92 -56.52 11.68
CA VAL A 73 6.58 -56.33 11.08
C VAL A 73 6.03 -57.58 10.32
N LEU A 74 6.90 -58.29 9.58
CA LEU A 74 6.51 -59.47 8.76
C LEU A 74 7.07 -60.85 9.24
N GLY A 75 7.58 -60.90 10.44
CA GLY A 75 8.10 -62.11 11.03
C GLY A 75 9.49 -62.50 10.62
N SER A 76 10.03 -63.53 11.25
CA SER A 76 11.43 -63.87 11.06
C SER A 76 11.88 -65.26 10.74
N VAL A 77 12.76 -65.34 9.76
CA VAL A 77 13.56 -66.49 9.51
C VAL A 77 15.01 -66.04 9.50
N SER A 78 15.76 -66.51 10.47
CA SER A 78 17.15 -66.06 10.65
C SER A 78 18.01 -66.52 9.46
N ASN A 79 19.19 -65.91 9.29
CA ASN A 79 20.14 -66.31 8.24
C ASN A 79 20.70 -67.73 8.37
N ALA A 80 20.91 -68.17 9.62
CA ALA A 80 21.30 -69.57 9.91
C ALA A 80 20.26 -70.53 9.29
N ASP A 81 18.97 -70.24 9.53
CA ASP A 81 17.88 -71.09 8.94
C ASP A 81 17.83 -71.11 7.45
N VAL A 82 17.89 -69.94 6.80
CA VAL A 82 18.00 -69.91 5.34
C VAL A 82 19.15 -70.80 4.83
N ALA A 83 20.33 -70.66 5.46
CA ALA A 83 21.52 -71.49 5.18
C ALA A 83 21.30 -72.97 5.37
N ALA A 84 20.46 -73.33 6.36
CA ALA A 84 20.23 -74.73 6.70
C ALA A 84 19.31 -75.35 5.68
N VAL A 85 18.33 -74.58 5.20
CA VAL A 85 17.43 -75.03 4.13
C VAL A 85 18.24 -75.37 2.88
N ALA A 86 19.17 -74.47 2.51
CA ALA A 86 20.04 -74.63 1.33
C ALA A 86 21.02 -75.76 1.41
N LYS A 87 21.63 -75.98 2.56
CA LYS A 87 22.54 -77.11 2.66
C LYS A 87 21.81 -78.47 2.77
N ALA A 88 20.56 -78.49 3.29
CA ALA A 88 19.71 -79.69 3.25
C ALA A 88 19.19 -80.00 1.85
N TYR A 89 19.09 -78.97 1.00
CA TYR A 89 18.58 -79.14 -0.37
C TYR A 89 19.42 -78.43 -1.41
N PRO A 90 20.70 -78.83 -1.52
CA PRO A 90 21.68 -78.02 -2.26
C PRO A 90 21.52 -78.00 -3.79
N ASP A 91 20.75 -78.94 -4.33
CA ASP A 91 20.45 -78.91 -5.77
C ASP A 91 19.18 -78.07 -6.07
N LYS A 92 18.52 -77.58 -5.03
CA LYS A 92 17.19 -77.05 -5.15
C LYS A 92 17.11 -75.61 -4.73
N PHE A 93 17.95 -75.21 -3.76
CA PHE A 93 17.79 -73.84 -3.17
C PHE A 93 19.09 -73.03 -3.12
N HIS A 94 19.02 -71.79 -3.53
CA HIS A 94 20.10 -70.82 -3.29
C HIS A 94 19.78 -69.85 -2.14
N PRO A 95 20.65 -69.81 -1.08
CA PRO A 95 20.33 -69.01 0.12
C PRO A 95 20.67 -67.51 -0.11
N VAL A 96 19.83 -66.64 0.44
CA VAL A 96 20.03 -65.21 0.36
C VAL A 96 19.97 -64.73 1.77
N GLY A 97 20.96 -63.93 2.13
CA GLY A 97 21.08 -63.42 3.49
C GLY A 97 20.36 -62.07 3.71
N SER A 98 19.58 -61.94 4.80
CA SER A 98 18.98 -60.65 5.01
C SER A 98 19.46 -59.85 6.21
N ILE A 99 19.36 -58.53 6.09
CA ILE A 99 19.90 -57.62 7.11
C ILE A 99 18.76 -56.72 7.60
N GLU A 100 18.56 -56.65 8.95
CA GLU A 100 17.69 -55.70 9.64
C GLU A 100 18.44 -55.11 10.83
N ALA A 101 18.83 -53.85 10.74
CA ALA A 101 19.69 -53.29 11.78
C ALA A 101 19.39 -51.81 12.04
N ALA A 102 19.65 -51.35 13.26
CA ALA A 102 19.53 -49.93 13.55
C ALA A 102 20.85 -49.36 13.10
N THR A 103 21.94 -49.89 13.64
CA THR A 103 23.22 -49.21 13.63
C THR A 103 24.18 -49.80 12.61
N ARG A 104 25.11 -48.98 12.12
CA ARG A 104 26.06 -49.46 11.14
C ARG A 104 26.78 -50.65 11.69
N LYS A 105 27.12 -50.62 12.97
CA LYS A 105 27.92 -51.71 13.52
C LYS A 105 27.12 -53.00 13.67
N GLU A 106 25.81 -52.87 13.70
CA GLU A 106 24.91 -53.99 13.89
C GLU A 106 24.78 -54.69 12.54
N ALA A 107 24.65 -53.89 11.49
CA ALA A 107 24.59 -54.37 10.11
C ALA A 107 25.85 -55.12 9.72
N MET A 108 27.01 -54.58 10.12
CA MET A 108 28.27 -55.10 9.65
C MET A 108 28.53 -56.43 10.33
N ALA A 109 28.11 -56.56 11.60
CA ALA A 109 28.16 -57.84 12.23
C ALA A 109 27.18 -58.88 11.56
N GLN A 110 26.02 -58.43 11.07
CA GLN A 110 25.09 -59.38 10.43
C GLN A 110 25.63 -59.81 9.06
N MET A 111 26.22 -58.86 8.34
CA MET A 111 26.91 -59.13 7.09
C MET A 111 28.08 -60.11 7.27
N GLN A 112 28.80 -59.96 8.37
CA GLN A 112 29.87 -60.93 8.71
C GLN A 112 29.30 -62.34 8.94
N GLU A 113 28.19 -62.48 9.67
CA GLU A 113 27.63 -63.81 9.88
C GLU A 113 27.10 -64.42 8.57
N ILE A 114 26.43 -63.63 7.72
CA ILE A 114 25.98 -64.04 6.41
C ILE A 114 27.12 -64.65 5.62
N LEU A 115 28.20 -63.90 5.49
CA LEU A 115 29.34 -64.41 4.78
C LEU A 115 29.97 -65.61 5.50
N ASP A 116 30.04 -65.63 6.83
CA ASP A 116 30.55 -66.84 7.54
C ASP A 116 29.70 -68.09 7.26
N LEU A 117 28.38 -67.91 7.07
CA LEU A 117 27.47 -69.03 6.73
C LEU A 117 27.64 -69.49 5.30
N GLY A 118 28.47 -68.83 4.50
CA GLY A 118 28.64 -69.27 3.15
C GLY A 118 27.61 -68.67 2.17
N ILE A 119 26.72 -67.77 2.68
CA ILE A 119 25.79 -66.98 1.84
C ILE A 119 26.50 -65.86 1.10
N ARG A 120 26.16 -65.62 -0.18
CA ARG A 120 26.92 -64.69 -1.02
C ARG A 120 26.03 -63.58 -1.65
N ILE A 121 24.73 -63.61 -1.30
CA ILE A 121 23.76 -62.60 -1.79
C ILE A 121 23.06 -62.09 -0.59
N VAL A 122 22.76 -60.78 -0.55
CA VAL A 122 22.12 -60.13 0.57
C VAL A 122 20.80 -59.51 0.11
N ASN A 123 19.79 -59.60 0.97
CA ASN A 123 18.50 -58.99 0.81
C ASN A 123 18.20 -57.90 1.86
N LEU A 124 17.62 -56.80 1.43
CA LEU A 124 17.32 -55.63 2.28
C LEU A 124 15.88 -55.17 2.05
N GLU A 125 15.08 -55.18 3.10
CA GLU A 125 13.68 -54.80 2.98
C GLU A 125 13.43 -53.72 4.07
N PRO A 126 14.18 -52.61 4.01
CA PRO A 126 14.13 -51.69 5.17
C PRO A 126 12.79 -51.04 5.45
N GLY A 127 11.88 -51.08 4.49
CA GLY A 127 10.53 -50.53 4.71
C GLY A 127 9.72 -51.31 5.71
N VAL A 128 10.11 -52.55 5.87
CA VAL A 128 9.41 -53.38 6.85
C VAL A 128 10.18 -53.62 8.17
N TRP A 129 11.25 -52.85 8.44
CA TRP A 129 11.95 -52.96 9.73
C TRP A 129 11.07 -52.41 10.85
N ALA A 130 11.39 -52.76 12.08
CA ALA A 130 10.70 -52.16 13.27
C ALA A 130 10.78 -50.62 13.26
N THR A 131 11.85 -50.07 12.68
CA THR A 131 11.95 -48.64 12.32
C THR A 131 12.18 -48.55 10.80
N PRO A 132 11.09 -48.36 10.00
CA PRO A 132 11.10 -48.36 8.51
C PRO A 132 12.05 -47.27 8.01
N MET A 133 12.84 -47.58 6.99
CA MET A 133 13.62 -46.55 6.27
C MET A 133 13.54 -46.78 4.78
N HIS A 134 13.90 -45.76 4.03
CA HIS A 134 13.91 -45.86 2.60
C HIS A 134 15.20 -46.56 2.20
N VAL A 135 15.29 -47.04 0.97
CA VAL A 135 16.45 -47.86 0.59
C VAL A 135 17.62 -46.94 0.30
N ASP A 136 17.35 -45.64 0.10
CA ASP A 136 18.39 -44.67 -0.04
C ASP A 136 18.67 -43.89 1.28
N ASP A 137 18.20 -44.39 2.41
CA ASP A 137 18.60 -43.76 3.68
C ASP A 137 20.13 -43.70 3.81
N ARG A 138 20.63 -42.53 4.24
CA ARG A 138 22.04 -42.28 4.43
C ARG A 138 22.65 -43.45 5.18
N ARG A 139 21.94 -44.00 6.13
CA ARG A 139 22.50 -45.05 7.00
C ARG A 139 22.79 -46.40 6.33
N LEU A 140 22.21 -46.64 5.14
CA LEU A 140 22.49 -47.84 4.37
C LEU A 140 23.70 -47.63 3.47
N TYR A 141 24.05 -46.38 3.20
CA TYR A 141 25.19 -46.14 2.28
C TYR A 141 26.49 -46.84 2.63
N PRO A 142 26.87 -46.92 3.92
CA PRO A 142 28.10 -47.72 4.14
C PRO A 142 28.00 -49.20 3.72
N LEU A 143 26.83 -49.82 3.96
CA LEU A 143 26.53 -51.15 3.51
C LEU A 143 26.64 -51.32 1.98
N TYR A 144 26.07 -50.40 1.21
CA TYR A 144 26.17 -50.47 -0.21
C TYR A 144 27.59 -50.34 -0.71
N ALA A 145 28.38 -49.52 -0.02
CA ALA A 145 29.75 -49.32 -0.38
C ALA A 145 30.55 -50.62 -0.23
N PHE A 146 30.33 -51.37 0.83
CA PHE A 146 30.99 -52.65 1.04
C PHE A 146 30.61 -53.69 -0.02
N CYS A 147 29.32 -53.75 -0.29
CA CYS A 147 28.80 -54.64 -1.30
C CYS A 147 29.34 -54.29 -2.71
N GLU A 148 29.40 -53.03 -3.06
CA GLU A 148 29.96 -52.66 -4.35
C GLU A 148 31.44 -52.98 -4.45
N ASP A 149 32.23 -52.64 -3.43
CA ASP A 149 33.66 -52.96 -3.44
C ASP A 149 33.84 -54.49 -3.47
N ASN A 150 32.99 -55.24 -2.81
CA ASN A 150 33.17 -56.68 -2.76
C ASN A 150 32.41 -57.51 -3.87
N GLY A 151 31.77 -56.85 -4.84
CA GLY A 151 30.99 -57.60 -5.87
C GLY A 151 29.86 -58.44 -5.33
N ILE A 152 29.28 -58.06 -4.20
CA ILE A 152 28.14 -58.80 -3.65
C ILE A 152 26.82 -58.19 -4.27
N PRO A 153 26.00 -59.04 -4.91
CA PRO A 153 24.71 -58.60 -5.42
C PRO A 153 23.75 -58.34 -4.28
N VAL A 154 22.97 -57.27 -4.42
CA VAL A 154 22.05 -56.91 -3.37
C VAL A 154 20.65 -57.00 -3.96
N ILE A 155 19.77 -57.71 -3.26
CA ILE A 155 18.37 -57.64 -3.55
C ILE A 155 17.70 -56.66 -2.61
N MET A 156 16.90 -55.75 -3.16
CA MET A 156 16.12 -54.80 -2.28
C MET A 156 14.64 -54.76 -2.67
N MET A 157 13.79 -54.82 -1.65
CA MET A 157 12.38 -54.75 -1.93
C MET A 157 11.99 -53.27 -2.16
N THR A 158 11.61 -52.92 -3.39
CA THR A 158 11.23 -51.52 -3.64
C THR A 158 9.96 -51.49 -4.46
N GLY A 159 9.30 -52.63 -4.54
CA GLY A 159 8.00 -52.77 -5.22
C GLY A 159 7.01 -53.32 -4.23
N GLY A 160 5.72 -53.25 -4.57
CA GLY A 160 4.68 -53.85 -3.73
C GLY A 160 4.50 -53.26 -2.36
N ASN A 161 4.18 -54.11 -1.36
CA ASN A 161 4.05 -53.56 -0.01
C ASN A 161 5.40 -53.38 0.70
N ALA A 162 6.26 -52.53 0.10
CA ALA A 162 7.64 -52.39 0.50
C ALA A 162 7.80 -51.62 1.83
N GLY A 163 6.81 -50.81 2.24
CA GLY A 163 6.91 -50.10 3.51
C GLY A 163 5.51 -49.77 3.96
N PRO A 164 5.38 -48.89 4.96
CA PRO A 164 4.07 -48.48 5.45
C PRO A 164 3.11 -47.92 4.38
N ASP A 165 3.68 -47.28 3.36
CA ASP A 165 2.85 -46.50 2.39
C ASP A 165 3.62 -46.42 1.09
N ILE A 166 2.98 -45.89 0.07
CA ILE A 166 3.48 -45.96 -1.30
C ILE A 166 4.76 -45.13 -1.52
N THR A 167 5.09 -44.18 -0.64
CA THR A 167 6.38 -43.46 -0.78
C THR A 167 7.62 -44.42 -0.70
N TYR A 168 7.42 -45.53 0.02
CA TYR A 168 8.48 -46.59 0.12
C TYR A 168 8.69 -47.34 -1.23
N THR A 169 7.91 -47.01 -2.29
CA THR A 169 8.20 -47.61 -3.59
C THR A 169 8.45 -46.53 -4.64
N ASN A 170 8.35 -45.25 -4.24
CA ASN A 170 8.68 -44.16 -5.16
C ASN A 170 10.05 -44.43 -5.76
N PRO A 171 10.16 -44.36 -7.11
CA PRO A 171 11.38 -44.84 -7.81
C PRO A 171 12.56 -43.92 -7.54
N GLU A 172 12.31 -42.74 -7.00
CA GLU A 172 13.43 -41.83 -6.66
C GLU A 172 14.38 -42.51 -5.68
N HIS A 173 13.90 -43.41 -4.82
CA HIS A 173 14.80 -44.01 -3.84
C HIS A 173 15.76 -44.97 -4.38
N ILE A 174 15.32 -46.00 -5.12
CA ILE A 174 16.31 -46.90 -5.76
C ILE A 174 17.16 -46.13 -6.79
N ASP A 175 16.60 -45.10 -7.42
CA ASP A 175 17.36 -44.38 -8.44
C ASP A 175 18.59 -43.68 -7.83
N ARG A 176 18.46 -43.21 -6.60
CA ARG A 176 19.64 -42.65 -5.94
C ARG A 176 20.77 -43.64 -5.63
N VAL A 177 20.39 -44.79 -5.09
CA VAL A 177 21.35 -45.86 -4.76
C VAL A 177 22.12 -46.29 -5.99
N LEU A 178 21.42 -46.56 -7.12
CA LEU A 178 22.06 -46.97 -8.39
C LEU A 178 23.00 -45.90 -8.97
N GLY A 179 22.61 -44.65 -8.86
CA GLY A 179 23.46 -43.56 -9.31
C GLY A 179 24.66 -43.35 -8.38
N ASP A 180 24.53 -43.67 -7.11
CA ASP A 180 25.66 -43.38 -6.16
C ASP A 180 26.56 -44.65 -6.10
N PHE A 181 26.01 -45.83 -6.52
CA PHE A 181 26.82 -47.08 -6.56
C PHE A 181 26.68 -47.71 -7.94
N PRO A 182 27.35 -47.10 -8.94
CA PRO A 182 27.13 -47.44 -10.34
C PRO A 182 27.61 -48.88 -10.72
N ASP A 183 28.46 -49.48 -9.92
CA ASP A 183 28.87 -50.83 -10.18
C ASP A 183 28.33 -51.78 -9.14
N LEU A 184 27.40 -51.37 -8.31
CA LEU A 184 26.69 -52.37 -7.50
C LEU A 184 25.59 -53.10 -8.29
N THR A 185 25.59 -54.42 -8.27
CA THR A 185 24.49 -55.18 -8.80
C THR A 185 23.32 -55.14 -7.85
N VAL A 186 22.21 -54.58 -8.34
CA VAL A 186 20.94 -54.49 -7.58
C VAL A 186 19.83 -55.21 -8.33
N VAL A 187 19.03 -55.99 -7.61
CA VAL A 187 17.82 -56.61 -8.09
C VAL A 187 16.70 -55.95 -7.30
N SER A 188 15.74 -55.31 -7.98
CA SER A 188 14.54 -54.79 -7.35
C SER A 188 13.52 -55.93 -7.22
N SER A 189 13.23 -56.41 -6.04
CA SER A 189 12.18 -57.42 -5.95
C SER A 189 10.85 -56.70 -6.02
N HIS A 190 9.92 -57.34 -6.73
CA HIS A 190 8.62 -56.80 -7.11
C HIS A 190 8.79 -55.72 -8.19
N GLY A 191 10.00 -55.51 -8.67
CA GLY A 191 10.19 -54.71 -9.85
C GLY A 191 9.80 -53.25 -9.65
N ASN A 192 9.83 -52.76 -8.40
CA ASN A 192 9.34 -51.45 -8.08
C ASN A 192 7.90 -51.15 -8.58
N TRP A 193 7.07 -52.19 -8.79
CA TRP A 193 5.64 -52.03 -9.08
C TRP A 193 5.09 -51.24 -7.91
N PRO A 194 4.20 -50.26 -8.13
CA PRO A 194 3.46 -49.99 -9.37
C PRO A 194 4.07 -48.97 -10.31
N TRP A 195 5.31 -48.54 -10.05
CA TRP A 195 5.86 -47.41 -10.77
C TRP A 195 6.59 -47.88 -11.99
N VAL A 196 5.83 -48.57 -12.86
CA VAL A 196 6.39 -49.26 -14.00
C VAL A 196 6.90 -48.36 -15.10
N GLN A 197 6.16 -47.31 -15.50
CA GLN A 197 6.78 -46.40 -16.56
C GLN A 197 8.13 -45.87 -16.09
N GLU A 198 8.18 -45.49 -14.82
CA GLU A 198 9.36 -44.90 -14.18
C GLU A 198 10.50 -45.87 -14.05
N ILE A 199 10.26 -47.06 -13.53
CA ILE A 199 11.34 -48.03 -13.33
C ILE A 199 11.99 -48.52 -14.65
N ILE A 200 11.26 -48.48 -15.77
CA ILE A 200 11.82 -48.78 -17.06
C ILE A 200 12.91 -47.72 -17.50
N HIS A 201 12.59 -46.46 -17.35
CA HIS A 201 13.58 -45.41 -17.48
C HIS A 201 14.75 -45.61 -16.53
N VAL A 202 14.46 -46.00 -15.30
CA VAL A 202 15.57 -46.22 -14.32
C VAL A 202 16.50 -47.35 -14.81
N ALA A 203 15.91 -48.46 -15.24
CA ALA A 203 16.69 -49.63 -15.78
C ALA A 203 17.44 -49.21 -17.05
N PHE A 204 16.80 -48.36 -17.85
CA PHE A 204 17.38 -47.81 -19.07
C PHE A 204 18.64 -46.98 -18.79
N ARG A 205 18.56 -46.18 -17.72
CA ARG A 205 19.58 -45.27 -17.38
C ARG A 205 20.69 -45.99 -16.59
N ARG A 206 20.28 -46.90 -15.70
CA ARG A 206 21.21 -47.54 -14.76
C ARG A 206 21.48 -49.01 -15.12
N PRO A 207 22.64 -49.29 -15.73
CA PRO A 207 22.87 -50.60 -16.37
C PRO A 207 23.03 -51.76 -15.38
N ASN A 208 23.18 -51.48 -14.08
CA ASN A 208 23.42 -52.48 -13.02
C ASN A 208 22.10 -52.99 -12.34
N LEU A 209 20.98 -52.40 -12.75
CA LEU A 209 19.65 -52.75 -12.24
C LEU A 209 19.00 -53.96 -12.89
N TYR A 210 18.56 -54.91 -12.07
CA TYR A 210 17.84 -56.11 -12.52
C TYR A 210 16.44 -55.96 -11.91
N LEU A 211 15.41 -56.35 -12.69
CA LEU A 211 14.01 -56.25 -12.27
C LEU A 211 13.38 -57.62 -12.04
N SER A 212 12.66 -57.82 -10.97
CA SER A 212 12.04 -59.11 -10.78
C SER A 212 10.62 -58.85 -10.33
N PRO A 213 9.70 -58.60 -11.30
CA PRO A 213 8.38 -58.15 -10.84
C PRO A 213 7.58 -59.25 -10.13
N ASP A 214 7.95 -60.49 -10.37
CA ASP A 214 7.33 -61.68 -9.78
C ASP A 214 5.82 -61.67 -9.88
N MET A 215 5.18 -61.80 -8.72
CA MET A 215 3.74 -61.81 -8.62
C MET A 215 3.05 -60.58 -9.32
N TYR A 216 3.73 -59.43 -9.35
CA TYR A 216 3.13 -58.20 -9.91
C TYR A 216 3.07 -58.07 -11.44
N LEU A 217 3.73 -59.02 -12.10
CA LEU A 217 3.65 -59.10 -13.50
C LEU A 217 2.23 -59.62 -13.89
N TYR A 218 1.56 -60.34 -12.97
CA TYR A 218 0.26 -60.93 -13.25
C TYR A 218 -0.97 -60.02 -13.33
N ASN A 219 -1.40 -59.70 -14.56
CA ASN A 219 -2.68 -59.04 -14.89
C ASN A 219 -2.89 -57.74 -14.19
N LEU A 220 -1.82 -56.94 -14.19
CA LEU A 220 -1.72 -55.73 -13.41
C LEU A 220 -1.03 -54.69 -14.28
N PRO A 221 -1.15 -53.40 -13.90
CA PRO A 221 -0.58 -52.30 -14.69
C PRO A 221 0.88 -52.47 -14.85
N GLY A 222 1.37 -52.05 -16.01
CA GLY A 222 2.79 -52.10 -16.25
C GLY A 222 3.14 -53.47 -16.86
N HIS A 223 2.19 -54.39 -16.94
CA HIS A 223 2.50 -55.71 -17.45
C HIS A 223 3.12 -55.52 -18.83
N ALA A 224 2.56 -54.65 -19.65
CA ALA A 224 2.98 -54.58 -21.06
C ALA A 224 4.30 -53.78 -21.20
N ASP A 225 4.51 -52.82 -20.30
CA ASP A 225 5.77 -52.11 -20.19
C ASP A 225 6.92 -53.09 -19.87
N PHE A 226 6.72 -54.00 -18.89
CA PHE A 226 7.69 -55.04 -18.60
C PHE A 226 7.95 -55.96 -19.78
N ILE A 227 6.90 -56.43 -20.45
CA ILE A 227 7.13 -57.39 -21.53
C ILE A 227 7.84 -56.68 -22.68
N GLN A 228 7.43 -55.48 -23.00
CA GLN A 228 8.08 -54.71 -24.05
C GLN A 228 9.62 -54.46 -23.81
N ALA A 229 10.00 -54.22 -22.56
CA ALA A 229 11.40 -54.10 -22.26
C ALA A 229 12.12 -55.43 -22.21
N ALA A 230 11.44 -56.48 -21.78
CA ALA A 230 12.06 -57.81 -21.88
C ALA A 230 12.49 -58.19 -23.29
N ASN A 231 11.76 -57.66 -24.30
CA ASN A 231 12.01 -58.00 -25.71
C ASN A 231 13.00 -57.06 -26.33
N SER A 232 13.49 -56.10 -25.55
CA SER A 232 14.49 -55.17 -26.03
CA SER A 232 14.47 -55.13 -26.02
C SER A 232 15.66 -55.09 -25.05
N PHE A 233 15.89 -53.94 -24.45
CA PHE A 233 17.12 -53.66 -23.72
C PHE A 233 17.24 -54.33 -22.38
N LEU A 234 16.14 -54.85 -21.86
CA LEU A 234 16.10 -55.50 -20.57
C LEU A 234 16.13 -57.04 -20.61
N ALA A 235 16.29 -57.61 -21.79
CA ALA A 235 16.39 -59.08 -21.95
C ALA A 235 17.42 -59.65 -20.99
N ASP A 236 18.56 -58.96 -20.82
CA ASP A 236 19.66 -59.37 -19.89
C ASP A 236 19.44 -59.03 -18.44
N ARG A 237 18.39 -58.26 -18.14
CA ARG A 237 18.20 -57.79 -16.74
C ARG A 237 16.85 -58.08 -16.11
N MET A 238 16.11 -59.04 -16.64
CA MET A 238 14.82 -59.36 -16.01
C MET A 238 14.95 -60.75 -15.41
N LEU A 239 14.23 -61.05 -14.33
CA LEU A 239 14.44 -62.35 -13.61
C LEU A 239 13.09 -62.90 -13.36
N PHE A 240 12.89 -64.15 -13.75
CA PHE A 240 11.64 -64.87 -13.48
C PHE A 240 11.52 -65.13 -12.02
N GLY A 241 10.31 -65.04 -11.48
CA GLY A 241 10.03 -65.49 -10.13
C GLY A 241 8.56 -65.47 -9.81
N THR A 242 8.18 -66.30 -8.83
CA THR A 242 6.76 -66.44 -8.56
C THR A 242 6.32 -65.74 -7.29
N ALA A 243 7.27 -65.42 -6.36
CA ALA A 243 6.93 -65.04 -4.97
C ALA A 243 6.10 -66.10 -4.28
N TYR A 244 6.18 -67.35 -4.76
CA TYR A 244 5.69 -68.46 -3.95
C TYR A 244 6.07 -68.27 -2.44
N PRO A 245 5.13 -68.49 -1.52
CA PRO A 245 3.79 -69.00 -1.65
C PRO A 245 2.73 -67.98 -2.04
N MET A 246 3.11 -66.77 -2.43
CA MET A 246 2.07 -65.78 -2.83
C MET A 246 1.31 -66.22 -4.11
N CYS A 247 2.02 -66.92 -5.01
CA CYS A 247 1.47 -67.48 -6.22
C CYS A 247 1.75 -68.98 -6.29
N PRO A 248 0.78 -69.76 -6.81
CA PRO A 248 1.02 -71.17 -7.11
C PRO A 248 2.05 -71.30 -8.22
N LEU A 249 3.01 -72.21 -8.03
CA LEU A 249 4.12 -72.46 -8.96
C LEU A 249 3.61 -72.90 -10.36
N LYS A 250 2.69 -73.86 -10.37
CA LYS A 250 2.29 -74.40 -11.70
C LYS A 250 1.46 -73.40 -12.58
N GLU A 251 0.37 -72.87 -12.04
CA GLU A 251 -0.43 -71.88 -12.78
C GLU A 251 0.33 -70.64 -13.26
N TYR A 252 1.11 -69.99 -12.38
CA TYR A 252 1.99 -68.87 -12.70
C TYR A 252 3.03 -69.19 -13.79
N THR A 253 3.77 -70.28 -13.62
CA THR A 253 4.78 -70.66 -14.60
C THR A 253 4.16 -70.94 -15.98
N GLU A 254 3.08 -71.69 -16.02
CA GLU A 254 2.36 -71.99 -17.33
C GLU A 254 1.91 -70.75 -18.02
N TRP A 255 1.41 -69.80 -17.25
CA TRP A 255 0.97 -68.51 -17.81
C TRP A 255 2.22 -67.76 -18.31
N PHE A 256 3.30 -67.86 -17.55
CA PHE A 256 4.43 -67.01 -17.80
C PHE A 256 5.05 -67.48 -19.10
N LEU A 257 5.10 -68.80 -19.27
CA LEU A 257 5.73 -69.45 -20.47
C LEU A 257 5.07 -69.09 -21.80
N THR A 258 3.80 -68.78 -21.73
CA THR A 258 3.10 -68.35 -22.93
C THR A 258 3.15 -66.84 -23.19
N LEU A 259 4.01 -66.09 -22.52
CA LEU A 259 4.04 -64.68 -22.71
C LEU A 259 4.80 -64.32 -24.02
N PRO A 260 4.38 -63.24 -24.70
CA PRO A 260 5.00 -62.92 -25.97
C PRO A 260 6.46 -62.44 -25.84
N ILE A 261 7.33 -63.35 -25.38
CA ILE A 261 8.74 -63.05 -25.18
C ILE A 261 9.59 -63.88 -26.12
N LYS A 262 10.49 -63.25 -26.87
CA LYS A 262 11.25 -63.98 -27.86
C LYS A 262 12.19 -65.00 -27.12
N PRO A 263 12.44 -66.18 -27.72
CA PRO A 263 13.19 -67.25 -27.08
C PRO A 263 14.52 -66.87 -26.46
N ASP A 264 15.41 -66.14 -27.15
CA ASP A 264 16.70 -65.84 -26.56
C ASP A 264 16.51 -64.99 -25.27
N ALA A 265 15.65 -63.97 -25.34
CA ALA A 265 15.22 -63.23 -24.17
C ALA A 265 14.52 -64.16 -23.16
N MET A 266 13.66 -65.08 -23.61
CA MET A 266 12.96 -65.98 -22.66
C MET A 266 13.92 -66.86 -21.82
N GLU A 267 14.92 -67.46 -22.46
CA GLU A 267 15.86 -68.27 -21.70
C GLU A 267 16.65 -67.45 -20.69
N LYS A 268 17.04 -66.22 -21.02
CA LYS A 268 17.79 -65.35 -20.11
C LYS A 268 16.95 -65.07 -18.85
N ILE A 269 15.71 -64.72 -19.08
CA ILE A 269 14.75 -64.38 -18.02
C ILE A 269 14.39 -65.59 -17.16
N LEU A 270 14.24 -66.76 -17.77
CA LEU A 270 14.00 -68.02 -17.07
C LEU A 270 15.18 -68.56 -16.29
N HIS A 271 16.40 -68.40 -16.80
CA HIS A 271 17.52 -68.96 -16.05
C HIS A 271 18.86 -68.26 -16.27
N GLY A 272 19.11 -67.77 -17.46
CA GLY A 272 20.44 -67.30 -17.81
C GLY A 272 20.89 -66.08 -17.00
N ASN A 273 20.01 -65.12 -16.79
CA ASN A 273 20.34 -63.97 -15.96
C ASN A 273 20.53 -64.35 -14.50
N ALA A 274 19.65 -65.16 -13.93
CA ALA A 274 19.87 -65.60 -12.58
C ALA A 274 21.21 -66.38 -12.41
N GLU A 275 21.50 -67.28 -13.35
CA GLU A 275 22.83 -67.95 -13.41
C GLU A 275 24.02 -66.95 -13.37
N ARG A 276 23.89 -65.84 -14.10
CA ARG A 276 24.96 -64.87 -14.15
C ARG A 276 25.20 -64.19 -12.80
N LEU A 277 24.11 -63.76 -12.14
CA LEU A 277 24.12 -63.22 -10.78
C LEU A 277 24.73 -64.19 -9.76
N LEU A 278 24.29 -65.45 -9.80
CA LEU A 278 24.85 -66.53 -8.98
C LEU A 278 26.33 -66.80 -9.29
N ALA A 279 26.72 -66.73 -10.56
CA ALA A 279 28.14 -66.80 -10.88
C ALA A 279 28.90 -65.62 -10.30
N GLN A 280 28.33 -64.43 -10.35
CA GLN A 280 28.93 -63.22 -9.78
C GLN A 280 29.15 -63.37 -8.31
N ALA A 281 28.14 -63.82 -7.58
CA ALA A 281 28.19 -64.09 -6.15
C ALA A 281 29.20 -65.18 -5.79
N GLY A 282 29.40 -66.14 -6.68
CA GLY A 282 30.37 -67.18 -6.51
C GLY A 282 31.78 -66.68 -6.76
N ARG A 283 31.84 -65.57 -7.44
CA ARG A 283 33.00 -64.76 -7.75
C ARG A 283 33.75 -65.08 -8.97
N LEU B 3 5.78 -33.39 -48.15
CA LEU B 3 5.44 -33.20 -46.73
C LEU B 3 6.54 -32.43 -46.04
N LYS B 4 6.21 -31.27 -45.47
CA LYS B 4 7.19 -30.48 -44.73
C LYS B 4 7.42 -31.05 -43.31
N ILE B 5 8.68 -31.30 -42.94
CA ILE B 5 9.03 -31.73 -41.60
C ILE B 5 10.02 -30.79 -40.98
N ILE B 6 9.71 -30.38 -39.75
CA ILE B 6 10.62 -29.62 -38.93
C ILE B 6 11.04 -30.46 -37.73
N ASP B 7 12.34 -30.72 -37.57
CA ASP B 7 12.84 -31.52 -36.40
C ASP B 7 13.08 -30.63 -35.22
N PHE B 8 12.38 -30.85 -34.14
CA PHE B 8 12.51 -29.95 -32.99
C PHE B 8 13.71 -30.22 -32.09
N ARG B 9 14.45 -31.30 -32.33
CA ARG B 9 15.70 -31.53 -31.59
C ARG B 9 16.77 -32.11 -32.50
N LEU B 10 17.61 -31.26 -33.06
CA LEU B 10 18.53 -31.75 -34.07
C LEU B 10 19.82 -30.95 -33.91
N ARG B 11 20.88 -31.67 -33.52
CA ARG B 11 22.20 -31.15 -33.23
C ARG B 11 23.21 -31.55 -34.34
N PRO B 12 23.52 -30.62 -35.24
CA PRO B 12 24.34 -30.97 -36.42
C PRO B 12 25.80 -31.22 -36.02
N PRO B 13 26.52 -32.09 -36.75
CA PRO B 13 27.95 -32.25 -36.50
C PRO B 13 28.73 -31.14 -37.16
N ALA B 14 28.63 -29.93 -36.64
CA ALA B 14 29.10 -28.76 -37.35
C ALA B 14 29.69 -27.79 -36.36
N MET B 15 30.88 -27.25 -36.69
CA MET B 15 31.47 -26.11 -35.98
C MET B 15 31.53 -26.28 -34.42
N GLY B 16 30.98 -25.38 -33.62
CA GLY B 16 30.98 -25.56 -32.17
C GLY B 16 30.25 -26.78 -31.60
N PHE B 17 29.35 -27.41 -32.36
CA PHE B 17 28.63 -28.62 -31.85
C PHE B 17 29.53 -29.87 -31.70
N LEU B 18 30.61 -29.94 -32.46
CA LEU B 18 31.56 -31.06 -32.34
C LEU B 18 32.31 -31.09 -31.00
N ASN B 19 32.16 -30.03 -30.20
CA ASN B 19 32.72 -30.00 -28.83
C ASN B 19 31.81 -30.53 -27.77
N ALA B 20 30.52 -30.75 -28.12
CA ALA B 20 29.55 -31.34 -27.19
C ALA B 20 29.89 -32.81 -26.88
N ARG B 21 29.39 -33.31 -25.76
CA ARG B 21 29.48 -34.75 -25.40
C ARG B 21 28.80 -35.72 -26.38
N ILE B 22 27.72 -35.30 -27.02
CA ILE B 22 27.02 -36.16 -27.97
C ILE B 22 27.96 -36.51 -29.09
N TYR B 23 28.95 -35.66 -29.40
CA TYR B 23 30.01 -35.95 -30.38
C TYR B 23 31.39 -36.37 -29.84
N THR B 24 31.81 -35.88 -28.66
CA THR B 24 33.21 -36.18 -28.19
C THR B 24 33.25 -37.55 -27.58
N ARG B 25 32.09 -37.98 -27.07
CA ARG B 25 31.92 -39.29 -26.46
C ARG B 25 30.89 -40.11 -27.26
N PRO B 26 31.23 -40.50 -28.49
CA PRO B 26 30.22 -41.35 -29.16
C PRO B 26 29.98 -42.72 -28.45
N ASP B 27 30.97 -43.23 -27.69
CA ASP B 27 30.76 -44.45 -26.91
C ASP B 27 29.45 -44.43 -26.09
N ILE B 28 29.25 -43.37 -25.30
CA ILE B 28 28.06 -43.13 -24.50
C ILE B 28 26.80 -42.99 -25.40
N ARG B 29 26.92 -42.15 -26.44
CA ARG B 29 25.76 -41.84 -27.31
C ARG B 29 25.30 -43.14 -28.02
N ASN B 30 26.24 -43.88 -28.57
CA ASN B 30 25.95 -45.16 -29.24
C ASN B 30 25.28 -46.20 -28.37
N ARG B 31 25.66 -46.36 -27.11
CA ARG B 31 24.93 -47.36 -26.27
C ARG B 31 23.49 -46.97 -26.06
N PHE B 32 23.30 -45.67 -26.07
CA PHE B 32 21.97 -45.16 -25.95
C PHE B 32 21.11 -45.40 -27.21
N THR B 33 21.62 -44.98 -28.38
CA THR B 33 21.02 -45.25 -29.67
C THR B 33 20.67 -46.73 -29.83
N ARG B 34 21.57 -47.62 -29.39
CA ARG B 34 21.44 -49.06 -29.57
C ARG B 34 20.45 -49.68 -28.60
N GLN B 35 20.42 -49.16 -27.37
CA GLN B 35 19.42 -49.62 -26.42
C GLN B 35 18.03 -49.23 -26.87
N LEU B 36 17.96 -48.12 -27.63
CA LEU B 36 16.68 -47.64 -28.11
C LEU B 36 16.20 -48.59 -29.22
N GLY B 37 17.12 -49.30 -29.88
CA GLY B 37 16.75 -50.20 -30.96
C GLY B 37 17.15 -49.68 -32.33
N PHE B 38 18.04 -48.67 -32.38
CA PHE B 38 18.51 -48.13 -33.67
C PHE B 38 20.02 -48.42 -33.96
N GLU B 39 20.47 -48.11 -35.18
CA GLU B 39 21.90 -48.14 -35.56
C GLU B 39 22.37 -46.70 -35.65
N PRO B 40 23.58 -46.41 -35.11
CA PRO B 40 24.18 -45.04 -35.22
C PRO B 40 24.13 -44.46 -36.65
N ALA B 41 23.70 -43.22 -36.80
CA ALA B 41 23.67 -42.64 -38.15
C ALA B 41 25.10 -42.61 -38.69
N PRO B 42 25.28 -42.90 -40.00
CA PRO B 42 26.65 -42.88 -40.51
C PRO B 42 27.22 -41.47 -40.34
N SER B 43 26.37 -40.45 -40.53
CA SER B 43 26.74 -39.03 -40.44
CA SER B 43 26.82 -39.07 -40.47
C SER B 43 27.28 -38.59 -39.08
N ALA B 44 26.73 -39.20 -38.03
CA ALA B 44 27.11 -38.95 -36.67
C ALA B 44 28.36 -39.75 -36.34
N GLU B 45 28.41 -41.00 -36.81
CA GLU B 45 29.65 -41.79 -36.67
C GLU B 45 30.82 -41.10 -37.33
N GLU B 46 30.65 -40.72 -38.60
CA GLU B 46 31.72 -40.06 -39.38
C GLU B 46 31.90 -38.56 -39.06
N LYS B 47 30.99 -38.00 -38.25
CA LYS B 47 30.94 -36.56 -38.02
C LYS B 47 30.93 -35.75 -39.33
N SER B 48 30.07 -36.15 -40.26
CA SER B 48 30.00 -35.54 -41.56
C SER B 48 28.74 -34.71 -41.72
N LEU B 49 28.88 -33.40 -41.64
CA LEU B 49 27.78 -32.51 -42.01
C LEU B 49 27.24 -32.79 -43.43
N GLU B 50 28.12 -33.18 -44.34
CA GLU B 50 27.81 -33.44 -45.72
C GLU B 50 26.84 -34.57 -45.80
N LEU B 51 27.24 -35.69 -45.21
CA LEU B 51 26.37 -36.83 -45.02
C LEU B 51 25.08 -36.52 -44.21
N MET B 52 25.15 -35.60 -43.25
CA MET B 52 23.94 -35.30 -42.47
C MET B 52 22.89 -34.65 -43.36
N PHE B 53 23.35 -33.77 -44.23
CA PHE B 53 22.45 -33.06 -45.10
C PHE B 53 21.75 -34.03 -46.07
N GLU B 54 22.51 -35.03 -46.53
CA GLU B 54 21.97 -36.05 -47.43
C GLU B 54 20.88 -36.84 -46.73
N GLU B 55 21.13 -37.20 -45.47
CA GLU B 55 20.14 -37.97 -44.69
C GLU B 55 18.89 -37.16 -44.35
N MET B 56 19.07 -35.85 -44.12
CA MET B 56 17.98 -34.91 -43.82
C MET B 56 17.03 -34.88 -44.98
N ALA B 57 17.64 -34.73 -46.14
CA ALA B 57 16.99 -34.68 -47.44
C ALA B 57 16.24 -35.98 -47.73
N ALA B 58 16.92 -37.11 -47.65
CA ALA B 58 16.30 -38.42 -47.83
C ALA B 58 15.18 -38.70 -46.81
N ALA B 59 15.18 -38.00 -45.66
CA ALA B 59 14.11 -38.20 -44.65
C ALA B 59 12.90 -37.28 -44.88
N GLY B 60 13.10 -36.16 -45.56
CA GLY B 60 12.02 -35.23 -45.83
C GLY B 60 12.05 -34.09 -44.86
N ILE B 61 13.18 -33.97 -44.12
CA ILE B 61 13.35 -32.92 -43.08
C ILE B 61 13.96 -31.65 -43.70
N GLU B 62 13.26 -30.55 -43.58
CA GLU B 62 13.66 -29.35 -44.27
C GLU B 62 14.47 -28.47 -43.36
N GLN B 63 14.08 -28.49 -42.08
CA GLN B 63 14.77 -27.70 -41.08
C GLN B 63 14.83 -28.36 -39.76
N GLY B 64 15.71 -27.80 -38.91
CA GLY B 64 16.05 -28.34 -37.60
C GLY B 64 16.11 -27.27 -36.53
N VAL B 65 15.85 -27.65 -35.31
CA VAL B 65 15.92 -26.71 -34.20
C VAL B 65 17.14 -27.19 -33.42
N CYS B 66 18.16 -26.32 -33.37
CA CYS B 66 19.48 -26.67 -32.82
CA CYS B 66 19.46 -26.71 -32.82
C CYS B 66 19.64 -26.16 -31.42
N VAL B 67 19.72 -27.07 -30.47
CA VAL B 67 19.79 -26.78 -29.05
C VAL B 67 21.24 -27.01 -28.58
N GLY B 68 21.87 -26.00 -27.99
CA GLY B 68 23.23 -26.21 -27.45
C GLY B 68 23.26 -26.46 -25.94
N ARG B 69 24.41 -26.10 -25.33
CA ARG B 69 24.64 -26.20 -23.88
C ARG B 69 25.60 -25.08 -23.46
N ASN B 70 25.12 -24.02 -22.86
CA ASN B 70 25.96 -22.89 -22.57
C ASN B 70 26.70 -22.99 -21.26
N SER B 71 27.32 -24.13 -21.00
CA SER B 71 28.10 -24.43 -19.78
C SER B 71 29.37 -23.66 -19.41
N SER B 72 30.19 -23.39 -20.40
CA SER B 72 31.46 -22.70 -20.32
C SER B 72 32.60 -23.64 -19.93
N VAL B 73 32.22 -24.88 -19.69
CA VAL B 73 33.07 -26.02 -19.46
C VAL B 73 33.37 -26.77 -20.73
N LEU B 74 34.02 -27.91 -20.60
CA LEU B 74 34.37 -28.73 -21.74
C LEU B 74 33.15 -29.20 -22.50
N GLY B 75 32.04 -29.48 -21.83
CA GLY B 75 30.89 -29.89 -22.60
C GLY B 75 30.26 -28.86 -23.55
N SER B 76 30.56 -27.61 -23.36
CA SER B 76 29.85 -26.51 -23.94
C SER B 76 29.83 -26.27 -25.42
N VAL B 77 28.70 -25.79 -25.88
CA VAL B 77 28.57 -25.14 -27.14
C VAL B 77 27.87 -23.83 -26.85
N SER B 78 28.61 -22.74 -26.92
CA SER B 78 28.15 -21.44 -26.52
C SER B 78 27.03 -20.94 -27.42
N ASN B 79 26.23 -20.01 -26.89
CA ASN B 79 25.25 -19.27 -27.70
C ASN B 79 25.77 -18.57 -28.95
N ALA B 80 26.93 -17.95 -28.82
CA ALA B 80 27.70 -17.46 -30.01
C ALA B 80 27.89 -18.52 -31.08
N ASP B 81 28.32 -19.73 -30.68
CA ASP B 81 28.48 -20.83 -31.60
C ASP B 81 27.20 -21.42 -32.21
N VAL B 82 26.10 -21.56 -31.45
CA VAL B 82 24.83 -21.93 -32.04
C VAL B 82 24.44 -20.91 -33.14
N ALA B 83 24.45 -19.63 -32.81
CA ALA B 83 24.25 -18.52 -33.77
C ALA B 83 25.18 -18.50 -35.00
N ALA B 84 26.44 -18.94 -34.85
CA ALA B 84 27.32 -19.06 -36.04
C ALA B 84 26.85 -20.16 -36.98
N VAL B 85 26.31 -21.24 -36.41
CA VAL B 85 25.80 -22.41 -37.18
C VAL B 85 24.56 -22.04 -37.97
N ALA B 86 23.61 -21.37 -37.30
CA ALA B 86 22.42 -20.83 -37.94
C ALA B 86 22.81 -19.78 -38.99
N LYS B 87 23.74 -18.89 -38.69
CA LYS B 87 24.12 -17.86 -39.70
C LYS B 87 24.80 -18.51 -40.93
N ALA B 88 25.46 -19.64 -40.73
CA ALA B 88 26.06 -20.40 -41.85
C ALA B 88 25.07 -21.20 -42.75
N TYR B 89 23.97 -21.72 -42.18
CA TYR B 89 22.91 -22.42 -42.92
C TYR B 89 21.58 -21.90 -42.44
N PRO B 90 21.26 -20.65 -42.81
CA PRO B 90 20.07 -19.99 -42.23
C PRO B 90 18.74 -20.61 -42.70
N ASP B 91 18.84 -21.36 -43.79
CA ASP B 91 17.69 -22.00 -44.43
CA ASP B 91 17.69 -22.01 -44.43
C ASP B 91 17.40 -23.39 -43.84
N LYS B 92 18.34 -23.86 -43.01
CA LYS B 92 18.32 -25.19 -42.44
C LYS B 92 18.15 -25.31 -40.89
N PHE B 93 18.78 -24.42 -40.09
CA PHE B 93 18.84 -24.55 -38.62
C PHE B 93 18.30 -23.33 -37.93
N HIS B 94 17.35 -23.53 -37.03
CA HIS B 94 16.91 -22.49 -36.12
C HIS B 94 17.69 -22.59 -34.79
N PRO B 95 18.34 -21.47 -34.37
CA PRO B 95 19.10 -21.47 -33.12
C PRO B 95 18.23 -21.31 -31.89
N VAL B 96 18.61 -22.04 -30.84
CA VAL B 96 18.04 -21.85 -29.52
C VAL B 96 19.14 -21.46 -28.51
N GLY B 97 18.89 -20.39 -27.76
CA GLY B 97 19.84 -19.96 -26.71
C GLY B 97 19.61 -20.73 -25.41
N SER B 98 20.69 -21.19 -24.78
CA SER B 98 20.53 -21.79 -23.49
CA SER B 98 20.60 -21.82 -23.49
C SER B 98 21.08 -20.84 -22.42
N ILE B 99 20.44 -20.86 -21.27
CA ILE B 99 20.85 -20.08 -20.15
C ILE B 99 21.40 -21.09 -19.15
N GLU B 100 22.63 -20.88 -18.73
CA GLU B 100 23.23 -21.67 -17.68
C GLU B 100 23.95 -20.70 -16.72
N ALA B 101 23.38 -20.49 -15.54
CA ALA B 101 23.71 -19.31 -14.70
C ALA B 101 23.74 -19.50 -13.18
N ALA B 102 24.78 -18.93 -12.56
CA ALA B 102 24.94 -18.95 -11.08
C ALA B 102 24.11 -17.83 -10.43
N THR B 103 24.31 -16.59 -10.87
CA THR B 103 23.60 -15.48 -10.28
C THR B 103 22.46 -15.02 -11.25
N ARG B 104 21.49 -14.24 -10.77
CA ARG B 104 20.46 -13.72 -11.65
C ARG B 104 21.05 -12.65 -12.57
N LYS B 105 22.11 -11.97 -12.13
CA LYS B 105 22.84 -11.07 -13.01
C LYS B 105 23.48 -11.76 -14.22
N GLU B 106 24.23 -12.84 -13.97
CA GLU B 106 24.72 -13.67 -15.09
C GLU B 106 23.59 -14.10 -16.00
N ALA B 107 22.52 -14.68 -15.44
CA ALA B 107 21.41 -15.11 -16.30
C ALA B 107 20.90 -13.99 -17.22
N MET B 108 20.78 -12.75 -16.72
CA MET B 108 20.29 -11.65 -17.55
C MET B 108 21.40 -11.12 -18.44
N ALA B 109 22.68 -11.22 -18.06
CA ALA B 109 23.76 -10.92 -19.05
C ALA B 109 23.73 -11.96 -20.17
N GLN B 110 23.37 -13.22 -19.86
CA GLN B 110 23.35 -14.22 -20.96
C GLN B 110 22.11 -14.02 -21.85
N MET B 111 21.00 -13.57 -21.25
CA MET B 111 19.81 -13.31 -22.02
C MET B 111 20.03 -12.15 -22.95
N GLN B 112 20.81 -11.18 -22.52
CA GLN B 112 21.11 -10.00 -23.27
C GLN B 112 21.89 -10.38 -24.50
N GLU B 113 22.88 -11.24 -24.30
CA GLU B 113 23.65 -11.75 -25.42
C GLU B 113 22.82 -12.61 -26.42
N ILE B 114 21.96 -13.53 -25.90
CA ILE B 114 21.04 -14.34 -26.73
C ILE B 114 20.22 -13.44 -27.67
N LEU B 115 19.58 -12.42 -27.11
CA LEU B 115 18.72 -11.50 -27.87
C LEU B 115 19.49 -10.73 -28.97
N ASP B 116 20.65 -10.19 -28.57
CA ASP B 116 21.59 -9.47 -29.44
C ASP B 116 22.09 -10.36 -30.56
N LEU B 117 22.28 -11.66 -30.30
CA LEU B 117 22.56 -12.62 -31.36
C LEU B 117 21.39 -12.92 -32.29
N GLY B 118 20.26 -12.25 -32.12
CA GLY B 118 19.09 -12.54 -32.93
C GLY B 118 18.33 -13.86 -32.65
N ILE B 119 18.77 -14.58 -31.61
CA ILE B 119 18.07 -15.79 -31.13
C ILE B 119 16.83 -15.35 -30.30
N ARG B 120 15.77 -16.15 -30.35
CA ARG B 120 14.47 -15.78 -29.75
C ARG B 120 13.77 -16.89 -28.96
N ILE B 121 14.39 -18.04 -28.85
CA ILE B 121 13.86 -19.13 -28.07
C ILE B 121 15.01 -19.41 -27.11
N VAL B 122 14.66 -19.59 -25.84
CA VAL B 122 15.64 -19.92 -24.83
C VAL B 122 15.42 -21.37 -24.42
N ASN B 123 16.52 -22.00 -23.99
CA ASN B 123 16.48 -23.33 -23.49
C ASN B 123 17.09 -23.33 -22.09
N LEU B 124 16.47 -24.06 -21.19
CA LEU B 124 16.94 -24.23 -19.81
C LEU B 124 17.07 -25.69 -19.51
N GLU B 125 18.21 -26.11 -18.95
CA GLU B 125 18.40 -27.54 -18.51
C GLU B 125 18.98 -27.57 -17.07
N PRO B 126 18.24 -26.98 -16.10
CA PRO B 126 18.85 -26.69 -14.80
C PRO B 126 19.27 -27.93 -14.05
N GLY B 127 18.78 -29.10 -14.45
CA GLY B 127 19.15 -30.36 -13.77
C GLY B 127 20.54 -30.80 -14.15
N VAL B 128 21.13 -30.27 -15.20
CA VAL B 128 22.51 -30.63 -15.56
C VAL B 128 23.57 -29.55 -15.36
N TRP B 129 23.22 -28.48 -14.63
CA TRP B 129 24.15 -27.39 -14.30
C TRP B 129 25.17 -27.86 -13.28
N ALA B 130 26.30 -27.16 -13.20
CA ALA B 130 27.28 -27.37 -12.13
C ALA B 130 26.62 -27.50 -10.76
N THR B 131 25.67 -26.61 -10.47
CA THR B 131 24.79 -26.69 -9.28
C THR B 131 23.34 -27.01 -9.77
N PRO B 132 22.94 -28.29 -9.72
CA PRO B 132 21.68 -28.64 -10.36
C PRO B 132 20.54 -28.03 -9.58
N MET B 133 19.46 -27.72 -10.26
CA MET B 133 18.23 -27.32 -9.61
C MET B 133 17.05 -27.81 -10.43
N HIS B 134 15.87 -27.83 -9.80
CA HIS B 134 14.66 -28.21 -10.39
C HIS B 134 14.05 -27.04 -11.13
N VAL B 135 13.31 -27.34 -12.20
CA VAL B 135 12.71 -26.30 -13.05
C VAL B 135 11.81 -25.31 -12.31
N ASP B 136 11.19 -25.74 -11.21
CA ASP B 136 10.42 -24.83 -10.41
C ASP B 136 11.24 -24.19 -9.21
N ASP B 137 12.56 -24.20 -9.31
CA ASP B 137 13.36 -23.50 -8.30
C ASP B 137 12.99 -21.99 -8.31
N ARG B 138 12.77 -21.46 -7.11
CA ARG B 138 12.54 -20.02 -6.91
C ARG B 138 13.54 -19.12 -7.70
N ARG B 139 14.81 -19.50 -7.75
CA ARG B 139 15.81 -18.72 -8.49
C ARG B 139 15.52 -18.59 -10.00
N LEU B 140 14.70 -19.49 -10.57
CA LEU B 140 14.44 -19.42 -12.02
C LEU B 140 13.22 -18.53 -12.36
N TYR B 141 12.45 -18.23 -11.34
CA TYR B 141 11.26 -17.46 -11.49
C TYR B 141 11.36 -16.06 -12.07
N PRO B 142 12.42 -15.24 -11.73
CA PRO B 142 12.62 -13.97 -12.45
C PRO B 142 12.74 -14.16 -13.98
N LEU B 143 13.47 -15.19 -14.39
CA LEU B 143 13.59 -15.59 -15.80
C LEU B 143 12.27 -15.92 -16.43
N TYR B 144 11.46 -16.73 -15.75
CA TYR B 144 10.20 -17.06 -16.38
C TYR B 144 9.29 -15.82 -16.55
N ALA B 145 9.31 -14.93 -15.54
CA ALA B 145 8.55 -13.67 -15.59
C ALA B 145 8.99 -12.84 -16.76
N PHE B 146 10.29 -12.71 -16.95
CA PHE B 146 10.75 -12.02 -18.11
C PHE B 146 10.25 -12.72 -19.40
N CYS B 147 10.40 -14.04 -19.50
CA CYS B 147 9.98 -14.71 -20.71
C CYS B 147 8.48 -14.59 -20.97
N GLU B 148 7.67 -14.77 -19.93
CA GLU B 148 6.30 -14.62 -20.06
C GLU B 148 5.86 -13.18 -20.50
N ASP B 149 6.42 -12.16 -19.83
CA ASP B 149 6.09 -10.76 -20.17
C ASP B 149 6.52 -10.39 -21.58
N ASN B 150 7.57 -11.02 -22.09
CA ASN B 150 8.07 -10.72 -23.43
C ASN B 150 7.67 -11.64 -24.59
N GLY B 151 6.76 -12.57 -24.31
CA GLY B 151 6.30 -13.55 -25.30
C GLY B 151 7.37 -14.56 -25.76
N ILE B 152 8.38 -14.84 -24.91
CA ILE B 152 9.48 -15.72 -25.27
C ILE B 152 9.14 -17.17 -24.90
N PRO B 153 9.22 -18.08 -25.88
CA PRO B 153 9.02 -19.48 -25.64
C PRO B 153 10.23 -20.09 -24.94
N VAL B 154 9.94 -21.01 -24.02
CA VAL B 154 10.97 -21.64 -23.20
C VAL B 154 11.01 -23.14 -23.39
N ILE B 155 12.12 -23.63 -23.90
CA ILE B 155 12.33 -25.10 -23.99
C ILE B 155 12.92 -25.54 -22.66
N MET B 156 12.29 -26.46 -21.93
CA MET B 156 12.93 -26.91 -20.72
C MET B 156 13.09 -28.42 -20.76
N MET B 157 14.30 -28.89 -20.41
CA MET B 157 14.53 -30.32 -20.30
C MET B 157 13.91 -30.93 -19.02
N THR B 158 12.75 -31.57 -19.16
CA THR B 158 12.04 -32.23 -18.00
C THR B 158 11.72 -33.72 -18.20
N GLY B 159 12.34 -34.31 -19.20
CA GLY B 159 12.34 -35.73 -19.29
C GLY B 159 13.69 -36.27 -19.64
N GLY B 160 13.74 -37.60 -19.72
CA GLY B 160 15.01 -38.30 -20.00
C GLY B 160 15.92 -38.15 -18.79
N ASN B 161 17.19 -37.98 -19.05
CA ASN B 161 18.14 -37.82 -17.97
C ASN B 161 18.31 -36.32 -17.69
N ALA B 162 17.26 -35.70 -17.19
CA ALA B 162 17.19 -34.26 -17.05
C ALA B 162 17.99 -33.74 -15.85
N GLY B 163 18.33 -34.65 -14.94
CA GLY B 163 19.14 -34.30 -13.79
C GLY B 163 19.81 -35.54 -13.26
N PRO B 164 20.51 -35.41 -12.12
CA PRO B 164 21.29 -36.48 -11.49
C PRO B 164 20.42 -37.65 -11.01
N ASP B 165 19.12 -37.44 -10.87
CA ASP B 165 18.22 -38.56 -10.54
C ASP B 165 16.81 -38.29 -11.06
N ILE B 166 15.95 -39.29 -10.91
CA ILE B 166 14.62 -39.22 -11.44
C ILE B 166 13.75 -38.08 -10.85
N THR B 167 14.08 -37.52 -9.67
CA THR B 167 13.27 -36.39 -9.15
C THR B 167 13.26 -35.23 -10.07
N TYR B 168 14.29 -35.09 -10.86
CA TYR B 168 14.39 -34.02 -11.82
C TYR B 168 13.43 -34.16 -13.01
N THR B 169 12.74 -35.28 -13.20
CA THR B 169 11.67 -35.31 -14.17
C THR B 169 10.29 -35.42 -13.49
N ASN B 170 10.26 -35.50 -12.17
CA ASN B 170 8.95 -35.57 -11.52
C ASN B 170 8.02 -34.44 -12.05
N PRO B 171 6.76 -34.81 -12.41
CA PRO B 171 5.82 -33.87 -13.09
C PRO B 171 5.34 -32.74 -12.18
N GLU B 172 5.52 -32.85 -10.88
CA GLU B 172 5.20 -31.67 -10.08
C GLU B 172 6.01 -30.39 -10.38
N HIS B 173 7.24 -30.54 -10.85
CA HIS B 173 8.11 -29.36 -11.09
C HIS B 173 7.69 -28.50 -12.30
N ILE B 174 7.39 -29.12 -13.42
CA ILE B 174 6.90 -28.32 -14.57
C ILE B 174 5.48 -27.83 -14.31
N ASP B 175 4.68 -28.60 -13.55
CA ASP B 175 3.32 -28.24 -13.35
C ASP B 175 3.24 -26.99 -12.52
N ARG B 176 4.01 -26.93 -11.42
CA ARG B 176 4.12 -25.66 -10.68
C ARG B 176 4.46 -24.50 -11.58
N VAL B 177 5.49 -24.63 -12.40
CA VAL B 177 5.87 -23.52 -13.31
C VAL B 177 4.74 -23.06 -14.20
N LEU B 178 4.03 -24.00 -14.87
CA LEU B 178 2.92 -23.63 -15.79
C LEU B 178 1.77 -22.97 -15.06
N GLY B 179 1.42 -23.47 -13.90
CA GLY B 179 0.38 -22.80 -13.12
C GLY B 179 0.78 -21.35 -12.66
N ASP B 180 2.07 -21.10 -12.43
CA ASP B 180 2.51 -19.79 -11.90
C ASP B 180 2.84 -18.82 -13.04
N PHE B 181 3.01 -19.37 -14.24
CA PHE B 181 3.21 -18.57 -15.47
C PHE B 181 2.23 -19.10 -16.57
N PRO B 182 0.91 -18.81 -16.41
CA PRO B 182 -0.14 -19.48 -17.25
C PRO B 182 -0.12 -19.03 -18.69
N ASP B 183 0.63 -17.95 -18.96
CA ASP B 183 0.74 -17.39 -20.31
C ASP B 183 2.11 -17.60 -20.90
N LEU B 184 2.89 -18.47 -20.28
CA LEU B 184 4.25 -18.69 -20.78
C LEU B 184 4.21 -19.95 -21.69
N THR B 185 4.81 -19.88 -22.88
CA THR B 185 4.88 -21.01 -23.80
C THR B 185 6.04 -21.88 -23.39
N VAL B 186 5.77 -23.14 -23.03
CA VAL B 186 6.80 -24.04 -22.59
C VAL B 186 6.81 -25.28 -23.44
N VAL B 187 7.99 -25.63 -23.92
CA VAL B 187 8.20 -26.92 -24.57
C VAL B 187 9.01 -27.81 -23.61
N SER B 188 8.42 -28.92 -23.19
CA SER B 188 9.07 -29.92 -22.42
C SER B 188 9.85 -30.84 -23.36
N SER B 189 11.18 -30.71 -23.39
CA SER B 189 11.94 -31.62 -24.27
C SER B 189 12.09 -32.96 -23.59
N HIS B 190 11.91 -34.02 -24.39
CA HIS B 190 11.76 -35.42 -24.01
C HIS B 190 10.37 -35.72 -23.40
N GLY B 191 9.50 -34.71 -23.38
CA GLY B 191 8.11 -34.90 -23.08
C GLY B 191 7.79 -35.25 -21.67
N ASN B 192 8.74 -34.97 -20.78
CA ASN B 192 8.66 -35.35 -19.37
C ASN B 192 8.60 -36.89 -19.18
N TRP B 193 9.11 -37.59 -20.18
CA TRP B 193 9.22 -39.05 -20.11
C TRP B 193 10.17 -39.32 -18.96
N PRO B 194 9.86 -40.30 -18.09
CA PRO B 194 8.85 -41.38 -18.26
C PRO B 194 7.48 -41.24 -17.57
N TRP B 195 7.17 -40.06 -17.04
CA TRP B 195 5.94 -39.86 -16.28
C TRP B 195 4.77 -39.51 -17.24
N VAL B 196 4.45 -40.41 -18.15
CA VAL B 196 3.61 -40.02 -19.31
C VAL B 196 2.15 -39.90 -18.90
N GLN B 197 1.66 -40.80 -18.03
CA GLN B 197 0.29 -40.68 -17.59
C GLN B 197 0.06 -39.30 -17.00
N GLU B 198 0.90 -38.92 -16.05
CA GLU B 198 0.87 -37.63 -15.40
C GLU B 198 1.00 -36.44 -16.34
N ILE B 199 2.01 -36.43 -17.22
CA ILE B 199 2.22 -35.29 -18.15
C ILE B 199 1.08 -35.03 -19.16
N ILE B 200 0.33 -36.10 -19.55
CA ILE B 200 -0.89 -35.93 -20.37
C ILE B 200 -1.88 -35.12 -19.58
N HIS B 201 -2.00 -35.38 -18.27
CA HIS B 201 -2.93 -34.60 -17.43
C HIS B 201 -2.42 -33.14 -17.33
N VAL B 202 -1.12 -32.97 -17.21
CA VAL B 202 -0.57 -31.63 -17.10
C VAL B 202 -0.91 -30.83 -18.38
N ALA B 203 -0.65 -31.43 -19.53
CA ALA B 203 -0.93 -30.75 -20.80
C ALA B 203 -2.39 -30.50 -21.01
N PHE B 204 -3.23 -31.41 -20.49
CA PHE B 204 -4.67 -31.24 -20.47
C PHE B 204 -5.03 -30.00 -19.71
N ARG B 205 -4.47 -29.83 -18.53
CA ARG B 205 -4.80 -28.70 -17.65
C ARG B 205 -4.16 -27.38 -18.06
N ARG B 206 -2.94 -27.45 -18.63
CA ARG B 206 -2.10 -26.27 -18.84
C ARG B 206 -2.02 -26.00 -20.30
N PRO B 207 -2.84 -25.07 -20.81
CA PRO B 207 -3.04 -25.02 -22.25
C PRO B 207 -1.76 -24.45 -22.98
N ASN B 208 -0.74 -23.93 -22.28
CA ASN B 208 0.50 -23.39 -22.85
CA ASN B 208 0.43 -23.48 -23.07
C ASN B 208 1.62 -24.45 -23.06
N LEU B 209 1.38 -25.66 -22.58
CA LEU B 209 2.45 -26.69 -22.58
C LEU B 209 2.47 -27.48 -23.88
N TYR B 210 3.63 -27.46 -24.57
CA TYR B 210 3.94 -28.34 -25.73
C TYR B 210 4.83 -29.49 -25.31
N LEU B 211 4.65 -30.65 -25.86
CA LEU B 211 5.42 -31.83 -25.55
C LEU B 211 6.23 -32.31 -26.74
N SER B 212 7.50 -32.64 -26.54
CA SER B 212 8.34 -33.11 -27.58
C SER B 212 9.08 -34.37 -27.09
N PRO B 213 8.44 -35.52 -27.15
CA PRO B 213 8.97 -36.77 -26.64
C PRO B 213 10.24 -37.22 -27.29
N ASP B 214 10.42 -36.86 -28.53
CA ASP B 214 11.58 -37.15 -29.34
C ASP B 214 12.02 -38.61 -29.33
N MET B 215 13.23 -38.89 -28.94
CA MET B 215 13.73 -40.24 -28.93
C MET B 215 12.87 -41.18 -28.10
N TYR B 216 12.31 -40.69 -27.02
CA TYR B 216 11.53 -41.45 -26.04
C TYR B 216 10.15 -41.97 -26.40
N LEU B 217 9.61 -41.47 -27.50
CA LEU B 217 8.42 -42.07 -28.13
C LEU B 217 8.70 -43.50 -28.72
N TYR B 218 9.96 -43.84 -29.02
CA TYR B 218 10.23 -45.09 -29.77
C TYR B 218 10.23 -46.36 -28.94
N ASN B 219 9.17 -47.16 -29.02
CA ASN B 219 9.12 -48.46 -28.33
C ASN B 219 9.41 -48.40 -26.80
N LEU B 220 8.89 -47.36 -26.14
CA LEU B 220 9.00 -47.18 -24.67
C LEU B 220 7.65 -46.93 -23.99
N PRO B 221 7.62 -47.07 -22.66
CA PRO B 221 6.42 -46.79 -21.90
C PRO B 221 5.87 -45.44 -22.29
N GLY B 222 4.57 -45.39 -22.40
CA GLY B 222 3.94 -44.10 -22.66
C GLY B 222 3.66 -43.78 -24.11
N HIS B 223 4.14 -44.64 -25.02
CA HIS B 223 4.02 -44.41 -26.46
C HIS B 223 2.50 -44.27 -26.87
N ALA B 224 1.69 -45.30 -26.55
CA ALA B 224 0.25 -45.26 -26.71
C ALA B 224 -0.42 -43.96 -26.20
N ASP B 225 -0.08 -43.55 -24.99
CA ASP B 225 -0.59 -42.33 -24.32
C ASP B 225 -0.29 -41.07 -25.17
N PHE B 226 0.95 -40.89 -25.57
CA PHE B 226 1.25 -39.78 -26.47
C PHE B 226 0.46 -39.78 -27.78
N ILE B 227 0.30 -40.96 -28.39
CA ILE B 227 -0.42 -41.04 -29.68
C ILE B 227 -1.86 -40.73 -29.50
N GLN B 228 -2.44 -41.32 -28.43
CA GLN B 228 -3.82 -41.10 -28.10
C GLN B 228 -4.10 -39.59 -27.88
N ALA B 229 -3.20 -38.94 -27.19
CA ALA B 229 -3.38 -37.53 -26.95
C ALA B 229 -3.16 -36.71 -28.21
N ALA B 230 -2.18 -37.10 -29.02
CA ALA B 230 -1.97 -36.41 -30.31
C ALA B 230 -3.22 -36.50 -31.23
N ASN B 231 -3.97 -37.58 -31.08
CA ASN B 231 -5.18 -37.76 -31.88
C ASN B 231 -6.39 -37.07 -31.30
N SER B 232 -6.24 -36.42 -30.14
CA SER B 232 -7.30 -35.62 -29.57
C SER B 232 -6.82 -34.18 -29.26
N PHE B 233 -6.81 -33.81 -27.98
CA PHE B 233 -6.55 -32.44 -27.56
C PHE B 233 -5.11 -31.97 -27.75
N LEU B 234 -4.16 -32.89 -27.89
CA LEU B 234 -2.81 -32.47 -28.03
C LEU B 234 -2.30 -32.31 -29.48
N ALA B 235 -3.20 -32.41 -30.44
CA ALA B 235 -2.91 -32.21 -31.85
C ALA B 235 -2.01 -31.04 -32.16
N ASP B 236 -2.36 -29.89 -31.54
CA ASP B 236 -1.79 -28.59 -31.74
C ASP B 236 -0.61 -28.32 -30.78
N ARG B 237 -0.31 -29.27 -29.89
CA ARG B 237 0.74 -29.07 -28.88
C ARG B 237 1.75 -30.19 -28.81
N MET B 238 1.90 -30.96 -29.87
CA MET B 238 3.00 -31.97 -29.85
C MET B 238 3.97 -31.61 -31.00
N LEU B 239 5.26 -31.93 -30.85
CA LEU B 239 6.26 -31.52 -31.82
C LEU B 239 7.14 -32.73 -32.16
N PHE B 240 7.19 -33.06 -33.42
CA PHE B 240 8.13 -34.02 -33.96
C PHE B 240 9.54 -33.66 -33.60
N GLY B 241 10.32 -34.68 -33.24
CA GLY B 241 11.73 -34.43 -33.01
C GLY B 241 12.42 -35.78 -33.01
N THR B 242 13.68 -35.81 -33.49
CA THR B 242 14.49 -37.06 -33.44
C THR B 242 15.49 -37.12 -32.23
N ALA B 243 15.83 -35.96 -31.64
CA ALA B 243 16.99 -35.85 -30.81
C ALA B 243 18.31 -36.24 -31.52
N TYR B 244 18.34 -36.32 -32.87
CA TYR B 244 19.63 -36.54 -33.60
C TYR B 244 20.77 -35.69 -32.97
N PRO B 245 21.97 -36.26 -32.79
CA PRO B 245 22.45 -37.60 -33.23
C PRO B 245 22.03 -38.84 -32.40
N MET B 246 21.15 -38.70 -31.38
CA MET B 246 20.79 -39.88 -30.55
C MET B 246 19.98 -40.92 -31.32
N CYS B 247 19.18 -40.44 -32.28
CA CYS B 247 18.46 -41.31 -33.16
C CYS B 247 18.88 -40.93 -34.54
N PRO B 248 18.92 -41.92 -35.46
CA PRO B 248 19.22 -41.67 -36.87
C PRO B 248 17.99 -41.08 -37.65
N LEU B 249 18.25 -40.13 -38.56
CA LEU B 249 17.18 -39.31 -39.15
C LEU B 249 16.20 -40.11 -40.01
N LYS B 250 16.74 -40.75 -41.04
CA LYS B 250 15.98 -41.65 -41.93
C LYS B 250 15.14 -42.74 -41.15
N GLU B 251 15.76 -43.54 -40.31
CA GLU B 251 14.96 -44.60 -39.65
C GLU B 251 13.85 -44.07 -38.76
N TYR B 252 14.23 -43.15 -37.89
CA TYR B 252 13.26 -42.57 -36.95
C TYR B 252 12.13 -41.89 -37.75
N THR B 253 12.44 -41.11 -38.75
CA THR B 253 11.34 -40.34 -39.40
C THR B 253 10.43 -41.22 -40.20
N GLU B 254 10.99 -42.23 -40.82
CA GLU B 254 10.18 -43.10 -41.62
C GLU B 254 9.32 -44.04 -40.71
N TRP B 255 9.79 -44.33 -39.49
CA TRP B 255 8.95 -45.02 -38.52
C TRP B 255 7.84 -44.11 -38.00
N PHE B 256 8.15 -42.84 -37.73
CA PHE B 256 7.16 -41.92 -37.19
C PHE B 256 5.98 -41.76 -38.18
N LEU B 257 6.30 -41.73 -39.46
CA LEU B 257 5.36 -41.56 -40.55
C LEU B 257 4.39 -42.71 -40.73
N THR B 258 4.64 -43.86 -40.10
CA THR B 258 3.70 -44.98 -40.14
C THR B 258 2.78 -45.00 -38.93
N LEU B 259 2.95 -44.03 -38.02
CA LEU B 259 2.24 -44.09 -36.72
C LEU B 259 0.76 -43.80 -36.95
N PRO B 260 -0.16 -44.46 -36.19
CA PRO B 260 -1.59 -44.22 -36.36
C PRO B 260 -2.07 -42.87 -35.80
N ILE B 261 -1.58 -41.79 -36.36
CA ILE B 261 -1.95 -40.42 -36.00
C ILE B 261 -2.83 -39.86 -37.15
N LYS B 262 -3.94 -39.18 -36.83
CA LYS B 262 -4.84 -38.67 -37.85
C LYS B 262 -4.17 -37.62 -38.72
N PRO B 263 -4.42 -37.71 -40.05
CA PRO B 263 -3.68 -36.88 -41.03
C PRO B 263 -3.56 -35.37 -40.72
N ASP B 264 -4.59 -34.72 -40.19
CA ASP B 264 -4.42 -33.30 -39.89
CA ASP B 264 -4.49 -33.30 -39.85
C ASP B 264 -3.55 -33.09 -38.63
N ALA B 265 -3.64 -33.97 -37.65
CA ALA B 265 -2.72 -33.87 -36.51
C ALA B 265 -1.28 -34.12 -36.90
N MET B 266 -1.02 -35.09 -37.79
CA MET B 266 0.31 -35.41 -38.35
C MET B 266 0.96 -34.16 -38.97
N GLU B 267 0.24 -33.45 -39.81
CA GLU B 267 0.68 -32.18 -40.36
C GLU B 267 1.10 -31.16 -39.29
N LYS B 268 0.31 -31.04 -38.23
CA LYS B 268 0.65 -30.10 -37.14
C LYS B 268 1.88 -30.57 -36.36
N ILE B 269 1.99 -31.88 -36.09
CA ILE B 269 3.05 -32.42 -35.27
C ILE B 269 4.33 -32.35 -36.09
N LEU B 270 4.20 -32.53 -37.38
CA LEU B 270 5.40 -32.52 -38.22
C LEU B 270 6.01 -31.18 -38.48
N HIS B 271 5.15 -30.17 -38.61
CA HIS B 271 5.64 -28.86 -38.97
C HIS B 271 4.84 -27.68 -38.55
N GLY B 272 3.54 -27.83 -38.36
CA GLY B 272 2.71 -26.65 -38.13
C GLY B 272 2.86 -26.08 -36.74
N ASN B 273 2.84 -26.98 -35.73
CA ASN B 273 3.04 -26.57 -34.36
C ASN B 273 4.38 -25.87 -34.20
N ALA B 274 5.43 -26.43 -34.82
CA ALA B 274 6.76 -25.75 -34.77
C ALA B 274 6.79 -24.36 -35.37
N GLU B 275 6.24 -24.27 -36.58
CA GLU B 275 6.17 -23.01 -37.29
C GLU B 275 5.50 -21.99 -36.40
N ARG B 276 4.48 -22.40 -35.65
CA ARG B 276 3.72 -21.48 -34.83
C ARG B 276 4.60 -20.95 -33.71
N LEU B 277 5.31 -21.88 -33.08
CA LEU B 277 6.31 -21.55 -32.12
C LEU B 277 7.41 -20.58 -32.61
N LEU B 278 8.00 -20.87 -33.74
CA LEU B 278 9.00 -20.02 -34.35
C LEU B 278 8.47 -18.65 -34.68
N ALA B 279 7.23 -18.59 -35.18
CA ALA B 279 6.62 -17.29 -35.57
C ALA B 279 6.38 -16.42 -34.33
N GLN B 280 5.98 -17.04 -33.21
CA GLN B 280 5.81 -16.38 -31.90
C GLN B 280 7.13 -15.81 -31.32
N ALA B 281 8.15 -16.65 -31.27
CA ALA B 281 9.51 -16.22 -31.02
C ALA B 281 9.98 -14.98 -31.86
N GLY B 282 9.76 -14.97 -33.17
CA GLY B 282 10.27 -13.92 -34.06
C GLY B 282 9.75 -12.54 -33.67
N ARG B 283 8.53 -12.62 -33.11
CA ARG B 283 7.90 -11.69 -32.19
C ARG B 283 6.84 -10.86 -32.85
N LEU C 3 -30.89 -53.64 -17.15
CA LEU C 3 -29.73 -53.21 -16.32
C LEU C 3 -30.08 -52.01 -15.44
N LYS C 4 -30.03 -52.21 -14.14
CA LYS C 4 -30.21 -51.12 -13.23
C LYS C 4 -28.92 -50.30 -13.21
N ILE C 5 -29.01 -48.96 -13.23
CA ILE C 5 -27.78 -48.15 -13.18
C ILE C 5 -27.89 -46.97 -12.20
N ILE C 6 -26.96 -46.91 -11.23
CA ILE C 6 -26.82 -45.83 -10.24
C ILE C 6 -25.61 -45.00 -10.67
N ASP C 7 -25.82 -43.73 -10.96
CA ASP C 7 -24.73 -42.84 -11.34
C ASP C 7 -24.12 -42.26 -10.08
N PHE C 8 -22.85 -42.54 -9.80
CA PHE C 8 -22.22 -42.09 -8.56
C PHE C 8 -21.70 -40.63 -8.55
N ARG C 9 -21.81 -39.86 -9.61
CA ARG C 9 -21.50 -38.47 -9.47
C ARG C 9 -22.40 -37.69 -10.42
N LEU C 10 -23.38 -37.05 -9.86
CA LEU C 10 -24.35 -36.27 -10.65
C LEU C 10 -24.59 -34.99 -9.82
N ARG C 11 -24.64 -33.83 -10.49
CA ARG C 11 -24.96 -32.57 -9.82
C ARG C 11 -26.02 -32.02 -10.74
N PRO C 12 -27.28 -32.25 -10.37
CA PRO C 12 -28.41 -31.83 -11.20
C PRO C 12 -28.63 -30.38 -11.17
N PRO C 13 -29.27 -29.85 -12.18
CA PRO C 13 -29.48 -28.42 -12.23
C PRO C 13 -30.67 -27.94 -11.37
N ALA C 14 -30.54 -28.10 -10.07
CA ALA C 14 -31.54 -27.77 -9.07
C ALA C 14 -31.02 -27.04 -7.84
N MET C 15 -31.76 -26.06 -7.37
CA MET C 15 -31.47 -25.36 -6.15
C MET C 15 -30.08 -24.80 -6.09
N GLY C 16 -29.41 -25.09 -4.99
CA GLY C 16 -28.08 -24.60 -4.72
C GLY C 16 -27.04 -25.00 -5.72
N PHE C 17 -27.18 -26.18 -6.29
CA PHE C 17 -26.23 -26.67 -7.34
C PHE C 17 -26.06 -25.65 -8.49
N LEU C 18 -27.11 -24.91 -8.84
CA LEU C 18 -27.05 -23.86 -9.84
C LEU C 18 -26.10 -22.71 -9.48
N ASN C 19 -25.76 -22.63 -8.21
CA ASN C 19 -24.80 -21.63 -7.72
C ASN C 19 -23.30 -21.91 -7.84
N ALA C 20 -22.99 -23.14 -8.21
CA ALA C 20 -21.63 -23.58 -8.36
C ALA C 20 -21.13 -23.15 -9.75
N ARG C 21 -19.82 -22.90 -9.90
CA ARG C 21 -19.26 -22.54 -11.26
C ARG C 21 -19.54 -23.57 -12.41
N ILE C 22 -19.73 -24.84 -12.05
CA ILE C 22 -20.23 -25.81 -13.04
C ILE C 22 -21.46 -25.31 -13.84
N TYR C 23 -22.34 -24.48 -13.25
CA TYR C 23 -23.52 -23.98 -13.94
C TYR C 23 -23.41 -22.49 -14.20
N THR C 24 -22.71 -21.75 -13.34
CA THR C 24 -22.64 -20.28 -13.51
C THR C 24 -21.55 -19.86 -14.55
N ARG C 25 -20.68 -20.78 -14.91
CA ARG C 25 -19.72 -20.51 -15.97
C ARG C 25 -19.82 -21.68 -16.96
N PRO C 26 -20.94 -21.74 -17.69
CA PRO C 26 -21.03 -22.89 -18.66
C PRO C 26 -19.98 -22.80 -19.78
N ASP C 27 -19.47 -21.58 -20.05
CA ASP C 27 -18.43 -21.40 -21.03
C ASP C 27 -17.20 -22.20 -20.64
N ILE C 28 -16.79 -22.12 -19.38
CA ILE C 28 -15.67 -22.95 -18.90
C ILE C 28 -16.03 -24.43 -18.94
N ARG C 29 -17.16 -24.83 -18.33
CA ARG C 29 -17.56 -26.21 -18.38
C ARG C 29 -17.62 -26.84 -19.77
N ASN C 30 -18.33 -26.21 -20.73
CA ASN C 30 -18.41 -26.68 -22.11
C ASN C 30 -17.05 -26.79 -22.84
N ARG C 31 -16.08 -25.89 -22.55
CA ARG C 31 -14.69 -26.12 -23.05
C ARG C 31 -14.14 -27.48 -22.56
N PHE C 32 -14.38 -27.82 -21.31
CA PHE C 32 -13.82 -29.03 -20.74
C PHE C 32 -14.55 -30.26 -21.36
N THR C 33 -15.90 -30.19 -21.40
CA THR C 33 -16.74 -31.22 -22.03
C THR C 33 -16.27 -31.53 -23.50
N ARG C 34 -16.06 -30.48 -24.31
CA ARG C 34 -15.56 -30.65 -25.69
C ARG C 34 -14.11 -31.07 -25.86
N GLN C 35 -13.23 -30.63 -24.99
CA GLN C 35 -11.89 -31.23 -24.92
C GLN C 35 -11.91 -32.76 -24.59
N LEU C 36 -12.83 -33.20 -23.72
CA LEU C 36 -12.92 -34.62 -23.39
C LEU C 36 -13.37 -35.37 -24.60
N GLY C 37 -14.14 -34.70 -25.46
CA GLY C 37 -14.67 -35.35 -26.70
C GLY C 37 -16.21 -35.60 -26.69
N PHE C 38 -16.95 -34.84 -25.84
CA PHE C 38 -18.43 -34.89 -25.76
C PHE C 38 -19.07 -33.55 -26.17
N GLU C 39 -20.37 -33.60 -26.43
CA GLU C 39 -21.14 -32.40 -26.58
C GLU C 39 -21.85 -32.20 -25.30
N PRO C 40 -22.00 -30.92 -24.89
CA PRO C 40 -22.71 -30.55 -23.67
C PRO C 40 -24.12 -31.12 -23.65
N ALA C 41 -24.57 -31.57 -22.47
CA ALA C 41 -25.95 -32.07 -22.23
C ALA C 41 -26.92 -30.93 -22.44
N PRO C 42 -27.98 -31.11 -23.30
CA PRO C 42 -28.93 -30.01 -23.44
C PRO C 42 -29.55 -29.58 -22.12
N SER C 43 -29.89 -30.53 -21.24
CA SER C 43 -30.47 -30.17 -19.95
C SER C 43 -29.52 -29.33 -19.11
N ALA C 44 -28.22 -29.48 -19.33
CA ALA C 44 -27.31 -28.67 -18.56
C ALA C 44 -27.25 -27.29 -19.22
N GLU C 45 -27.29 -27.25 -20.55
CA GLU C 45 -27.26 -26.01 -21.31
C GLU C 45 -28.47 -25.17 -20.92
N GLU C 46 -29.61 -25.85 -20.75
CA GLU C 46 -30.87 -25.20 -20.49
C GLU C 46 -31.12 -25.01 -19.01
N LYS C 47 -30.26 -25.64 -18.21
CA LYS C 47 -30.37 -25.63 -16.75
C LYS C 47 -31.72 -26.15 -16.31
N SER C 48 -32.11 -27.26 -16.91
CA SER C 48 -33.45 -27.77 -16.79
C SER C 48 -33.52 -29.14 -16.16
N LEU C 49 -34.13 -29.18 -14.98
CA LEU C 49 -34.37 -30.43 -14.33
C LEU C 49 -35.28 -31.41 -15.17
N GLU C 50 -36.34 -30.89 -15.80
CA GLU C 50 -37.21 -31.76 -16.65
C GLU C 50 -36.38 -32.46 -17.67
N LEU C 51 -35.61 -31.66 -18.38
CA LEU C 51 -34.84 -32.22 -19.44
C LEU C 51 -33.85 -33.22 -18.83
N MET C 52 -33.29 -32.92 -17.64
CA MET C 52 -32.32 -33.80 -17.01
C MET C 52 -32.93 -35.15 -16.70
N PHE C 53 -34.07 -35.16 -16.02
CA PHE C 53 -34.81 -36.41 -15.86
C PHE C 53 -35.09 -37.16 -17.14
N GLU C 54 -35.38 -36.47 -18.25
CA GLU C 54 -35.69 -37.23 -19.45
C GLU C 54 -34.44 -37.87 -20.00
N GLU C 55 -33.31 -37.16 -19.92
CA GLU C 55 -32.06 -37.72 -20.41
C GLU C 55 -31.61 -38.93 -19.58
N MET C 56 -31.82 -38.85 -18.26
CA MET C 56 -31.55 -39.91 -17.25
C MET C 56 -32.32 -41.21 -17.62
N ALA C 57 -33.61 -41.07 -17.90
CA ALA C 57 -34.46 -42.15 -18.40
C ALA C 57 -34.02 -42.71 -19.75
N ALA C 58 -33.68 -41.81 -20.67
CA ALA C 58 -33.14 -42.20 -21.99
C ALA C 58 -31.81 -42.90 -21.89
N ALA C 59 -31.02 -42.56 -20.88
CA ALA C 59 -29.73 -43.24 -20.65
C ALA C 59 -29.85 -44.59 -19.91
N GLY C 60 -31.00 -44.86 -19.31
CA GLY C 60 -31.21 -46.06 -18.50
C GLY C 60 -30.71 -45.94 -17.05
N ILE C 61 -30.41 -44.72 -16.62
CA ILE C 61 -29.95 -44.40 -15.24
C ILE C 61 -31.16 -44.24 -14.32
N GLU C 62 -31.31 -45.16 -13.35
CA GLU C 62 -32.37 -45.24 -12.33
C GLU C 62 -32.19 -44.23 -11.18
N GLN C 63 -30.98 -44.20 -10.61
CA GLN C 63 -30.68 -43.32 -9.49
C GLN C 63 -29.38 -42.59 -9.65
N GLY C 64 -29.24 -41.51 -8.91
CA GLY C 64 -28.07 -40.64 -9.03
C GLY C 64 -27.60 -40.27 -7.65
N VAL C 65 -26.30 -40.20 -7.43
CA VAL C 65 -25.76 -39.72 -6.17
C VAL C 65 -25.42 -38.24 -6.42
N CYS C 66 -26.18 -37.38 -5.74
CA CYS C 66 -26.04 -35.91 -5.76
C CYS C 66 -24.94 -35.49 -4.83
N VAL C 67 -23.78 -35.23 -5.39
CA VAL C 67 -22.62 -34.83 -4.61
C VAL C 67 -22.55 -33.33 -4.36
N GLY C 68 -22.76 -32.96 -3.08
CA GLY C 68 -22.48 -31.61 -2.56
C GLY C 68 -21.11 -31.11 -2.97
N ARG C 69 -20.97 -29.80 -3.03
CA ARG C 69 -19.69 -29.13 -3.14
C ARG C 69 -19.68 -27.92 -2.24
N ASN C 70 -18.61 -27.75 -1.45
CA ASN C 70 -18.38 -26.46 -0.74
C ASN C 70 -16.97 -25.96 -0.98
N SER C 71 -16.85 -24.95 -1.81
CA SER C 71 -15.57 -24.46 -2.25
C SER C 71 -15.69 -22.97 -2.35
N SER C 72 -14.84 -22.26 -1.64
CA SER C 72 -14.82 -20.81 -1.81
C SER C 72 -14.57 -20.30 -3.24
N VAL C 73 -13.80 -21.00 -4.09
CA VAL C 73 -13.73 -20.60 -5.51
C VAL C 73 -14.79 -21.20 -6.38
N LEU C 74 -15.06 -22.50 -6.19
CA LEU C 74 -15.76 -23.26 -7.23
C LEU C 74 -17.25 -23.19 -7.09
N GLY C 75 -17.68 -22.65 -5.95
CA GLY C 75 -19.09 -22.56 -5.70
C GLY C 75 -19.43 -23.37 -4.49
N SER C 76 -20.53 -23.00 -3.89
CA SER C 76 -20.97 -23.66 -2.70
C SER C 76 -22.41 -24.02 -2.86
N VAL C 77 -22.75 -25.27 -2.55
CA VAL C 77 -24.15 -25.63 -2.50
C VAL C 77 -24.47 -26.08 -1.10
N SER C 78 -25.45 -25.47 -0.45
CA SER C 78 -25.63 -25.83 0.96
C SER C 78 -26.07 -27.27 1.16
N ASN C 79 -25.74 -27.85 2.31
CA ASN C 79 -26.22 -29.21 2.60
C ASN C 79 -27.72 -29.31 2.75
N ALA C 80 -28.32 -28.22 3.25
CA ALA C 80 -29.76 -28.13 3.32
C ALA C 80 -30.37 -28.29 1.91
N ASP C 81 -29.80 -27.65 0.88
CA ASP C 81 -30.27 -27.88 -0.47
C ASP C 81 -30.07 -29.33 -1.05
N VAL C 82 -28.88 -29.92 -0.85
CA VAL C 82 -28.64 -31.32 -1.18
C VAL C 82 -29.72 -32.24 -0.53
N ALA C 83 -29.96 -32.05 0.78
CA ALA C 83 -31.05 -32.79 1.45
C ALA C 83 -32.44 -32.49 0.86
N ALA C 84 -32.69 -31.24 0.49
CA ALA C 84 -33.97 -30.88 -0.06
C ALA C 84 -34.18 -31.47 -1.48
N VAL C 85 -33.18 -31.47 -2.35
CA VAL C 85 -33.30 -32.09 -3.67
C VAL C 85 -33.57 -33.57 -3.55
N ALA C 86 -32.92 -34.23 -2.60
CA ALA C 86 -33.07 -35.66 -2.46
C ALA C 86 -34.42 -35.98 -1.88
N LYS C 87 -34.90 -35.18 -0.94
CA LYS C 87 -36.20 -35.53 -0.36
C LYS C 87 -37.34 -35.18 -1.31
N ALA C 88 -37.11 -34.27 -2.27
CA ALA C 88 -38.17 -33.96 -3.26
C ALA C 88 -38.28 -35.10 -4.29
N TYR C 89 -37.17 -35.84 -4.52
CA TYR C 89 -37.14 -36.96 -5.49
C TYR C 89 -36.47 -38.18 -4.90
N PRO C 90 -37.08 -38.73 -3.83
CA PRO C 90 -36.45 -39.73 -2.95
C PRO C 90 -36.20 -41.08 -3.60
N ASP C 91 -36.82 -41.28 -4.76
CA ASP C 91 -36.66 -42.50 -5.54
C ASP C 91 -35.51 -42.38 -6.55
N LYS C 92 -35.06 -41.14 -6.80
CA LYS C 92 -34.12 -40.83 -7.89
C LYS C 92 -32.75 -40.43 -7.36
N PHE C 93 -32.69 -39.88 -6.14
CA PHE C 93 -31.49 -39.14 -5.66
C PHE C 93 -31.01 -39.53 -4.29
N HIS C 94 -29.70 -39.76 -4.16
CA HIS C 94 -29.10 -40.00 -2.84
C HIS C 94 -28.18 -38.81 -2.49
N PRO C 95 -28.45 -38.12 -1.36
CA PRO C 95 -27.65 -36.94 -1.03
C PRO C 95 -26.32 -37.24 -0.36
N VAL C 96 -25.31 -36.48 -0.80
CA VAL C 96 -24.02 -36.46 -0.14
C VAL C 96 -23.71 -35.03 0.37
N GLY C 97 -23.42 -34.87 1.65
CA GLY C 97 -23.08 -33.56 2.20
C GLY C 97 -21.62 -33.20 1.88
N SER C 98 -21.24 -31.93 1.95
CA SER C 98 -19.80 -31.66 1.79
C SER C 98 -19.31 -30.74 2.91
N ILE C 99 -18.00 -30.67 3.11
CA ILE C 99 -17.40 -29.83 4.13
C ILE C 99 -16.42 -28.84 3.48
N GLU C 100 -16.37 -27.61 3.97
CA GLU C 100 -15.19 -26.73 3.73
C GLU C 100 -14.72 -26.18 5.04
N ALA C 101 -13.58 -26.62 5.55
CA ALA C 101 -13.16 -26.15 6.87
C ALA C 101 -11.72 -25.90 6.94
N ALA C 102 -11.33 -24.90 7.71
CA ALA C 102 -9.93 -24.58 7.91
C ALA C 102 -9.40 -25.20 9.20
N THR C 103 -10.27 -25.56 10.13
CA THR C 103 -9.91 -26.16 11.42
C THR C 103 -10.76 -27.38 11.76
N ARG C 104 -10.28 -28.21 12.66
CA ARG C 104 -10.95 -29.45 13.03
C ARG C 104 -12.36 -29.29 13.67
N LYS C 105 -12.56 -28.32 14.51
CA LYS C 105 -13.87 -27.99 15.04
C LYS C 105 -14.89 -27.44 14.01
N GLU C 106 -14.42 -26.67 13.04
CA GLU C 106 -15.21 -26.18 11.93
C GLU C 106 -15.65 -27.44 11.15
N ALA C 107 -14.72 -28.32 10.90
CA ALA C 107 -15.06 -29.54 10.23
C ALA C 107 -16.10 -30.39 11.00
N MET C 108 -15.95 -30.55 12.32
CA MET C 108 -16.88 -31.41 13.09
C MET C 108 -18.28 -30.82 13.26
N ALA C 109 -18.39 -29.50 13.36
CA ALA C 109 -19.68 -28.87 13.39
C ALA C 109 -20.45 -29.12 12.06
N GLN C 110 -19.76 -29.02 10.92
CA GLN C 110 -20.36 -29.18 9.61
C GLN C 110 -20.74 -30.66 9.43
N MET C 111 -19.85 -31.57 9.79
CA MET C 111 -20.18 -32.99 9.86
C MET C 111 -21.49 -33.27 10.67
N GLN C 112 -21.67 -32.59 11.79
CA GLN C 112 -22.86 -32.75 12.64
C GLN C 112 -24.13 -32.17 12.02
N GLU C 113 -24.03 -31.02 11.37
CA GLU C 113 -25.12 -30.45 10.54
C GLU C 113 -25.61 -31.46 9.48
N ILE C 114 -24.66 -32.00 8.73
CA ILE C 114 -24.89 -32.99 7.71
C ILE C 114 -25.63 -34.21 8.26
N LEU C 115 -25.13 -34.79 9.34
CA LEU C 115 -25.86 -35.84 10.05
C LEU C 115 -27.28 -35.44 10.47
N ASP C 116 -27.45 -34.23 11.00
CA ASP C 116 -28.77 -33.79 11.49
C ASP C 116 -29.74 -33.64 10.37
N LEU C 117 -29.26 -33.34 9.16
CA LEU C 117 -30.11 -33.26 7.97
C LEU C 117 -30.54 -34.60 7.39
N GLY C 118 -30.08 -35.73 7.95
CA GLY C 118 -30.45 -37.03 7.44
C GLY C 118 -29.45 -37.61 6.48
N ILE C 119 -28.40 -36.84 6.16
CA ILE C 119 -27.43 -37.23 5.15
C ILE C 119 -26.41 -38.15 5.83
N ARG C 120 -25.98 -39.20 5.10
CA ARG C 120 -25.22 -40.32 5.66
C ARG C 120 -23.87 -40.60 4.99
N ILE C 121 -23.54 -39.77 4.00
CA ILE C 121 -22.23 -39.80 3.30
C ILE C 121 -21.68 -38.39 3.19
N VAL C 122 -20.37 -38.25 3.19
CA VAL C 122 -19.79 -36.90 3.11
C VAL C 122 -18.73 -36.83 2.00
N ASN C 123 -18.73 -35.73 1.31
CA ASN C 123 -17.77 -35.45 0.25
C ASN C 123 -16.72 -34.42 0.72
N LEU C 124 -15.46 -34.69 0.44
CA LEU C 124 -14.36 -33.78 0.77
C LEU C 124 -13.50 -33.54 -0.41
N GLU C 125 -13.34 -32.26 -0.71
CA GLU C 125 -12.47 -31.82 -1.81
C GLU C 125 -11.53 -30.75 -1.26
N PRO C 126 -10.58 -31.16 -0.40
CA PRO C 126 -9.83 -30.16 0.32
C PRO C 126 -8.83 -29.39 -0.53
N GLY C 127 -8.40 -29.95 -1.66
CA GLY C 127 -7.51 -29.17 -2.55
C GLY C 127 -8.19 -27.93 -3.20
N VAL C 128 -9.52 -27.84 -3.11
CA VAL C 128 -10.17 -26.61 -3.60
C VAL C 128 -10.81 -25.78 -2.47
N TRP C 129 -10.42 -26.05 -1.25
CA TRP C 129 -10.89 -25.18 -0.18
C TRP C 129 -10.22 -23.83 -0.17
N ALA C 130 -10.89 -22.86 0.44
CA ALA C 130 -10.34 -21.55 0.80
C ALA C 130 -8.87 -21.66 1.23
N THR C 131 -8.61 -22.44 2.27
CA THR C 131 -7.24 -22.92 2.63
C THR C 131 -7.04 -24.32 2.01
N PRO C 132 -6.35 -24.41 0.85
CA PRO C 132 -6.19 -25.71 0.17
C PRO C 132 -5.43 -26.71 1.06
N MET C 133 -5.93 -27.92 1.19
CA MET C 133 -5.15 -28.93 1.93
C MET C 133 -5.12 -30.29 1.22
N HIS C 134 -4.09 -31.10 1.51
CA HIS C 134 -3.98 -32.48 1.08
C HIS C 134 -5.01 -33.29 1.87
N VAL C 135 -5.56 -34.37 1.30
CA VAL C 135 -6.46 -35.29 2.06
C VAL C 135 -5.76 -35.96 3.31
N ASP C 136 -4.44 -36.00 3.35
CA ASP C 136 -3.75 -36.54 4.54
C ASP C 136 -3.22 -35.42 5.48
N ASP C 137 -3.80 -34.24 5.34
CA ASP C 137 -3.53 -33.15 6.27
C ASP C 137 -3.87 -33.56 7.68
N ARG C 138 -2.96 -33.28 8.59
CA ARG C 138 -3.19 -33.57 9.99
C ARG C 138 -4.55 -33.12 10.46
N ARG C 139 -5.00 -31.95 9.94
CA ARG C 139 -6.21 -31.30 10.45
C ARG C 139 -7.48 -32.08 10.10
N LEU C 140 -7.38 -32.99 9.13
CA LEU C 140 -8.55 -33.80 8.76
C LEU C 140 -8.64 -35.07 9.55
N TYR C 141 -7.52 -35.42 10.23
CA TYR C 141 -7.51 -36.74 10.85
C TYR C 141 -8.61 -36.99 11.88
N PRO C 142 -8.95 -35.97 12.72
CA PRO C 142 -10.00 -36.24 13.75
C PRO C 142 -11.35 -36.44 13.07
N LEU C 143 -11.52 -35.90 11.88
CA LEU C 143 -12.73 -36.14 11.12
C LEU C 143 -12.75 -37.55 10.59
N TYR C 144 -11.66 -38.01 10.02
CA TYR C 144 -11.55 -39.41 9.56
C TYR C 144 -11.80 -40.43 10.68
N ALA C 145 -11.28 -40.16 11.89
CA ALA C 145 -11.43 -41.04 13.04
C ALA C 145 -12.88 -41.12 13.41
N PHE C 146 -13.57 -39.98 13.40
CA PHE C 146 -15.02 -39.95 13.57
C PHE C 146 -15.82 -40.76 12.50
N CYS C 147 -15.51 -40.58 11.23
CA CYS C 147 -16.17 -41.32 10.18
C CYS C 147 -15.85 -42.80 10.23
N GLU C 148 -14.60 -43.13 10.54
CA GLU C 148 -14.27 -44.54 10.70
C GLU C 148 -15.08 -45.12 11.87
N ASP C 149 -15.08 -44.44 13.01
CA ASP C 149 -15.71 -44.97 14.25
C ASP C 149 -17.22 -45.18 14.03
N ASN C 150 -17.84 -44.33 13.23
CA ASN C 150 -19.28 -44.39 13.01
C ASN C 150 -19.72 -45.07 11.70
N GLY C 151 -18.81 -45.77 11.01
CA GLY C 151 -19.12 -46.40 9.71
C GLY C 151 -19.68 -45.40 8.66
N ILE C 152 -19.09 -44.18 8.55
CA ILE C 152 -19.53 -43.18 7.57
C ILE C 152 -18.62 -43.23 6.34
N PRO C 153 -19.21 -43.56 5.15
CA PRO C 153 -18.41 -43.56 3.95
C PRO C 153 -17.96 -42.16 3.55
N VAL C 154 -16.79 -42.08 2.97
CA VAL C 154 -16.26 -40.77 2.64
C VAL C 154 -15.82 -40.72 1.19
N ILE C 155 -16.43 -39.84 0.43
CA ILE C 155 -15.96 -39.53 -0.91
C ILE C 155 -14.85 -38.46 -0.86
N MET C 156 -13.75 -38.67 -1.54
CA MET C 156 -12.72 -37.60 -1.56
C MET C 156 -12.24 -37.36 -2.95
N MET C 157 -12.06 -36.11 -3.32
CA MET C 157 -11.59 -35.82 -4.67
C MET C 157 -10.05 -35.85 -4.74
N THR C 158 -9.46 -36.90 -5.34
CA THR C 158 -8.01 -37.02 -5.37
C THR C 158 -7.54 -37.39 -6.74
N GLY C 159 -8.38 -37.14 -7.74
CA GLY C 159 -8.04 -37.24 -9.15
C GLY C 159 -8.40 -35.96 -9.86
N GLY C 160 -7.92 -35.81 -11.08
CA GLY C 160 -8.25 -34.63 -11.90
C GLY C 160 -7.67 -33.34 -11.31
N ASN C 161 -8.42 -32.23 -11.42
CA ASN C 161 -7.96 -30.97 -10.93
C ASN C 161 -8.34 -30.80 -9.48
N ALA C 162 -7.77 -31.67 -8.64
CA ALA C 162 -8.20 -31.77 -7.27
C ALA C 162 -7.66 -30.62 -6.37
N GLY C 163 -6.69 -29.85 -6.89
CA GLY C 163 -6.02 -28.81 -6.11
C GLY C 163 -5.19 -27.96 -7.06
N PRO C 164 -4.50 -26.94 -6.55
CA PRO C 164 -3.76 -25.98 -7.33
C PRO C 164 -2.73 -26.62 -8.28
N ASP C 165 -2.17 -27.78 -7.92
CA ASP C 165 -1.22 -28.40 -8.82
C ASP C 165 -1.27 -29.95 -8.69
N ILE C 166 -0.37 -30.63 -9.38
CA ILE C 166 -0.53 -32.11 -9.48
C ILE C 166 -0.15 -32.85 -8.19
N THR C 167 0.44 -32.16 -7.20
CA THR C 167 0.84 -32.84 -5.96
C THR C 167 -0.44 -33.23 -5.19
N TYR C 168 -1.53 -32.55 -5.45
CA TYR C 168 -2.78 -32.81 -4.72
C TYR C 168 -3.46 -34.09 -5.31
N THR C 169 -2.90 -34.64 -6.42
CA THR C 169 -3.37 -35.98 -6.85
C THR C 169 -2.31 -37.12 -6.56
N ASN C 170 -1.11 -36.77 -6.12
CA ASN C 170 -0.10 -37.73 -5.84
C ASN C 170 -0.70 -38.79 -4.92
N PRO C 171 -0.54 -40.09 -5.28
CA PRO C 171 -1.27 -41.18 -4.49
C PRO C 171 -0.70 -41.38 -3.04
N GLU C 172 0.44 -40.78 -2.79
CA GLU C 172 0.90 -40.81 -1.40
C GLU C 172 -0.15 -40.30 -0.39
N HIS C 173 -0.97 -39.28 -0.75
CA HIS C 173 -1.89 -38.65 0.22
C HIS C 173 -3.07 -39.55 0.59
N ILE C 174 -3.72 -40.12 -0.42
CA ILE C 174 -4.84 -41.02 -0.16
C ILE C 174 -4.29 -42.31 0.47
N ASP C 175 -3.09 -42.76 0.05
CA ASP C 175 -2.53 -44.00 0.66
C ASP C 175 -2.28 -43.93 2.18
N ARG C 176 -1.84 -42.76 2.63
CA ARG C 176 -1.59 -42.57 4.04
C ARG C 176 -2.92 -42.65 4.81
N VAL C 177 -3.93 -41.98 4.30
CA VAL C 177 -5.25 -42.02 4.92
C VAL C 177 -5.75 -43.42 5.12
N LEU C 178 -5.64 -44.21 4.06
CA LEU C 178 -6.14 -45.60 4.08
C LEU C 178 -5.31 -46.41 5.03
N GLY C 179 -4.03 -46.15 5.03
CA GLY C 179 -3.17 -46.80 6.02
C GLY C 179 -3.48 -46.43 7.45
N ASP C 180 -3.79 -45.14 7.69
CA ASP C 180 -4.07 -44.71 9.08
C ASP C 180 -5.46 -45.02 9.57
N PHE C 181 -6.38 -45.26 8.63
CA PHE C 181 -7.80 -45.54 8.93
C PHE C 181 -8.23 -46.77 8.14
N PRO C 182 -7.73 -47.92 8.59
CA PRO C 182 -7.86 -49.13 7.80
C PRO C 182 -9.30 -49.63 7.67
N ASP C 183 -10.22 -49.11 8.47
CA ASP C 183 -11.62 -49.59 8.44
C ASP C 183 -12.56 -48.54 7.88
N LEU C 184 -11.98 -47.52 7.28
CA LEU C 184 -12.79 -46.43 6.79
C LEU C 184 -13.10 -46.74 5.30
N THR C 185 -14.37 -46.66 4.91
CA THR C 185 -14.74 -46.73 3.47
C THR C 185 -14.49 -45.41 2.76
N VAL C 186 -13.70 -45.44 1.70
CA VAL C 186 -13.32 -44.20 1.02
C VAL C 186 -13.66 -44.45 -0.47
N VAL C 187 -14.32 -43.50 -1.10
CA VAL C 187 -14.42 -43.47 -2.52
C VAL C 187 -13.45 -42.39 -3.09
N SER C 188 -12.53 -42.73 -3.97
CA SER C 188 -11.75 -41.74 -4.79
C SER C 188 -12.47 -41.24 -6.03
N SER C 189 -12.97 -39.97 -5.96
CA SER C 189 -13.74 -39.42 -7.07
C SER C 189 -12.67 -39.04 -8.02
N HIS C 190 -12.95 -39.25 -9.31
CA HIS C 190 -11.99 -39.09 -10.38
C HIS C 190 -10.89 -40.19 -10.30
N GLY C 191 -11.04 -41.15 -9.37
CA GLY C 191 -10.17 -42.34 -9.32
C GLY C 191 -8.70 -42.08 -9.16
N ASN C 192 -8.35 -40.91 -8.56
CA ASN C 192 -6.97 -40.48 -8.41
C ASN C 192 -6.21 -40.36 -9.75
N TRP C 193 -6.96 -40.16 -10.81
CA TRP C 193 -6.40 -39.95 -12.16
C TRP C 193 -5.58 -38.68 -12.12
N PRO C 194 -4.41 -38.64 -12.77
CA PRO C 194 -3.73 -39.48 -13.73
C PRO C 194 -2.81 -40.57 -13.16
N TRP C 195 -2.69 -40.73 -11.82
CA TRP C 195 -1.74 -41.72 -11.26
C TRP C 195 -2.35 -43.11 -11.28
N VAL C 196 -2.58 -43.62 -12.51
CA VAL C 196 -3.46 -44.74 -12.60
C VAL C 196 -2.71 -46.03 -12.31
N GLN C 197 -1.44 -46.17 -12.76
CA GLN C 197 -0.64 -47.39 -12.35
C GLN C 197 -0.60 -47.51 -10.82
N GLU C 198 -0.42 -46.35 -10.15
CA GLU C 198 -0.27 -46.32 -8.70
C GLU C 198 -1.55 -46.55 -7.91
N ILE C 199 -2.65 -45.93 -8.33
CA ILE C 199 -3.91 -46.11 -7.59
C ILE C 199 -4.42 -47.57 -7.60
N ILE C 200 -4.11 -48.31 -8.65
CA ILE C 200 -4.50 -49.71 -8.69
C ILE C 200 -3.75 -50.43 -7.56
N HIS C 201 -2.47 -50.14 -7.40
CA HIS C 201 -1.78 -50.66 -6.23
C HIS C 201 -2.34 -50.28 -4.88
N VAL C 202 -2.74 -48.99 -4.73
CA VAL C 202 -3.36 -48.56 -3.48
C VAL C 202 -4.62 -49.41 -3.16
N ALA C 203 -5.48 -49.51 -4.13
CA ALA C 203 -6.67 -50.37 -4.06
C ALA C 203 -6.40 -51.86 -3.82
N PHE C 204 -5.36 -52.38 -4.44
CA PHE C 204 -4.94 -53.78 -4.18
C PHE C 204 -4.60 -54.01 -2.69
N ARG C 205 -3.89 -53.03 -2.11
CA ARG C 205 -3.44 -53.05 -0.74
C ARG C 205 -4.49 -52.67 0.27
N ARG C 206 -5.31 -51.65 -0.03
CA ARG C 206 -6.25 -51.09 0.93
C ARG C 206 -7.68 -51.51 0.60
N PRO C 207 -8.18 -52.50 1.33
CA PRO C 207 -9.42 -53.19 0.91
C PRO C 207 -10.66 -52.32 0.99
N ASN C 208 -10.57 -51.15 1.63
CA ASN C 208 -11.80 -50.35 1.70
CA ASN C 208 -11.61 -50.20 1.90
C ASN C 208 -11.82 -49.14 0.79
N LEU C 209 -10.86 -49.07 -0.15
CA LEU C 209 -10.88 -48.06 -1.23
C LEU C 209 -11.77 -48.39 -2.45
N TYR C 210 -12.72 -47.53 -2.79
CA TYR C 210 -13.50 -47.63 -4.03
C TYR C 210 -12.98 -46.61 -5.01
N LEU C 211 -12.99 -46.93 -6.33
CA LEU C 211 -12.59 -46.02 -7.41
C LEU C 211 -13.75 -45.66 -8.27
N SER C 212 -13.95 -44.38 -8.52
CA SER C 212 -14.96 -43.96 -9.43
C SER C 212 -14.25 -43.02 -10.40
N PRO C 213 -13.61 -43.54 -11.50
CA PRO C 213 -12.84 -42.65 -12.41
C PRO C 213 -13.78 -41.63 -13.13
N ASP C 214 -15.08 -41.94 -13.19
CA ASP C 214 -16.07 -41.10 -13.92
C ASP C 214 -15.57 -40.60 -15.32
N MET C 215 -15.48 -39.29 -15.52
CA MET C 215 -15.14 -38.73 -16.84
C MET C 215 -13.72 -39.07 -17.28
N TYR C 216 -12.81 -39.30 -16.33
CA TYR C 216 -11.38 -39.48 -16.67
C TYR C 216 -11.10 -40.88 -17.26
N LEU C 217 -12.12 -41.73 -17.21
CA LEU C 217 -12.07 -42.98 -17.94
C LEU C 217 -12.07 -42.84 -19.49
N TYR C 218 -12.63 -41.72 -19.96
CA TYR C 218 -12.92 -41.56 -21.36
C TYR C 218 -11.72 -41.13 -22.22
N ASN C 219 -11.12 -42.08 -22.95
CA ASN C 219 -10.08 -41.74 -23.94
C ASN C 219 -8.83 -41.16 -23.32
N LEU C 220 -8.52 -41.56 -22.10
CA LEU C 220 -7.35 -40.93 -21.49
C LEU C 220 -6.42 -41.98 -20.97
N PRO C 221 -5.18 -41.59 -20.54
CA PRO C 221 -4.27 -42.61 -19.98
C PRO C 221 -4.85 -43.29 -18.76
N GLY C 222 -4.53 -44.56 -18.58
CA GLY C 222 -5.09 -45.29 -17.47
C GLY C 222 -6.35 -46.10 -17.80
N HIS C 223 -7.02 -45.76 -18.92
CA HIS C 223 -8.25 -46.46 -19.31
C HIS C 223 -8.08 -48.03 -19.23
N ALA C 224 -7.11 -48.55 -19.95
CA ALA C 224 -6.82 -49.99 -19.96
C ALA C 224 -6.58 -50.55 -18.54
N ASP C 225 -5.86 -49.78 -17.70
CA ASP C 225 -5.55 -50.19 -16.30
C ASP C 225 -6.82 -50.31 -15.46
N PHE C 226 -7.74 -49.38 -15.67
CA PHE C 226 -8.98 -49.35 -14.92
C PHE C 226 -9.82 -50.55 -15.32
N ILE C 227 -9.94 -50.73 -16.64
CA ILE C 227 -10.73 -51.83 -17.21
C ILE C 227 -10.13 -53.18 -16.80
N GLN C 228 -8.81 -53.29 -16.75
CA GLN C 228 -8.22 -54.55 -16.35
C GLN C 228 -8.53 -54.90 -14.87
N ALA C 229 -8.46 -53.91 -13.98
CA ALA C 229 -8.76 -54.11 -12.57
C ALA C 229 -10.27 -54.41 -12.40
N ALA C 230 -11.10 -53.64 -13.10
CA ALA C 230 -12.55 -53.92 -13.12
C ALA C 230 -12.85 -55.41 -13.48
N ASN C 231 -12.08 -55.97 -14.41
CA ASN C 231 -12.19 -57.40 -14.74
C ASN C 231 -11.54 -58.37 -13.72
N SER C 232 -10.96 -57.80 -12.66
CA SER C 232 -10.25 -58.64 -11.70
CA SER C 232 -10.19 -58.57 -11.70
C SER C 232 -10.67 -58.23 -10.29
N PHE C 233 -9.73 -57.91 -9.40
CA PHE C 233 -10.04 -57.70 -7.98
C PHE C 233 -10.94 -56.46 -7.74
N LEU C 234 -10.87 -55.47 -8.60
CA LEU C 234 -11.65 -54.25 -8.39
C LEU C 234 -13.15 -54.35 -8.82
N ALA C 235 -13.57 -55.50 -9.36
CA ALA C 235 -14.97 -55.72 -9.74
C ALA C 235 -15.91 -55.26 -8.66
N ASP C 236 -15.50 -55.46 -7.44
CA ASP C 236 -16.35 -55.18 -6.25
C ASP C 236 -16.24 -53.72 -5.73
N ARG C 237 -15.34 -52.94 -6.32
CA ARG C 237 -14.89 -51.71 -5.75
C ARG C 237 -14.66 -50.64 -6.82
N MET C 238 -15.32 -50.74 -7.98
CA MET C 238 -15.37 -49.62 -8.91
C MET C 238 -16.82 -49.17 -9.03
N LEU C 239 -17.00 -47.87 -9.27
CA LEU C 239 -18.29 -47.24 -9.30
C LEU C 239 -18.52 -46.51 -10.58
N PHE C 240 -19.64 -46.83 -11.22
CA PHE C 240 -20.08 -46.06 -12.38
C PHE C 240 -20.47 -44.64 -11.95
N GLY C 241 -19.92 -43.65 -12.64
CA GLY C 241 -20.31 -42.26 -12.45
C GLY C 241 -20.05 -41.47 -13.72
N THR C 242 -20.87 -40.46 -13.98
CA THR C 242 -20.70 -39.67 -15.21
C THR C 242 -20.07 -38.30 -15.00
N ALA C 243 -20.15 -37.79 -13.77
CA ALA C 243 -19.67 -36.44 -13.41
C ALA C 243 -20.47 -35.41 -14.17
N TYR C 244 -21.68 -35.81 -14.62
CA TYR C 244 -22.70 -34.84 -15.08
C TYR C 244 -22.73 -33.60 -14.13
N PRO C 245 -22.73 -32.35 -14.66
CA PRO C 245 -22.92 -31.96 -16.06
C PRO C 245 -21.59 -31.85 -16.91
N MET C 246 -20.46 -32.34 -16.41
CA MET C 246 -19.22 -32.38 -17.22
C MET C 246 -19.39 -33.32 -18.44
N CYS C 247 -20.12 -34.42 -18.26
CA CYS C 247 -20.43 -35.34 -19.38
C CYS C 247 -21.91 -35.54 -19.46
N PRO C 248 -22.46 -35.58 -20.70
CA PRO C 248 -23.82 -35.96 -21.00
C PRO C 248 -24.13 -37.32 -20.46
N LEU C 249 -25.29 -37.48 -19.86
CA LEU C 249 -25.71 -38.77 -19.36
C LEU C 249 -25.76 -39.86 -20.43
N LYS C 250 -26.43 -39.57 -21.55
CA LYS C 250 -26.81 -40.62 -22.51
C LYS C 250 -25.59 -41.19 -23.25
N GLU C 251 -24.80 -40.30 -23.86
CA GLU C 251 -23.62 -40.60 -24.62
C GLU C 251 -22.54 -41.28 -23.75
N TYR C 252 -22.40 -40.87 -22.50
CA TYR C 252 -21.37 -41.42 -21.63
C TYR C 252 -21.80 -42.82 -21.33
N THR C 253 -23.05 -43.01 -20.92
CA THR C 253 -23.51 -44.30 -20.45
C THR C 253 -23.48 -45.32 -21.58
N GLU C 254 -23.93 -44.95 -22.77
CA GLU C 254 -23.92 -45.87 -23.90
C GLU C 254 -22.53 -46.29 -24.26
N TRP C 255 -21.59 -45.33 -24.34
CA TRP C 255 -20.20 -45.66 -24.49
C TRP C 255 -19.78 -46.62 -23.38
N PHE C 256 -20.04 -46.26 -22.12
CA PHE C 256 -19.58 -47.11 -21.01
C PHE C 256 -20.06 -48.58 -21.19
N LEU C 257 -21.31 -48.74 -21.66
CA LEU C 257 -21.96 -50.07 -21.68
C LEU C 257 -21.39 -50.95 -22.77
N THR C 258 -20.54 -50.39 -23.63
CA THR C 258 -19.91 -51.13 -24.70
C THR C 258 -18.52 -51.59 -24.33
N LEU C 259 -18.04 -51.19 -23.15
CA LEU C 259 -16.72 -51.50 -22.61
C LEU C 259 -16.49 -52.98 -22.31
N PRO C 260 -15.29 -53.47 -22.61
CA PRO C 260 -15.02 -54.90 -22.39
C PRO C 260 -14.84 -55.33 -20.92
N ILE C 261 -15.94 -55.40 -20.17
CA ILE C 261 -15.88 -55.65 -18.76
C ILE C 261 -16.79 -56.82 -18.60
N LYS C 262 -16.34 -57.87 -17.92
CA LYS C 262 -17.15 -59.08 -17.77
C LYS C 262 -18.53 -58.79 -17.19
N PRO C 263 -19.55 -59.48 -17.70
CA PRO C 263 -20.93 -59.17 -17.25
C PRO C 263 -21.22 -59.19 -15.73
N ASP C 264 -20.67 -60.14 -14.99
CA ASP C 264 -20.84 -60.06 -13.52
C ASP C 264 -20.14 -58.82 -12.89
N ALA C 265 -18.99 -58.43 -13.41
CA ALA C 265 -18.37 -57.22 -12.98
C ALA C 265 -19.19 -55.99 -13.43
N MET C 266 -19.75 -56.02 -14.64
CA MET C 266 -20.51 -54.84 -15.15
C MET C 266 -21.67 -54.51 -14.22
N GLU C 267 -22.39 -55.54 -13.79
CA GLU C 267 -23.51 -55.33 -12.84
C GLU C 267 -23.15 -54.76 -11.48
N LYS C 268 -22.02 -55.22 -10.90
CA LYS C 268 -21.57 -54.65 -9.65
C LYS C 268 -21.17 -53.18 -9.88
N ILE C 269 -20.44 -52.90 -10.95
CA ILE C 269 -19.96 -51.55 -11.21
C ILE C 269 -21.09 -50.56 -11.51
N LEU C 270 -22.13 -51.01 -12.21
CA LEU C 270 -23.26 -50.16 -12.54
C LEU C 270 -24.23 -50.00 -11.43
N HIS C 271 -24.34 -50.99 -10.54
CA HIS C 271 -25.32 -50.81 -9.44
C HIS C 271 -25.02 -51.50 -8.13
N GLY C 272 -24.46 -52.70 -8.20
CA GLY C 272 -24.26 -53.52 -7.00
C GLY C 272 -23.36 -52.82 -5.98
N ASN C 273 -22.25 -52.23 -6.45
CA ASN C 273 -21.22 -51.69 -5.56
C ASN C 273 -21.73 -50.45 -4.79
N ALA C 274 -22.43 -49.57 -5.50
CA ALA C 274 -23.11 -48.41 -4.94
C ALA C 274 -24.22 -48.77 -3.98
N GLU C 275 -24.96 -49.87 -4.24
CA GLU C 275 -26.08 -50.31 -3.40
C GLU C 275 -25.51 -50.79 -2.07
N ARG C 276 -24.34 -51.44 -2.10
CA ARG C 276 -23.64 -51.87 -0.87
C ARG C 276 -23.15 -50.66 -0.09
N LEU C 277 -22.71 -49.62 -0.76
CA LEU C 277 -22.27 -48.40 -0.10
C LEU C 277 -23.45 -47.69 0.53
N LEU C 278 -24.54 -47.60 -0.21
CA LEU C 278 -25.72 -46.93 0.32
C LEU C 278 -26.34 -47.72 1.47
N ALA C 279 -26.25 -49.06 1.43
CA ALA C 279 -26.60 -49.91 2.57
C ALA C 279 -25.76 -49.57 3.77
N GLN C 280 -24.42 -49.51 3.61
CA GLN C 280 -23.53 -49.17 4.74
C GLN C 280 -23.89 -47.82 5.37
N ALA C 281 -24.08 -46.78 4.55
CA ALA C 281 -24.52 -45.45 5.02
C ALA C 281 -25.88 -45.55 5.73
N GLY C 282 -26.75 -46.47 5.31
CA GLY C 282 -27.98 -46.83 6.07
C GLY C 282 -27.70 -47.42 7.47
N ARG C 283 -26.46 -47.84 7.70
CA ARG C 283 -25.85 -48.13 9.02
C ARG C 283 -26.11 -49.57 9.39
N LEU D 3 53.43 -21.10 28.34
CA LEU D 3 52.16 -21.81 28.06
C LEU D 3 52.03 -21.97 26.55
N LYS D 4 51.74 -23.19 26.16
CA LYS D 4 51.76 -23.59 24.78
C LYS D 4 50.40 -23.32 24.12
N ILE D 5 50.47 -22.74 22.95
CA ILE D 5 49.25 -22.51 22.21
C ILE D 5 49.35 -23.18 20.88
N ILE D 6 48.29 -23.89 20.54
CA ILE D 6 48.09 -24.46 19.21
C ILE D 6 46.87 -23.80 18.57
N ASP D 7 47.10 -23.12 17.45
CA ASP D 7 46.02 -22.47 16.71
C ASP D 7 45.34 -23.43 15.77
N PHE D 8 44.12 -23.89 16.11
CA PHE D 8 43.42 -24.87 15.31
C PHE D 8 42.91 -24.43 13.95
N ARG D 9 42.98 -23.14 13.61
CA ARG D 9 42.69 -22.71 12.22
C ARG D 9 43.65 -21.63 11.78
N LEU D 10 44.78 -22.03 11.23
CA LEU D 10 45.78 -21.02 10.88
C LEU D 10 46.21 -21.15 9.43
N ARG D 11 45.89 -20.16 8.64
CA ARG D 11 46.20 -20.19 7.23
C ARG D 11 47.36 -19.22 6.88
N PRO D 12 48.59 -19.73 6.69
CA PRO D 12 49.74 -18.80 6.55
C PRO D 12 49.93 -18.16 5.21
N PRO D 13 50.59 -17.00 5.19
CA PRO D 13 50.86 -16.34 3.92
C PRO D 13 52.02 -17.03 3.18
N ALA D 14 51.98 -18.35 3.05
CA ALA D 14 53.08 -19.10 2.45
C ALA D 14 52.61 -19.98 1.31
N MET D 15 53.36 -19.95 0.21
CA MET D 15 53.27 -20.96 -0.85
C MET D 15 51.86 -21.11 -1.44
N GLY D 16 51.35 -22.33 -1.57
CA GLY D 16 50.02 -22.54 -2.15
C GLY D 16 48.89 -21.75 -1.50
N PHE D 17 49.04 -21.37 -0.24
CA PHE D 17 47.98 -20.57 0.43
C PHE D 17 47.80 -19.14 -0.17
N LEU D 18 48.81 -18.62 -0.87
CA LEU D 18 48.73 -17.30 -1.55
C LEU D 18 47.76 -17.23 -2.75
N ASN D 19 47.37 -18.39 -3.26
CA ASN D 19 46.33 -18.52 -4.28
C ASN D 19 44.92 -18.43 -3.77
N ALA D 20 44.77 -18.64 -2.46
CA ALA D 20 43.47 -18.70 -1.78
C ALA D 20 42.66 -17.38 -1.87
N ARG D 21 41.33 -17.47 -1.85
CA ARG D 21 40.50 -16.24 -1.87
C ARG D 21 40.96 -15.25 -0.78
N ILE D 22 41.07 -15.76 0.45
CA ILE D 22 41.56 -15.00 1.59
C ILE D 22 42.78 -14.10 1.30
N TYR D 23 43.60 -14.46 0.32
CA TYR D 23 44.82 -13.71 0.05
C TYR D 23 44.80 -12.90 -1.23
N THR D 24 44.09 -13.39 -2.24
CA THR D 24 43.99 -12.63 -3.50
C THR D 24 42.93 -11.51 -3.36
N ARG D 25 41.89 -11.77 -2.56
CA ARG D 25 40.85 -10.79 -2.21
C ARG D 25 41.03 -10.13 -0.82
N PRO D 26 42.11 -9.36 -0.64
CA PRO D 26 42.19 -8.77 0.69
C PRO D 26 40.95 -7.91 1.01
N ASP D 27 40.36 -7.26 -0.01
CA ASP D 27 39.16 -6.45 0.15
C ASP D 27 37.98 -7.14 0.85
N ILE D 28 37.55 -8.32 0.38
CA ILE D 28 36.43 -9.04 1.04
C ILE D 28 36.81 -9.58 2.44
N ARG D 29 38.10 -9.94 2.62
CA ARG D 29 38.63 -10.41 3.89
C ARG D 29 38.62 -9.29 4.95
N ASN D 30 39.24 -8.16 4.62
CA ASN D 30 39.25 -6.98 5.47
C ASN D 30 37.84 -6.49 5.82
N ARG D 31 36.86 -6.73 4.97
CA ARG D 31 35.49 -6.39 5.34
C ARG D 31 34.99 -7.29 6.49
N PHE D 32 35.22 -8.61 6.39
CA PHE D 32 34.87 -9.53 7.50
C PHE D 32 35.68 -9.21 8.77
N THR D 33 36.98 -8.94 8.63
CA THR D 33 37.87 -8.62 9.78
C THR D 33 37.34 -7.45 10.60
N ARG D 34 37.04 -6.34 9.90
CA ARG D 34 36.58 -5.08 10.54
C ARG D 34 35.15 -5.19 11.01
N GLN D 35 34.34 -5.94 10.28
CA GLN D 35 33.03 -6.32 10.81
C GLN D 35 33.09 -6.98 12.19
N LEU D 36 34.04 -7.91 12.38
CA LEU D 36 34.23 -8.61 13.68
C LEU D 36 34.70 -7.66 14.78
N GLY D 37 35.38 -6.59 14.40
CA GLY D 37 35.92 -5.65 15.36
C GLY D 37 37.45 -5.51 15.31
N PHE D 38 38.12 -6.22 14.42
CA PHE D 38 39.58 -6.18 14.42
C PHE D 38 40.13 -5.23 13.35
N GLU D 39 41.40 -4.89 13.50
CA GLU D 39 42.20 -4.32 12.40
C GLU D 39 43.00 -5.45 11.73
N PRO D 40 42.98 -5.51 10.37
CA PRO D 40 43.70 -6.54 9.58
C PRO D 40 45.15 -6.76 10.07
N ALA D 41 45.62 -8.00 10.19
CA ALA D 41 47.00 -8.25 10.64
C ALA D 41 48.03 -7.74 9.61
N PRO D 42 49.12 -7.07 10.09
CA PRO D 42 50.15 -6.59 9.12
C PRO D 42 50.79 -7.71 8.26
N SER D 43 51.32 -8.77 8.89
CA SER D 43 51.73 -9.98 8.17
C SER D 43 50.78 -10.46 7.03
N ALA D 44 49.47 -10.33 7.24
CA ALA D 44 48.49 -10.71 6.23
C ALA D 44 48.32 -9.60 5.17
N GLU D 45 48.65 -8.39 5.57
CA GLU D 45 48.61 -7.26 4.68
C GLU D 45 49.84 -7.36 3.77
N GLU D 46 51.03 -7.32 4.34
CA GLU D 46 52.29 -7.59 3.61
C GLU D 46 52.20 -8.88 2.79
N LYS D 47 51.41 -9.84 3.28
CA LYS D 47 51.44 -11.22 2.77
C LYS D 47 52.78 -11.80 3.07
N SER D 48 53.25 -11.56 4.29
CA SER D 48 54.61 -11.92 4.63
C SER D 48 54.74 -12.92 5.81
N LEU D 49 55.34 -14.03 5.50
CA LEU D 49 55.45 -15.12 6.38
C LEU D 49 56.31 -14.86 7.55
N GLU D 50 57.42 -14.23 7.33
CA GLU D 50 58.35 -13.94 8.39
C GLU D 50 57.79 -12.94 9.40
N LEU D 51 56.94 -12.06 8.96
CA LEU D 51 56.28 -11.15 9.86
C LEU D 51 55.18 -11.93 10.64
N MET D 52 54.47 -12.83 9.95
CA MET D 52 53.51 -13.72 10.63
C MET D 52 54.22 -14.45 11.78
N PHE D 53 55.41 -14.99 11.53
CA PHE D 53 56.16 -15.74 12.55
C PHE D 53 56.50 -14.89 13.75
N GLU D 54 56.81 -13.62 13.53
CA GLU D 54 56.97 -12.72 14.67
C GLU D 54 55.69 -12.62 15.49
N GLU D 55 54.59 -12.32 14.79
CA GLU D 55 53.30 -12.17 15.42
C GLU D 55 52.91 -13.45 16.19
N MET D 56 53.18 -14.61 15.59
CA MET D 56 52.92 -15.94 16.19
C MET D 56 53.67 -16.12 17.53
N ALA D 57 54.99 -15.91 17.52
CA ALA D 57 55.85 -15.96 18.73
C ALA D 57 55.43 -14.99 19.85
N ALA D 58 55.13 -13.76 19.45
CA ALA D 58 54.70 -12.72 20.39
C ALA D 58 53.37 -13.07 21.07
N ALA D 59 52.51 -13.83 20.38
CA ALA D 59 51.19 -14.06 20.90
C ALA D 59 51.24 -15.26 21.81
N GLY D 60 52.35 -16.00 21.72
CA GLY D 60 52.54 -17.22 22.51
C GLY D 60 52.04 -18.47 21.80
N ILE D 61 51.79 -18.34 20.50
CA ILE D 61 51.30 -19.46 19.64
C ILE D 61 52.48 -20.22 19.06
N GLU D 62 52.62 -21.45 19.49
CA GLU D 62 53.73 -22.27 19.13
C GLU D 62 53.48 -23.10 17.84
N GLN D 63 52.23 -23.53 17.62
CA GLN D 63 51.87 -24.32 16.42
C GLN D 63 50.52 -23.90 15.87
N GLY D 64 50.22 -24.37 14.67
CA GLY D 64 48.97 -24.04 14.05
C GLY D 64 48.57 -25.13 13.07
N VAL D 65 47.25 -25.32 12.96
CA VAL D 65 46.67 -26.34 12.08
C VAL D 65 46.25 -25.61 10.79
N CYS D 66 46.86 -26.07 9.70
CA CYS D 66 46.69 -25.45 8.38
C CYS D 66 45.71 -26.21 7.55
N VAL D 67 44.57 -25.59 7.33
CA VAL D 67 43.50 -26.21 6.57
C VAL D 67 43.41 -25.59 5.19
N GLY D 68 43.48 -26.40 4.14
CA GLY D 68 43.40 -25.87 2.76
C GLY D 68 42.01 -25.93 2.16
N ARG D 69 41.90 -25.82 0.86
CA ARG D 69 40.65 -25.92 0.13
C ARG D 69 40.97 -26.54 -1.21
N ASN D 70 40.60 -27.78 -1.38
CA ASN D 70 41.08 -28.56 -2.49
C ASN D 70 40.78 -28.50 -4.00
N SER D 71 39.56 -28.36 -4.51
CA SER D 71 39.45 -28.72 -5.93
C SER D 71 39.33 -27.72 -7.07
N SER D 72 40.30 -27.77 -7.99
CA SER D 72 40.16 -27.37 -9.37
C SER D 72 39.62 -25.98 -9.59
N VAL D 73 40.15 -25.07 -8.85
CA VAL D 73 39.71 -23.75 -9.07
C VAL D 73 40.72 -22.82 -8.62
N LEU D 74 40.56 -21.64 -9.15
CA LEU D 74 41.25 -20.47 -8.74
C LEU D 74 40.86 -20.39 -7.31
N GLY D 75 41.81 -20.25 -6.41
CA GLY D 75 41.46 -20.23 -5.02
C GLY D 75 41.57 -21.52 -4.29
N SER D 76 41.94 -22.56 -4.98
CA SER D 76 42.15 -23.83 -4.31
C SER D 76 43.59 -23.99 -3.88
N VAL D 77 43.79 -24.45 -2.67
CA VAL D 77 45.11 -24.82 -2.22
C VAL D 77 45.15 -26.35 -2.09
N SER D 78 45.93 -26.98 -2.97
CA SER D 78 45.92 -28.43 -3.10
C SER D 78 46.39 -29.05 -1.79
N ASN D 79 45.99 -30.32 -1.59
CA ASN D 79 46.65 -31.16 -0.59
C ASN D 79 48.18 -31.25 -0.71
N ALA D 80 48.71 -31.38 -1.94
CA ALA D 80 50.16 -31.37 -2.17
C ALA D 80 50.80 -30.08 -1.63
N ASP D 81 50.06 -28.98 -1.73
CA ASP D 81 50.52 -27.69 -1.24
C ASP D 81 50.55 -27.49 0.26
N VAL D 82 49.50 -27.97 0.93
CA VAL D 82 49.40 -28.02 2.37
C VAL D 82 50.55 -28.85 3.02
N ALA D 83 50.86 -30.00 2.44
CA ALA D 83 51.97 -30.85 2.88
C ALA D 83 53.34 -30.19 2.67
N ALA D 84 53.47 -29.48 1.56
CA ALA D 84 54.70 -28.81 1.26
C ALA D 84 54.97 -27.65 2.24
N VAL D 85 53.91 -27.07 2.85
CA VAL D 85 54.09 -26.02 3.88
C VAL D 85 54.56 -26.67 5.18
N ALA D 86 53.82 -27.66 5.63
CA ALA D 86 54.22 -28.42 6.78
C ALA D 86 55.63 -29.05 6.66
N LYS D 87 56.01 -29.63 5.53
CA LYS D 87 57.37 -30.20 5.48
C LYS D 87 58.44 -29.08 5.45
N ALA D 88 58.07 -27.95 4.87
CA ALA D 88 58.88 -26.74 4.92
C ALA D 88 59.09 -26.09 6.34
N TYR D 89 58.10 -26.18 7.24
CA TYR D 89 58.29 -25.77 8.65
C TYR D 89 57.66 -26.76 9.63
N PRO D 90 58.29 -27.94 9.80
CA PRO D 90 57.54 -29.10 10.35
C PRO D 90 57.22 -29.03 11.84
N ASP D 91 57.93 -28.14 12.53
CA ASP D 91 57.72 -27.83 13.94
C ASP D 91 56.71 -26.68 14.14
N LYS D 92 56.17 -26.13 13.06
CA LYS D 92 55.29 -24.98 13.12
C LYS D 92 53.89 -25.28 12.58
N PHE D 93 53.79 -26.13 11.55
CA PHE D 93 52.51 -26.38 10.89
C PHE D 93 52.10 -27.83 10.77
N HIS D 94 50.89 -28.09 11.22
CA HIS D 94 50.25 -29.39 11.10
C HIS D 94 49.35 -29.34 9.84
N PRO D 95 49.63 -30.22 8.87
CA PRO D 95 48.81 -30.21 7.64
C PRO D 95 47.47 -30.92 7.83
N VAL D 96 46.41 -30.39 7.22
CA VAL D 96 45.09 -31.06 7.24
C VAL D 96 44.71 -31.28 5.78
N GLY D 97 44.31 -32.49 5.42
CA GLY D 97 43.91 -32.77 4.02
C GLY D 97 42.45 -32.52 3.69
N SER D 98 42.16 -31.88 2.54
CA SER D 98 40.75 -31.71 2.22
C SER D 98 40.21 -32.57 1.06
N ILE D 99 39.00 -33.11 1.23
CA ILE D 99 38.35 -33.90 0.18
C ILE D 99 37.24 -33.01 -0.39
N GLU D 100 37.31 -32.74 -1.71
CA GLU D 100 36.21 -32.18 -2.47
C GLU D 100 35.88 -33.13 -3.65
N ALA D 101 34.81 -33.88 -3.58
CA ALA D 101 34.55 -34.86 -4.66
C ALA D 101 33.10 -35.18 -4.96
N ALA D 102 32.79 -35.43 -6.23
CA ALA D 102 31.39 -35.70 -6.60
C ALA D 102 30.95 -37.09 -6.10
N THR D 103 31.74 -38.11 -6.51
CA THR D 103 31.49 -39.54 -6.28
C THR D 103 32.35 -40.17 -5.18
N ARG D 104 31.80 -41.20 -4.53
CA ARG D 104 32.48 -41.91 -3.45
C ARG D 104 33.91 -42.37 -3.84
N LYS D 105 34.09 -42.79 -5.07
CA LYS D 105 35.39 -43.35 -5.42
C LYS D 105 36.42 -42.24 -5.68
N GLU D 106 35.94 -41.08 -6.14
CA GLU D 106 36.76 -39.85 -6.28
C GLU D 106 37.25 -39.42 -4.87
N ALA D 107 36.36 -39.60 -3.89
CA ALA D 107 36.62 -39.11 -2.60
C ALA D 107 37.61 -40.10 -1.93
N MET D 108 37.45 -41.40 -2.19
CA MET D 108 38.33 -42.42 -1.65
CA MET D 108 38.33 -42.41 -1.62
C MET D 108 39.75 -42.28 -2.25
N ALA D 109 39.84 -42.04 -3.55
CA ALA D 109 41.13 -41.63 -4.20
C ALA D 109 41.79 -40.41 -3.56
N GLN D 110 40.99 -39.43 -3.15
CA GLN D 110 41.58 -38.24 -2.55
C GLN D 110 42.05 -38.55 -1.14
N MET D 111 41.26 -39.35 -0.41
CA MET D 111 41.71 -39.85 0.86
C MET D 111 43.08 -40.52 0.78
N GLN D 112 43.19 -41.50 -0.11
CA GLN D 112 44.46 -42.17 -0.40
C GLN D 112 45.60 -41.22 -0.63
N GLU D 113 45.38 -40.23 -1.48
CA GLU D 113 46.47 -39.29 -1.77
C GLU D 113 46.85 -38.50 -0.48
N ILE D 114 45.85 -38.12 0.29
CA ILE D 114 46.06 -37.40 1.55
C ILE D 114 46.97 -38.26 2.48
N LEU D 115 46.62 -39.54 2.63
CA LEU D 115 47.40 -40.46 3.48
C LEU D 115 48.82 -40.63 2.92
N ASP D 116 48.97 -40.56 1.60
CA ASP D 116 50.28 -40.76 0.97
C ASP D 116 51.20 -39.52 1.19
N LEU D 117 50.62 -38.35 1.30
CA LEU D 117 51.38 -37.14 1.60
C LEU D 117 51.78 -37.12 3.09
N GLY D 118 51.45 -38.19 3.81
CA GLY D 118 51.61 -38.32 5.26
C GLY D 118 50.70 -37.41 6.09
N ILE D 119 49.63 -36.89 5.53
CA ILE D 119 48.66 -36.11 6.31
C ILE D 119 47.66 -37.07 7.06
N ARG D 120 47.15 -36.72 8.24
CA ARG D 120 46.35 -37.70 9.02
C ARG D 120 45.04 -37.18 9.57
N ILE D 121 44.67 -35.98 9.17
CA ILE D 121 43.43 -35.36 9.62
C ILE D 121 42.79 -34.93 8.33
N VAL D 122 41.49 -35.07 8.26
CA VAL D 122 40.87 -34.63 7.04
C VAL D 122 39.83 -33.53 7.29
N ASN D 123 39.60 -32.72 6.28
CA ASN D 123 38.66 -31.60 6.34
C ASN D 123 37.56 -31.71 5.26
N LEU D 124 36.29 -31.59 5.69
CA LEU D 124 35.19 -31.57 4.72
C LEU D 124 34.44 -30.26 4.83
N GLU D 125 34.26 -29.60 3.68
CA GLU D 125 33.51 -28.34 3.53
C GLU D 125 32.43 -28.45 2.41
N PRO D 126 31.45 -29.36 2.58
CA PRO D 126 30.61 -29.75 1.44
C PRO D 126 29.64 -28.66 1.01
N GLY D 127 29.32 -27.68 1.88
CA GLY D 127 28.49 -26.50 1.44
C GLY D 127 29.18 -25.57 0.41
N VAL D 128 30.49 -25.64 0.33
CA VAL D 128 31.20 -24.77 -0.61
C VAL D 128 31.75 -25.50 -1.81
N TRP D 129 31.45 -26.79 -1.91
CA TRP D 129 31.75 -27.47 -3.19
C TRP D 129 30.94 -26.91 -4.35
N ALA D 130 31.52 -27.02 -5.54
CA ALA D 130 30.88 -26.69 -6.82
C ALA D 130 29.44 -27.18 -6.91
N THR D 131 29.18 -28.36 -6.37
CA THR D 131 27.82 -28.88 -6.15
C THR D 131 27.65 -29.01 -4.62
N PRO D 132 26.94 -28.07 -3.99
CA PRO D 132 26.99 -28.06 -2.54
C PRO D 132 26.16 -29.22 -2.04
N MET D 133 26.59 -29.80 -0.92
CA MET D 133 25.73 -30.74 -0.16
C MET D 133 25.86 -30.45 1.34
N HIS D 134 24.89 -30.93 2.10
CA HIS D 134 24.91 -30.96 3.53
C HIS D 134 25.81 -32.07 4.02
N VAL D 135 26.37 -31.85 5.24
CA VAL D 135 27.30 -32.82 5.89
C VAL D 135 26.70 -34.21 6.15
N ASP D 136 25.40 -34.26 6.24
CA ASP D 136 24.69 -35.58 6.44
C ASP D 136 24.12 -36.11 5.10
N ASP D 137 24.69 -35.72 3.98
CA ASP D 137 24.23 -36.27 2.67
C ASP D 137 24.61 -37.73 2.69
N ARG D 138 23.65 -38.59 2.34
CA ARG D 138 23.90 -40.05 2.10
C ARG D 138 25.21 -40.27 1.34
N ARG D 139 25.53 -39.45 0.32
CA ARG D 139 26.78 -39.69 -0.43
C ARG D 139 28.04 -39.70 0.45
N LEU D 140 28.04 -38.96 1.56
CA LEU D 140 29.23 -38.81 2.43
C LEU D 140 29.37 -39.92 3.43
N TYR D 141 28.28 -40.62 3.67
CA TYR D 141 28.30 -41.64 4.68
C TYR D 141 29.36 -42.76 4.45
N PRO D 142 29.61 -43.21 3.20
CA PRO D 142 30.76 -44.18 3.16
C PRO D 142 32.10 -43.63 3.65
N LEU D 143 32.36 -42.34 3.48
CA LEU D 143 33.64 -41.75 3.90
C LEU D 143 33.64 -41.62 5.42
N TYR D 144 32.52 -41.21 5.98
CA TYR D 144 32.49 -41.23 7.43
C TYR D 144 32.77 -42.62 8.02
N ALA D 145 32.25 -43.67 7.39
CA ALA D 145 32.44 -45.02 7.85
C ALA D 145 33.90 -45.48 7.79
N PHE D 146 34.59 -45.13 6.71
CA PHE D 146 36.03 -45.31 6.53
C PHE D 146 36.86 -44.62 7.61
N CYS D 147 36.50 -43.36 7.88
CA CYS D 147 37.11 -42.55 8.98
C CYS D 147 36.83 -43.10 10.35
N GLU D 148 35.60 -43.48 10.61
CA GLU D 148 35.30 -44.00 11.87
C GLU D 148 36.11 -45.32 12.13
N ASP D 149 36.13 -46.24 11.15
CA ASP D 149 36.80 -47.54 11.29
C ASP D 149 38.29 -47.41 11.42
N ASN D 150 38.85 -46.35 10.85
CA ASN D 150 40.26 -46.17 10.87
C ASN D 150 40.82 -45.15 11.89
N GLY D 151 39.95 -44.57 12.71
CA GLY D 151 40.32 -43.55 13.69
C GLY D 151 40.87 -42.28 13.11
N ILE D 152 40.26 -41.86 12.01
CA ILE D 152 40.70 -40.66 11.37
C ILE D 152 39.80 -39.51 11.87
N PRO D 153 40.42 -38.50 12.56
CA PRO D 153 39.58 -37.38 12.90
C PRO D 153 39.12 -36.60 11.66
N VAL D 154 37.90 -36.12 11.71
CA VAL D 154 37.35 -35.33 10.64
C VAL D 154 36.90 -33.89 11.10
N ILE D 155 37.45 -32.87 10.47
CA ILE D 155 36.99 -31.50 10.59
C ILE D 155 35.93 -31.24 9.54
N MET D 156 34.81 -30.66 9.93
CA MET D 156 33.78 -30.33 8.97
C MET D 156 33.30 -28.94 9.28
N MET D 157 33.11 -28.13 8.23
CA MET D 157 32.63 -26.74 8.46
C MET D 157 31.11 -26.80 8.54
N THR D 158 30.58 -26.61 9.74
CA THR D 158 29.15 -26.64 9.95
C THR D 158 28.70 -25.32 10.60
N GLY D 159 29.52 -24.28 10.51
CA GLY D 159 29.20 -22.98 11.13
C GLY D 159 29.68 -21.87 10.19
N GLY D 160 29.30 -20.60 10.49
CA GLY D 160 29.68 -19.51 9.67
C GLY D 160 29.05 -19.61 8.31
N ASN D 161 29.80 -19.18 7.29
CA ASN D 161 29.30 -19.29 5.95
C ASN D 161 29.59 -20.71 5.38
N ALA D 162 28.97 -21.74 5.97
CA ALA D 162 29.25 -23.18 5.64
C ALA D 162 28.69 -23.61 4.30
N GLY D 163 27.72 -22.86 3.78
CA GLY D 163 27.20 -23.16 2.46
C GLY D 163 26.46 -21.92 1.97
N PRO D 164 25.60 -22.07 0.96
CA PRO D 164 24.88 -21.01 0.21
C PRO D 164 23.89 -20.28 1.05
N ASP D 165 23.38 -20.92 2.08
CA ASP D 165 22.43 -20.28 2.96
C ASP D 165 22.50 -20.91 4.33
N ILE D 166 21.75 -20.34 5.28
CA ILE D 166 21.86 -20.77 6.69
C ILE D 166 21.45 -22.24 6.94
N THR D 167 20.76 -22.86 5.97
CA THR D 167 20.30 -24.23 6.18
C THR D 167 21.52 -25.11 6.35
N TYR D 168 22.67 -24.66 5.80
CA TYR D 168 23.88 -25.46 5.78
C TYR D 168 24.57 -25.43 7.11
N THR D 169 24.09 -24.61 8.04
CA THR D 169 24.56 -24.70 9.37
C THR D 169 23.45 -25.22 10.32
N ASN D 170 22.27 -25.56 9.81
CA ASN D 170 21.21 -26.12 10.69
C ASN D 170 21.80 -27.30 11.47
N PRO D 171 21.72 -27.23 12.82
CA PRO D 171 22.35 -28.28 13.68
C PRO D 171 21.81 -29.70 13.45
N GLU D 172 20.69 -29.86 12.74
CA GLU D 172 20.18 -31.23 12.48
C GLU D 172 21.15 -32.04 11.62
N HIS D 173 21.98 -31.36 10.79
CA HIS D 173 22.91 -32.07 9.90
C HIS D 173 24.08 -32.76 10.63
N ILE D 174 24.86 -32.01 11.44
CA ILE D 174 25.93 -32.57 12.20
C ILE D 174 25.42 -33.54 13.27
N ASP D 175 24.24 -33.26 13.83
CA ASP D 175 23.66 -34.15 14.78
C ASP D 175 23.40 -35.55 14.22
N ARG D 176 22.83 -35.62 13.00
CA ARG D 176 22.71 -36.93 12.35
C ARG D 176 23.97 -37.68 12.13
N VAL D 177 24.99 -37.02 11.55
CA VAL D 177 26.27 -37.60 11.41
C VAL D 177 26.81 -38.20 12.70
N LEU D 178 26.76 -37.41 13.78
CA LEU D 178 27.34 -37.82 15.08
C LEU D 178 26.57 -38.96 15.68
N GLY D 179 25.27 -38.92 15.47
CA GLY D 179 24.41 -40.01 15.92
C GLY D 179 24.62 -41.32 15.14
N ASP D 180 24.98 -41.22 13.84
CA ASP D 180 25.13 -42.48 13.01
C ASP D 180 26.56 -43.02 13.04
N PHE D 181 27.50 -42.16 13.44
CA PHE D 181 28.94 -42.52 13.59
C PHE D 181 29.44 -42.21 15.04
N PRO D 182 28.93 -42.94 16.03
CA PRO D 182 29.14 -42.47 17.40
C PRO D 182 30.60 -42.51 17.88
N ASP D 183 31.47 -43.21 17.16
CA ASP D 183 32.89 -43.37 17.56
C ASP D 183 33.80 -42.60 16.63
N LEU D 184 33.22 -41.77 15.78
CA LEU D 184 33.99 -40.90 14.89
C LEU D 184 34.33 -39.57 15.62
N THR D 185 35.60 -39.15 15.55
CA THR D 185 36.03 -37.86 16.06
C THR D 185 35.76 -36.77 15.01
N VAL D 186 34.93 -35.83 15.37
CA VAL D 186 34.44 -34.76 14.49
C VAL D 186 34.68 -33.42 15.21
N VAL D 187 35.40 -32.53 14.53
CA VAL D 187 35.52 -31.18 14.96
C VAL D 187 34.60 -30.31 14.10
N SER D 188 33.71 -29.58 14.74
CA SER D 188 32.92 -28.56 14.01
C SER D 188 33.77 -27.27 13.87
N SER D 189 34.25 -26.96 12.67
CA SER D 189 34.91 -25.69 12.50
C SER D 189 33.82 -24.57 12.39
N HIS D 190 34.08 -23.44 13.08
CA HIS D 190 33.20 -22.28 13.29
C HIS D 190 32.14 -22.66 14.35
N GLY D 191 32.32 -23.82 14.92
CA GLY D 191 31.50 -24.32 16.07
C GLY D 191 30.02 -24.38 15.85
N ASN D 192 29.61 -24.52 14.59
CA ASN D 192 28.22 -24.50 14.25
C ASN D 192 27.49 -23.22 14.58
N TRP D 193 28.27 -22.16 14.71
CA TRP D 193 27.76 -20.82 14.97
C TRP D 193 26.88 -20.50 13.74
N PRO D 194 25.69 -19.83 13.91
CA PRO D 194 25.06 -19.11 15.03
C PRO D 194 24.10 -19.97 15.88
N TRP D 195 23.94 -21.26 15.59
CA TRP D 195 22.97 -22.13 16.36
C TRP D 195 23.63 -22.62 17.66
N VAL D 196 24.05 -21.68 18.51
CA VAL D 196 24.86 -22.07 19.66
C VAL D 196 24.03 -22.76 20.75
N GLN D 197 22.88 -22.21 21.16
CA GLN D 197 21.98 -22.98 22.11
C GLN D 197 21.87 -24.48 21.76
N GLU D 198 21.58 -24.77 20.46
CA GLU D 198 21.36 -26.10 19.95
C GLU D 198 22.67 -26.87 19.90
N ILE D 199 23.80 -26.19 19.56
CA ILE D 199 25.00 -27.02 19.38
C ILE D 199 25.60 -27.43 20.73
N ILE D 200 25.31 -26.67 21.76
CA ILE D 200 25.70 -27.06 23.11
C ILE D 200 24.97 -28.31 23.55
N HIS D 201 23.70 -28.38 23.21
CA HIS D 201 22.92 -29.63 23.43
C HIS D 201 23.52 -30.83 22.63
N VAL D 202 23.80 -30.57 21.35
CA VAL D 202 24.46 -31.63 20.52
C VAL D 202 25.76 -32.15 21.17
N ALA D 203 26.65 -31.24 21.55
CA ALA D 203 27.90 -31.60 22.27
C ALA D 203 27.59 -32.37 23.59
N PHE D 204 26.50 -32.04 24.24
CA PHE D 204 26.15 -32.69 25.46
C PHE D 204 25.75 -34.14 25.20
N ARG D 205 25.01 -34.37 24.13
CA ARG D 205 24.51 -35.64 23.78
C ARG D 205 25.54 -36.55 23.04
N ARG D 206 26.46 -35.96 22.28
CA ARG D 206 27.33 -36.73 21.37
C ARG D 206 28.74 -36.51 21.89
N PRO D 207 29.28 -37.47 22.63
CA PRO D 207 30.54 -37.32 23.30
C PRO D 207 31.74 -37.12 22.34
N ASN D 208 31.56 -37.42 21.09
CA ASN D 208 32.57 -37.38 20.05
C ASN D 208 32.87 -36.04 19.31
N LEU D 209 32.07 -35.03 19.59
CA LEU D 209 32.14 -33.75 18.94
C LEU D 209 33.02 -32.72 19.69
N TYR D 210 34.01 -32.19 18.98
CA TYR D 210 34.80 -31.01 19.40
C TYR D 210 34.29 -29.75 18.74
N LEU D 211 34.24 -28.64 19.47
CA LEU D 211 33.83 -27.37 18.87
C LEU D 211 35.02 -26.41 18.68
N SER D 212 35.18 -25.84 17.50
CA SER D 212 36.22 -24.83 17.28
C SER D 212 35.52 -23.51 16.77
N PRO D 213 35.00 -22.65 17.71
CA PRO D 213 34.20 -21.52 17.16
C PRO D 213 35.07 -20.48 16.45
N ASP D 214 36.34 -20.48 16.83
CA ASP D 214 37.39 -19.61 16.25
C ASP D 214 36.90 -18.14 16.16
N MET D 215 36.89 -17.54 14.98
CA MET D 215 36.50 -16.14 14.80
C MET D 215 35.16 -15.81 15.47
N TYR D 216 34.24 -16.74 15.38
CA TYR D 216 32.91 -16.48 15.82
C TYR D 216 32.69 -16.50 17.33
N LEU D 217 33.76 -16.74 18.09
CA LEU D 217 33.67 -16.62 19.55
C LEU D 217 33.65 -15.13 19.97
N TYR D 218 34.18 -14.27 19.10
CA TYR D 218 34.54 -12.91 19.40
C TYR D 218 33.35 -11.94 19.29
N ASN D 219 32.76 -11.58 20.43
CA ASN D 219 31.74 -10.55 20.45
C ASN D 219 30.46 -10.93 19.63
N LEU D 220 30.13 -12.23 19.55
CA LEU D 220 28.94 -12.62 18.84
C LEU D 220 27.95 -13.38 19.75
N PRO D 221 26.71 -13.56 19.30
CA PRO D 221 25.72 -14.41 20.03
C PRO D 221 26.32 -15.80 20.27
N GLY D 222 25.95 -16.38 21.41
CA GLY D 222 26.46 -17.66 21.77
C GLY D 222 27.75 -17.67 22.57
N HIS D 223 28.37 -16.50 22.72
CA HIS D 223 29.71 -16.38 23.32
C HIS D 223 29.62 -16.92 24.75
N ALA D 224 28.66 -16.42 25.51
CA ALA D 224 28.51 -16.83 26.91
C ALA D 224 28.20 -18.32 27.02
N ASP D 225 27.41 -18.83 26.07
CA ASP D 225 27.06 -20.25 25.99
C ASP D 225 28.32 -21.12 25.86
N PHE D 226 29.23 -20.72 25.00
CA PHE D 226 30.49 -21.44 24.79
C PHE D 226 31.39 -21.39 26.00
N ILE D 227 31.44 -20.23 26.69
CA ILE D 227 32.32 -20.08 27.84
C ILE D 227 31.79 -20.94 28.98
N GLN D 228 30.47 -20.87 29.20
CA GLN D 228 29.85 -21.69 30.24
C GLN D 228 30.07 -23.21 30.06
N ALA D 229 29.93 -23.72 28.83
CA ALA D 229 30.29 -25.12 28.49
C ALA D 229 31.78 -25.42 28.60
N ALA D 230 32.65 -24.46 28.21
CA ALA D 230 34.09 -24.65 28.34
C ALA D 230 34.52 -24.83 29.79
N ASN D 231 33.80 -24.18 30.70
CA ASN D 231 34.03 -24.35 32.10
C ASN D 231 33.30 -25.51 32.70
N SER D 232 32.56 -26.26 31.89
CA SER D 232 31.92 -27.45 32.42
CA SER D 232 31.86 -27.45 32.41
C SER D 232 32.23 -28.66 31.55
N PHE D 233 31.25 -29.24 30.86
CA PHE D 233 31.46 -30.58 30.24
C PHE D 233 32.30 -30.52 28.99
N LEU D 234 32.36 -29.36 28.40
CA LEU D 234 33.04 -29.20 27.18
C LEU D 234 34.48 -28.84 27.33
N ALA D 235 35.07 -28.89 28.56
CA ALA D 235 36.47 -28.45 28.79
C ALA D 235 37.40 -29.27 27.88
N ASP D 236 37.13 -30.56 27.73
CA ASP D 236 37.94 -31.48 26.88
C ASP D 236 37.60 -31.45 25.37
N ARG D 237 36.70 -30.55 24.94
CA ARG D 237 36.25 -30.65 23.58
C ARG D 237 36.09 -29.34 22.90
N MET D 238 36.64 -28.30 23.48
CA MET D 238 36.71 -27.06 22.76
C MET D 238 38.15 -26.82 22.28
N LEU D 239 38.33 -26.14 21.14
CA LEU D 239 39.63 -25.97 20.51
C LEU D 239 39.87 -24.50 20.20
N PHE D 240 40.97 -23.93 20.66
CA PHE D 240 41.35 -22.54 20.32
C PHE D 240 41.73 -22.47 18.87
N GLY D 241 41.26 -21.38 18.24
CA GLY D 241 41.46 -21.16 16.80
C GLY D 241 41.35 -19.70 16.55
N THR D 242 42.20 -19.13 15.69
CA THR D 242 42.03 -17.73 15.29
C THR D 242 41.24 -17.52 13.99
N ALA D 243 41.21 -18.51 13.12
CA ALA D 243 40.80 -18.35 11.72
C ALA D 243 41.74 -17.36 10.97
N TYR D 244 42.92 -17.11 11.53
CA TYR D 244 43.93 -16.31 10.83
C TYR D 244 43.95 -16.77 9.39
N PRO D 245 43.89 -15.84 8.42
CA PRO D 245 44.12 -14.34 8.50
C PRO D 245 42.87 -13.51 8.71
N MET D 246 41.76 -14.16 9.07
CA MET D 246 40.49 -13.46 9.34
C MET D 246 40.55 -12.60 10.61
N CYS D 247 41.35 -13.09 11.55
CA CYS D 247 41.56 -12.48 12.85
C CYS D 247 43.08 -12.39 13.04
N PRO D 248 43.56 -11.21 13.56
CA PRO D 248 44.98 -10.99 13.87
C PRO D 248 45.37 -11.84 15.10
N LEU D 249 46.58 -12.40 15.05
CA LEU D 249 47.08 -13.32 16.07
C LEU D 249 47.14 -12.69 17.46
N LYS D 250 47.81 -11.55 17.49
CA LYS D 250 48.10 -10.86 18.74
C LYS D 250 46.84 -10.46 19.48
N GLU D 251 45.94 -9.76 18.79
CA GLU D 251 44.76 -9.21 19.42
C GLU D 251 43.75 -10.29 19.84
N TYR D 252 43.52 -11.27 18.96
CA TYR D 252 42.63 -12.39 19.24
C TYR D 252 43.20 -13.15 20.43
N THR D 253 44.49 -13.50 20.41
CA THR D 253 45.05 -14.32 21.50
C THR D 253 45.03 -13.56 22.87
N GLU D 254 45.49 -12.31 22.88
CA GLU D 254 45.42 -11.49 24.15
C GLU D 254 43.98 -11.46 24.66
N TRP D 255 43.02 -11.31 23.73
CA TRP D 255 41.66 -11.25 24.16
C TRP D 255 41.20 -12.62 24.65
N PHE D 256 41.53 -13.71 23.94
CA PHE D 256 41.09 -15.02 24.43
C PHE D 256 41.63 -15.34 25.85
N LEU D 257 42.86 -15.03 26.11
CA LEU D 257 43.52 -15.36 27.35
C LEU D 257 42.88 -14.69 28.57
N THR D 258 42.20 -13.59 28.33
CA THR D 258 41.50 -12.96 29.43
C THR D 258 40.07 -13.39 29.68
N LEU D 259 39.57 -14.31 28.89
CA LEU D 259 38.25 -14.88 29.07
C LEU D 259 38.12 -15.64 30.38
N PRO D 260 36.95 -15.65 30.99
CA PRO D 260 36.83 -16.25 32.29
C PRO D 260 36.66 -17.79 32.25
N ILE D 261 37.75 -18.46 31.88
CA ILE D 261 37.77 -19.93 31.75
C ILE D 261 38.75 -20.47 32.81
N LYS D 262 38.33 -21.39 33.68
CA LYS D 262 39.28 -21.87 34.70
C LYS D 262 40.58 -22.48 34.08
N PRO D 263 41.71 -22.45 34.82
CA PRO D 263 43.01 -22.81 34.36
C PRO D 263 43.15 -24.15 33.69
N ASP D 264 42.52 -25.21 34.22
CA ASP D 264 42.69 -26.53 33.61
C ASP D 264 41.87 -26.70 32.34
N ALA D 265 40.69 -26.09 32.23
CA ALA D 265 39.96 -26.02 30.96
C ALA D 265 40.75 -25.14 29.95
N MET D 266 41.35 -24.08 30.42
CA MET D 266 42.10 -23.16 29.58
C MET D 266 43.27 -23.82 28.88
N GLU D 267 44.10 -24.55 29.62
CA GLU D 267 45.21 -25.27 29.01
C GLU D 267 44.75 -26.39 28.11
N LYS D 268 43.65 -27.11 28.41
CA LYS D 268 43.12 -28.08 27.43
C LYS D 268 42.67 -27.41 26.13
N ILE D 269 42.12 -26.18 26.22
CA ILE D 269 41.47 -25.64 25.07
C ILE D 269 42.58 -25.00 24.27
N LEU D 270 43.65 -24.53 24.92
CA LEU D 270 44.80 -23.88 24.19
C LEU D 270 45.70 -24.84 23.51
N HIS D 271 45.90 -26.01 24.11
CA HIS D 271 46.75 -27.01 23.44
C HIS D 271 46.44 -28.48 23.74
N GLY D 272 45.90 -28.77 24.92
CA GLY D 272 45.78 -30.19 25.33
C GLY D 272 44.75 -30.94 24.50
N ASN D 273 43.71 -30.23 24.07
CA ASN D 273 42.69 -30.85 23.23
C ASN D 273 43.23 -31.06 21.83
N ALA D 274 43.92 -30.05 21.28
CA ALA D 274 44.56 -30.18 19.96
C ALA D 274 45.59 -31.33 19.94
N GLU D 275 46.44 -31.40 20.97
CA GLU D 275 47.49 -32.43 21.06
C GLU D 275 46.90 -33.81 21.10
N ARG D 276 45.76 -33.96 21.75
CA ARG D 276 45.08 -35.26 21.76
C ARG D 276 44.55 -35.65 20.33
N LEU D 277 43.97 -34.70 19.60
CA LEU D 277 43.55 -35.01 18.24
C LEU D 277 44.69 -35.43 17.37
N LEU D 278 45.82 -34.72 17.51
CA LEU D 278 47.02 -35.03 16.74
C LEU D 278 47.65 -36.38 17.14
N ALA D 279 47.66 -36.71 18.45
CA ALA D 279 48.04 -38.06 18.90
C ALA D 279 47.12 -39.19 18.32
N GLN D 280 45.80 -38.91 18.24
CA GLN D 280 44.89 -39.83 17.59
C GLN D 280 45.29 -39.96 16.14
N ALA D 281 45.46 -38.82 15.48
CA ALA D 281 45.91 -38.88 14.10
C ALA D 281 47.30 -39.61 13.84
N GLY D 282 48.22 -39.58 14.81
CA GLY D 282 49.48 -40.33 14.74
C GLY D 282 49.26 -41.84 14.79
N ARG D 283 48.14 -42.22 15.40
CA ARG D 283 47.41 -43.49 15.23
C ARG D 283 47.75 -44.42 16.35
N LEU E 3 6.51 -23.45 52.86
CA LEU E 3 6.78 -23.58 51.39
C LEU E 3 6.50 -25.00 50.86
N LYS E 4 5.31 -25.15 50.27
CA LYS E 4 4.86 -26.39 49.63
C LYS E 4 5.45 -26.52 48.23
N ILE E 5 6.03 -27.68 47.92
CA ILE E 5 6.53 -27.85 46.56
C ILE E 5 6.01 -29.12 45.89
N ILE E 6 5.66 -28.98 44.62
CA ILE E 6 5.21 -30.09 43.77
C ILE E 6 6.24 -30.28 42.69
N ASP E 7 6.88 -31.45 42.68
CA ASP E 7 7.86 -31.73 41.61
C ASP E 7 7.08 -32.26 40.47
N PHE E 8 7.19 -31.63 39.31
CA PHE E 8 6.44 -32.12 38.16
C PHE E 8 7.03 -33.29 37.40
N ARG E 9 8.18 -33.80 37.75
CA ARG E 9 8.75 -34.91 37.01
C ARG E 9 9.60 -35.64 38.08
N LEU E 10 8.98 -36.58 38.75
CA LEU E 10 9.61 -37.36 39.83
C LEU E 10 9.23 -38.84 39.65
N ARG E 11 10.25 -39.66 39.41
CA ARG E 11 10.14 -41.11 39.19
C ARG E 11 10.75 -41.85 40.42
N PRO E 12 9.90 -42.29 41.34
CA PRO E 12 10.38 -42.84 42.61
C PRO E 12 10.98 -44.22 42.43
N PRO E 13 11.96 -44.59 43.26
CA PRO E 13 12.48 -45.96 43.14
C PRO E 13 11.53 -46.98 43.83
N ALA E 14 10.36 -47.21 43.26
CA ALA E 14 9.39 -48.11 43.83
C ALA E 14 8.60 -48.95 42.85
N MET E 15 8.26 -50.17 43.25
CA MET E 15 7.35 -50.99 42.52
C MET E 15 7.74 -51.11 41.04
N GLY E 16 6.83 -50.84 40.14
CA GLY E 16 7.07 -50.93 38.73
C GLY E 16 8.17 -50.05 38.15
N PHE E 17 8.41 -48.93 38.79
CA PHE E 17 9.42 -47.98 38.35
C PHE E 17 10.80 -48.62 38.48
N LEU E 18 10.93 -49.68 39.26
CA LEU E 18 12.23 -50.35 39.34
C LEU E 18 12.64 -51.07 38.04
N ASN E 19 11.68 -51.34 37.14
CA ASN E 19 11.97 -51.98 35.83
C ASN E 19 12.33 -51.00 34.75
N ALA E 20 12.21 -49.70 35.01
CA ALA E 20 12.54 -48.71 34.03
C ALA E 20 14.06 -48.56 33.84
N ARG E 21 14.49 -48.21 32.64
CA ARG E 21 15.89 -47.99 32.29
C ARG E 21 16.57 -46.90 33.18
N ILE E 22 15.81 -45.91 33.66
CA ILE E 22 16.33 -44.99 34.70
C ILE E 22 16.83 -45.67 36.01
N TYR E 23 16.38 -46.91 36.28
CA TYR E 23 16.80 -47.66 37.46
C TYR E 23 17.58 -48.87 37.07
N THR E 24 17.30 -49.44 35.90
CA THR E 24 18.00 -50.68 35.53
C THR E 24 19.34 -50.37 34.84
N ARG E 25 19.47 -49.16 34.30
CA ARG E 25 20.75 -48.73 33.74
C ARG E 25 21.23 -47.48 34.47
N PRO E 26 21.65 -47.62 35.77
CA PRO E 26 22.15 -46.43 36.45
C PRO E 26 23.46 -45.99 35.87
N ASP E 27 24.18 -46.85 35.14
CA ASP E 27 25.47 -46.45 34.49
C ASP E 27 25.21 -45.29 33.47
N ILE E 28 24.20 -45.50 32.61
CA ILE E 28 23.72 -44.43 31.71
C ILE E 28 23.22 -43.18 32.50
N ARG E 29 22.33 -43.40 33.48
CA ARG E 29 21.80 -42.33 34.28
C ARG E 29 22.90 -41.49 35.03
N ASN E 30 23.83 -42.15 35.77
CA ASN E 30 24.91 -41.44 36.45
C ASN E 30 25.82 -40.60 35.55
N ARG E 31 26.10 -41.09 34.34
CA ARG E 31 26.92 -40.33 33.37
C ARG E 31 26.25 -39.00 33.04
N PHE E 32 24.94 -39.04 32.90
CA PHE E 32 24.18 -37.85 32.57
C PHE E 32 24.12 -36.88 33.77
N THR E 33 23.77 -37.40 34.94
CA THR E 33 23.69 -36.64 36.18
C THR E 33 25.01 -35.92 36.43
N ARG E 34 26.12 -36.60 36.34
CA ARG E 34 27.44 -36.02 36.52
C ARG E 34 27.77 -35.01 35.46
N GLN E 35 27.41 -35.33 34.26
CA GLN E 35 27.66 -34.41 33.23
C GLN E 35 26.93 -33.06 33.42
N LEU E 36 25.77 -33.11 34.07
CA LEU E 36 24.96 -31.92 34.40
C LEU E 36 25.58 -31.10 35.51
N GLY E 37 26.32 -31.78 36.40
CA GLY E 37 27.11 -31.11 37.40
C GLY E 37 26.68 -31.53 38.76
N PHE E 38 25.76 -32.51 38.83
CA PHE E 38 25.27 -33.04 40.08
C PHE E 38 25.93 -34.36 40.52
N GLU E 39 25.96 -34.59 41.82
CA GLU E 39 26.22 -35.91 42.36
C GLU E 39 24.90 -36.69 42.46
N PRO E 40 24.90 -37.97 42.07
CA PRO E 40 23.67 -38.79 42.12
C PRO E 40 23.13 -38.88 43.51
N ALA E 41 21.79 -38.80 43.63
CA ALA E 41 21.07 -38.98 44.89
C ALA E 41 21.34 -40.38 45.48
N PRO E 42 21.72 -40.46 46.76
CA PRO E 42 21.94 -41.76 47.32
C PRO E 42 20.62 -42.59 47.35
N SER E 43 19.47 -41.93 47.40
CA SER E 43 18.21 -42.67 47.34
CA SER E 43 18.20 -42.62 47.32
C SER E 43 18.08 -43.41 46.01
N ALA E 44 18.62 -42.82 44.93
CA ALA E 44 18.52 -43.39 43.62
C ALA E 44 19.60 -44.42 43.48
N GLU E 45 20.73 -44.16 44.09
CA GLU E 45 21.86 -45.10 44.02
C GLU E 45 21.56 -46.42 44.73
N GLU E 46 20.79 -46.35 45.81
CA GLU E 46 20.45 -47.58 46.51
C GLU E 46 19.02 -47.96 46.32
N LYS E 47 18.30 -47.29 45.42
CA LYS E 47 16.91 -47.69 45.12
C LYS E 47 16.09 -47.83 46.38
N SER E 48 16.17 -46.80 47.19
CA SER E 48 15.59 -46.88 48.51
C SER E 48 14.48 -45.85 48.61
N LEU E 49 13.25 -46.35 48.74
CA LEU E 49 12.05 -45.50 48.87
C LEU E 49 12.09 -44.63 50.14
N GLU E 50 12.42 -45.26 51.26
CA GLU E 50 12.56 -44.52 52.53
C GLU E 50 13.60 -43.41 52.40
N LEU E 51 14.70 -43.70 51.75
CA LEU E 51 15.71 -42.71 51.60
C LEU E 51 15.14 -41.58 50.76
N MET E 52 14.46 -41.91 49.67
CA MET E 52 13.80 -40.86 48.89
C MET E 52 12.80 -40.01 49.69
N PHE E 53 12.02 -40.60 50.63
CA PHE E 53 11.04 -39.79 51.39
C PHE E 53 11.70 -38.77 52.29
N GLU E 54 12.81 -39.21 52.88
CA GLU E 54 13.68 -38.36 53.66
C GLU E 54 14.22 -37.24 52.83
N GLU E 55 14.63 -37.52 51.59
CA GLU E 55 15.27 -36.48 50.78
C GLU E 55 14.21 -35.51 50.34
N MET E 56 13.02 -36.04 50.00
CA MET E 56 11.86 -35.21 49.62
C MET E 56 11.57 -34.21 50.76
N ALA E 57 11.42 -34.75 51.96
CA ALA E 57 11.00 -33.99 53.15
C ALA E 57 12.01 -32.92 53.52
N ALA E 58 13.29 -33.29 53.51
CA ALA E 58 14.37 -32.28 53.63
C ALA E 58 14.43 -31.18 52.55
N ALA E 59 14.06 -31.52 51.32
CA ALA E 59 14.02 -30.53 50.27
C ALA E 59 12.74 -29.68 50.39
N GLY E 60 11.70 -30.15 51.07
CA GLY E 60 10.44 -29.38 51.10
C GLY E 60 9.43 -29.76 50.02
N ILE E 61 9.75 -30.82 49.29
CA ILE E 61 8.86 -31.44 48.32
C ILE E 61 7.69 -32.30 48.95
N GLU E 62 6.47 -31.83 48.83
CA GLU E 62 5.29 -32.54 49.38
C GLU E 62 4.69 -33.59 48.45
N GLN E 63 4.70 -33.28 47.14
CA GLN E 63 4.20 -34.19 46.09
C GLN E 63 5.05 -34.18 44.83
N GLY E 64 4.97 -35.28 44.09
CA GLY E 64 5.56 -35.42 42.79
C GLY E 64 4.56 -35.96 41.78
N VAL E 65 4.85 -35.66 40.53
CA VAL E 65 4.05 -36.12 39.41
C VAL E 65 4.87 -37.22 38.73
N CYS E 66 4.36 -38.45 38.82
CA CYS E 66 5.10 -39.62 38.34
CA CYS E 66 5.11 -39.61 38.34
C CYS E 66 4.76 -39.94 36.91
N VAL E 67 5.77 -39.95 36.06
CA VAL E 67 5.55 -40.28 34.67
C VAL E 67 6.12 -41.67 34.39
N GLY E 68 5.32 -42.50 33.73
CA GLY E 68 5.77 -43.86 33.41
C GLY E 68 6.21 -44.03 31.98
N ARG E 69 6.14 -45.27 31.51
CA ARG E 69 6.44 -45.63 30.12
C ARG E 69 5.65 -46.84 29.56
N ASN E 70 4.59 -46.59 28.80
CA ASN E 70 3.66 -47.67 28.41
C ASN E 70 3.99 -48.41 27.10
N SER E 71 5.19 -48.99 27.06
CA SER E 71 5.80 -49.70 25.92
C SER E 71 5.51 -51.21 25.86
N SER E 72 5.20 -51.81 27.01
CA SER E 72 4.99 -53.26 27.08
C SER E 72 6.14 -54.07 26.38
N VAL E 73 7.35 -53.50 26.41
CA VAL E 73 8.59 -54.17 26.01
C VAL E 73 9.55 -53.93 27.20
N LEU E 74 10.70 -54.59 27.20
CA LEU E 74 11.73 -54.29 28.21
C LEU E 74 11.87 -52.78 28.55
N GLY E 75 11.81 -52.47 29.84
CA GLY E 75 11.96 -51.10 30.36
C GLY E 75 10.65 -50.36 30.55
N SER E 76 9.56 -51.02 30.18
CA SER E 76 8.22 -50.51 30.37
C SER E 76 7.85 -50.26 31.86
N VAL E 77 7.07 -49.20 32.08
CA VAL E 77 6.43 -48.97 33.35
C VAL E 77 4.96 -48.71 33.03
N SER E 78 4.20 -49.79 33.11
CA SER E 78 2.83 -49.83 32.59
C SER E 78 2.01 -48.74 33.27
N ASN E 79 0.86 -48.39 32.69
CA ASN E 79 -0.10 -47.44 33.31
C ASN E 79 -0.74 -48.01 34.60
N ALA E 80 -0.94 -49.33 34.60
CA ALA E 80 -1.46 -50.02 35.81
C ALA E 80 -0.39 -49.93 36.91
N ASP E 81 0.90 -50.05 36.54
CA ASP E 81 1.97 -49.95 37.55
C ASP E 81 2.07 -48.54 38.16
N VAL E 82 1.92 -47.49 37.34
CA VAL E 82 1.93 -46.09 37.79
C VAL E 82 0.76 -45.88 38.73
N ALA E 83 -0.42 -46.36 38.34
CA ALA E 83 -1.61 -46.26 39.26
C ALA E 83 -1.47 -46.92 40.64
N ALA E 84 -0.81 -48.09 40.69
CA ALA E 84 -0.50 -48.81 41.95
C ALA E 84 0.43 -48.02 42.89
N VAL E 85 1.41 -47.31 42.34
CA VAL E 85 2.26 -46.44 43.11
C VAL E 85 1.50 -45.27 43.69
N ALA E 86 0.60 -44.69 42.91
CA ALA E 86 -0.26 -43.60 43.39
C ALA E 86 -1.22 -44.10 44.51
N LYS E 87 -1.69 -45.32 44.41
CA LYS E 87 -2.65 -45.88 45.38
C LYS E 87 -1.94 -46.34 46.67
N ALA E 88 -0.64 -46.60 46.54
CA ALA E 88 0.14 -47.02 47.68
C ALA E 88 0.50 -45.78 48.46
N TYR E 89 0.64 -44.64 47.77
CA TYR E 89 1.11 -43.42 48.42
C TYR E 89 0.33 -42.23 47.91
N PRO E 90 -1.00 -42.22 48.14
CA PRO E 90 -1.89 -41.29 47.42
C PRO E 90 -1.63 -39.80 47.76
N ASP E 91 -1.14 -39.56 48.97
CA ASP E 91 -0.83 -38.19 49.41
C ASP E 91 0.50 -37.66 48.82
N LYS E 92 1.33 -38.57 48.30
CA LYS E 92 2.64 -38.23 47.76
C LYS E 92 2.67 -38.20 46.23
N PHE E 93 2.16 -39.23 45.56
CA PHE E 93 2.29 -39.34 44.11
C PHE E 93 1.02 -39.10 43.28
N HIS E 94 1.15 -38.27 42.24
CA HIS E 94 0.09 -38.06 41.22
C HIS E 94 0.38 -38.81 39.93
N PRO E 95 -0.51 -39.77 39.58
CA PRO E 95 -0.21 -40.64 38.46
C PRO E 95 -0.51 -39.96 37.13
N VAL E 96 0.38 -40.20 36.17
CA VAL E 96 0.16 -39.72 34.81
C VAL E 96 0.04 -40.95 33.88
N GLY E 97 -0.80 -40.87 32.90
CA GLY E 97 -0.94 -41.94 31.95
C GLY E 97 -0.24 -41.74 30.61
N SER E 98 0.59 -42.68 30.23
CA SER E 98 1.20 -42.55 28.94
C SER E 98 0.68 -43.50 27.85
N ILE E 99 0.48 -42.92 26.69
CA ILE E 99 0.05 -43.60 25.53
C ILE E 99 1.22 -43.94 24.60
N GLU E 100 1.32 -45.19 24.18
CA GLU E 100 2.34 -45.57 23.20
C GLU E 100 1.76 -46.65 22.29
N ALA E 101 1.44 -46.29 21.05
CA ALA E 101 0.65 -47.19 20.21
C ALA E 101 0.96 -47.22 18.71
N ALA E 102 0.93 -48.42 18.12
CA ALA E 102 1.02 -48.54 16.67
C ALA E 102 -0.23 -47.86 16.06
N THR E 103 -1.42 -48.41 16.33
CA THR E 103 -2.67 -48.02 15.69
C THR E 103 -3.58 -47.17 16.57
N ARG E 104 -4.44 -46.37 15.94
CA ARG E 104 -5.35 -45.54 16.71
C ARG E 104 -6.30 -46.43 17.58
N LYS E 105 -6.64 -47.63 17.13
CA LYS E 105 -7.47 -48.53 17.93
C LYS E 105 -6.77 -49.03 19.23
N GLU E 106 -5.44 -49.13 19.15
CA GLU E 106 -4.54 -49.45 20.28
C GLU E 106 -4.53 -48.26 21.27
N ALA E 107 -4.30 -47.04 20.73
CA ALA E 107 -4.29 -45.81 21.50
C ALA E 107 -5.59 -45.59 22.25
N MET E 108 -6.72 -45.85 21.58
CA MET E 108 -7.99 -45.65 22.24
C MET E 108 -8.30 -46.72 23.31
N ALA E 109 -7.73 -47.92 23.16
CA ALA E 109 -7.84 -48.94 24.25
C ALA E 109 -6.92 -48.55 25.40
N GLN E 110 -5.78 -47.92 25.08
CA GLN E 110 -4.86 -47.45 26.12
C GLN E 110 -5.43 -46.28 26.93
N MET E 111 -6.07 -45.35 26.24
CA MET E 111 -6.77 -44.23 26.87
C MET E 111 -7.98 -44.71 27.69
N GLN E 112 -8.74 -45.69 27.21
CA GLN E 112 -9.83 -46.20 28.05
C GLN E 112 -9.30 -46.76 29.33
N GLU E 113 -8.25 -47.57 29.28
CA GLU E 113 -7.71 -48.09 30.53
C GLU E 113 -7.17 -46.99 31.51
N ILE E 114 -6.48 -45.97 30.97
CA ILE E 114 -5.96 -44.84 31.77
C ILE E 114 -7.13 -44.22 32.51
N LEU E 115 -8.19 -43.87 31.79
CA LEU E 115 -9.39 -43.33 32.39
C LEU E 115 -10.09 -44.30 33.36
N ASP E 116 -10.18 -45.59 33.02
CA ASP E 116 -10.72 -46.59 33.96
C ASP E 116 -9.87 -46.67 35.25
N LEU E 117 -8.56 -46.43 35.14
CA LEU E 117 -7.67 -46.44 36.30
C LEU E 117 -7.80 -45.19 37.15
N GLY E 118 -8.54 -44.20 36.67
CA GLY E 118 -8.74 -42.96 37.45
C GLY E 118 -7.68 -41.89 37.17
N ILE E 119 -6.88 -42.10 36.13
CA ILE E 119 -5.80 -41.17 35.76
C ILE E 119 -6.42 -40.08 34.90
N ARG E 120 -6.03 -38.83 35.14
CA ARG E 120 -6.69 -37.75 34.42
C ARG E 120 -5.67 -36.89 33.64
N ILE E 121 -4.44 -37.35 33.54
CA ILE E 121 -3.42 -36.62 32.78
C ILE E 121 -2.72 -37.61 31.90
N VAL E 122 -2.38 -37.22 30.69
CA VAL E 122 -1.69 -38.10 29.82
C VAL E 122 -0.37 -37.57 29.41
N ASN E 123 0.50 -38.52 29.11
CA ASN E 123 1.83 -38.23 28.69
C ASN E 123 2.10 -38.90 27.36
N LEU E 124 2.85 -38.19 26.49
CA LEU E 124 3.30 -38.71 25.22
C LEU E 124 4.76 -38.36 24.98
N GLU E 125 5.52 -39.36 24.54
CA GLU E 125 6.93 -39.17 24.16
C GLU E 125 7.17 -39.87 22.81
N PRO E 126 6.53 -39.38 21.73
CA PRO E 126 6.46 -40.16 20.50
C PRO E 126 7.80 -40.30 19.81
N GLY E 127 8.77 -39.43 20.14
CA GLY E 127 10.13 -39.51 19.54
C GLY E 127 10.96 -40.69 20.03
N VAL E 128 10.56 -41.28 21.15
CA VAL E 128 11.26 -42.45 21.71
C VAL E 128 10.42 -43.76 21.51
N TRP E 129 9.34 -43.68 20.73
CA TRP E 129 8.55 -44.88 20.41
C TRP E 129 9.32 -45.83 19.54
N ALA E 130 8.94 -47.11 19.56
CA ALA E 130 9.63 -48.09 18.70
C ALA E 130 9.71 -47.66 17.21
N THR E 131 8.69 -46.95 16.75
CA THR E 131 8.79 -46.16 15.55
C THR E 131 8.63 -44.65 15.89
N PRO E 132 9.74 -43.90 15.89
CA PRO E 132 9.67 -42.50 16.31
C PRO E 132 8.79 -41.65 15.40
N MET E 133 7.97 -40.76 15.93
CA MET E 133 7.25 -39.78 15.11
C MET E 133 7.30 -38.43 15.87
N HIS E 134 7.13 -37.33 15.13
CA HIS E 134 7.01 -36.03 15.73
C HIS E 134 5.66 -35.83 16.40
N VAL E 135 5.64 -35.00 17.41
CA VAL E 135 4.43 -34.64 18.17
C VAL E 135 3.39 -34.00 17.31
N ASP E 136 3.74 -33.44 16.17
CA ASP E 136 2.64 -32.98 15.28
C ASP E 136 2.33 -33.97 14.12
N ASP E 137 2.73 -35.25 14.25
CA ASP E 137 2.43 -36.23 13.20
C ASP E 137 0.93 -36.34 13.06
N ARG E 138 0.39 -36.35 11.82
CA ARG E 138 -1.09 -36.51 11.59
C ARG E 138 -1.74 -37.61 12.47
N ARG E 139 -1.01 -38.69 12.68
CA ARG E 139 -1.54 -39.85 13.41
C ARG E 139 -1.88 -39.56 14.87
N LEU E 140 -1.31 -38.52 15.46
CA LEU E 140 -1.58 -38.16 16.86
C LEU E 140 -2.75 -37.19 17.00
N TYR E 141 -3.17 -36.62 15.88
CA TYR E 141 -4.24 -35.62 15.91
C TYR E 141 -5.59 -36.12 16.48
N PRO E 142 -6.04 -37.38 16.15
CA PRO E 142 -7.28 -37.83 16.80
C PRO E 142 -7.13 -37.84 18.35
N LEU E 143 -5.94 -38.09 18.85
CA LEU E 143 -5.77 -38.21 20.26
C LEU E 143 -5.84 -36.82 20.87
N TYR E 144 -5.16 -35.89 20.24
CA TYR E 144 -5.30 -34.53 20.72
C TYR E 144 -6.74 -34.01 20.80
N ALA E 145 -7.54 -34.36 19.80
CA ALA E 145 -8.87 -33.81 19.68
C ALA E 145 -9.72 -34.40 20.79
N PHE E 146 -9.47 -35.65 21.13
CA PHE E 146 -10.14 -36.26 22.24
C PHE E 146 -9.74 -35.56 23.56
N CYS E 147 -8.46 -35.19 23.70
CA CYS E 147 -7.98 -34.62 24.96
C CYS E 147 -8.47 -33.17 25.07
N GLU E 148 -8.44 -32.49 23.94
CA GLU E 148 -8.91 -31.11 23.91
C GLU E 148 -10.40 -31.06 24.24
N ASP E 149 -11.20 -31.97 23.65
CA ASP E 149 -12.64 -31.98 23.88
C ASP E 149 -12.97 -32.37 25.32
N ASN E 150 -12.15 -33.25 25.91
CA ASN E 150 -12.46 -33.74 27.26
C ASN E 150 -11.79 -32.97 28.39
N GLY E 151 -11.09 -31.88 28.02
CA GLY E 151 -10.42 -31.03 29.01
C GLY E 151 -9.26 -31.75 29.71
N ILE E 152 -8.59 -32.69 29.02
CA ILE E 152 -7.48 -33.51 29.55
C ILE E 152 -6.13 -32.86 29.22
N PRO E 153 -5.35 -32.54 30.24
CA PRO E 153 -4.03 -31.96 29.97
C PRO E 153 -3.06 -33.02 29.45
N VAL E 154 -2.22 -32.59 28.50
CA VAL E 154 -1.27 -33.48 27.81
C VAL E 154 0.17 -33.06 28.07
N ILE E 155 0.99 -33.97 28.59
CA ILE E 155 2.44 -33.67 28.73
C ILE E 155 3.08 -34.26 27.52
N MET E 156 4.00 -33.52 26.85
CA MET E 156 4.68 -34.08 25.71
C MET E 156 6.14 -33.79 25.89
N MET E 157 6.98 -34.80 25.63
CA MET E 157 8.40 -34.56 25.69
C MET E 157 8.84 -33.88 24.40
N THR E 158 9.10 -32.59 24.51
CA THR E 158 9.64 -31.87 23.34
C THR E 158 10.99 -31.19 23.49
N GLY E 159 11.66 -31.41 24.62
CA GLY E 159 13.04 -30.96 24.80
C GLY E 159 13.97 -32.10 25.22
N GLY E 160 15.29 -31.85 25.20
CA GLY E 160 16.29 -32.82 25.62
C GLY E 160 16.34 -33.91 24.57
N ASN E 161 16.61 -35.13 25.02
CA ASN E 161 16.76 -36.20 24.06
C ASN E 161 15.37 -36.75 23.68
N ALA E 162 14.55 -35.90 23.04
CA ALA E 162 13.16 -36.26 22.73
C ALA E 162 13.05 -37.30 21.61
N GLY E 163 14.02 -37.37 20.72
CA GLY E 163 14.05 -38.43 19.75
C GLY E 163 15.46 -38.75 19.30
N PRO E 164 15.59 -39.49 18.21
CA PRO E 164 16.89 -39.94 17.78
C PRO E 164 17.82 -38.77 17.33
N ASP E 165 17.25 -37.61 17.01
CA ASP E 165 18.09 -36.47 16.72
C ASP E 165 17.37 -35.17 17.05
N ILE E 166 18.03 -34.04 16.78
CA ILE E 166 17.52 -32.77 17.35
C ILE E 166 16.32 -32.25 16.54
N THR E 167 15.99 -32.83 15.38
CA THR E 167 14.73 -32.43 14.68
C THR E 167 13.50 -32.74 15.60
N TYR E 168 13.66 -33.68 16.54
CA TYR E 168 12.56 -34.03 17.40
C TYR E 168 12.31 -33.03 18.53
N THR E 169 13.16 -31.99 18.61
CA THR E 169 12.91 -30.87 19.52
C THR E 169 12.68 -29.56 18.77
N ASN E 170 12.67 -29.60 17.44
CA ASN E 170 12.46 -28.38 16.68
C ASN E 170 11.11 -27.81 17.13
N PRO E 171 11.09 -26.53 17.60
CA PRO E 171 9.87 -25.93 18.13
C PRO E 171 8.77 -25.78 17.04
N GLU E 172 9.07 -25.94 15.74
CA GLU E 172 7.91 -26.01 14.79
C GLU E 172 6.87 -27.13 15.13
N HIS E 173 7.33 -28.22 15.75
CA HIS E 173 6.45 -29.37 15.87
C HIS E 173 5.43 -29.02 16.92
N ILE E 174 5.86 -28.54 18.06
CA ILE E 174 4.89 -28.30 19.13
C ILE E 174 4.04 -27.08 18.80
N ASP E 175 4.60 -26.16 17.99
CA ASP E 175 3.87 -24.93 17.67
C ASP E 175 2.65 -25.20 16.75
N ARG E 176 2.83 -26.14 15.81
CA ARG E 176 1.68 -26.65 15.05
C ARG E 176 0.60 -27.28 15.88
N VAL E 177 0.97 -28.11 16.85
CA VAL E 177 -0.03 -28.74 17.73
C VAL E 177 -0.86 -27.66 18.43
N LEU E 178 -0.16 -26.73 19.09
CA LEU E 178 -0.78 -25.67 19.91
C LEU E 178 -1.71 -24.77 19.03
N GLY E 179 -1.27 -24.42 17.85
CA GLY E 179 -2.15 -23.72 16.93
C GLY E 179 -3.35 -24.56 16.50
N ASP E 180 -3.21 -25.88 16.32
CA ASP E 180 -4.33 -26.66 15.75
C ASP E 180 -5.31 -27.11 16.79
N PHE E 181 -4.88 -27.00 18.06
CA PHE E 181 -5.68 -27.38 19.27
C PHE E 181 -5.49 -26.23 20.28
N PRO E 182 -6.11 -25.07 19.97
CA PRO E 182 -5.85 -23.86 20.75
C PRO E 182 -6.33 -23.89 22.16
N ASP E 183 -7.27 -24.80 22.47
CA ASP E 183 -7.78 -25.01 23.81
C ASP E 183 -7.20 -26.21 24.58
N LEU E 184 -6.14 -26.79 24.04
CA LEU E 184 -5.57 -27.96 24.65
C LEU E 184 -4.49 -27.51 25.62
N THR E 185 -4.58 -27.99 26.87
CA THR E 185 -3.48 -27.71 27.86
C THR E 185 -2.32 -28.67 27.60
N VAL E 186 -1.16 -28.11 27.25
CA VAL E 186 0.04 -28.88 26.96
C VAL E 186 1.16 -28.49 27.89
N VAL E 187 1.81 -29.48 28.51
CA VAL E 187 3.00 -29.23 29.33
C VAL E 187 4.17 -29.72 28.48
N SER E 188 5.06 -28.81 28.10
CA SER E 188 6.29 -29.25 27.42
C SER E 188 7.33 -29.74 28.44
N SER E 189 7.55 -31.08 28.51
CA SER E 189 8.50 -31.59 29.55
C SER E 189 9.88 -31.47 28.95
N HIS E 190 10.84 -31.04 29.77
CA HIS E 190 12.15 -30.44 29.33
C HIS E 190 12.08 -29.09 28.64
N GLY E 191 10.91 -28.49 28.75
CA GLY E 191 10.59 -27.16 28.19
C GLY E 191 11.13 -26.88 26.79
N ASN E 192 11.21 -27.94 25.93
CA ASN E 192 11.70 -27.77 24.55
C ASN E 192 13.16 -27.29 24.42
N TRP E 193 13.93 -27.52 25.46
CA TRP E 193 15.33 -27.19 25.47
C TRP E 193 15.96 -28.06 24.41
N PRO E 194 16.99 -27.55 23.63
CA PRO E 194 17.75 -26.30 23.61
C PRO E 194 17.13 -25.04 22.93
N TRP E 195 15.97 -25.19 22.31
CA TRP E 195 15.50 -24.08 21.45
C TRP E 195 14.74 -23.00 22.31
N VAL E 196 15.48 -22.41 23.25
CA VAL E 196 14.87 -21.65 24.32
C VAL E 196 14.41 -20.26 23.80
N GLN E 197 15.21 -19.52 22.99
CA GLN E 197 14.71 -18.26 22.41
C GLN E 197 13.32 -18.46 21.71
N GLU E 198 13.20 -19.54 21.00
CA GLU E 198 12.04 -19.83 20.16
C GLU E 198 10.88 -20.28 21.03
N ILE E 199 11.13 -21.11 22.04
CA ILE E 199 9.99 -21.64 22.87
C ILE E 199 9.35 -20.53 23.70
N ILE E 200 10.15 -19.51 24.06
CA ILE E 200 9.59 -18.42 24.80
C ILE E 200 8.57 -17.66 23.93
N HIS E 201 8.92 -17.36 22.70
CA HIS E 201 7.94 -16.92 21.71
C HIS E 201 6.71 -17.83 21.61
N VAL E 202 6.87 -19.15 21.52
CA VAL E 202 5.73 -20.02 21.40
C VAL E 202 4.73 -19.92 22.60
N ALA E 203 5.27 -20.04 23.82
CA ALA E 203 4.56 -19.83 25.08
C ALA E 203 3.91 -18.43 25.11
N PHE E 204 4.61 -17.40 24.62
CA PHE E 204 4.06 -16.04 24.50
C PHE E 204 2.83 -15.99 23.61
N ARG E 205 2.89 -16.70 22.47
CA ARG E 205 1.79 -16.76 21.49
C ARG E 205 0.70 -17.74 21.85
N ARG E 206 1.02 -18.86 22.49
CA ARG E 206 0.08 -19.98 22.64
C ARG E 206 -0.26 -20.08 24.13
N PRO E 207 -1.36 -19.47 24.56
CA PRO E 207 -1.57 -19.26 26.03
C PRO E 207 -1.88 -20.55 26.84
N ASN E 208 -1.97 -21.70 26.16
CA ASN E 208 -2.28 -23.03 26.68
CA ASN E 208 -2.21 -22.91 27.00
C ASN E 208 -1.00 -23.88 27.06
N LEU E 209 0.17 -23.38 26.66
CA LEU E 209 1.44 -24.05 26.81
C LEU E 209 2.10 -23.76 28.19
N TYR E 210 2.41 -24.83 28.91
CA TYR E 210 3.25 -24.70 30.10
C TYR E 210 4.63 -25.24 29.81
N LEU E 211 5.69 -24.64 30.43
CA LEU E 211 7.02 -25.14 30.26
C LEU E 211 7.56 -25.73 31.53
N SER E 212 8.19 -26.91 31.41
CA SER E 212 8.76 -27.56 32.59
C SER E 212 10.20 -27.98 32.26
N PRO E 213 11.14 -27.03 32.35
CA PRO E 213 12.47 -27.28 31.78
C PRO E 213 13.24 -28.26 32.65
N ASP E 214 12.84 -28.34 33.93
CA ASP E 214 13.32 -29.33 34.85
C ASP E 214 14.88 -29.37 34.92
N MET E 215 15.52 -30.50 34.61
CA MET E 215 16.95 -30.66 34.75
C MET E 215 17.74 -29.68 33.82
N TYR E 216 17.15 -29.33 32.65
CA TYR E 216 17.83 -28.50 31.65
C TYR E 216 17.86 -26.98 31.98
N LEU E 217 17.24 -26.62 33.10
CA LEU E 217 17.41 -25.25 33.65
C LEU E 217 18.78 -25.05 34.22
N TYR E 218 19.51 -26.15 34.55
CA TYR E 218 20.73 -26.02 35.40
C TYR E 218 22.03 -25.78 34.62
N ASN E 219 22.59 -24.58 34.74
CA ASN E 219 23.87 -24.21 34.15
C ASN E 219 23.98 -24.45 32.65
N LEU E 220 22.90 -24.23 31.90
CA LEU E 220 22.89 -24.52 30.44
C LEU E 220 22.32 -23.37 29.61
N PRO E 221 22.47 -23.41 28.28
CA PRO E 221 21.90 -22.31 27.47
C PRO E 221 20.39 -22.15 27.75
N GLY E 222 19.89 -20.93 27.67
CA GLY E 222 18.46 -20.72 27.88
C GLY E 222 18.10 -20.36 29.31
N HIS E 223 18.98 -20.65 30.25
CA HIS E 223 18.69 -20.40 31.65
C HIS E 223 18.12 -18.98 31.93
N ALA E 224 18.78 -17.95 31.44
CA ALA E 224 18.37 -16.56 31.68
C ALA E 224 17.01 -16.24 30.99
N ASP E 225 16.78 -16.83 29.84
CA ASP E 225 15.51 -16.60 29.10
C ASP E 225 14.35 -17.25 29.93
N PHE E 226 14.63 -18.42 30.47
CA PHE E 226 13.55 -19.08 31.22
C PHE E 226 13.19 -18.19 32.42
N ILE E 227 14.21 -17.66 33.08
CA ILE E 227 14.02 -16.97 34.35
C ILE E 227 13.40 -15.56 34.07
N GLN E 228 13.95 -14.85 33.09
CA GLN E 228 13.27 -13.69 32.55
C GLN E 228 11.76 -13.86 32.22
N ALA E 229 11.39 -14.88 31.40
CA ALA E 229 9.99 -15.22 31.18
C ALA E 229 9.20 -15.58 32.44
N ALA E 230 9.78 -16.33 33.35
CA ALA E 230 9.10 -16.60 34.67
C ALA E 230 8.78 -15.31 35.49
N ASN E 231 9.57 -14.26 35.34
CA ASN E 231 9.33 -12.99 36.07
C ASN E 231 8.37 -12.08 35.27
N SER E 232 7.88 -12.55 34.11
CA SER E 232 6.92 -11.80 33.32
CA SER E 232 6.90 -11.79 33.36
C SER E 232 5.69 -12.66 33.01
N PHE E 233 5.42 -12.88 31.73
CA PHE E 233 4.17 -13.52 31.33
C PHE E 233 4.07 -15.00 31.72
N LEU E 234 5.20 -15.68 31.78
CA LEU E 234 5.17 -17.11 31.99
C LEU E 234 5.10 -17.47 33.45
N ALA E 235 4.92 -16.49 34.33
CA ALA E 235 4.89 -16.80 35.75
C ALA E 235 3.75 -17.81 36.06
N ASP E 236 2.65 -17.82 35.29
CA ASP E 236 1.49 -18.75 35.53
C ASP E 236 1.60 -20.09 34.74
N ARG E 237 2.68 -20.21 33.95
CA ARG E 237 2.85 -21.36 33.08
C ARG E 237 4.18 -22.05 33.14
N MET E 238 4.92 -21.88 34.22
CA MET E 238 6.20 -22.54 34.35
C MET E 238 6.11 -23.46 35.52
N LEU E 239 6.67 -24.66 35.42
CA LEU E 239 6.46 -25.67 36.47
C LEU E 239 7.77 -26.23 37.03
N PHE E 240 7.96 -26.10 38.33
CA PHE E 240 9.10 -26.67 38.98
C PHE E 240 9.19 -28.19 38.75
N GLY E 241 10.38 -28.64 38.41
CA GLY E 241 10.61 -30.06 38.54
C GLY E 241 12.05 -30.45 38.45
N THR E 242 12.38 -31.62 38.99
CA THR E 242 13.76 -32.12 39.04
C THR E 242 14.16 -33.11 37.97
N ALA E 243 13.16 -33.82 37.42
CA ALA E 243 13.43 -35.05 36.61
C ALA E 243 14.12 -36.18 37.43
N TYR E 244 14.05 -36.06 38.76
CA TYR E 244 14.46 -37.14 39.63
C TYR E 244 14.01 -38.48 39.01
N PRO E 245 14.91 -39.50 38.95
CA PRO E 245 16.24 -39.52 39.57
C PRO E 245 17.41 -38.99 38.70
N MET E 246 17.13 -38.29 37.59
CA MET E 246 18.24 -37.70 36.80
C MET E 246 19.03 -36.61 37.57
N CYS E 247 18.36 -35.82 38.41
CA CYS E 247 19.01 -34.88 39.36
C CYS E 247 18.60 -35.20 40.76
N PRO E 248 19.50 -34.89 41.74
CA PRO E 248 19.18 -35.15 43.15
C PRO E 248 18.24 -34.07 43.69
N LEU E 249 17.28 -34.51 44.50
CA LEU E 249 16.22 -33.68 45.00
C LEU E 249 16.71 -32.55 45.86
N LYS E 250 17.58 -32.85 46.84
CA LYS E 250 18.10 -31.80 47.71
C LYS E 250 18.87 -30.69 47.00
N GLU E 251 19.85 -31.09 46.20
CA GLU E 251 20.76 -30.13 45.61
C GLU E 251 20.01 -29.33 44.56
N TYR E 252 19.14 -30.01 43.79
CA TYR E 252 18.45 -29.27 42.76
C TYR E 252 17.55 -28.17 43.35
N THR E 253 16.71 -28.56 44.32
CA THR E 253 15.71 -27.68 44.93
C THR E 253 16.29 -26.50 45.69
N GLU E 254 17.30 -26.80 46.50
CA GLU E 254 18.04 -25.81 47.21
C GLU E 254 18.64 -24.78 46.27
N TRP E 255 19.12 -25.24 45.11
CA TRP E 255 19.69 -24.29 44.14
C TRP E 255 18.52 -23.48 43.60
N PHE E 256 17.41 -24.13 43.34
CA PHE E 256 16.34 -23.45 42.60
C PHE E 256 15.78 -22.29 43.45
N LEU E 257 15.71 -22.53 44.74
CA LEU E 257 15.19 -21.54 45.70
C LEU E 257 16.10 -20.35 45.88
N THR E 258 17.28 -20.34 45.27
CA THR E 258 18.14 -19.19 45.30
C THR E 258 18.06 -18.35 44.03
N LEU E 259 17.33 -18.81 43.00
CA LEU E 259 17.19 -18.07 41.75
C LEU E 259 16.41 -16.77 41.87
N PRO E 260 16.78 -15.77 41.04
CA PRO E 260 16.13 -14.45 41.11
C PRO E 260 14.74 -14.40 40.44
N ILE E 261 13.80 -15.14 41.03
CA ILE E 261 12.41 -15.22 40.62
C ILE E 261 11.57 -14.47 41.64
N LYS E 262 10.66 -13.63 41.18
CA LYS E 262 9.99 -12.76 42.07
C LYS E 262 9.07 -13.64 42.95
N PRO E 263 8.85 -13.20 44.21
CA PRO E 263 8.14 -13.98 45.23
C PRO E 263 6.81 -14.61 44.84
N ASP E 264 5.92 -13.88 44.15
CA ASP E 264 4.58 -14.44 43.84
CA ASP E 264 4.57 -14.43 43.85
C ASP E 264 4.70 -15.42 42.69
N ALA E 265 5.70 -15.21 41.82
CA ALA E 265 6.00 -16.12 40.75
C ALA E 265 6.65 -17.41 41.28
N MET E 266 7.45 -17.30 42.37
CA MET E 266 8.08 -18.49 42.98
C MET E 266 6.98 -19.42 43.52
N GLU E 267 6.00 -18.83 44.19
CA GLU E 267 4.90 -19.63 44.72
C GLU E 267 4.14 -20.37 43.59
N LYS E 268 3.92 -19.68 42.46
CA LYS E 268 3.20 -20.27 41.35
C LYS E 268 3.94 -21.46 40.80
N ILE E 269 5.23 -21.24 40.57
CA ILE E 269 6.04 -22.15 39.89
C ILE E 269 6.38 -23.35 40.78
N LEU E 270 6.59 -23.11 42.06
CA LEU E 270 6.77 -24.20 43.02
C LEU E 270 5.55 -25.11 43.26
N HIS E 271 4.34 -24.57 43.33
CA HIS E 271 3.16 -25.44 43.51
C HIS E 271 1.84 -24.90 42.93
N GLY E 272 1.63 -23.59 42.85
CA GLY E 272 0.37 -23.05 42.31
C GLY E 272 -0.07 -23.54 40.92
N ASN E 273 0.81 -23.43 39.96
CA ASN E 273 0.52 -23.81 38.56
C ASN E 273 0.21 -25.32 38.43
N ALA E 274 0.94 -26.15 39.19
CA ALA E 274 0.78 -27.57 39.16
C ALA E 274 -0.57 -27.92 39.77
N GLU E 275 -0.93 -27.23 40.88
CA GLU E 275 -2.22 -27.38 41.57
C GLU E 275 -3.36 -26.92 40.67
N ARG E 276 -3.08 -26.01 39.75
CA ARG E 276 -4.12 -25.57 38.82
C ARG E 276 -4.41 -26.65 37.79
N LEU E 277 -3.36 -27.25 37.28
CA LEU E 277 -3.44 -28.31 36.34
C LEU E 277 -4.10 -29.57 36.93
N LEU E 278 -3.64 -29.98 38.09
CA LEU E 278 -4.28 -31.04 38.84
C LEU E 278 -5.80 -30.81 39.05
N ALA E 279 -6.20 -29.58 39.39
CA ALA E 279 -7.64 -29.30 39.58
C ALA E 279 -8.41 -29.38 38.25
N GLN E 280 -7.76 -28.97 37.16
CA GLN E 280 -8.32 -29.08 35.83
C GLN E 280 -8.43 -30.54 35.39
N ALA E 281 -7.43 -31.36 35.76
CA ALA E 281 -7.52 -32.81 35.57
C ALA E 281 -8.73 -33.39 36.36
N GLY E 282 -8.95 -32.96 37.62
CA GLY E 282 -10.18 -33.31 38.39
C GLY E 282 -11.50 -33.04 37.65
N ARG E 283 -11.41 -32.35 36.53
CA ARG E 283 -12.52 -31.94 35.66
C ARG E 283 -13.38 -30.90 36.37
N LEU F 3 17.88 15.56 20.30
CA LEU F 3 18.30 14.38 19.47
C LEU F 3 17.10 13.94 18.63
N LYS F 4 17.29 13.87 17.31
CA LYS F 4 16.20 13.58 16.38
C LYS F 4 16.04 12.05 16.31
N ILE F 5 14.81 11.59 16.20
CA ILE F 5 14.51 10.16 16.14
C ILE F 5 13.51 9.93 15.01
N ILE F 6 13.74 8.88 14.22
CA ILE F 6 12.85 8.42 13.13
C ILE F 6 12.40 7.08 13.56
N ASP F 7 11.09 7.01 13.78
CA ASP F 7 10.48 5.76 14.23
C ASP F 7 10.12 4.94 13.00
N PHE F 8 10.73 3.75 12.88
CA PHE F 8 10.60 2.89 11.72
C PHE F 8 9.35 2.02 11.67
N ARG F 9 8.53 2.07 12.70
CA ARG F 9 7.21 1.44 12.60
C ARG F 9 6.17 2.16 13.44
N LEU F 10 5.39 3.03 12.82
CA LEU F 10 4.48 3.89 13.55
C LEU F 10 3.19 3.94 12.77
N ARG F 11 2.09 3.43 13.33
CA ARG F 11 0.80 3.48 12.68
C ARG F 11 -0.06 4.52 13.38
N PRO F 12 -0.22 5.72 12.79
CA PRO F 12 -0.97 6.82 13.42
C PRO F 12 -2.51 6.61 13.41
N PRO F 13 -3.25 7.24 14.38
CA PRO F 13 -4.70 7.08 14.39
C PRO F 13 -5.39 8.00 13.33
N ALA F 14 -5.21 7.64 12.06
CA ALA F 14 -5.65 8.46 10.93
C ALA F 14 -6.43 7.60 9.94
N MET F 15 -7.14 8.30 9.07
CA MET F 15 -8.03 7.67 8.15
C MET F 15 -7.42 6.41 7.53
N GLY F 16 -8.21 5.33 7.47
CA GLY F 16 -7.74 4.08 6.89
C GLY F 16 -6.99 3.25 7.90
N PHE F 17 -5.91 3.80 8.49
CA PHE F 17 -5.20 3.14 9.61
C PHE F 17 -6.16 2.76 10.73
N LEU F 18 -7.16 3.59 10.99
CA LEU F 18 -8.19 3.28 11.98
C LEU F 18 -9.04 2.00 11.68
N ASN F 19 -9.02 1.52 10.42
CA ASN F 19 -9.67 0.26 10.05
C ASN F 19 -8.86 -0.99 10.35
N ALA F 20 -7.68 -0.86 10.89
CA ALA F 20 -6.92 -2.08 11.11
C ALA F 20 -7.31 -2.55 12.48
N ARG F 21 -7.03 -3.82 12.79
CA ARG F 21 -7.34 -4.40 14.10
C ARG F 21 -6.60 -3.76 15.26
N ILE F 22 -5.45 -3.14 14.98
CA ILE F 22 -4.67 -2.47 16.04
C ILE F 22 -5.48 -1.33 16.59
N TYR F 23 -6.37 -0.73 15.78
CA TYR F 23 -7.34 0.30 16.23
C TYR F 23 -8.79 -0.18 16.34
N THR F 24 -9.21 -1.06 15.43
CA THR F 24 -10.55 -1.62 15.62
C THR F 24 -10.66 -2.51 16.84
N ARG F 25 -9.56 -2.98 17.41
CA ARG F 25 -9.70 -3.92 18.53
C ARG F 25 -8.79 -3.55 19.70
N PRO F 26 -9.07 -2.43 20.37
CA PRO F 26 -8.25 -1.94 21.48
C PRO F 26 -8.13 -2.90 22.68
N ASP F 27 -9.16 -3.73 22.89
CA ASP F 27 -9.12 -4.79 23.90
C ASP F 27 -7.94 -5.77 23.68
N ILE F 28 -7.91 -6.39 22.50
CA ILE F 28 -6.83 -7.25 22.07
C ILE F 28 -5.51 -6.50 22.16
N ARG F 29 -5.39 -5.33 21.54
CA ARG F 29 -4.10 -4.60 21.54
C ARG F 29 -3.58 -4.31 22.95
N ASN F 30 -4.44 -3.83 23.84
CA ASN F 30 -4.00 -3.45 25.20
C ASN F 30 -3.51 -4.62 26.04
N ARG F 31 -4.04 -5.82 25.79
CA ARG F 31 -3.50 -7.05 26.44
C ARG F 31 -2.08 -7.38 26.04
N PHE F 32 -1.81 -7.30 24.72
CA PHE F 32 -0.47 -7.49 24.16
C PHE F 32 0.52 -6.50 24.75
N THR F 33 0.18 -5.22 24.71
CA THR F 33 1.00 -4.11 25.27
C THR F 33 1.31 -4.33 26.77
N ARG F 34 0.26 -4.67 27.56
CA ARG F 34 0.43 -4.96 28.97
C ARG F 34 1.23 -6.24 29.21
N GLN F 35 1.03 -7.25 28.39
CA GLN F 35 1.79 -8.47 28.58
C GLN F 35 3.28 -8.22 28.21
N LEU F 36 3.53 -7.34 27.24
CA LEU F 36 4.90 -6.85 26.96
C LEU F 36 5.52 -6.15 28.15
N GLY F 37 4.71 -5.49 28.95
CA GLY F 37 5.23 -4.71 30.07
C GLY F 37 4.98 -3.20 30.01
N PHE F 38 4.15 -2.74 29.10
CA PHE F 38 3.91 -1.29 29.00
C PHE F 38 2.51 -0.96 29.37
N GLU F 39 2.25 0.29 29.70
CA GLU F 39 0.88 0.85 29.71
C GLU F 39 0.51 1.39 28.29
N PRO F 40 -0.73 1.09 27.75
CA PRO F 40 -1.19 1.72 26.47
C PRO F 40 -0.91 3.23 26.32
N ALA F 41 -0.55 3.67 25.11
CA ALA F 41 -0.40 5.09 24.82
C ALA F 41 -1.75 5.82 24.96
N PRO F 42 -1.86 6.89 25.78
CA PRO F 42 -3.11 7.70 25.81
C PRO F 42 -3.64 8.07 24.42
N SER F 43 -2.74 8.49 23.52
CA SER F 43 -3.12 8.93 22.18
C SER F 43 -3.75 7.76 21.38
N ALA F 44 -3.29 6.53 21.62
CA ALA F 44 -3.85 5.35 20.97
C ALA F 44 -5.22 5.04 21.57
N GLU F 45 -5.30 4.99 22.89
CA GLU F 45 -6.57 4.78 23.60
C GLU F 45 -7.60 5.82 23.11
N GLU F 46 -7.16 7.07 22.87
CA GLU F 46 -8.08 8.14 22.47
C GLU F 46 -8.26 8.21 20.95
N LYS F 47 -7.50 7.40 20.20
CA LYS F 47 -7.42 7.50 18.74
C LYS F 47 -7.30 8.99 18.30
N SER F 48 -6.45 9.71 19.00
CA SER F 48 -6.14 11.11 18.72
C SER F 48 -4.76 11.36 18.09
N LEU F 49 -4.78 11.85 16.87
CA LEU F 49 -3.57 12.27 16.17
C LEU F 49 -2.87 13.42 16.87
N GLU F 50 -3.62 14.38 17.41
CA GLU F 50 -3.03 15.54 18.10
C GLU F 50 -2.27 15.13 19.38
N LEU F 51 -2.91 14.29 20.18
CA LEU F 51 -2.28 13.74 21.34
C LEU F 51 -1.01 12.92 20.93
N MET F 52 -1.10 12.06 19.90
CA MET F 52 0.08 11.36 19.34
C MET F 52 1.22 12.35 18.95
N PHE F 53 0.87 13.44 18.28
CA PHE F 53 1.85 14.47 17.93
C PHE F 53 2.50 15.09 19.16
N GLU F 54 1.77 15.28 20.25
CA GLU F 54 2.44 15.84 21.45
C GLU F 54 3.33 14.77 22.09
N GLU F 55 2.90 13.52 22.04
CA GLU F 55 3.73 12.41 22.57
C GLU F 55 5.05 12.27 21.80
N MET F 56 4.97 12.37 20.48
CA MET F 56 6.15 12.40 19.60
C MET F 56 7.09 13.56 19.97
N ALA F 57 6.57 14.79 20.01
CA ALA F 57 7.40 15.96 20.33
C ALA F 57 8.08 15.78 21.70
N ALA F 58 7.33 15.28 22.67
CA ALA F 58 7.87 15.16 23.99
C ALA F 58 8.92 14.05 24.05
N ALA F 59 8.83 13.06 23.16
CA ALA F 59 9.74 11.93 23.19
C ALA F 59 10.98 12.20 22.32
N GLY F 60 10.94 13.22 21.49
CA GLY F 60 12.05 13.52 20.57
C GLY F 60 11.93 12.86 19.19
N ILE F 61 10.81 12.18 18.93
CA ILE F 61 10.56 11.58 17.63
C ILE F 61 10.07 12.60 16.59
N GLU F 62 10.84 12.81 15.54
CA GLU F 62 10.51 13.84 14.55
C GLU F 62 9.71 13.30 13.34
N GLN F 63 9.96 12.05 12.95
CA GLN F 63 9.31 11.42 11.79
C GLN F 63 9.00 9.98 12.07
N GLY F 64 8.16 9.38 11.25
CA GLY F 64 7.75 8.00 11.49
C GLY F 64 7.53 7.37 10.17
N VAL F 65 7.75 6.06 10.10
CA VAL F 65 7.57 5.31 8.85
C VAL F 65 6.28 4.56 9.03
N CYS F 66 5.29 4.86 8.16
CA CYS F 66 3.90 4.47 8.33
C CYS F 66 3.59 3.22 7.54
N VAL F 67 3.50 2.10 8.24
CA VAL F 67 3.40 0.79 7.56
C VAL F 67 1.96 0.32 7.65
N GLY F 68 1.26 0.34 6.53
CA GLY F 68 -0.06 -0.28 6.43
C GLY F 68 0.06 -1.79 6.49
N ARG F 69 -1.07 -2.47 6.58
CA ARG F 69 -1.18 -3.91 6.56
C ARG F 69 -2.20 -4.15 5.52
N ASN F 70 -1.92 -5.12 4.66
CA ASN F 70 -2.75 -5.40 3.51
C ASN F 70 -3.00 -6.91 3.48
N SER F 71 -4.23 -7.29 3.78
CA SER F 71 -4.60 -8.70 3.79
C SER F 71 -6.05 -8.73 3.48
N SER F 72 -6.45 -9.50 2.46
CA SER F 72 -7.86 -9.57 2.03
C SER F 72 -8.70 -10.35 3.07
N VAL F 73 -8.06 -10.77 4.16
CA VAL F 73 -8.74 -11.58 5.18
C VAL F 73 -8.74 -10.88 6.59
N LEU F 74 -8.09 -9.71 6.66
CA LEU F 74 -8.14 -8.79 7.83
C LEU F 74 -8.54 -7.34 7.46
N GLY F 75 -9.23 -6.63 8.35
CA GLY F 75 -9.38 -5.17 8.23
C GLY F 75 -8.04 -4.57 7.82
N SER F 76 -8.01 -3.89 6.68
CA SER F 76 -6.76 -3.38 6.10
C SER F 76 -6.82 -1.87 5.86
N VAL F 77 -5.66 -1.31 5.51
CA VAL F 77 -5.52 0.10 5.17
C VAL F 77 -5.01 0.07 3.74
N SER F 78 -5.69 0.79 2.86
CA SER F 78 -5.32 0.82 1.43
C SER F 78 -4.08 1.67 1.27
N ASN F 79 -3.37 1.46 0.18
CA ASN F 79 -2.17 2.19 -0.07
C ASN F 79 -2.42 3.63 -0.30
N ALA F 80 -3.62 3.96 -0.84
CA ALA F 80 -3.98 5.33 -1.06
C ALA F 80 -4.05 6.15 0.23
N ASP F 81 -4.66 5.60 1.26
CA ASP F 81 -4.70 6.18 2.61
C ASP F 81 -3.34 6.33 3.32
N VAL F 82 -2.42 5.40 3.11
CA VAL F 82 -1.06 5.58 3.57
C VAL F 82 -0.36 6.79 2.83
N ALA F 83 -0.50 6.84 1.53
CA ALA F 83 -0.02 8.00 0.77
C ALA F 83 -0.70 9.32 1.29
N ALA F 84 -1.96 9.25 1.75
CA ALA F 84 -2.65 10.49 2.09
C ALA F 84 -2.18 10.99 3.44
N VAL F 85 -1.82 10.08 4.36
CA VAL F 85 -1.28 10.50 5.66
C VAL F 85 0.02 11.27 5.42
N ALA F 86 0.88 10.75 4.54
CA ALA F 86 2.16 11.40 4.19
C ALA F 86 2.01 12.76 3.52
N LYS F 87 1.00 12.90 2.67
CA LYS F 87 0.70 14.16 2.02
C LYS F 87 0.08 15.22 3.00
N ALA F 88 -0.74 14.78 3.95
CA ALA F 88 -1.23 15.62 5.00
C ALA F 88 -0.14 16.13 5.99
N TYR F 89 0.86 15.30 6.31
CA TYR F 89 1.94 15.65 7.24
C TYR F 89 3.29 15.26 6.69
N PRO F 90 3.76 15.99 5.66
CA PRO F 90 4.87 15.58 4.80
C PRO F 90 6.22 15.67 5.43
N ASP F 91 6.38 16.49 6.46
CA ASP F 91 7.66 16.45 7.21
C ASP F 91 7.62 15.52 8.46
N LYS F 92 6.52 14.80 8.66
CA LYS F 92 6.34 13.85 9.77
C LYS F 92 6.36 12.37 9.32
N PHE F 93 5.69 12.07 8.23
CA PHE F 93 5.39 10.68 7.93
C PHE F 93 5.96 10.29 6.59
N HIS F 94 6.60 9.11 6.55
CA HIS F 94 7.07 8.48 5.30
C HIS F 94 6.19 7.29 4.92
N PRO F 95 5.71 7.24 3.66
CA PRO F 95 4.66 6.19 3.51
C PRO F 95 5.32 4.91 2.95
N VAL F 96 4.73 3.78 3.28
CA VAL F 96 5.16 2.47 2.73
C VAL F 96 3.96 1.77 2.14
N GLY F 97 4.10 1.19 0.96
CA GLY F 97 2.98 0.45 0.37
C GLY F 97 3.02 -1.06 0.55
N SER F 98 1.91 -1.65 0.98
CA SER F 98 1.82 -3.09 1.17
C SER F 98 1.12 -3.84 0.00
N ILE F 99 1.71 -4.98 -0.32
CA ILE F 99 1.31 -5.84 -1.39
C ILE F 99 0.57 -7.05 -0.79
N GLU F 100 -0.55 -7.45 -1.37
CA GLU F 100 -1.05 -8.77 -1.14
C GLU F 100 -1.35 -9.44 -2.48
N ALA F 101 -0.61 -10.49 -2.77
CA ALA F 101 -0.62 -11.08 -4.10
C ALA F 101 -0.80 -12.59 -3.98
N ALA F 102 -1.84 -13.16 -4.57
CA ALA F 102 -1.89 -14.62 -4.73
C ALA F 102 -0.99 -15.12 -5.89
N THR F 103 -0.67 -14.22 -6.82
CA THR F 103 0.09 -14.54 -8.02
C THR F 103 1.16 -13.46 -8.31
N ARG F 104 2.14 -13.76 -9.18
CA ARG F 104 3.19 -12.79 -9.46
C ARG F 104 2.71 -11.61 -10.24
N LYS F 105 1.69 -11.81 -11.07
CA LYS F 105 1.12 -10.68 -11.76
C LYS F 105 0.35 -9.78 -10.85
N GLU F 106 -0.47 -10.33 -9.95
CA GLU F 106 -1.14 -9.48 -8.97
C GLU F 106 -0.13 -8.61 -8.22
N ALA F 107 1.00 -9.21 -7.81
CA ALA F 107 2.11 -8.50 -7.15
C ALA F 107 2.60 -7.29 -7.94
N MET F 108 2.79 -7.44 -9.26
CA MET F 108 3.33 -6.35 -10.10
CA MET F 108 3.30 -6.40 -10.15
C MET F 108 2.29 -5.26 -10.40
N ALA F 109 1.00 -5.60 -10.34
CA ALA F 109 -0.02 -4.59 -10.60
C ALA F 109 -0.15 -3.69 -9.37
N GLN F 110 0.07 -4.29 -8.20
CA GLN F 110 0.02 -3.58 -6.95
C GLN F 110 1.24 -2.77 -6.77
N MET F 111 2.40 -3.34 -7.13
CA MET F 111 3.60 -2.56 -7.19
C MET F 111 3.38 -1.29 -8.01
N GLN F 112 2.88 -1.43 -9.21
CA GLN F 112 2.69 -0.27 -10.11
C GLN F 112 1.80 0.78 -9.46
N GLU F 113 0.75 0.30 -8.81
CA GLU F 113 -0.20 1.14 -8.16
C GLU F 113 0.46 1.94 -7.04
N ILE F 114 1.31 1.28 -6.22
CA ILE F 114 2.09 1.91 -5.13
C ILE F 114 3.04 3.01 -5.71
N LEU F 115 3.71 2.72 -6.82
CA LEU F 115 4.62 3.67 -7.40
C LEU F 115 3.86 4.86 -7.99
N ASP F 116 2.67 4.63 -8.53
CA ASP F 116 1.82 5.75 -9.04
C ASP F 116 1.34 6.71 -7.96
N LEU F 117 1.34 6.24 -6.73
CA LEU F 117 0.87 7.03 -5.62
C LEU F 117 1.99 7.79 -5.00
N GLY F 118 3.18 7.71 -5.63
CA GLY F 118 4.34 8.38 -5.10
C GLY F 118 5.04 7.69 -3.94
N ILE F 119 4.60 6.48 -3.55
CA ILE F 119 5.25 5.71 -2.49
C ILE F 119 6.47 5.02 -3.07
N ARG F 120 7.52 4.84 -2.26
CA ARG F 120 8.81 4.43 -2.76
C ARG F 120 9.50 3.28 -1.98
N ILE F 121 8.79 2.76 -1.00
CA ILE F 121 9.23 1.70 -0.17
C ILE F 121 8.10 0.68 -0.11
N VAL F 122 8.39 -0.60 -0.31
CA VAL F 122 7.32 -1.58 -0.26
C VAL F 122 7.38 -2.43 1.01
N ASN F 123 6.24 -2.98 1.41
CA ASN F 123 6.11 -3.85 2.57
C ASN F 123 5.39 -5.18 2.23
N LEU F 124 6.00 -6.27 2.66
CA LEU F 124 5.44 -7.61 2.48
C LEU F 124 5.24 -8.29 3.77
N GLU F 125 4.02 -8.75 4.03
CA GLU F 125 3.78 -9.57 5.16
C GLU F 125 3.09 -10.86 4.70
N PRO F 126 3.81 -11.70 3.95
CA PRO F 126 3.05 -12.81 3.23
C PRO F 126 2.46 -13.90 4.09
N GLY F 127 2.96 -14.04 5.32
CA GLY F 127 2.33 -14.97 6.25
C GLY F 127 0.92 -14.65 6.76
N VAL F 128 0.49 -13.40 6.66
CA VAL F 128 -0.92 -13.09 7.08
C VAL F 128 -1.89 -12.95 5.89
N TRP F 129 -1.44 -13.25 4.67
CA TRP F 129 -2.33 -13.13 3.46
C TRP F 129 -3.42 -14.17 3.46
N ALA F 130 -4.47 -13.95 2.66
CA ALA F 130 -5.52 -14.98 2.44
C ALA F 130 -4.92 -16.36 2.17
N THR F 131 -3.96 -16.42 1.22
CA THR F 131 -3.08 -17.64 1.01
C THR F 131 -1.71 -17.34 1.58
N PRO F 132 -1.49 -17.75 2.82
CA PRO F 132 -0.22 -17.42 3.46
C PRO F 132 0.96 -18.05 2.72
N MET F 133 2.03 -17.28 2.51
CA MET F 133 3.24 -17.81 1.91
C MET F 133 4.51 -17.36 2.66
N HIS F 134 5.58 -18.12 2.56
CA HIS F 134 6.84 -17.68 3.12
C HIS F 134 7.46 -16.59 2.26
N VAL F 135 8.30 -15.77 2.87
CA VAL F 135 9.03 -14.70 2.18
C VAL F 135 9.91 -15.17 1.02
N ASP F 136 10.41 -16.40 1.04
CA ASP F 136 11.16 -16.93 -0.08
C ASP F 136 10.34 -17.78 -1.06
N ASP F 137 9.02 -17.64 -1.03
CA ASP F 137 8.16 -18.32 -1.99
C ASP F 137 8.59 -17.88 -3.39
N ARG F 138 8.70 -18.87 -4.27
CA ARG F 138 8.96 -18.67 -5.71
CA ARG F 138 8.94 -18.69 -5.72
C ARG F 138 8.13 -17.53 -6.33
N ARG F 139 6.88 -17.42 -5.98
CA ARG F 139 5.96 -16.40 -6.59
C ARG F 139 6.35 -14.99 -6.23
N LEU F 140 7.15 -14.79 -5.18
CA LEU F 140 7.65 -13.42 -4.84
C LEU F 140 8.98 -13.05 -5.54
N TYR F 141 9.66 -14.04 -6.07
CA TYR F 141 10.93 -13.78 -6.70
C TYR F 141 10.95 -12.77 -7.87
N PRO F 142 9.96 -12.82 -8.81
CA PRO F 142 9.92 -11.75 -9.87
C PRO F 142 9.77 -10.34 -9.30
N LEU F 143 8.97 -10.20 -8.25
CA LEU F 143 8.93 -8.93 -7.49
C LEU F 143 10.27 -8.48 -6.88
N TYR F 144 11.03 -9.39 -6.23
CA TYR F 144 12.29 -9.02 -5.61
C TYR F 144 13.25 -8.60 -6.68
N ALA F 145 13.16 -9.20 -7.86
CA ALA F 145 14.06 -8.82 -9.00
C ALA F 145 13.77 -7.43 -9.47
N PHE F 146 12.53 -7.05 -9.38
CA PHE F 146 12.13 -5.71 -9.81
C PHE F 146 12.62 -4.67 -8.80
N CYS F 147 12.29 -4.86 -7.55
CA CYS F 147 12.90 -4.06 -6.46
C CYS F 147 14.46 -3.99 -6.50
N GLU F 148 15.13 -5.10 -6.74
CA GLU F 148 16.54 -5.11 -6.73
C GLU F 148 17.00 -4.21 -7.90
N ASP F 149 16.41 -4.40 -9.06
CA ASP F 149 16.88 -3.67 -10.23
C ASP F 149 16.58 -2.19 -10.18
N ASN F 150 15.56 -1.81 -9.45
CA ASN F 150 15.22 -0.38 -9.32
C ASN F 150 15.63 0.33 -8.02
N GLY F 151 16.46 -0.32 -7.18
CA GLY F 151 16.83 0.25 -5.87
C GLY F 151 15.69 0.52 -4.91
N ILE F 152 14.67 -0.31 -4.92
CA ILE F 152 13.47 -0.11 -4.05
C ILE F 152 13.70 -0.91 -2.80
N PRO F 153 13.76 -0.23 -1.64
CA PRO F 153 13.98 -1.00 -0.39
C PRO F 153 12.68 -1.76 -0.07
N VAL F 154 12.79 -2.94 0.54
CA VAL F 154 11.66 -3.80 0.85
C VAL F 154 11.61 -4.10 2.31
N ILE F 155 10.49 -3.80 2.94
CA ILE F 155 10.28 -4.24 4.33
C ILE F 155 9.52 -5.55 4.31
N MET F 156 9.95 -6.53 5.12
CA MET F 156 9.25 -7.77 5.23
C MET F 156 9.14 -8.14 6.67
N MET F 157 7.94 -8.52 7.08
CA MET F 157 7.75 -9.06 8.38
C MET F 157 8.27 -10.51 8.49
N THR F 158 9.30 -10.70 9.32
CA THR F 158 9.87 -12.02 9.38
C THR F 158 10.19 -12.30 10.81
N GLY F 159 9.60 -11.54 11.74
CA GLY F 159 9.72 -11.76 13.19
C GLY F 159 8.32 -11.71 13.80
N GLY F 160 8.18 -12.06 15.06
CA GLY F 160 6.89 -11.99 15.71
C GLY F 160 5.88 -12.99 15.17
N ASN F 161 4.61 -12.61 15.15
CA ASN F 161 3.57 -13.47 14.59
C ASN F 161 3.43 -13.26 13.11
N ALA F 162 4.42 -13.70 12.37
CA ALA F 162 4.54 -13.36 10.97
C ALA F 162 3.66 -14.27 10.11
N GLY F 163 3.23 -15.40 10.68
CA GLY F 163 2.45 -16.37 9.96
C GLY F 163 1.64 -17.18 10.96
N PRO F 164 0.93 -18.20 10.48
CA PRO F 164 0.04 -19.08 11.26
C PRO F 164 0.94 -19.92 12.24
N ASP F 165 2.23 -20.07 11.94
CA ASP F 165 3.10 -20.74 12.91
C ASP F 165 4.53 -20.29 12.86
N ILE F 166 5.37 -20.77 13.82
CA ILE F 166 6.79 -20.36 13.91
C ILE F 166 7.62 -20.61 12.66
N THR F 167 7.16 -21.48 11.74
CA THR F 167 7.93 -21.72 10.52
C THR F 167 8.02 -20.47 9.73
N TYR F 168 7.03 -19.59 9.85
CA TYR F 168 7.11 -18.35 9.12
C TYR F 168 8.19 -17.33 9.60
N THR F 169 8.93 -17.63 10.69
CA THR F 169 10.00 -16.74 11.07
C THR F 169 11.30 -17.49 11.09
N ASN F 170 11.30 -18.79 10.76
CA ASN F 170 12.53 -19.48 10.65
C ASN F 170 13.48 -18.69 9.70
N PRO F 171 14.71 -18.44 10.13
CA PRO F 171 15.54 -17.50 9.40
C PRO F 171 16.05 -18.02 8.02
N GLU F 172 15.88 -19.32 7.68
CA GLU F 172 16.15 -19.82 6.32
C GLU F 172 15.39 -19.06 5.22
N HIS F 173 14.15 -18.67 5.47
CA HIS F 173 13.40 -17.88 4.46
C HIS F 173 14.02 -16.52 4.06
N ILE F 174 14.20 -15.58 5.02
CA ILE F 174 14.87 -14.37 4.67
C ILE F 174 16.30 -14.62 4.12
N ASP F 175 17.01 -15.63 4.67
CA ASP F 175 18.37 -15.85 4.20
C ASP F 175 18.48 -16.21 2.74
N ARG F 176 17.59 -17.05 2.25
CA ARG F 176 17.52 -17.34 0.81
C ARG F 176 17.28 -16.11 -0.02
N VAL F 177 16.31 -15.32 0.42
CA VAL F 177 16.00 -14.12 -0.29
C VAL F 177 17.28 -13.22 -0.44
N LEU F 178 18.09 -13.09 0.63
CA LEU F 178 19.18 -12.18 0.65
C LEU F 178 20.31 -12.70 -0.19
N GLY F 179 20.54 -14.01 -0.16
CA GLY F 179 21.47 -14.68 -1.04
C GLY F 179 21.14 -14.59 -2.53
N ASP F 180 19.85 -14.68 -2.79
CA ASP F 180 19.35 -14.66 -4.18
C ASP F 180 19.23 -13.24 -4.75
N PHE F 181 19.16 -12.22 -3.89
CA PHE F 181 19.06 -10.83 -4.34
C PHE F 181 20.10 -10.00 -3.55
N PRO F 182 21.40 -10.16 -3.91
CA PRO F 182 22.44 -9.71 -2.98
C PRO F 182 22.58 -8.18 -2.97
N ASP F 183 21.91 -7.52 -3.91
CA ASP F 183 21.93 -6.06 -3.98
C ASP F 183 20.63 -5.47 -3.56
N LEU F 184 19.80 -6.24 -2.87
CA LEU F 184 18.49 -5.75 -2.45
C LEU F 184 18.46 -5.26 -1.00
N THR F 185 17.95 -4.04 -0.78
CA THR F 185 17.90 -3.50 0.58
C THR F 185 16.67 -4.05 1.23
N VAL F 186 16.88 -4.75 2.33
CA VAL F 186 15.80 -5.42 3.04
C VAL F 186 15.80 -4.98 4.46
N VAL F 187 14.61 -4.72 4.97
CA VAL F 187 14.41 -4.47 6.39
C VAL F 187 13.60 -5.59 6.96
N SER F 188 14.12 -6.26 8.00
CA SER F 188 13.33 -7.31 8.69
C SER F 188 12.57 -6.60 9.82
N SER F 189 11.25 -6.47 9.68
CA SER F 189 10.48 -5.85 10.74
C SER F 189 10.25 -6.94 11.80
N HIS F 190 10.34 -6.55 13.06
CA HIS F 190 10.35 -7.47 14.16
C HIS F 190 11.72 -8.16 14.27
N GLY F 191 12.68 -7.77 13.40
CA GLY F 191 14.06 -8.25 13.53
C GLY F 191 14.25 -9.76 13.42
N ASN F 192 13.26 -10.46 12.87
CA ASN F 192 13.22 -11.92 12.79
C ASN F 192 13.23 -12.59 14.17
N TRP F 193 12.82 -11.86 15.19
CA TRP F 193 12.56 -12.44 16.48
C TRP F 193 11.52 -13.55 16.31
N PRO F 194 11.68 -14.71 16.98
CA PRO F 194 12.67 -14.96 18.10
C PRO F 194 14.06 -15.53 17.73
N TRP F 195 14.38 -15.61 16.44
CA TRP F 195 15.59 -16.39 16.02
C TRP F 195 16.80 -15.50 16.01
N VAL F 196 17.05 -14.89 17.18
CA VAL F 196 18.01 -13.82 17.25
C VAL F 196 19.44 -14.24 17.09
N GLN F 197 19.92 -15.33 17.73
CA GLN F 197 21.27 -15.76 17.48
C GLN F 197 21.51 -15.85 15.94
N GLU F 198 20.56 -16.47 15.26
CA GLU F 198 20.64 -16.75 13.83
C GLU F 198 20.55 -15.47 12.96
N ILE F 199 19.58 -14.59 13.24
CA ILE F 199 19.53 -13.37 12.45
C ILE F 199 20.78 -12.49 12.48
N ILE F 200 21.55 -12.57 13.57
CA ILE F 200 22.72 -11.75 13.64
C ILE F 200 23.74 -12.29 12.64
N HIS F 201 23.82 -13.60 12.57
CA HIS F 201 24.61 -14.20 11.52
C HIS F 201 24.17 -13.79 10.06
N VAL F 202 22.89 -13.85 9.82
CA VAL F 202 22.35 -13.42 8.52
C VAL F 202 22.78 -11.96 8.24
N ALA F 203 22.62 -11.04 9.23
CA ALA F 203 23.09 -9.66 9.00
C ALA F 203 24.58 -9.55 8.78
N PHE F 204 25.37 -10.32 9.53
CA PHE F 204 26.80 -10.37 9.32
C PHE F 204 27.16 -10.79 7.92
N ARG F 205 26.56 -11.87 7.45
CA ARG F 205 26.83 -12.40 6.14
C ARG F 205 26.23 -11.50 5.01
N ARG F 206 25.05 -10.94 5.25
CA ARG F 206 24.30 -10.29 4.12
C ARG F 206 24.28 -8.79 4.29
N PRO F 207 25.15 -8.09 3.58
CA PRO F 207 25.44 -6.72 3.94
C PRO F 207 24.33 -5.72 3.70
N ASN F 208 23.28 -6.12 2.98
CA ASN F 208 22.16 -5.21 2.72
C ASN F 208 20.94 -5.43 3.56
N LEU F 209 21.11 -6.23 4.62
CA LEU F 209 20.00 -6.47 5.58
C LEU F 209 19.96 -5.49 6.73
N TYR F 210 18.78 -4.89 7.04
CA TYR F 210 18.59 -3.96 8.16
C TYR F 210 17.67 -4.60 9.15
N LEU F 211 17.93 -4.53 10.46
CA LEU F 211 17.00 -5.16 11.39
C LEU F 211 16.27 -4.06 12.18
N SER F 212 15.00 -4.28 12.52
CA SER F 212 14.22 -3.38 13.33
C SER F 212 13.37 -4.29 14.24
N PRO F 213 13.93 -4.68 15.41
CA PRO F 213 13.24 -5.59 16.35
C PRO F 213 12.04 -4.91 17.03
N ASP F 214 12.03 -3.57 17.06
CA ASP F 214 10.95 -2.76 17.59
C ASP F 214 10.36 -3.31 18.89
N MET F 215 9.06 -3.59 18.98
CA MET F 215 8.47 -4.06 20.25
C MET F 215 9.22 -5.22 20.91
N TYR F 216 9.75 -6.12 20.07
CA TYR F 216 10.37 -7.32 20.56
C TYR F 216 11.73 -7.17 21.22
N LEU F 217 12.24 -5.95 21.26
CA LEU F 217 13.53 -5.67 21.89
C LEU F 217 13.33 -5.75 23.35
N TYR F 218 12.10 -5.52 23.78
CA TYR F 218 11.83 -5.23 25.15
C TYR F 218 11.70 -6.45 26.05
N ASN F 219 12.65 -6.61 27.00
CA ASN F 219 12.59 -7.67 28.03
C ASN F 219 12.34 -9.12 27.47
N LEU F 220 12.93 -9.44 26.31
CA LEU F 220 12.70 -10.76 25.71
C LEU F 220 13.98 -11.37 25.27
N PRO F 221 13.93 -12.67 24.95
CA PRO F 221 15.15 -13.34 24.55
C PRO F 221 15.69 -12.63 23.29
N GLY F 222 17.03 -12.62 23.17
CA GLY F 222 17.69 -11.89 22.07
C GLY F 222 18.08 -10.45 22.34
N HIS F 223 17.42 -9.82 23.29
CA HIS F 223 17.80 -8.45 23.68
C HIS F 223 19.32 -8.22 23.69
N ALA F 224 20.07 -8.98 24.54
CA ALA F 224 21.53 -8.84 24.62
C ALA F 224 22.26 -8.98 23.30
N ASP F 225 21.86 -9.99 22.54
CA ASP F 225 22.30 -10.27 21.15
C ASP F 225 22.11 -9.03 20.25
N PHE F 226 20.91 -8.48 20.25
CA PHE F 226 20.71 -7.21 19.49
C PHE F 226 21.64 -6.05 19.95
N ILE F 227 21.78 -5.90 21.28
CA ILE F 227 22.51 -4.76 21.83
C ILE F 227 23.99 -4.92 21.51
N GLN F 228 24.46 -6.14 21.70
CA GLN F 228 25.82 -6.42 21.39
C GLN F 228 26.15 -6.12 19.90
N ALA F 229 25.30 -6.58 18.99
CA ALA F 229 25.54 -6.33 17.59
C ALA F 229 25.36 -4.80 17.31
N ALA F 230 24.40 -4.14 17.94
CA ALA F 230 24.37 -2.65 17.82
C ALA F 230 25.69 -1.98 18.24
N ASN F 231 26.48 -2.57 19.16
CA ASN F 231 27.71 -1.95 19.60
C ASN F 231 28.83 -2.31 18.66
N SER F 232 28.53 -3.11 17.63
CA SER F 232 29.54 -3.57 16.69
C SER F 232 29.02 -3.29 15.27
N PHE F 233 29.15 -4.26 14.39
CA PHE F 233 28.87 -4.08 12.94
C PHE F 233 27.44 -3.65 12.63
N LEU F 234 26.48 -4.07 13.43
CA LEU F 234 25.09 -3.76 13.21
C LEU F 234 24.75 -2.28 13.60
N ALA F 235 25.75 -1.50 14.02
CA ALA F 235 25.49 -0.07 14.33
C ALA F 235 24.92 0.65 13.11
N ASP F 236 25.29 0.20 11.92
CA ASP F 236 24.87 0.89 10.68
C ASP F 236 23.64 0.31 10.05
N ARG F 237 23.09 -0.74 10.64
CA ARG F 237 22.02 -1.47 10.00
C ARG F 237 20.99 -1.90 11.00
N MET F 238 20.87 -1.23 12.13
CA MET F 238 19.72 -1.42 13.03
CA MET F 238 19.69 -1.44 12.95
C MET F 238 18.90 -0.13 12.92
N LEU F 239 17.59 -0.26 13.05
CA LEU F 239 16.63 0.84 12.98
C LEU F 239 15.71 0.86 14.18
N PHE F 240 15.68 2.03 14.81
CA PHE F 240 14.78 2.25 15.93
C PHE F 240 13.38 2.25 15.45
N GLY F 241 12.51 1.64 16.27
CA GLY F 241 11.08 1.72 16.05
C GLY F 241 10.30 1.22 17.23
N THR F 242 9.10 1.73 17.36
CA THR F 242 8.30 1.39 18.54
C THR F 242 7.17 0.42 18.23
N ALA F 243 6.79 0.33 16.94
CA ALA F 243 5.59 -0.46 16.55
C ALA F 243 4.33 0.17 17.17
N TYR F 244 4.43 1.45 17.50
CA TYR F 244 3.22 2.20 17.88
C TYR F 244 2.10 1.91 16.87
N PRO F 245 0.86 1.66 17.35
CA PRO F 245 0.40 1.77 18.72
C PRO F 245 0.63 0.58 19.68
N MET F 246 1.35 -0.45 19.24
CA MET F 246 1.59 -1.61 20.09
C MET F 246 2.34 -1.20 21.39
N CYS F 247 3.36 -0.35 21.25
CA CYS F 247 4.08 0.23 22.37
C CYS F 247 3.80 1.73 22.47
N PRO F 248 3.79 2.32 23.69
CA PRO F 248 3.61 3.78 23.79
C PRO F 248 4.93 4.51 23.40
N LEU F 249 4.80 5.61 22.68
CA LEU F 249 5.98 6.32 22.15
C LEU F 249 6.91 6.79 23.27
N LYS F 250 6.34 7.46 24.28
CA LYS F 250 7.13 8.10 25.31
C LYS F 250 7.96 7.04 26.13
N GLU F 251 7.26 6.10 26.75
CA GLU F 251 7.87 5.07 27.61
C GLU F 251 8.83 4.21 26.85
N TYR F 252 8.47 3.75 25.63
CA TYR F 252 9.43 2.94 24.87
C TYR F 252 10.69 3.72 24.55
N THR F 253 10.55 4.96 24.07
CA THR F 253 11.70 5.81 23.74
C THR F 253 12.60 6.16 24.95
N GLU F 254 11.99 6.52 26.08
CA GLU F 254 12.77 6.78 27.35
C GLU F 254 13.56 5.56 27.81
N TRP F 255 12.95 4.38 27.70
CA TRP F 255 13.70 3.13 27.91
C TRP F 255 14.83 2.88 26.90
N PHE F 256 14.55 3.05 25.63
CA PHE F 256 15.55 2.87 24.59
C PHE F 256 16.81 3.75 24.77
N LEU F 257 16.58 5.03 25.04
CA LEU F 257 17.65 5.96 25.29
C LEU F 257 18.50 5.59 26.49
N THR F 258 18.01 4.73 27.39
CA THR F 258 18.84 4.30 28.54
C THR F 258 19.69 3.07 28.32
N LEU F 259 19.58 2.44 27.12
CA LEU F 259 20.29 1.19 26.80
C LEU F 259 21.78 1.40 26.59
N PRO F 260 22.58 0.35 26.83
CA PRO F 260 24.05 0.52 26.73
C PRO F 260 24.59 0.37 25.32
N ILE F 261 24.23 1.33 24.49
CA ILE F 261 24.61 1.35 23.11
C ILE F 261 25.52 2.54 23.01
N LYS F 262 26.71 2.32 22.49
CA LYS F 262 27.65 3.43 22.30
C LYS F 262 27.09 4.62 21.52
N PRO F 263 27.50 5.86 21.92
CA PRO F 263 26.76 7.03 21.38
C PRO F 263 26.78 7.28 19.88
N ASP F 264 27.85 6.91 19.19
CA ASP F 264 27.81 7.07 17.75
C ASP F 264 26.87 6.00 17.08
N ALA F 265 26.77 4.83 17.70
CA ALA F 265 25.89 3.78 17.22
C ALA F 265 24.43 4.20 17.53
N MET F 266 24.24 4.81 18.66
CA MET F 266 22.92 5.32 19.05
C MET F 266 22.37 6.34 18.02
N GLU F 267 23.19 7.31 17.63
CA GLU F 267 22.75 8.21 16.62
C GLU F 267 22.39 7.56 15.29
N LYS F 268 23.20 6.60 14.83
CA LYS F 268 22.86 5.90 13.56
C LYS F 268 21.55 5.15 13.75
N ILE F 269 21.37 4.54 14.90
CA ILE F 269 20.18 3.74 15.15
C ILE F 269 18.90 4.56 15.32
N LEU F 270 19.04 5.68 15.99
CA LEU F 270 17.90 6.57 16.19
C LEU F 270 17.48 7.29 14.92
N HIS F 271 18.43 7.67 14.07
CA HIS F 271 18.06 8.36 12.83
C HIS F 271 18.95 8.20 11.59
N GLY F 272 20.24 8.18 11.75
CA GLY F 272 21.14 8.09 10.61
C GLY F 272 20.84 6.91 9.68
N ASN F 273 20.52 5.74 10.20
CA ASN F 273 20.34 4.60 9.35
C ASN F 273 19.06 4.74 8.55
N ALA F 274 18.01 5.31 9.17
CA ALA F 274 16.75 5.52 8.49
C ALA F 274 16.87 6.59 7.40
N GLU F 275 17.64 7.65 7.69
CA GLU F 275 17.87 8.62 6.63
C GLU F 275 18.60 8.09 5.45
N ARG F 276 19.58 7.21 5.66
CA ARG F 276 20.23 6.49 4.56
C ARG F 276 19.21 5.75 3.64
N LEU F 277 18.25 5.04 4.24
CA LEU F 277 17.24 4.29 3.54
C LEU F 277 16.27 5.14 2.81
N LEU F 278 15.76 6.16 3.51
CA LEU F 278 14.90 7.15 2.90
C LEU F 278 15.59 7.87 1.70
N ALA F 279 16.87 8.19 1.83
CA ALA F 279 17.59 8.83 0.67
C ALA F 279 17.70 7.82 -0.51
N GLN F 280 17.91 6.53 -0.19
CA GLN F 280 17.91 5.50 -1.22
C GLN F 280 16.55 5.51 -1.96
N ALA F 281 15.45 5.42 -1.20
CA ALA F 281 14.11 5.48 -1.71
C ALA F 281 13.86 6.67 -2.68
N GLY F 282 14.45 7.82 -2.42
CA GLY F 282 14.35 8.95 -3.33
C GLY F 282 15.22 8.80 -4.57
N ARG F 283 15.77 7.61 -4.75
CA ARG F 283 16.68 7.16 -5.78
C ARG F 283 17.85 8.10 -6.00
N LEU G 3 29.18 20.29 15.86
CA LEU G 3 28.67 21.32 14.93
C LEU G 3 29.72 22.47 14.69
N LYS G 4 30.73 22.18 13.89
CA LYS G 4 31.63 23.17 13.31
C LYS G 4 30.95 24.31 12.50
N ILE G 5 31.50 25.53 12.58
CA ILE G 5 31.02 26.68 11.78
C ILE G 5 32.17 27.43 11.14
N ILE G 6 32.04 27.67 9.85
CA ILE G 6 33.01 28.47 9.15
C ILE G 6 32.34 29.74 8.69
N ASP G 7 32.92 30.85 9.11
CA ASP G 7 32.35 32.15 8.82
C ASP G 7 32.95 32.68 7.54
N PHE G 8 32.14 32.81 6.48
CA PHE G 8 32.71 33.23 5.20
C PHE G 8 33.11 34.72 5.02
N ARG G 9 32.78 35.61 5.95
CA ARG G 9 33.30 36.97 5.83
C ARG G 9 33.64 37.48 7.25
N LEU G 10 34.90 37.40 7.62
CA LEU G 10 35.38 37.72 8.97
C LEU G 10 36.65 38.54 8.80
N ARG G 11 36.64 39.79 9.30
CA ARG G 11 37.76 40.71 9.17
C ARG G 11 38.19 41.08 10.61
N PRO G 12 39.25 40.39 11.14
CA PRO G 12 39.66 40.53 12.52
C PRO G 12 40.36 41.88 12.76
N PRO G 13 40.19 42.45 13.97
CA PRO G 13 40.91 43.70 14.32
C PRO G 13 42.46 43.51 14.50
N ALA G 14 43.13 42.96 13.52
CA ALA G 14 44.52 42.50 13.68
C ALA G 14 45.39 43.06 12.56
N MET G 15 46.69 43.27 12.84
CA MET G 15 47.68 43.59 11.80
C MET G 15 47.14 44.64 10.82
N GLY G 16 47.28 44.39 9.52
CA GLY G 16 46.86 45.35 8.51
C GLY G 16 45.40 45.68 8.50
N PHE G 17 44.59 44.82 9.10
CA PHE G 17 43.15 45.07 9.13
C PHE G 17 42.79 46.37 9.85
N LEU G 18 43.58 46.75 10.86
CA LEU G 18 43.33 47.96 11.65
C LEU G 18 43.45 49.24 10.82
N ASN G 19 44.04 49.15 9.62
CA ASN G 19 44.00 50.28 8.66
C ASN G 19 42.76 50.44 7.81
N ALA G 20 41.87 49.45 7.79
CA ALA G 20 40.70 49.42 6.92
C ALA G 20 39.61 50.38 7.41
N ARG G 21 38.81 50.90 6.48
CA ARG G 21 37.78 51.90 6.79
C ARG G 21 36.73 51.39 7.84
N ILE G 22 36.46 50.07 7.88
CA ILE G 22 35.63 49.44 8.92
C ILE G 22 36.20 49.62 10.33
N TYR G 23 37.51 49.79 10.47
CA TYR G 23 38.10 50.01 11.78
C TYR G 23 38.55 51.43 12.07
N THR G 24 38.62 52.25 11.02
CA THR G 24 39.13 53.61 11.12
C THR G 24 37.95 54.59 11.08
N ARG G 25 36.83 54.16 10.51
CA ARG G 25 35.57 54.89 10.68
C ARG G 25 34.48 54.14 11.47
N PRO G 26 34.66 53.91 12.79
CA PRO G 26 33.66 53.16 13.54
C PRO G 26 32.26 53.76 13.47
N ASP G 27 32.15 55.08 13.65
CA ASP G 27 30.87 55.83 13.57
C ASP G 27 30.09 55.55 12.27
N ILE G 28 30.76 55.40 11.13
CA ILE G 28 30.08 54.86 9.96
C ILE G 28 29.65 53.38 10.12
N ARG G 29 30.55 52.53 10.63
CA ARG G 29 30.30 51.11 10.84
C ARG G 29 29.07 50.88 11.77
N ASN G 30 29.10 51.52 12.93
CA ASN G 30 28.00 51.43 13.91
C ASN G 30 26.64 51.92 13.43
N ARG G 31 26.59 52.78 12.42
CA ARG G 31 25.29 53.17 11.89
C ARG G 31 24.71 51.93 11.25
N PHE G 32 25.54 51.30 10.40
CA PHE G 32 25.14 50.12 9.67
C PHE G 32 24.71 49.05 10.66
N THR G 33 25.54 48.84 11.68
CA THR G 33 25.27 47.77 12.62
C THR G 33 23.95 47.98 13.34
N ARG G 34 23.75 49.18 13.85
CA ARG G 34 22.54 49.58 14.56
C ARG G 34 21.30 49.67 13.72
N GLN G 35 21.42 50.18 12.48
CA GLN G 35 20.34 50.08 11.46
C GLN G 35 19.91 48.67 11.24
N LEU G 36 20.87 47.76 11.04
CA LEU G 36 20.52 46.34 10.96
C LEU G 36 19.77 45.88 12.17
N GLY G 37 20.10 46.49 13.32
CA GLY G 37 19.41 46.14 14.54
C GLY G 37 20.32 45.40 15.49
N PHE G 38 21.63 45.38 15.27
CA PHE G 38 22.56 44.79 16.32
C PHE G 38 23.22 45.82 17.20
N GLU G 39 23.72 45.43 18.37
CA GLU G 39 24.64 46.31 19.13
C GLU G 39 26.04 46.01 18.63
N PRO G 40 26.88 47.03 18.41
CA PRO G 40 28.21 46.70 17.89
C PRO G 40 29.01 45.77 18.83
N ALA G 41 29.81 44.85 18.28
CA ALA G 41 30.61 43.90 19.06
C ALA G 41 31.65 44.62 19.88
N PRO G 42 31.82 44.19 21.14
CA PRO G 42 32.80 44.81 22.03
C PRO G 42 34.23 44.79 21.47
N SER G 43 34.67 43.68 20.85
CA SER G 43 35.97 43.53 20.23
C SER G 43 36.25 44.51 19.09
N ALA G 44 35.21 44.78 18.29
CA ALA G 44 35.22 45.73 17.21
C ALA G 44 35.34 47.14 17.83
N GLU G 45 34.58 47.38 18.90
CA GLU G 45 34.69 48.66 19.61
C GLU G 45 36.05 48.87 20.29
N GLU G 46 36.66 47.80 20.83
CA GLU G 46 38.00 47.92 21.47
C GLU G 46 39.12 47.93 20.47
N LYS G 47 38.85 47.46 19.26
CA LYS G 47 39.89 47.04 18.33
C LYS G 47 40.77 45.90 18.86
N SER G 48 40.20 45.04 19.68
CA SER G 48 40.99 43.97 20.31
C SER G 48 40.76 42.56 19.70
N LEU G 49 41.79 42.07 19.04
CA LEU G 49 41.83 40.70 18.54
C LEU G 49 41.57 39.65 19.67
N GLU G 50 42.05 39.95 20.87
CA GLU G 50 41.84 39.08 22.04
C GLU G 50 40.34 38.85 22.39
N LEU G 51 39.60 39.94 22.49
CA LEU G 51 38.15 39.82 22.75
C LEU G 51 37.43 39.16 21.56
N MET G 52 37.90 39.42 20.33
CA MET G 52 37.35 38.72 19.15
C MET G 52 37.46 37.19 19.25
N PHE G 53 38.65 36.69 19.58
CA PHE G 53 38.83 35.26 19.84
C PHE G 53 37.86 34.64 20.84
N GLU G 54 37.59 35.35 21.93
CA GLU G 54 36.59 34.96 22.94
C GLU G 54 35.19 34.95 22.39
N GLU G 55 34.80 36.02 21.65
CA GLU G 55 33.49 36.07 20.94
C GLU G 55 33.28 34.88 19.95
N MET G 56 34.30 34.64 19.11
CA MET G 56 34.36 33.52 18.21
C MET G 56 34.06 32.20 18.94
N ALA G 57 34.89 31.84 19.95
CA ALA G 57 34.61 30.66 20.82
C ALA G 57 33.20 30.63 21.37
N ALA G 58 32.78 31.76 21.93
CA ALA G 58 31.43 31.84 22.50
C ALA G 58 30.33 31.51 21.44
N ALA G 59 30.56 31.94 20.20
CA ALA G 59 29.63 31.81 19.06
C ALA G 59 29.76 30.45 18.39
N GLY G 60 30.84 29.70 18.65
CA GLY G 60 31.04 28.34 18.09
C GLY G 60 31.63 28.35 16.70
N ILE G 61 32.36 29.42 16.39
CA ILE G 61 32.89 29.64 15.03
C ILE G 61 34.29 29.15 15.05
N GLU G 62 34.58 28.14 14.28
CA GLU G 62 35.91 27.53 14.34
CA GLU G 62 35.89 27.53 14.33
C GLU G 62 36.91 28.20 13.37
N GLN G 63 36.40 28.77 12.27
CA GLN G 63 37.27 29.31 11.23
C GLN G 63 36.59 30.43 10.48
N GLY G 64 37.40 31.35 9.97
CA GLY G 64 36.93 32.52 9.29
C GLY G 64 37.67 32.70 8.00
N VAL G 65 37.00 33.29 7.02
CA VAL G 65 37.60 33.56 5.72
C VAL G 65 37.85 35.05 5.71
N CYS G 66 39.11 35.42 5.56
CA CYS G 66 39.55 36.77 5.79
C CYS G 66 39.75 37.51 4.50
N VAL G 67 38.86 38.47 4.26
CA VAL G 67 38.93 39.20 3.01
C VAL G 67 39.56 40.57 3.23
N GLY G 68 40.73 40.78 2.63
CA GLY G 68 41.32 42.12 2.59
C GLY G 68 40.62 43.05 1.59
N ARG G 69 41.27 44.20 1.39
CA ARG G 69 41.00 45.22 0.40
C ARG G 69 42.33 45.75 0.09
N ASN G 70 42.80 45.54 -1.09
CA ASN G 70 44.20 45.82 -1.40
C ASN G 70 44.58 46.99 -2.23
N SER G 71 45.09 48.00 -1.61
CA SER G 71 45.55 49.19 -2.30
C SER G 71 46.58 50.06 -1.56
N SER G 72 47.14 51.00 -2.30
CA SER G 72 48.04 52.00 -1.80
C SER G 72 47.42 52.94 -0.75
N VAL G 73 46.16 53.33 -0.88
CA VAL G 73 45.61 54.38 -0.02
C VAL G 73 44.62 54.16 1.15
N LEU G 74 44.96 54.75 2.27
CA LEU G 74 44.05 54.70 3.39
C LEU G 74 43.71 53.32 3.86
N GLY G 75 42.45 52.98 4.01
CA GLY G 75 42.36 51.67 4.52
C GLY G 75 42.39 50.71 3.40
N SER G 76 43.53 50.08 3.44
CA SER G 76 43.82 49.00 2.59
C SER G 76 44.61 48.13 3.46
N VAL G 77 44.36 46.89 3.25
CA VAL G 77 45.07 45.79 3.83
C VAL G 77 45.59 44.91 2.67
N SER G 78 46.86 45.16 2.35
CA SER G 78 47.60 44.38 1.38
C SER G 78 47.52 42.83 1.55
N ASN G 79 47.84 42.14 0.46
CA ASN G 79 47.82 40.70 0.49
C ASN G 79 48.89 40.09 1.40
N ALA G 80 50.07 40.69 1.48
CA ALA G 80 51.04 40.29 2.52
C ALA G 80 50.46 40.36 3.98
N ASP G 81 49.79 41.46 4.34
CA ASP G 81 49.15 41.53 5.67
C ASP G 81 48.09 40.50 5.89
N VAL G 82 47.32 40.21 4.84
CA VAL G 82 46.35 39.15 4.92
C VAL G 82 46.99 37.77 5.14
N ALA G 83 48.10 37.49 4.50
CA ALA G 83 48.72 36.18 4.71
C ALA G 83 49.49 36.14 6.03
N ALA G 84 50.02 37.29 6.47
CA ALA G 84 50.67 37.40 7.78
C ALA G 84 49.67 37.06 8.87
N VAL G 85 48.46 37.61 8.78
CA VAL G 85 47.36 37.22 9.68
C VAL G 85 47.08 35.70 9.66
N ALA G 86 46.85 35.13 8.48
CA ALA G 86 46.70 33.67 8.37
C ALA G 86 47.97 32.84 8.82
N LYS G 87 49.18 33.35 8.62
CA LYS G 87 50.34 32.56 9.08
C LYS G 87 50.63 32.73 10.59
N ALA G 88 50.05 33.78 11.18
CA ALA G 88 49.94 33.93 12.64
C ALA G 88 48.92 32.98 13.29
N TYR G 89 47.80 32.70 12.63
CA TYR G 89 46.70 31.90 13.21
C TYR G 89 46.14 30.94 12.19
N PRO G 90 47.00 30.01 11.69
CA PRO G 90 46.72 29.17 10.49
C PRO G 90 45.52 28.21 10.64
N ASP G 91 45.15 27.96 11.89
CA ASP G 91 44.00 27.13 12.25
C ASP G 91 42.69 27.91 12.17
N LYS G 92 42.75 29.23 12.42
CA LYS G 92 41.54 30.05 12.48
C LYS G 92 41.19 30.69 11.11
N PHE G 93 42.19 31.30 10.47
CA PHE G 93 41.97 32.22 9.35
C PHE G 93 42.42 31.73 7.99
N HIS G 94 41.48 31.77 7.05
CA HIS G 94 41.77 31.39 5.68
C HIS G 94 41.94 32.72 4.89
N PRO G 95 43.13 32.93 4.29
CA PRO G 95 43.47 34.21 3.67
C PRO G 95 42.89 34.25 2.28
N VAL G 96 42.40 35.41 1.86
CA VAL G 96 41.88 35.58 0.52
C VAL G 96 42.66 36.75 -0.06
N GLY G 97 43.14 36.62 -1.29
CA GLY G 97 43.93 37.66 -1.89
C GLY G 97 43.06 38.49 -2.81
N SER G 98 43.16 39.81 -2.70
CA SER G 98 42.33 40.66 -3.53
C SER G 98 43.17 41.34 -4.63
N ILE G 99 42.56 41.48 -5.80
CA ILE G 99 43.22 42.10 -6.92
C ILE G 99 42.52 43.46 -7.12
N GLU G 100 43.33 44.53 -7.22
CA GLU G 100 42.86 45.86 -7.59
C GLU G 100 43.96 46.56 -8.41
N ALA G 101 43.74 46.70 -9.71
CA ALA G 101 44.82 47.08 -10.60
C ALA G 101 44.32 47.98 -11.73
N ALA G 102 45.20 48.89 -12.11
CA ALA G 102 44.97 49.75 -13.25
C ALA G 102 45.09 48.97 -14.58
N THR G 103 46.10 48.11 -14.73
CA THR G 103 46.37 47.42 -15.98
C THR G 103 46.31 45.88 -15.82
N ARG G 104 46.34 45.13 -16.94
CA ARG G 104 46.32 43.64 -16.84
C ARG G 104 47.69 43.18 -16.31
N LYS G 105 48.74 43.89 -16.68
CA LYS G 105 50.09 43.53 -16.23
C LYS G 105 50.23 43.60 -14.70
N GLU G 106 49.68 44.68 -14.13
CA GLU G 106 49.54 44.86 -12.70
C GLU G 106 48.74 43.78 -12.03
N ALA G 107 47.57 43.43 -12.59
CA ALA G 107 46.69 42.41 -12.01
C ALA G 107 47.39 41.06 -12.02
N MET G 108 48.25 40.85 -13.01
CA MET G 108 48.89 39.54 -13.10
C MET G 108 50.13 39.44 -12.18
N ALA G 109 50.88 40.53 -12.02
CA ALA G 109 51.89 40.60 -10.93
C ALA G 109 51.24 40.52 -9.51
N GLN G 110 50.06 41.09 -9.34
CA GLN G 110 49.34 40.85 -8.09
C GLN G 110 48.93 39.38 -7.97
N MET G 111 48.49 38.80 -9.09
CA MET G 111 48.06 37.40 -9.03
C MET G 111 49.24 36.51 -8.64
N GLN G 112 50.42 36.81 -9.19
CA GLN G 112 51.61 36.00 -8.98
C GLN G 112 52.01 36.07 -7.52
N GLU G 113 51.88 37.27 -6.95
CA GLU G 113 52.16 37.51 -5.55
C GLU G 113 51.22 36.75 -4.66
N ILE G 114 49.92 36.84 -4.92
CA ILE G 114 48.95 36.08 -4.19
C ILE G 114 49.30 34.58 -4.13
N LEU G 115 49.72 34.01 -5.26
CA LEU G 115 50.00 32.58 -5.33
C LEU G 115 51.31 32.23 -4.57
N ASP G 116 52.33 33.05 -4.78
CA ASP G 116 53.64 33.00 -4.08
C ASP G 116 53.46 33.06 -2.59
N LEU G 117 52.47 33.83 -2.12
CA LEU G 117 52.13 33.89 -0.69
C LEU G 117 51.37 32.66 -0.18
N GLY G 118 51.01 31.74 -1.05
CA GLY G 118 50.27 30.56 -0.63
C GLY G 118 48.77 30.74 -0.55
N ILE G 119 48.25 31.84 -1.10
CA ILE G 119 46.85 32.17 -1.09
C ILE G 119 46.18 31.46 -2.30
N ARG G 120 44.98 30.92 -2.11
CA ARG G 120 44.39 30.07 -3.14
C ARG G 120 42.98 30.48 -3.61
N ILE G 121 42.43 31.52 -2.97
CA ILE G 121 41.12 32.11 -3.33
C ILE G 121 41.35 33.59 -3.58
N VAL G 122 40.77 34.14 -4.65
CA VAL G 122 40.82 35.61 -4.93
C VAL G 122 39.47 36.35 -4.65
N ASN G 123 39.60 37.65 -4.35
CA ASN G 123 38.52 38.58 -4.09
C ASN G 123 38.68 39.69 -5.13
N LEU G 124 37.54 40.04 -5.72
CA LEU G 124 37.39 41.17 -6.60
C LEU G 124 36.27 42.07 -6.10
N GLU G 125 36.55 43.33 -5.85
CA GLU G 125 35.53 44.31 -5.52
C GLU G 125 35.67 45.57 -6.41
N PRO G 126 35.43 45.41 -7.71
CA PRO G 126 35.92 46.47 -8.64
C PRO G 126 35.06 47.72 -8.56
N GLY G 127 33.90 47.63 -7.90
CA GLY G 127 33.06 48.79 -7.68
C GLY G 127 33.68 49.77 -6.74
N VAL G 128 34.61 49.31 -5.91
CA VAL G 128 35.30 50.24 -5.03
C VAL G 128 36.72 50.67 -5.48
N TRP G 129 37.13 50.37 -6.71
CA TRP G 129 38.45 50.79 -7.12
C TRP G 129 38.38 52.25 -7.37
N ALA G 130 39.57 52.87 -7.51
CA ALA G 130 39.67 54.31 -7.71
C ALA G 130 38.98 54.69 -9.01
N THR G 131 39.12 53.82 -10.03
CA THR G 131 38.26 53.75 -11.23
C THR G 131 37.30 52.55 -11.13
N PRO G 132 36.09 52.83 -10.64
CA PRO G 132 35.12 51.80 -10.31
C PRO G 132 34.66 51.14 -11.61
N MET G 133 34.48 49.83 -11.64
CA MET G 133 33.92 49.15 -12.81
C MET G 133 32.96 48.04 -12.37
N HIS G 134 32.12 47.52 -13.27
CA HIS G 134 31.24 46.45 -12.92
C HIS G 134 32.05 45.19 -13.01
N VAL G 135 31.51 44.16 -12.41
CA VAL G 135 32.13 42.80 -12.42
C VAL G 135 32.13 42.19 -13.83
N ASP G 136 31.23 42.60 -14.71
CA ASP G 136 31.29 42.10 -16.09
C ASP G 136 32.13 43.04 -17.03
N ASP G 137 32.89 43.97 -16.46
CA ASP G 137 33.73 44.81 -17.35
C ASP G 137 34.61 43.94 -18.25
N ARG G 138 34.73 44.31 -19.52
CA ARG G 138 35.68 43.62 -20.38
C ARG G 138 37.09 43.47 -19.75
N ARG G 139 37.59 44.49 -19.07
CA ARG G 139 38.92 44.46 -18.47
C ARG G 139 39.14 43.30 -17.49
N LEU G 140 38.08 42.75 -16.92
CA LEU G 140 38.20 41.75 -15.88
C LEU G 140 38.17 40.35 -16.47
N TYR G 141 37.72 40.27 -17.73
CA TYR G 141 37.58 38.96 -18.36
C TYR G 141 38.84 38.12 -18.46
N PRO G 142 40.01 38.69 -18.84
CA PRO G 142 41.24 37.88 -18.81
C PRO G 142 41.54 37.28 -17.44
N LEU G 143 41.27 38.05 -16.41
CA LEU G 143 41.46 37.55 -15.06
C LEU G 143 40.47 36.35 -14.79
N TYR G 144 39.23 36.47 -15.18
CA TYR G 144 38.28 35.39 -15.01
C TYR G 144 38.69 34.15 -15.78
N ALA G 145 39.34 34.31 -16.95
CA ALA G 145 39.72 33.17 -17.76
C ALA G 145 40.85 32.40 -17.11
N PHE G 146 41.80 33.12 -16.50
CA PHE G 146 42.91 32.52 -15.80
C PHE G 146 42.37 31.74 -14.60
N CYS G 147 41.51 32.36 -13.83
CA CYS G 147 40.82 31.59 -12.71
C CYS G 147 39.97 30.40 -13.08
N GLU G 148 39.22 30.52 -14.18
CA GLU G 148 38.45 29.40 -14.63
C GLU G 148 39.42 28.28 -14.96
N ASP G 149 40.43 28.55 -15.81
CA ASP G 149 41.38 27.56 -16.32
C ASP G 149 42.13 26.87 -15.20
N ASN G 150 42.43 27.62 -14.14
CA ASN G 150 43.24 27.10 -13.03
C ASN G 150 42.37 26.63 -11.83
N GLY G 151 41.06 26.52 -12.04
CA GLY G 151 40.13 26.16 -10.97
C GLY G 151 40.26 26.95 -9.68
N ILE G 152 40.55 28.24 -9.82
CA ILE G 152 40.60 29.19 -8.69
C ILE G 152 39.24 29.76 -8.37
N PRO G 153 38.76 29.59 -7.11
CA PRO G 153 37.50 30.27 -6.74
C PRO G 153 37.63 31.78 -6.54
N VAL G 154 36.63 32.50 -7.02
CA VAL G 154 36.63 33.95 -7.03
C VAL G 154 35.49 34.45 -6.17
N ILE G 155 35.77 35.24 -5.14
CA ILE G 155 34.72 35.99 -4.43
C ILE G 155 34.63 37.36 -5.06
N MET G 156 33.43 37.80 -5.44
CA MET G 156 33.18 39.17 -5.92
C MET G 156 32.11 39.80 -5.04
N MET G 157 32.30 41.05 -4.66
CA MET G 157 31.25 41.79 -3.98
C MET G 157 30.26 42.29 -4.99
N THR G 158 29.03 41.77 -4.92
CA THR G 158 28.02 42.17 -5.92
C THR G 158 26.75 42.49 -5.24
N GLY G 159 26.83 42.70 -3.94
CA GLY G 159 25.66 43.02 -3.13
C GLY G 159 26.08 44.06 -2.12
N GLY G 160 25.14 44.63 -1.40
CA GLY G 160 25.45 45.65 -0.41
C GLY G 160 26.02 46.86 -1.07
N ASN G 161 26.98 47.49 -0.40
CA ASN G 161 27.54 48.74 -0.95
C ASN G 161 28.69 48.52 -1.94
N ALA G 162 28.38 47.95 -3.12
CA ALA G 162 29.43 47.32 -3.96
C ALA G 162 30.07 48.36 -4.87
N GLY G 163 29.47 49.52 -5.02
CA GLY G 163 30.04 50.49 -5.90
C GLY G 163 29.43 51.78 -5.51
N PRO G 164 29.69 52.82 -6.31
CA PRO G 164 29.16 54.17 -6.06
C PRO G 164 27.63 54.24 -6.05
N ASP G 165 26.96 53.36 -6.78
CA ASP G 165 25.49 53.38 -6.76
C ASP G 165 24.89 52.03 -6.97
N ILE G 166 23.57 51.96 -7.04
CA ILE G 166 22.91 50.61 -7.07
C ILE G 166 23.12 49.81 -8.38
N THR G 167 23.59 50.46 -9.45
CA THR G 167 23.81 49.71 -10.65
C THR G 167 24.93 48.71 -10.41
N TYR G 168 25.73 48.89 -9.36
CA TYR G 168 26.86 47.94 -9.24
C TYR G 168 26.45 46.69 -8.53
N THR G 169 25.18 46.60 -8.15
CA THR G 169 24.66 45.32 -7.65
C THR G 169 23.63 44.76 -8.67
N ASN G 170 23.40 45.44 -9.81
CA ASN G 170 22.41 44.94 -10.77
C ASN G 170 22.77 43.50 -11.14
N PRO G 171 21.87 42.50 -10.85
CA PRO G 171 22.19 41.08 -11.20
C PRO G 171 22.56 40.79 -12.70
N GLU G 172 22.23 41.64 -13.68
CA GLU G 172 22.85 41.48 -15.03
C GLU G 172 24.40 41.33 -15.07
N HIS G 173 25.14 42.06 -14.22
CA HIS G 173 26.59 42.03 -14.27
C HIS G 173 27.12 40.65 -13.81
N ILE G 174 26.67 40.10 -12.68
CA ILE G 174 27.09 38.76 -12.31
C ILE G 174 26.58 37.69 -13.30
N ASP G 175 25.43 37.93 -13.88
CA ASP G 175 24.87 36.95 -14.72
C ASP G 175 25.71 36.81 -15.98
N ARG G 176 26.22 37.94 -16.57
CA ARG G 176 27.13 37.86 -17.75
C ARG G 176 28.34 37.02 -17.50
N VAL G 177 29.00 37.23 -16.35
CA VAL G 177 30.27 36.61 -16.05
C VAL G 177 30.07 35.12 -15.96
N LEU G 178 29.04 34.72 -15.24
CA LEU G 178 28.66 33.31 -15.04
C LEU G 178 28.29 32.61 -16.38
N GLY G 179 27.58 33.32 -17.27
CA GLY G 179 27.27 32.78 -18.58
C GLY G 179 28.54 32.57 -19.40
N ASP G 180 29.47 33.52 -19.33
CA ASP G 180 30.71 33.50 -20.12
C ASP G 180 31.82 32.67 -19.50
N PHE G 181 31.68 32.31 -18.22
CA PHE G 181 32.70 31.45 -17.56
C PHE G 181 31.92 30.39 -16.79
N PRO G 182 31.34 29.41 -17.53
CA PRO G 182 30.35 28.50 -16.94
C PRO G 182 31.02 27.49 -15.96
N ASP G 183 32.36 27.42 -15.97
CA ASP G 183 33.13 26.51 -15.06
C ASP G 183 33.86 27.16 -13.89
N LEU G 184 33.55 28.43 -13.66
CA LEU G 184 34.20 29.26 -12.63
C LEU G 184 33.29 29.22 -11.40
N THR G 185 33.84 28.74 -10.28
CA THR G 185 33.26 28.91 -8.96
C THR G 185 33.32 30.35 -8.55
N VAL G 186 32.15 30.88 -8.26
CA VAL G 186 32.00 32.31 -7.90
C VAL G 186 31.26 32.35 -6.63
N VAL G 187 31.82 33.05 -5.65
CA VAL G 187 31.05 33.33 -4.46
C VAL G 187 30.61 34.79 -4.54
N SER G 188 29.32 35.06 -4.48
CA SER G 188 28.85 36.44 -4.47
C SER G 188 28.71 36.94 -3.03
N SER G 189 29.66 37.75 -2.58
CA SER G 189 29.61 38.16 -1.17
C SER G 189 28.58 39.26 -1.06
N HIS G 190 27.83 39.21 0.06
CA HIS G 190 26.55 39.92 0.30
C HIS G 190 25.44 39.42 -0.61
N GLY G 191 25.73 38.36 -1.37
CA GLY G 191 24.73 37.55 -2.10
C GLY G 191 23.84 38.37 -3.03
N ASN G 192 24.43 39.36 -3.66
CA ASN G 192 23.72 40.23 -4.58
C ASN G 192 22.50 40.99 -4.02
N TRP G 193 22.48 41.11 -2.71
CA TRP G 193 21.43 41.87 -2.06
C TRP G 193 21.53 43.28 -2.56
N PRO G 194 20.39 43.94 -2.87
CA PRO G 194 18.96 43.62 -2.61
C PRO G 194 18.16 42.85 -3.71
N TRP G 195 18.81 42.51 -4.80
CA TRP G 195 18.18 41.89 -5.93
C TRP G 195 17.91 40.35 -5.68
N VAL G 196 17.23 40.04 -4.59
CA VAL G 196 17.00 38.65 -4.23
C VAL G 196 16.15 37.77 -5.11
N GLN G 197 15.05 38.30 -5.60
CA GLN G 197 14.19 37.54 -6.43
C GLN G 197 15.00 37.11 -7.63
N GLU G 198 15.78 38.05 -8.15
CA GLU G 198 16.63 37.82 -9.31
C GLU G 198 17.82 36.92 -9.06
N ILE G 199 18.56 37.17 -7.97
CA ILE G 199 19.76 36.33 -7.80
C ILE G 199 19.38 34.82 -7.60
N ILE G 200 18.19 34.52 -7.05
CA ILE G 200 17.78 33.12 -6.90
C ILE G 200 17.56 32.46 -8.26
N HIS G 201 16.99 33.18 -9.23
CA HIS G 201 17.00 32.73 -10.61
C HIS G 201 18.43 32.47 -11.12
N VAL G 202 19.33 33.40 -10.89
CA VAL G 202 20.67 33.31 -11.42
C VAL G 202 21.40 32.08 -10.85
N ALA G 203 21.24 31.81 -9.56
CA ALA G 203 21.83 30.63 -8.96
C ALA G 203 21.20 29.37 -9.53
N PHE G 204 19.91 29.46 -9.83
CA PHE G 204 19.15 28.31 -10.35
C PHE G 204 19.75 27.94 -11.70
N ARG G 205 19.87 28.94 -12.56
CA ARG G 205 20.52 28.84 -13.86
C ARG G 205 22.06 28.55 -13.91
N ARG G 206 22.87 29.16 -13.01
CA ARG G 206 24.34 29.11 -13.10
C ARG G 206 24.84 28.20 -12.01
N PRO G 207 25.24 26.98 -12.39
CA PRO G 207 25.41 26.00 -11.32
C PRO G 207 26.64 26.22 -10.44
N ASN G 208 27.55 27.14 -10.82
CA ASN G 208 28.78 27.34 -10.04
C ASN G 208 28.77 28.58 -9.15
N LEU G 209 27.61 29.25 -9.11
CA LEU G 209 27.39 30.40 -8.29
C LEU G 209 27.03 30.02 -6.86
N TYR G 210 27.83 30.51 -5.87
CA TYR G 210 27.53 30.40 -4.44
C TYR G 210 27.10 31.80 -3.90
N LEU G 211 26.09 31.84 -3.02
CA LEU G 211 25.64 33.09 -2.43
C LEU G 211 25.98 33.14 -0.98
N SER G 212 26.45 34.28 -0.53
CA SER G 212 26.76 34.53 0.84
C SER G 212 26.16 35.87 1.30
N PRO G 213 24.89 35.87 1.61
CA PRO G 213 24.19 37.09 1.99
C PRO G 213 24.74 37.71 3.28
N ASP G 214 25.36 36.94 4.16
CA ASP G 214 25.99 37.50 5.35
C ASP G 214 25.08 38.45 6.16
N MET G 215 25.51 39.68 6.38
CA MET G 215 24.80 40.63 7.20
C MET G 215 23.39 40.86 6.71
N TYR G 216 23.21 40.86 5.41
CA TYR G 216 21.96 41.21 4.72
C TYR G 216 20.86 40.15 4.76
N LEU G 217 21.16 39.02 5.37
CA LEU G 217 20.15 38.02 5.64
C LEU G 217 19.30 38.49 6.81
N TYR G 218 19.84 39.37 7.65
CA TYR G 218 19.17 39.71 8.93
C TYR G 218 18.00 40.70 8.85
N ASN G 219 16.78 40.19 8.92
CA ASN G 219 15.62 41.02 9.06
C ASN G 219 15.43 42.02 7.93
N LEU G 220 15.80 41.64 6.70
CA LEU G 220 15.66 42.48 5.51
C LEU G 220 14.90 41.80 4.36
N PRO G 221 14.56 42.58 3.30
CA PRO G 221 13.91 42.00 2.10
C PRO G 221 14.69 40.86 1.50
N GLY G 222 13.98 39.83 1.05
CA GLY G 222 14.58 38.69 0.35
C GLY G 222 14.99 37.61 1.31
N HIS G 223 14.88 37.88 2.60
CA HIS G 223 15.15 36.90 3.63
C HIS G 223 14.40 35.55 3.37
N ALA G 224 13.10 35.60 3.26
CA ALA G 224 12.33 34.37 3.02
C ALA G 224 12.74 33.67 1.67
N ASP G 225 13.17 34.45 0.65
CA ASP G 225 13.64 33.86 -0.64
C ASP G 225 14.94 33.06 -0.49
N PHE G 226 15.90 33.60 0.26
CA PHE G 226 17.12 32.89 0.63
C PHE G 226 16.84 31.64 1.46
N ILE G 227 15.97 31.75 2.43
CA ILE G 227 15.60 30.58 3.26
C ILE G 227 14.93 29.41 2.49
N GLN G 228 13.94 29.78 1.67
CA GLN G 228 13.32 28.88 0.72
C GLN G 228 14.31 28.15 -0.22
N ALA G 229 15.23 28.91 -0.83
CA ALA G 229 16.27 28.35 -1.68
C ALA G 229 17.16 27.41 -0.89
N ALA G 230 17.55 27.83 0.32
CA ALA G 230 18.47 27.04 1.17
C ALA G 230 17.92 25.62 1.53
N ASN G 231 16.60 25.53 1.67
CA ASN G 231 15.87 24.30 1.93
C ASN G 231 15.53 23.55 0.64
N SER G 232 15.98 24.05 -0.53
CA SER G 232 15.82 23.28 -1.79
C SER G 232 17.09 23.23 -2.62
N PHE G 233 17.08 23.82 -3.81
CA PHE G 233 18.21 23.66 -4.72
C PHE G 233 19.51 24.32 -4.23
N LEU G 234 19.42 25.27 -3.31
CA LEU G 234 20.65 25.99 -2.98
C LEU G 234 21.32 25.56 -1.67
N ALA G 235 20.94 24.39 -1.17
CA ALA G 235 21.50 23.89 0.08
C ALA G 235 23.01 23.78 0.01
N ASP G 236 23.51 23.33 -1.13
CA ASP G 236 24.95 23.12 -1.35
C ASP G 236 25.69 24.37 -1.82
N ARG G 237 25.00 25.51 -1.99
CA ARG G 237 25.67 26.66 -2.54
C ARG G 237 25.38 27.99 -1.78
N MET G 238 24.98 27.87 -0.52
CA MET G 238 24.89 29.01 0.36
CA MET G 238 24.85 29.00 0.39
C MET G 238 25.93 28.88 1.48
N LEU G 239 26.57 29.99 1.80
CA LEU G 239 27.68 30.06 2.75
C LEU G 239 27.31 30.95 3.90
N PHE G 240 27.41 30.41 5.12
CA PHE G 240 27.18 31.20 6.33
C PHE G 240 28.26 32.23 6.44
N GLY G 241 27.90 33.42 6.87
CA GLY G 241 28.93 34.45 7.09
C GLY G 241 28.34 35.61 7.87
N THR G 242 29.11 36.24 8.74
CA THR G 242 28.62 37.36 9.58
C THR G 242 28.90 38.75 9.02
N ALA G 243 29.96 38.89 8.21
CA ALA G 243 30.54 40.21 7.81
C ALA G 243 31.17 40.97 8.99
N TYR G 244 31.40 40.25 10.10
CA TYR G 244 32.08 40.80 11.25
C TYR G 244 33.23 41.66 10.65
N PRO G 245 33.43 42.88 11.14
CA PRO G 245 32.88 43.43 12.35
C PRO G 245 31.53 44.14 12.16
N MET G 246 30.93 44.02 10.97
CA MET G 246 29.64 44.69 10.73
C MET G 246 28.56 44.08 11.59
N CYS G 247 28.71 42.80 11.89
CA CYS G 247 27.78 42.14 12.82
C CYS G 247 28.56 41.57 13.97
N PRO G 248 27.94 41.58 15.17
CA PRO G 248 28.52 40.79 16.24
C PRO G 248 28.35 39.29 15.96
N LEU G 249 29.42 38.54 16.25
CA LEU G 249 29.52 37.10 16.05
C LEU G 249 28.45 36.32 16.86
N LYS G 250 28.46 36.54 18.18
CA LYS G 250 27.58 35.81 19.10
C LYS G 250 26.09 35.98 18.78
N GLU G 251 25.60 37.20 18.74
CA GLU G 251 24.16 37.40 18.41
C GLU G 251 23.75 36.98 16.99
N TYR G 252 24.57 37.28 16.01
CA TYR G 252 24.27 36.83 14.64
C TYR G 252 24.14 35.32 14.54
N THR G 253 25.11 34.62 15.16
CA THR G 253 25.20 33.15 15.05
C THR G 253 24.09 32.44 15.80
N GLU G 254 23.82 32.90 17.00
CA GLU G 254 22.71 32.33 17.77
C GLU G 254 21.41 32.52 16.99
N TRP G 255 21.30 33.65 16.29
CA TRP G 255 20.05 33.91 15.57
C TRP G 255 19.94 32.94 14.38
N PHE G 256 21.04 32.87 13.63
CA PHE G 256 21.10 32.03 12.47
C PHE G 256 20.66 30.62 12.77
N LEU G 257 21.07 30.11 13.93
CA LEU G 257 20.83 28.70 14.27
C LEU G 257 19.38 28.41 14.71
N THR G 258 18.62 29.44 14.98
CA THR G 258 17.19 29.30 15.14
C THR G 258 16.47 29.34 13.75
N LEU G 259 17.17 29.63 12.67
CA LEU G 259 16.42 29.73 11.39
C LEU G 259 15.80 28.40 10.91
N PRO G 260 14.66 28.46 10.17
CA PRO G 260 13.97 27.23 9.74
C PRO G 260 14.60 26.64 8.47
N ILE G 261 15.78 26.10 8.69
CA ILE G 261 16.55 25.48 7.65
C ILE G 261 16.69 24.02 8.03
N LYS G 262 16.40 23.13 7.11
CA LYS G 262 16.52 21.73 7.43
C LYS G 262 17.94 21.32 7.83
N PRO G 263 18.08 20.54 8.91
CA PRO G 263 19.36 20.11 9.50
C PRO G 263 20.48 19.74 8.48
N ASP G 264 20.20 18.95 7.46
CA ASP G 264 21.26 18.67 6.49
C ASP G 264 21.71 19.92 5.64
N ALA G 265 20.74 20.71 5.14
CA ALA G 265 21.06 22.03 4.53
C ALA G 265 21.87 22.91 5.50
N MET G 266 21.47 22.92 6.77
CA MET G 266 22.15 23.67 7.84
C MET G 266 23.62 23.30 8.02
N GLU G 267 23.94 21.99 8.04
CA GLU G 267 25.36 21.54 8.16
C GLU G 267 26.21 22.04 6.97
N LYS G 268 25.63 21.90 5.77
CA LYS G 268 26.28 22.33 4.53
C LYS G 268 26.52 23.83 4.60
N ILE G 269 25.51 24.60 4.99
CA ILE G 269 25.59 26.04 5.00
C ILE G 269 26.55 26.58 6.07
N LEU G 270 26.55 25.96 7.25
CA LEU G 270 27.45 26.37 8.34
C LEU G 270 28.89 26.03 8.09
N HIS G 271 29.14 24.88 7.47
CA HIS G 271 30.52 24.45 7.19
C HIS G 271 30.75 23.59 5.93
N GLY G 272 29.74 22.81 5.55
CA GLY G 272 29.92 21.80 4.49
C GLY G 272 30.38 22.46 3.19
N ASN G 273 29.65 23.50 2.79
CA ASN G 273 29.90 24.14 1.54
C ASN G 273 31.21 24.88 1.51
N ALA G 274 31.60 25.49 2.62
CA ALA G 274 32.84 26.25 2.61
C ALA G 274 34.04 25.28 2.57
N GLU G 275 33.87 24.10 3.14
CA GLU G 275 34.94 23.06 3.08
C GLU G 275 35.20 22.53 1.67
N ARG G 276 34.13 22.32 0.91
CA ARG G 276 34.28 21.93 -0.49
C ARG G 276 35.03 23.05 -1.23
N LEU G 277 34.63 24.27 -0.96
CA LEU G 277 35.29 25.41 -1.54
C LEU G 277 36.80 25.50 -1.21
N LEU G 278 37.12 25.35 0.06
CA LEU G 278 38.55 25.25 0.45
C LEU G 278 39.30 24.00 -0.11
N ALA G 279 38.61 22.87 -0.19
CA ALA G 279 39.20 21.69 -0.86
C ALA G 279 39.49 21.97 -2.37
N GLN G 280 38.62 22.78 -3.03
CA GLN G 280 38.79 23.13 -4.43
C GLN G 280 40.02 23.98 -4.59
N ALA G 281 40.14 25.01 -3.74
CA ALA G 281 41.36 25.86 -3.69
C ALA G 281 42.64 25.06 -3.37
N GLY G 282 42.57 24.08 -2.45
CA GLY G 282 43.78 23.29 -2.15
C GLY G 282 44.22 22.54 -3.41
N ARG G 283 43.36 22.56 -4.43
CA ARG G 283 43.60 22.02 -5.78
C ARG G 283 43.53 20.52 -5.80
N LEU H 3 -12.42 19.43 -14.83
CA LEU H 3 -12.42 20.90 -14.57
C LEU H 3 -12.27 21.76 -15.82
N LYS H 4 -12.05 21.14 -16.97
CA LYS H 4 -12.08 21.91 -18.21
C LYS H 4 -10.84 22.81 -18.32
N ILE H 5 -9.81 22.42 -17.59
CA ILE H 5 -8.59 23.15 -17.54
C ILE H 5 -7.97 23.27 -18.92
N ILE H 6 -7.35 24.42 -19.19
CA ILE H 6 -6.70 24.64 -20.46
C ILE H 6 -5.25 25.01 -20.12
N ASP H 7 -4.32 24.12 -20.47
CA ASP H 7 -2.97 24.24 -20.04
C ASP H 7 -2.32 25.16 -21.05
N PHE H 8 -1.89 26.33 -20.60
CA PHE H 8 -1.36 27.32 -21.56
C PHE H 8 0.01 27.04 -22.08
N ARG H 9 0.73 26.06 -21.53
CA ARG H 9 2.01 25.66 -22.18
C ARG H 9 2.21 24.15 -22.17
N LEU H 10 1.87 23.48 -23.24
CA LEU H 10 1.94 22.03 -23.23
C LEU H 10 2.55 21.52 -24.51
N ARG H 11 3.70 20.87 -24.43
CA ARG H 11 4.35 20.30 -25.62
C ARG H 11 4.25 18.76 -25.64
N PRO H 12 3.31 18.22 -26.45
CA PRO H 12 3.00 16.77 -26.37
C PRO H 12 4.12 15.92 -26.98
N PRO H 13 4.30 14.68 -26.57
CA PRO H 13 5.32 13.85 -27.20
C PRO H 13 4.72 13.21 -28.45
N ALA H 14 4.39 14.03 -29.44
CA ALA H 14 3.78 13.60 -30.67
C ALA H 14 4.44 14.15 -31.91
N MET H 15 4.67 13.29 -32.90
CA MET H 15 5.08 13.75 -34.21
C MET H 15 6.24 14.70 -34.11
N GLY H 16 6.05 15.90 -34.63
CA GLY H 16 7.10 16.90 -34.72
C GLY H 16 7.79 17.28 -33.43
N PHE H 17 7.06 17.32 -32.34
CA PHE H 17 7.65 17.66 -31.09
C PHE H 17 8.76 16.73 -30.67
N LEU H 18 8.77 15.52 -31.18
CA LEU H 18 9.77 14.53 -30.78
C LEU H 18 11.16 14.87 -31.30
N ASN H 19 11.26 15.91 -32.14
CA ASN H 19 12.56 16.40 -32.61
C ASN H 19 13.15 17.52 -31.79
N ALA H 20 12.35 18.06 -30.85
CA ALA H 20 12.80 19.13 -29.97
C ALA H 20 13.79 18.68 -28.90
N ARG H 21 14.73 19.54 -28.51
CA ARG H 21 15.60 19.29 -27.35
C ARG H 21 14.86 18.72 -26.13
N ILE H 22 13.65 19.20 -25.87
CA ILE H 22 12.91 18.72 -24.70
C ILE H 22 12.68 17.21 -24.76
N TYR H 23 12.58 16.63 -25.97
CA TYR H 23 12.50 15.15 -26.10
C TYR H 23 13.76 14.41 -26.50
N THR H 24 14.65 15.02 -27.27
CA THR H 24 15.91 14.38 -27.67
C THR H 24 16.99 14.39 -26.55
N ARG H 25 16.87 15.31 -25.58
CA ARG H 25 17.77 15.35 -24.42
C ARG H 25 17.10 15.19 -23.03
N PRO H 26 16.49 14.02 -22.76
CA PRO H 26 15.80 13.77 -21.50
C PRO H 26 16.71 14.00 -20.29
N ASP H 27 18.00 13.70 -20.44
CA ASP H 27 18.99 13.97 -19.40
C ASP H 27 18.94 15.44 -18.91
N ILE H 28 18.96 16.39 -19.85
CA ILE H 28 18.95 17.82 -19.54
C ILE H 28 17.57 18.20 -19.02
N ARG H 29 16.53 17.76 -19.71
CA ARG H 29 15.17 18.05 -19.28
C ARG H 29 14.94 17.58 -17.83
N ASN H 30 15.38 16.36 -17.52
CA ASN H 30 15.20 15.77 -16.15
C ASN H 30 15.98 16.47 -15.05
N ARG H 31 17.19 16.94 -15.31
CA ARG H 31 17.88 17.67 -14.26
C ARG H 31 17.09 18.92 -13.89
N PHE H 32 16.47 19.57 -14.86
CA PHE H 32 15.75 20.80 -14.62
C PHE H 32 14.48 20.50 -13.83
N THR H 33 13.66 19.56 -14.29
CA THR H 33 12.48 19.07 -13.53
C THR H 33 12.81 18.75 -12.05
N ARG H 34 13.83 17.94 -11.83
CA ARG H 34 14.18 17.53 -10.51
C ARG H 34 14.68 18.71 -9.72
N GLN H 35 15.47 19.58 -10.35
CA GLN H 35 15.93 20.78 -9.62
C GLN H 35 14.79 21.65 -9.09
N LEU H 36 13.75 21.81 -9.87
CA LEU H 36 12.62 22.58 -9.51
C LEU H 36 11.81 21.84 -8.45
N GLY H 37 12.11 20.57 -8.22
CA GLY H 37 11.41 19.81 -7.20
C GLY H 37 10.41 18.75 -7.65
N PHE H 38 10.34 18.47 -8.95
CA PHE H 38 9.40 17.48 -9.47
C PHE H 38 10.07 16.20 -9.91
N GLU H 39 9.34 15.08 -9.84
CA GLU H 39 9.72 13.86 -10.58
C GLU H 39 9.27 13.91 -12.07
N PRO H 40 10.09 13.40 -13.01
CA PRO H 40 9.67 13.43 -14.42
C PRO H 40 8.35 12.72 -14.66
N ALA H 41 7.59 13.15 -15.67
CA ALA H 41 6.29 12.56 -16.03
C ALA H 41 6.56 11.27 -16.80
N PRO H 42 5.94 10.13 -16.36
CA PRO H 42 6.12 8.86 -17.05
C PRO H 42 5.80 8.94 -18.52
N SER H 43 4.80 9.73 -18.89
CA SER H 43 4.44 9.93 -20.30
CA SER H 43 4.46 9.88 -20.31
C SER H 43 5.54 10.57 -21.13
N ALA H 44 6.32 11.45 -20.50
CA ALA H 44 7.42 12.15 -21.16
C ALA H 44 8.63 11.25 -21.26
N GLU H 45 8.85 10.45 -20.24
CA GLU H 45 10.05 9.62 -20.12
C GLU H 45 9.98 8.47 -21.08
N GLU H 46 8.76 7.97 -21.33
CA GLU H 46 8.53 6.94 -22.35
C GLU H 46 8.11 7.48 -23.71
N LYS H 47 7.98 8.81 -23.86
CA LYS H 47 7.50 9.49 -25.11
C LYS H 47 6.18 8.92 -25.73
N SER H 48 5.23 8.65 -24.84
CA SER H 48 4.03 7.98 -25.22
C SER H 48 2.90 8.97 -25.18
N LEU H 49 2.33 9.27 -26.34
CA LEU H 49 1.23 10.20 -26.39
C LEU H 49 -0.01 9.59 -25.66
N GLU H 50 -0.08 8.26 -25.68
CA GLU H 50 -1.19 7.54 -25.11
C GLU H 50 -1.23 7.73 -23.58
N LEU H 51 -0.08 7.60 -22.92
CA LEU H 51 0.06 7.83 -21.48
C LEU H 51 -0.21 9.29 -21.08
N MET H 52 0.12 10.21 -22.00
CA MET H 52 -0.08 11.63 -21.82
C MET H 52 -1.55 11.98 -21.78
N PHE H 53 -2.33 11.44 -22.73
CA PHE H 53 -3.78 11.60 -22.69
C PHE H 53 -4.39 11.01 -21.42
N GLU H 54 -3.81 9.92 -20.93
CA GLU H 54 -4.23 9.40 -19.65
C GLU H 54 -3.94 10.43 -18.55
N GLU H 55 -2.76 11.03 -18.53
CA GLU H 55 -2.46 11.90 -17.42
C GLU H 55 -3.24 13.22 -17.51
N MET H 56 -3.55 13.65 -18.74
CA MET H 56 -4.33 14.84 -19.07
C MET H 56 -5.72 14.74 -18.47
N ALA H 57 -6.42 13.66 -18.79
CA ALA H 57 -7.76 13.36 -18.21
C ALA H 57 -7.69 13.19 -16.70
N ALA H 58 -6.60 12.63 -16.20
CA ALA H 58 -6.50 12.36 -14.75
C ALA H 58 -6.32 13.66 -13.94
N ALA H 59 -5.60 14.61 -14.53
CA ALA H 59 -5.32 15.89 -13.96
C ALA H 59 -6.44 16.88 -14.23
N GLY H 60 -7.35 16.54 -15.13
CA GLY H 60 -8.55 17.35 -15.35
C GLY H 60 -8.36 18.36 -16.45
N ILE H 61 -7.25 18.24 -17.19
CA ILE H 61 -6.98 19.09 -18.36
C ILE H 61 -7.64 18.59 -19.64
N GLU H 62 -8.45 19.46 -20.27
CA GLU H 62 -9.10 19.17 -21.56
C GLU H 62 -8.43 19.66 -22.86
N GLN H 63 -7.65 20.73 -22.77
CA GLN H 63 -6.93 21.21 -23.94
C GLN H 63 -5.54 21.67 -23.55
N GLY H 64 -4.68 21.83 -24.54
CA GLY H 64 -3.33 22.30 -24.34
C GLY H 64 -3.07 23.27 -25.45
N VAL H 65 -2.29 24.28 -25.17
CA VAL H 65 -1.82 25.23 -26.15
C VAL H 65 -0.40 24.80 -26.39
N CYS H 66 -0.17 24.45 -27.66
CA CYS H 66 1.07 23.84 -28.11
CA CYS H 66 1.08 23.85 -28.06
C CYS H 66 1.90 24.85 -28.86
N VAL H 67 3.11 25.06 -28.37
CA VAL H 67 3.99 26.03 -28.91
C VAL H 67 5.23 25.32 -29.42
N GLY H 68 5.60 25.58 -30.67
CA GLY H 68 6.84 25.02 -31.25
C GLY H 68 8.03 25.96 -31.26
N ARG H 69 9.01 25.67 -32.11
CA ARG H 69 10.27 26.41 -32.25
C ARG H 69 10.59 26.51 -33.75
N ASN H 70 10.19 27.60 -34.38
CA ASN H 70 10.30 27.70 -35.83
C ASN H 70 11.72 28.11 -36.25
N SER H 71 12.72 27.33 -35.84
CA SER H 71 14.16 27.68 -35.98
C SER H 71 14.82 27.20 -37.29
N SER H 72 14.21 26.22 -37.94
CA SER H 72 14.71 25.73 -39.24
C SER H 72 16.18 25.26 -39.14
N VAL H 73 16.56 24.78 -37.97
CA VAL H 73 17.80 24.07 -37.80
C VAL H 73 17.45 22.92 -36.83
N LEU H 74 18.41 22.04 -36.56
CA LEU H 74 18.17 20.86 -35.72
C LEU H 74 17.38 21.22 -34.45
N GLY H 75 16.40 20.39 -34.09
CA GLY H 75 15.65 20.63 -32.86
C GLY H 75 14.48 21.56 -33.02
N SER H 76 14.17 21.96 -34.24
CA SER H 76 12.99 22.80 -34.43
C SER H 76 11.68 22.03 -34.49
N VAL H 77 10.61 22.72 -34.17
CA VAL H 77 9.34 22.24 -34.55
C VAL H 77 8.59 23.33 -35.28
N SER H 78 8.46 23.09 -36.58
CA SER H 78 7.98 24.07 -37.54
C SER H 78 6.50 24.33 -37.36
N ASN H 79 6.07 25.42 -37.97
CA ASN H 79 4.70 25.79 -37.97
C ASN H 79 3.79 24.73 -38.58
N ALA H 80 4.20 24.19 -39.72
CA ALA H 80 3.52 23.07 -40.31
C ALA H 80 3.41 21.87 -39.34
N ASP H 81 4.50 21.52 -38.66
CA ASP H 81 4.47 20.44 -37.68
C ASP H 81 3.47 20.71 -36.57
N VAL H 82 3.50 21.93 -35.99
CA VAL H 82 2.54 22.33 -34.99
C VAL H 82 1.11 22.23 -35.55
N ALA H 83 0.86 22.75 -36.75
CA ALA H 83 -0.52 22.70 -37.27
C ALA H 83 -0.98 21.24 -37.47
N ALA H 84 -0.05 20.34 -37.80
CA ALA H 84 -0.32 18.92 -38.08
C ALA H 84 -0.82 18.19 -36.82
N VAL H 85 -0.19 18.53 -35.68
CA VAL H 85 -0.55 17.97 -34.37
C VAL H 85 -1.99 18.34 -33.97
N ALA H 86 -2.34 19.62 -34.14
CA ALA H 86 -3.68 20.06 -33.95
C ALA H 86 -4.65 19.38 -34.93
N LYS H 87 -4.28 19.20 -36.19
CA LYS H 87 -5.29 18.62 -37.06
C LYS H 87 -5.51 17.11 -36.76
N ALA H 88 -4.48 16.43 -36.22
CA ALA H 88 -4.64 15.06 -35.76
C ALA H 88 -5.52 14.99 -34.52
N TYR H 89 -5.40 15.97 -33.62
CA TYR H 89 -6.16 15.94 -32.37
C TYR H 89 -6.83 17.28 -32.08
N PRO H 90 -7.85 17.67 -32.89
CA PRO H 90 -8.41 19.06 -32.99
C PRO H 90 -9.05 19.57 -31.71
N ASP H 91 -9.65 18.62 -30.98
CA ASP H 91 -10.33 18.89 -29.73
C ASP H 91 -9.35 19.00 -28.54
N LYS H 92 -8.10 18.53 -28.71
CA LYS H 92 -7.11 18.58 -27.61
C LYS H 92 -6.08 19.73 -27.68
N PHE H 93 -5.54 20.01 -28.88
CA PHE H 93 -4.39 20.91 -29.00
C PHE H 93 -4.62 22.15 -29.90
N HIS H 94 -4.45 23.35 -29.35
CA HIS H 94 -4.61 24.59 -30.12
C HIS H 94 -3.24 24.97 -30.64
N PRO H 95 -3.09 25.13 -31.96
CA PRO H 95 -1.76 25.43 -32.45
C PRO H 95 -1.37 26.91 -32.21
N VAL H 96 -0.09 27.14 -31.92
CA VAL H 96 0.48 28.47 -31.86
C VAL H 96 1.60 28.54 -32.92
N GLY H 97 1.55 29.57 -33.75
CA GLY H 97 2.62 29.76 -34.73
C GLY H 97 3.73 30.67 -34.24
N SER H 98 4.98 30.27 -34.51
CA SER H 98 6.13 30.97 -34.01
C SER H 98 6.82 31.75 -35.15
N ILE H 99 7.25 32.96 -34.89
CA ILE H 99 8.04 33.72 -35.88
C ILE H 99 9.45 33.79 -35.33
N GLU H 100 10.41 33.47 -36.20
CA GLU H 100 11.80 33.54 -35.91
C GLU H 100 12.47 33.92 -37.21
N ALA H 101 12.78 35.19 -37.42
CA ALA H 101 13.33 35.54 -38.71
C ALA H 101 14.39 36.60 -38.62
N ALA H 102 15.32 36.56 -39.57
CA ALA H 102 16.40 37.53 -39.68
C ALA H 102 15.84 38.90 -40.21
N THR H 103 15.10 38.85 -41.33
CA THR H 103 14.52 40.04 -42.00
C THR H 103 12.99 40.24 -41.83
N ARG H 104 12.53 41.46 -42.16
CA ARG H 104 11.07 41.76 -42.19
C ARG H 104 10.35 40.94 -43.27
N LYS H 105 10.97 40.77 -44.43
CA LYS H 105 10.37 39.98 -45.54
C LYS H 105 10.21 38.54 -45.11
N GLU H 106 11.25 37.98 -44.48
CA GLU H 106 11.20 36.64 -43.93
C GLU H 106 10.05 36.48 -42.90
N ALA H 107 9.98 37.40 -41.94
CA ALA H 107 8.90 37.39 -40.92
C ALA H 107 7.48 37.48 -41.47
N MET H 108 7.26 38.31 -42.50
CA MET H 108 5.93 38.46 -43.11
C MET H 108 5.57 37.25 -44.04
N ALA H 109 6.60 36.55 -44.52
CA ALA H 109 6.38 35.30 -45.21
C ALA H 109 5.92 34.23 -44.21
N GLN H 110 6.58 34.16 -43.05
CA GLN H 110 6.23 33.22 -42.01
C GLN H 110 4.84 33.48 -41.47
N MET H 111 4.54 34.76 -41.24
CA MET H 111 3.22 35.17 -40.83
C MET H 111 2.14 34.69 -41.87
N GLN H 112 2.43 34.81 -43.16
CA GLN H 112 1.49 34.40 -44.22
C GLN H 112 1.15 32.92 -44.12
N GLU H 113 2.21 32.15 -43.94
CA GLU H 113 2.17 30.76 -43.73
C GLU H 113 1.40 30.41 -42.43
N ILE H 114 1.67 31.08 -41.32
CA ILE H 114 0.97 30.77 -40.10
C ILE H 114 -0.54 30.96 -40.30
N LEU H 115 -0.96 32.04 -40.92
CA LEU H 115 -2.37 32.25 -41.22
C LEU H 115 -3.00 31.25 -42.18
N ASP H 116 -2.27 30.88 -43.20
CA ASP H 116 -2.73 29.85 -44.16
C ASP H 116 -2.96 28.49 -43.51
N LEU H 117 -2.20 28.18 -42.45
CA LEU H 117 -2.38 26.91 -41.72
C LEU H 117 -3.62 26.97 -40.81
N GLY H 118 -4.25 28.13 -40.67
CA GLY H 118 -5.39 28.26 -39.76
C GLY H 118 -5.02 28.68 -38.34
N ILE H 119 -3.75 29.04 -38.15
CA ILE H 119 -3.23 29.35 -36.82
C ILE H 119 -3.63 30.78 -36.55
N ARG H 120 -4.05 31.08 -35.32
CA ARG H 120 -4.53 32.44 -35.06
C ARG H 120 -3.86 33.18 -33.88
N ILE H 121 -2.85 32.56 -33.26
CA ILE H 121 -2.08 33.14 -32.14
C ILE H 121 -0.63 33.00 -32.58
N VAL H 122 0.18 34.06 -32.42
CA VAL H 122 1.62 33.96 -32.73
C VAL H 122 2.52 33.95 -31.48
N ASN H 123 3.66 33.27 -31.55
CA ASN H 123 4.60 33.21 -30.43
C ASN H 123 5.92 33.82 -30.86
N LEU H 124 6.61 34.43 -29.90
CA LEU H 124 7.93 35.03 -30.12
C LEU H 124 8.82 34.77 -28.93
N GLU H 125 9.98 34.20 -29.19
CA GLU H 125 11.03 33.98 -28.19
C GLU H 125 12.37 34.51 -28.72
N PRO H 126 12.48 35.87 -28.96
CA PRO H 126 13.63 36.46 -29.70
C PRO H 126 14.98 36.33 -28.96
N GLY H 127 14.92 36.11 -27.65
CA GLY H 127 16.15 35.85 -26.87
C GLY H 127 16.78 34.52 -27.23
N VAL H 128 16.04 33.57 -27.82
CA VAL H 128 16.64 32.26 -28.18
C VAL H 128 16.89 32.09 -29.69
N TRP H 129 16.75 33.18 -30.44
CA TRP H 129 17.03 33.17 -31.86
C TRP H 129 18.54 32.97 -32.01
N ALA H 130 18.96 32.48 -33.20
CA ALA H 130 20.37 32.24 -33.52
C ALA H 130 21.11 33.56 -33.29
N THR H 131 20.52 34.67 -33.74
CA THR H 131 20.91 35.98 -33.20
C THR H 131 19.86 36.59 -32.27
N PRO H 132 20.15 36.57 -30.95
CA PRO H 132 19.18 37.05 -29.93
C PRO H 132 18.85 38.53 -30.09
N MET H 133 17.63 38.88 -29.75
CA MET H 133 17.22 40.25 -29.61
C MET H 133 16.18 40.31 -28.49
N HIS H 134 15.97 41.51 -27.97
CA HIS H 134 15.01 41.77 -26.91
C HIS H 134 13.67 42.04 -27.52
N VAL H 135 12.61 41.73 -26.76
CA VAL H 135 11.22 41.87 -27.24
C VAL H 135 10.88 43.28 -27.75
N ASP H 136 11.62 44.27 -27.25
CA ASP H 136 11.39 45.67 -27.69
C ASP H 136 12.37 46.15 -28.76
N ASP H 137 13.09 45.23 -29.37
CA ASP H 137 14.00 45.65 -30.49
C ASP H 137 13.13 46.35 -31.58
N ARG H 138 13.66 47.44 -32.15
CA ARG H 138 13.03 48.20 -33.19
C ARG H 138 12.60 47.28 -34.32
N ARG H 139 13.34 46.22 -34.62
CA ARG H 139 12.96 45.27 -35.69
C ARG H 139 11.71 44.52 -35.44
N LEU H 140 11.29 44.41 -34.20
CA LEU H 140 10.02 43.67 -33.92
C LEU H 140 8.73 44.51 -34.02
N TYR H 141 8.86 45.81 -33.99
CA TYR H 141 7.71 46.69 -34.03
C TYR H 141 6.78 46.56 -35.27
N PRO H 142 7.32 46.33 -36.49
CA PRO H 142 6.34 46.18 -37.59
C PRO H 142 5.44 44.93 -37.41
N LEU H 143 5.99 43.86 -36.77
CA LEU H 143 5.26 42.68 -36.45
C LEU H 143 4.17 43.01 -35.45
N TYR H 144 4.54 43.64 -34.33
CA TYR H 144 3.59 44.04 -33.28
C TYR H 144 2.49 44.91 -33.86
N ALA H 145 2.83 45.75 -34.76
CA ALA H 145 1.87 46.69 -35.36
C ALA H 145 0.86 45.92 -36.21
N PHE H 146 1.32 44.90 -36.91
CA PHE H 146 0.46 44.03 -37.72
C PHE H 146 -0.50 43.29 -36.79
N CYS H 147 0.04 42.65 -35.72
CA CYS H 147 -0.76 41.92 -34.73
C CYS H 147 -1.76 42.79 -34.02
N GLU H 148 -1.35 43.99 -33.62
CA GLU H 148 -2.26 44.90 -32.95
C GLU H 148 -3.48 45.28 -33.82
N ASP H 149 -3.19 45.77 -35.02
CA ASP H 149 -4.20 46.14 -36.05
C ASP H 149 -5.09 44.99 -36.49
N ASN H 150 -4.60 43.76 -36.42
CA ASN H 150 -5.42 42.60 -36.82
C ASN H 150 -6.10 41.84 -35.66
N GLY H 151 -5.96 42.35 -34.43
CA GLY H 151 -6.45 41.67 -33.21
C GLY H 151 -5.84 40.28 -32.93
N ILE H 152 -4.61 40.08 -33.39
CA ILE H 152 -3.94 38.80 -33.20
C ILE H 152 -3.19 38.80 -31.85
N PRO H 153 -3.57 37.92 -30.91
CA PRO H 153 -2.85 37.83 -29.66
C PRO H 153 -1.39 37.31 -29.82
N VAL H 154 -0.46 37.83 -29.02
CA VAL H 154 0.92 37.45 -29.18
C VAL H 154 1.45 36.87 -27.88
N ILE H 155 2.01 35.66 -27.91
CA ILE H 155 2.75 35.11 -26.76
C ILE H 155 4.22 35.49 -26.89
N MET H 156 4.83 36.13 -25.88
CA MET H 156 6.28 36.34 -25.88
C MET H 156 6.95 35.79 -24.60
N MET H 157 8.01 35.00 -24.76
CA MET H 157 8.78 34.53 -23.63
C MET H 157 9.60 35.70 -23.05
N THR H 158 9.20 36.15 -21.87
CA THR H 158 9.89 37.24 -21.19
C THR H 158 10.25 36.86 -19.79
N GLY H 159 10.19 35.60 -19.49
CA GLY H 159 10.52 35.17 -18.16
C GLY H 159 11.44 33.96 -18.26
N GLY H 160 12.08 33.57 -17.14
CA GLY H 160 12.88 32.35 -17.12
C GLY H 160 14.11 32.51 -17.96
N ASN H 161 14.53 31.45 -18.65
CA ASN H 161 15.73 31.50 -19.53
C ASN H 161 15.38 32.06 -20.91
N ALA H 162 14.88 33.28 -20.96
CA ALA H 162 14.31 33.86 -22.20
C ALA H 162 15.42 34.22 -23.22
N GLY H 163 16.63 34.44 -22.71
CA GLY H 163 17.79 34.79 -23.52
C GLY H 163 19.03 34.25 -22.83
N PRO H 164 20.20 34.68 -23.37
CA PRO H 164 21.48 34.24 -22.99
C PRO H 164 21.82 34.68 -21.56
N ASP H 165 21.20 35.79 -21.14
CA ASP H 165 21.38 36.30 -19.78
C ASP H 165 20.12 37.04 -19.25
N ILE H 166 20.23 37.54 -18.04
CA ILE H 166 19.04 37.93 -17.30
C ILE H 166 18.47 39.23 -17.85
N THR H 167 19.26 39.95 -18.68
CA THR H 167 18.75 41.20 -19.24
C THR H 167 17.58 40.94 -20.17
N TYR H 168 17.44 39.71 -20.66
CA TYR H 168 16.40 39.35 -21.57
C TYR H 168 15.09 39.08 -20.80
N THR H 169 15.13 39.21 -19.48
CA THR H 169 13.87 39.17 -18.64
C THR H 169 13.57 40.50 -18.00
N ASN H 170 14.45 41.49 -18.14
CA ASN H 170 14.28 42.77 -17.43
C ASN H 170 12.94 43.35 -17.91
N PRO H 171 12.01 43.63 -16.98
CA PRO H 171 10.65 44.06 -17.28
C PRO H 171 10.58 45.37 -18.11
N GLU H 172 11.70 46.09 -18.30
CA GLU H 172 11.61 47.31 -19.12
C GLU H 172 11.32 46.95 -20.57
N HIS H 173 11.73 45.74 -20.99
CA HIS H 173 11.57 45.42 -22.40
C HIS H 173 10.11 45.17 -22.70
N ILE H 174 9.42 44.34 -21.91
CA ILE H 174 7.99 44.17 -22.17
C ILE H 174 7.16 45.45 -21.93
N ASP H 175 7.52 46.22 -20.88
CA ASP H 175 6.74 47.40 -20.51
C ASP H 175 6.72 48.41 -21.70
N ARG H 176 7.85 48.51 -22.41
CA ARG H 176 7.90 49.39 -23.61
C ARG H 176 6.93 48.93 -24.69
N VAL H 177 7.03 47.66 -25.04
CA VAL H 177 6.13 47.10 -26.06
C VAL H 177 4.70 47.40 -25.73
N LEU H 178 4.30 47.11 -24.49
CA LEU H 178 2.91 47.38 -24.06
C LEU H 178 2.50 48.87 -24.09
N GLY H 179 3.43 49.75 -23.74
CA GLY H 179 3.20 51.19 -23.81
C GLY H 179 3.01 51.66 -25.23
N ASP H 180 3.78 51.07 -26.18
CA ASP H 180 3.75 51.46 -27.56
C ASP H 180 2.65 50.73 -28.38
N PHE H 181 2.18 49.59 -27.88
CA PHE H 181 1.08 48.92 -28.55
C PHE H 181 -0.04 48.69 -27.56
N PRO H 182 -0.81 49.75 -27.28
CA PRO H 182 -1.68 49.68 -26.13
C PRO H 182 -2.94 48.80 -26.37
N ASP H 183 -3.21 48.37 -27.61
CA ASP H 183 -4.38 47.59 -27.86
C ASP H 183 -4.02 46.14 -28.22
N LEU H 184 -2.74 45.79 -28.09
CA LEU H 184 -2.23 44.50 -28.41
C LEU H 184 -2.31 43.59 -27.17
N THR H 185 -2.92 42.41 -27.35
CA THR H 185 -3.03 41.41 -26.28
C THR H 185 -1.75 40.63 -26.32
N VAL H 186 -1.02 40.62 -25.20
CA VAL H 186 0.31 39.96 -25.08
C VAL H 186 0.24 38.98 -23.94
N VAL H 187 0.79 37.78 -24.11
CA VAL H 187 0.93 36.88 -23.03
C VAL H 187 2.42 36.74 -22.76
N SER H 188 2.85 37.07 -21.53
CA SER H 188 4.20 36.86 -21.08
C SER H 188 4.36 35.42 -20.65
N SER H 189 5.02 34.60 -21.47
CA SER H 189 5.16 33.21 -21.03
C SER H 189 6.31 33.23 -20.06
N HIS H 190 6.10 32.47 -18.98
CA HIS H 190 6.95 32.43 -17.78
C HIS H 190 6.71 33.66 -16.91
N GLY H 191 5.75 34.51 -17.29
CA GLY H 191 5.31 35.56 -16.40
C GLY H 191 6.37 36.57 -16.02
N ASN H 192 7.39 36.71 -16.86
CA ASN H 192 8.49 37.62 -16.57
C ASN H 192 9.18 37.38 -15.23
N TRP H 193 9.08 36.14 -14.78
CA TRP H 193 9.87 35.68 -13.65
C TRP H 193 11.35 35.71 -14.05
N PRO H 194 12.24 36.16 -13.16
CA PRO H 194 12.13 36.41 -11.73
C PRO H 194 11.72 37.86 -11.25
N TRP H 195 11.43 38.79 -12.16
CA TRP H 195 11.19 40.16 -11.77
C TRP H 195 9.75 40.38 -11.43
N VAL H 196 9.27 39.68 -10.40
CA VAL H 196 7.85 39.56 -10.15
C VAL H 196 7.24 40.83 -9.50
N GLN H 197 7.96 41.48 -8.58
CA GLN H 197 7.46 42.78 -8.03
C GLN H 197 7.15 43.75 -9.14
N GLU H 198 8.08 43.85 -10.09
CA GLU H 198 7.96 44.70 -11.22
C GLU H 198 6.80 44.31 -12.22
N ILE H 199 6.72 43.05 -12.62
CA ILE H 199 5.69 42.69 -13.59
C ILE H 199 4.26 42.76 -13.00
N ILE H 200 4.10 42.64 -11.69
CA ILE H 200 2.76 42.96 -11.16
C ILE H 200 2.41 44.41 -11.46
N HIS H 201 3.42 45.31 -11.33
CA HIS H 201 3.18 46.74 -11.59
C HIS H 201 2.80 46.92 -13.07
N VAL H 202 3.53 46.23 -13.92
CA VAL H 202 3.34 46.30 -15.39
C VAL H 202 1.95 45.81 -15.78
N ALA H 203 1.56 44.63 -15.28
CA ALA H 203 0.18 44.13 -15.41
C ALA H 203 -0.86 45.09 -14.88
N PHE H 204 -0.60 45.69 -13.72
CA PHE H 204 -1.43 46.78 -13.18
C PHE H 204 -1.58 47.98 -14.14
N ARG H 205 -0.48 48.46 -14.71
CA ARG H 205 -0.55 49.57 -15.67
C ARG H 205 -1.03 49.25 -17.09
N ARG H 206 -0.67 48.05 -17.59
CA ARG H 206 -1.00 47.67 -18.96
C ARG H 206 -2.11 46.66 -19.02
N PRO H 207 -3.33 47.12 -19.39
CA PRO H 207 -4.46 46.22 -19.14
C PRO H 207 -4.53 45.07 -20.11
N ASN H 208 -3.69 45.06 -21.18
CA ASN H 208 -3.56 44.08 -22.26
CA ASN H 208 -3.77 43.91 -22.13
C ASN H 208 -2.67 42.85 -21.96
N LEU H 209 -1.97 42.89 -20.83
CA LEU H 209 -0.92 41.88 -20.53
C LEU H 209 -1.52 40.76 -19.69
N TYR H 210 -1.32 39.53 -20.15
CA TYR H 210 -1.68 38.35 -19.40
C TYR H 210 -0.37 37.72 -18.92
N LEU H 211 -0.40 37.16 -17.73
CA LEU H 211 0.77 36.42 -17.23
C LEU H 211 0.60 34.92 -17.17
N SER H 212 1.64 34.22 -17.60
CA SER H 212 1.58 32.78 -17.46
C SER H 212 2.88 32.24 -16.81
N PRO H 213 2.97 32.31 -15.51
CA PRO H 213 4.19 31.91 -14.80
C PRO H 213 4.55 30.45 -14.98
N ASP H 214 3.56 29.62 -15.15
CA ASP H 214 3.80 28.21 -15.41
C ASP H 214 4.70 27.59 -14.38
N MET H 215 5.77 26.96 -14.78
CA MET H 215 6.64 26.27 -13.85
C MET H 215 7.21 27.15 -12.76
N TYR H 216 7.46 28.41 -13.06
CA TYR H 216 8.14 29.28 -12.10
C TYR H 216 7.33 29.77 -10.94
N LEU H 217 6.06 29.40 -10.97
CA LEU H 217 5.20 29.50 -9.79
C LEU H 217 5.60 28.63 -8.62
N TYR H 218 6.23 27.50 -8.91
CA TYR H 218 6.47 26.49 -7.90
C TYR H 218 7.62 26.79 -6.93
N ASN H 219 7.27 27.21 -5.68
CA ASN H 219 8.28 27.21 -4.64
C ASN H 219 9.53 28.09 -5.00
N LEU H 220 9.28 29.17 -5.71
CA LEU H 220 10.32 30.08 -6.09
C LEU H 220 9.87 31.50 -5.72
N PRO H 221 10.81 32.44 -5.71
CA PRO H 221 10.54 33.88 -5.42
C PRO H 221 9.40 34.49 -6.24
N GLY H 222 8.66 35.44 -5.68
CA GLY H 222 7.52 35.96 -6.44
C GLY H 222 6.22 35.14 -6.32
N HIS H 223 6.33 33.92 -5.78
CA HIS H 223 5.11 33.09 -5.75
C HIS H 223 3.98 33.91 -5.07
N ALA H 224 4.26 34.49 -3.88
CA ALA H 224 3.18 35.19 -3.11
C ALA H 224 2.63 36.44 -3.78
N ASP H 225 3.52 37.15 -4.47
CA ASP H 225 3.16 38.25 -5.34
C ASP H 225 2.16 37.86 -6.43
N PHE H 226 2.38 36.74 -7.16
CA PHE H 226 1.40 36.23 -8.18
C PHE H 226 -0.02 35.84 -7.60
N ILE H 227 -0.03 35.01 -6.58
CA ILE H 227 -1.25 34.64 -5.86
C ILE H 227 -2.04 35.83 -5.36
N GLN H 228 -1.39 36.81 -4.72
CA GLN H 228 -2.10 38.01 -4.24
C GLN H 228 -2.72 38.80 -5.42
N ALA H 229 -1.94 39.01 -6.49
CA ALA H 229 -2.47 39.60 -7.73
C ALA H 229 -3.67 38.78 -8.31
N ALA H 230 -3.49 37.47 -8.34
CA ALA H 230 -4.49 36.50 -8.78
C ALA H 230 -5.78 36.72 -8.06
N ASN H 231 -5.67 37.06 -6.77
CA ASN H 231 -6.86 37.21 -5.92
C ASN H 231 -7.45 38.59 -6.01
N SER H 232 -6.77 39.48 -6.74
CA SER H 232 -7.18 40.88 -6.85
CA SER H 232 -7.25 40.86 -6.86
C SER H 232 -7.43 41.30 -8.31
N PHE H 233 -6.85 42.42 -8.70
CA PHE H 233 -6.95 42.92 -10.08
C PHE H 233 -6.60 41.96 -11.24
N LEU H 234 -5.66 41.01 -11.04
CA LEU H 234 -5.22 40.09 -12.12
C LEU H 234 -5.99 38.78 -12.26
N ALA H 235 -7.14 38.65 -11.60
CA ALA H 235 -7.87 37.40 -11.70
C ALA H 235 -8.22 37.16 -13.16
N ASP H 236 -8.44 38.21 -13.94
CA ASP H 236 -8.80 38.00 -15.35
C ASP H 236 -7.60 37.86 -16.28
N ARG H 237 -6.37 37.88 -15.77
CA ARG H 237 -5.18 37.96 -16.67
C ARG H 237 -4.03 37.02 -16.39
N MET H 238 -4.29 36.08 -15.53
CA MET H 238 -3.36 35.03 -15.22
C MET H 238 -3.84 33.75 -15.92
N LEU H 239 -2.88 33.01 -16.47
CA LEU H 239 -3.20 31.84 -17.33
C LEU H 239 -2.49 30.63 -16.77
N PHE H 240 -3.25 29.59 -16.42
CA PHE H 240 -2.68 28.36 -15.91
C PHE H 240 -1.84 27.69 -16.93
N GLY H 241 -0.74 27.09 -16.49
CA GLY H 241 0.12 26.34 -17.41
C GLY H 241 1.14 25.51 -16.69
N THR H 242 1.56 24.41 -17.29
CA THR H 242 2.50 23.53 -16.64
C THR H 242 3.92 23.60 -17.28
N ALA H 243 4.02 23.94 -18.55
CA ALA H 243 5.29 23.80 -19.32
C ALA H 243 5.68 22.31 -19.54
N TYR H 244 4.69 21.43 -19.32
CA TYR H 244 4.84 20.07 -19.76
C TYR H 244 5.57 20.05 -21.10
N PRO H 245 6.66 19.24 -21.25
CA PRO H 245 7.17 18.22 -20.34
C PRO H 245 8.07 18.61 -19.20
N MET H 246 8.34 19.92 -19.03
CA MET H 246 9.20 20.38 -17.92
C MET H 246 8.62 20.04 -16.55
N CYS H 247 7.29 20.08 -16.41
CA CYS H 247 6.62 19.74 -15.11
C CYS H 247 5.57 18.75 -15.39
N PRO H 248 5.46 17.71 -14.55
CA PRO H 248 4.47 16.66 -14.86
C PRO H 248 3.10 17.21 -14.68
N LEU H 249 2.17 16.70 -15.44
CA LEU H 249 0.84 17.25 -15.44
C LEU H 249 0.06 16.96 -14.16
N LYS H 250 0.09 15.70 -13.70
CA LYS H 250 -0.67 15.33 -12.50
C LYS H 250 -0.19 16.13 -11.27
N GLU H 251 1.10 16.05 -10.93
CA GLU H 251 1.61 16.66 -9.69
C GLU H 251 1.55 18.20 -9.69
N TYR H 252 1.73 18.83 -10.83
CA TYR H 252 1.70 20.31 -10.81
C TYR H 252 0.28 20.80 -10.66
N THR H 253 -0.63 20.17 -11.37
CA THR H 253 -2.03 20.53 -11.32
C THR H 253 -2.67 20.27 -9.94
N GLU H 254 -2.32 19.14 -9.34
CA GLU H 254 -2.86 18.81 -8.05
C GLU H 254 -2.40 19.87 -7.03
N TRP H 255 -1.11 20.18 -7.03
CA TRP H 255 -0.55 21.29 -6.25
C TRP H 255 -1.21 22.63 -6.56
N PHE H 256 -1.38 22.98 -7.82
CA PHE H 256 -1.98 24.30 -8.17
C PHE H 256 -3.40 24.46 -7.56
N LEU H 257 -4.16 23.36 -7.59
CA LEU H 257 -5.56 23.39 -7.19
C LEU H 257 -5.69 23.48 -5.71
N THR H 258 -4.57 23.31 -5.01
CA THR H 258 -4.54 23.52 -3.55
C THR H 258 -4.16 24.97 -3.17
N LEU H 259 -3.84 25.83 -4.12
CA LEU H 259 -3.41 27.19 -3.79
C LEU H 259 -4.58 28.07 -3.32
N PRO H 260 -4.30 29.03 -2.40
CA PRO H 260 -5.37 29.85 -1.84
C PRO H 260 -5.85 30.96 -2.79
N ILE H 261 -6.50 30.56 -3.89
CA ILE H 261 -6.98 31.53 -4.85
C ILE H 261 -8.47 31.46 -4.77
N LYS H 262 -9.15 32.59 -4.64
CA LYS H 262 -10.61 32.53 -4.54
C LYS H 262 -11.29 31.76 -5.69
N PRO H 263 -12.48 31.12 -5.45
CA PRO H 263 -13.15 30.33 -6.53
C PRO H 263 -13.39 31.04 -7.87
N ASP H 264 -13.96 32.27 -7.87
CA ASP H 264 -14.16 32.97 -9.16
C ASP H 264 -12.87 33.18 -9.95
N ALA H 265 -11.80 33.57 -9.25
CA ALA H 265 -10.48 33.71 -9.90
C ALA H 265 -9.89 32.35 -10.34
N MET H 266 -10.17 31.30 -9.59
CA MET H 266 -9.63 29.97 -9.96
C MET H 266 -10.22 29.49 -11.30
N GLU H 267 -11.51 29.72 -11.54
CA GLU H 267 -12.16 29.33 -12.82
C GLU H 267 -11.58 30.03 -14.03
N LYS H 268 -11.40 31.33 -13.88
CA LYS H 268 -10.81 32.13 -14.95
C LYS H 268 -9.35 31.77 -15.23
N ILE H 269 -8.57 31.61 -14.19
CA ILE H 269 -7.16 31.29 -14.40
C ILE H 269 -7.03 29.88 -14.99
N LEU H 270 -7.89 28.95 -14.59
CA LEU H 270 -7.93 27.59 -15.15
C LEU H 270 -8.36 27.42 -16.64
N HIS H 271 -9.41 28.11 -17.02
CA HIS H 271 -9.89 28.14 -18.39
C HIS H 271 -10.56 29.40 -18.90
N GLY H 272 -11.18 30.17 -18.04
CA GLY H 272 -11.91 31.29 -18.50
C GLY H 272 -11.10 32.33 -19.22
N ASN H 273 -9.93 32.62 -18.70
CA ASN H 273 -9.04 33.55 -19.31
C ASN H 273 -8.53 32.98 -20.62
N ALA H 274 -8.11 31.74 -20.59
CA ALA H 274 -7.69 31.08 -21.85
C ALA H 274 -8.80 31.12 -22.97
N GLU H 275 -10.04 30.86 -22.61
CA GLU H 275 -11.17 30.84 -23.54
C GLU H 275 -11.45 32.21 -24.13
N ARG H 276 -11.32 33.26 -23.31
CA ARG H 276 -11.40 34.61 -23.86
C ARG H 276 -10.32 34.89 -24.91
N LEU H 277 -9.13 34.37 -24.70
CA LEU H 277 -8.05 34.60 -25.67
C LEU H 277 -8.21 33.83 -27.00
N LEU H 278 -8.70 32.60 -26.89
CA LEU H 278 -9.07 31.76 -28.03
C LEU H 278 -10.18 32.37 -28.81
N ALA H 279 -11.20 32.90 -28.12
CA ALA H 279 -12.34 33.53 -28.79
C ALA H 279 -11.84 34.79 -29.55
N GLN H 280 -10.99 35.59 -28.93
CA GLN H 280 -10.39 36.74 -29.62
C GLN H 280 -9.61 36.27 -30.84
N ALA H 281 -8.80 35.21 -30.67
CA ALA H 281 -8.10 34.64 -31.83
C ALA H 281 -9.04 34.16 -32.99
N GLY H 282 -10.19 33.54 -32.67
CA GLY H 282 -11.25 33.15 -33.63
C GLY H 282 -11.89 34.39 -34.26
N ARG H 283 -11.48 35.56 -33.76
CA ARG H 283 -11.52 36.90 -34.42
C ARG H 283 -12.91 37.49 -34.27
N LEU I 3 -4.70 59.99 18.34
CA LEU I 3 -3.48 60.01 17.50
C LEU I 3 -3.46 61.28 16.62
N LYS I 4 -2.29 61.91 16.48
CA LYS I 4 -2.20 63.10 15.59
C LYS I 4 -1.66 62.58 14.25
N ILE I 5 -2.24 63.04 13.13
CA ILE I 5 -1.84 62.48 11.86
C ILE I 5 -1.64 63.58 10.83
N ILE I 6 -0.47 63.55 10.20
CA ILE I 6 -0.14 64.38 9.02
C ILE I 6 -0.10 63.49 7.74
N ASP I 7 -0.99 63.81 6.79
CA ASP I 7 -1.03 63.08 5.51
C ASP I 7 -0.04 63.77 4.53
N PHE I 8 0.97 63.03 4.07
CA PHE I 8 2.01 63.60 3.20
C PHE I 8 1.71 63.67 1.70
N ARG I 9 0.52 63.31 1.27
CA ARG I 9 0.15 63.50 -0.12
C ARG I 9 -1.33 63.63 -0.22
N LEU I 10 -1.82 64.84 -0.31
CA LEU I 10 -3.25 65.06 -0.24
C LEU I 10 -3.47 66.19 -1.20
N ARG I 11 -4.28 65.98 -2.23
CA ARG I 11 -4.56 67.01 -3.23
C ARG I 11 -6.00 67.39 -3.15
N PRO I 12 -6.30 68.55 -2.58
CA PRO I 12 -7.66 68.90 -2.22
C PRO I 12 -8.47 69.35 -3.42
N PRO I 13 -9.79 69.16 -3.32
CA PRO I 13 -10.64 69.62 -4.43
C PRO I 13 -10.89 71.15 -4.43
N ALA I 14 -9.86 71.94 -4.82
CA ALA I 14 -9.88 73.39 -4.63
C ALA I 14 -9.06 74.08 -5.70
N MET I 15 -9.49 75.25 -6.13
CA MET I 15 -8.68 76.12 -7.00
C MET I 15 -8.21 75.36 -8.23
N GLY I 16 -6.94 75.54 -8.58
CA GLY I 16 -6.31 75.00 -9.76
C GLY I 16 -6.10 73.50 -9.68
N PHE I 17 -6.13 72.95 -8.45
CA PHE I 17 -6.12 71.48 -8.25
C PHE I 17 -7.25 70.81 -9.06
N LEU I 18 -8.43 71.46 -9.14
CA LEU I 18 -9.53 70.98 -9.97
C LEU I 18 -9.22 70.93 -11.46
N ASN I 19 -8.15 71.56 -11.94
CA ASN I 19 -7.67 71.36 -13.34
C ASN I 19 -6.68 70.19 -13.57
N ALA I 20 -6.34 69.47 -12.51
CA ALA I 20 -5.47 68.30 -12.65
C ALA I 20 -6.31 67.11 -13.15
N ARG I 21 -5.65 66.13 -13.76
CA ARG I 21 -6.39 65.01 -14.34
C ARG I 21 -7.09 64.16 -13.25
N ILE I 22 -6.47 64.07 -12.07
CA ILE I 22 -7.06 63.39 -10.92
C ILE I 22 -8.46 63.94 -10.73
N TYR I 23 -8.71 65.20 -11.06
CA TYR I 23 -10.08 65.78 -10.89
C TYR I 23 -10.88 65.91 -12.17
N THR I 24 -10.21 66.15 -13.31
CA THR I 24 -10.96 66.37 -14.55
C THR I 24 -11.40 65.04 -15.22
N ARG I 25 -10.66 63.95 -14.94
CA ARG I 25 -11.05 62.62 -15.40
C ARG I 25 -11.45 61.65 -14.29
N PRO I 26 -12.60 61.86 -13.63
CA PRO I 26 -13.01 61.00 -12.54
C PRO I 26 -13.30 59.53 -12.96
N ASP I 27 -13.65 59.32 -14.22
CA ASP I 27 -13.83 57.97 -14.79
C ASP I 27 -12.55 57.15 -14.63
N ILE I 28 -11.42 57.76 -15.02
CA ILE I 28 -10.11 57.12 -14.98
C ILE I 28 -9.63 56.97 -13.55
N ARG I 29 -9.83 58.03 -12.74
CA ARG I 29 -9.47 58.02 -11.34
C ARG I 29 -10.17 56.87 -10.61
N ASN I 30 -11.51 56.76 -10.77
CA ASN I 30 -12.28 55.77 -10.03
C ASN I 30 -11.94 54.33 -10.45
N ARG I 31 -11.52 54.11 -11.69
CA ARG I 31 -11.09 52.74 -12.10
C ARG I 31 -9.81 52.39 -11.35
N PHE I 32 -8.92 53.35 -11.22
CA PHE I 32 -7.70 53.21 -10.47
C PHE I 32 -7.92 52.86 -8.99
N THR I 33 -8.73 53.67 -8.31
CA THR I 33 -9.14 53.51 -6.90
C THR I 33 -9.77 52.16 -6.71
N ARG I 34 -10.78 51.84 -7.52
CA ARG I 34 -11.46 50.52 -7.45
C ARG I 34 -10.49 49.35 -7.74
N GLN I 35 -9.56 49.55 -8.67
CA GLN I 35 -8.63 48.50 -9.01
C GLN I 35 -7.64 48.29 -7.86
N LEU I 36 -7.37 49.34 -7.09
CA LEU I 36 -6.62 49.22 -5.85
C LEU I 36 -7.33 48.49 -4.74
N GLY I 37 -8.65 48.56 -4.67
CA GLY I 37 -9.41 47.86 -3.63
C GLY I 37 -10.25 48.81 -2.81
N PHE I 38 -10.17 50.10 -3.11
CA PHE I 38 -11.07 51.09 -2.50
C PHE I 38 -12.28 51.53 -3.32
N GLU I 39 -13.15 52.23 -2.61
CA GLU I 39 -14.23 52.98 -3.16
C GLU I 39 -13.88 54.47 -3.22
N PRO I 40 -14.29 55.14 -4.31
CA PRO I 40 -14.11 56.56 -4.45
C PRO I 40 -14.55 57.33 -3.20
N ALA I 41 -13.75 58.29 -2.77
CA ALA I 41 -14.14 59.18 -1.67
C ALA I 41 -15.34 60.11 -2.05
N PRO I 42 -16.38 60.14 -1.20
CA PRO I 42 -17.52 61.05 -1.58
C PRO I 42 -17.14 62.49 -1.94
N SER I 43 -16.19 63.09 -1.22
CA SER I 43 -15.71 64.47 -1.50
C SER I 43 -14.92 64.67 -2.79
N ALA I 44 -14.24 63.61 -3.22
CA ALA I 44 -13.54 63.55 -4.46
C ALA I 44 -14.60 63.60 -5.57
N GLU I 45 -15.62 62.76 -5.44
CA GLU I 45 -16.68 62.64 -6.45
C GLU I 45 -17.45 63.96 -6.60
N GLU I 46 -17.71 64.61 -5.48
CA GLU I 46 -18.49 65.83 -5.49
C GLU I 46 -17.60 67.02 -5.68
N LYS I 47 -16.30 66.78 -5.70
CA LYS I 47 -15.29 67.83 -5.83
C LYS I 47 -15.54 68.91 -4.76
N SER I 48 -15.82 68.46 -3.53
CA SER I 48 -16.30 69.27 -2.43
C SER I 48 -15.22 69.39 -1.33
N LEU I 49 -14.58 70.56 -1.28
CA LEU I 49 -13.50 70.82 -0.30
C LEU I 49 -14.04 70.85 1.13
N GLU I 50 -15.32 71.18 1.23
CA GLU I 50 -16.02 71.20 2.53
C GLU I 50 -16.17 69.79 3.08
N LEU I 51 -16.71 68.88 2.27
CA LEU I 51 -16.80 67.44 2.59
C LEU I 51 -15.43 66.77 2.88
N MET I 52 -14.39 67.26 2.21
CA MET I 52 -13.06 66.70 2.43
C MET I 52 -12.65 66.92 3.88
N PHE I 53 -12.85 68.15 4.37
CA PHE I 53 -12.60 68.51 5.77
C PHE I 53 -13.32 67.68 6.81
N GLU I 54 -14.57 67.34 6.53
CA GLU I 54 -15.36 66.40 7.32
C GLU I 54 -14.73 65.01 7.30
N GLU I 55 -14.35 64.55 6.09
CA GLU I 55 -13.70 63.22 5.88
C GLU I 55 -12.35 63.16 6.62
N MET I 56 -11.53 64.22 6.44
CA MET I 56 -10.31 64.52 7.21
C MET I 56 -10.48 64.40 8.75
N ALA I 57 -11.34 65.23 9.35
CA ALA I 57 -11.59 65.14 10.81
C ALA I 57 -12.06 63.72 11.20
N ALA I 58 -13.10 63.21 10.50
CA ALA I 58 -13.61 61.84 10.70
C ALA I 58 -12.50 60.78 10.69
N ALA I 59 -11.48 61.01 9.86
CA ALA I 59 -10.32 60.12 9.75
C ALA I 59 -9.26 60.28 10.83
N GLY I 60 -9.21 61.44 11.50
CA GLY I 60 -8.13 61.66 12.47
C GLY I 60 -6.92 62.39 11.91
N ILE I 61 -7.07 62.90 10.69
CA ILE I 61 -5.98 63.58 9.96
C ILE I 61 -6.03 65.08 10.28
N GLU I 62 -4.98 65.59 10.93
CA GLU I 62 -4.98 67.00 11.39
C GLU I 62 -4.53 67.94 10.27
N GLN I 63 -3.54 67.51 9.52
CA GLN I 63 -2.91 68.35 8.51
C GLN I 63 -2.59 67.51 7.28
N GLY I 64 -2.55 68.17 6.14
CA GLY I 64 -2.13 67.50 4.91
C GLY I 64 -1.06 68.33 4.23
N VAL I 65 -0.15 67.64 3.55
CA VAL I 65 0.78 68.25 2.67
C VAL I 65 0.21 68.21 1.24
N CYS I 66 -0.10 69.38 0.70
CA CYS I 66 -0.74 69.53 -0.61
C CYS I 66 0.32 69.65 -1.68
N VAL I 67 0.38 68.62 -2.51
CA VAL I 67 1.43 68.47 -3.50
C VAL I 67 0.96 68.99 -4.84
N GLY I 68 1.51 70.14 -5.21
CA GLY I 68 1.25 70.70 -6.50
C GLY I 68 1.81 69.85 -7.62
N ARG I 69 1.28 70.06 -8.80
CA ARG I 69 1.66 69.31 -9.98
C ARG I 69 1.86 70.23 -11.15
N ASN I 70 2.97 70.05 -11.85
CA ASN I 70 3.10 70.66 -13.15
C ASN I 70 3.37 69.54 -14.13
N SER I 71 2.43 69.37 -15.05
CA SER I 71 2.48 68.30 -16.01
C SER I 71 1.66 68.72 -17.21
N SER I 72 2.23 68.54 -18.40
CA SER I 72 1.51 68.89 -19.63
C SER I 72 0.69 67.69 -20.12
N VAL I 73 0.98 66.51 -19.59
CA VAL I 73 0.12 65.32 -19.85
C VAL I 73 -0.99 65.11 -18.77
N LEU I 74 -0.70 65.43 -17.51
CA LEU I 74 -1.59 65.12 -16.39
C LEU I 74 -2.37 66.33 -15.83
N GLY I 75 -2.46 67.41 -16.62
CA GLY I 75 -2.98 68.73 -16.18
C GLY I 75 -2.08 69.44 -15.15
N SER I 76 -2.31 70.73 -14.93
CA SER I 76 -1.37 71.50 -14.11
C SER I 76 -2.03 72.29 -13.00
N VAL I 77 -1.33 72.44 -11.88
CA VAL I 77 -1.81 73.32 -10.82
C VAL I 77 -0.66 74.22 -10.38
N SER I 78 -0.81 75.50 -10.69
CA SER I 78 0.16 76.52 -10.41
C SER I 78 0.58 76.59 -8.93
N ASN I 79 1.82 77.00 -8.74
CA ASN I 79 2.34 77.28 -7.42
C ASN I 79 1.59 78.41 -6.76
N ALA I 80 1.05 79.35 -7.54
CA ALA I 80 0.25 80.41 -6.96
C ALA I 80 -0.99 79.79 -6.33
N ASP I 81 -1.52 78.73 -6.94
CA ASP I 81 -2.78 78.15 -6.48
C ASP I 81 -2.60 77.29 -5.29
N VAL I 82 -1.45 76.61 -5.18
CA VAL I 82 -1.13 75.81 -4.00
C VAL I 82 -0.91 76.70 -2.78
N ALA I 83 -0.26 77.82 -3.02
CA ALA I 83 -0.01 78.87 -2.02
C ALA I 83 -1.31 79.39 -1.46
N ALA I 84 -2.29 79.60 -2.35
CA ALA I 84 -3.56 80.27 -2.00
C ALA I 84 -4.42 79.34 -1.16
N VAL I 85 -4.36 78.04 -1.47
CA VAL I 85 -5.07 77.03 -0.70
C VAL I 85 -4.53 76.93 0.71
N ALA I 86 -3.23 76.78 0.84
CA ALA I 86 -2.54 76.69 2.15
C ALA I 86 -2.74 77.97 2.96
N LYS I 87 -2.69 79.13 2.32
CA LYS I 87 -2.85 80.37 3.11
C LYS I 87 -4.31 80.67 3.54
N ALA I 88 -5.27 80.08 2.85
CA ALA I 88 -6.69 80.02 3.26
C ALA I 88 -7.02 79.09 4.45
N TYR I 89 -6.17 78.10 4.69
CA TYR I 89 -6.37 77.12 5.76
C TYR I 89 -5.01 76.77 6.32
N PRO I 90 -4.34 77.76 6.94
CA PRO I 90 -2.95 77.64 7.34
C PRO I 90 -2.81 76.57 8.43
N ASP I 91 -3.88 76.29 9.15
CA ASP I 91 -3.91 75.23 10.15
C ASP I 91 -3.95 73.77 9.59
N LYS I 92 -4.44 73.62 8.35
CA LYS I 92 -4.71 72.32 7.75
C LYS I 92 -3.64 71.91 6.74
N PHE I 93 -3.20 72.83 5.90
CA PHE I 93 -2.40 72.50 4.72
C PHE I 93 -1.00 73.08 4.72
N HIS I 94 -0.03 72.26 4.29
CA HIS I 94 1.36 72.69 4.05
C HIS I 94 1.63 72.69 2.56
N PRO I 95 2.05 73.82 2.03
CA PRO I 95 2.13 73.80 0.56
C PRO I 95 3.43 73.19 0.03
N VAL I 96 3.36 72.53 -1.14
CA VAL I 96 4.55 72.07 -1.85
C VAL I 96 4.50 72.67 -3.25
N GLY I 97 5.58 73.33 -3.68
CA GLY I 97 5.62 73.93 -5.02
C GLY I 97 6.28 72.95 -6.01
N SER I 98 5.77 72.84 -7.22
CA SER I 98 6.45 72.00 -8.17
C SER I 98 7.24 72.83 -9.26
N ILE I 99 8.25 72.20 -9.86
CA ILE I 99 8.99 72.77 -11.02
C ILE I 99 8.70 71.92 -12.26
N GLU I 100 8.39 72.59 -13.36
CA GLU I 100 8.47 72.00 -14.68
C GLU I 100 9.14 73.04 -15.56
N ALA I 101 10.31 72.73 -16.08
CA ALA I 101 11.07 73.73 -16.78
C ALA I 101 11.80 73.19 -17.98
N ALA I 102 11.70 73.87 -19.13
CA ALA I 102 12.63 73.58 -20.26
C ALA I 102 14.07 74.00 -19.86
N THR I 103 14.28 75.28 -19.59
CA THR I 103 15.63 75.82 -19.34
C THR I 103 15.93 76.04 -17.84
N ARG I 104 17.21 75.95 -17.47
CA ARG I 104 17.65 76.27 -16.14
C ARG I 104 17.18 77.66 -15.70
N LYS I 105 17.28 78.69 -16.57
CA LYS I 105 16.73 80.02 -16.25
C LYS I 105 15.26 79.98 -15.81
N GLU I 106 14.47 79.10 -16.43
CA GLU I 106 13.05 79.07 -16.08
C GLU I 106 12.80 78.27 -14.82
N ALA I 107 13.55 77.20 -14.58
CA ALA I 107 13.53 76.51 -13.25
C ALA I 107 13.89 77.43 -12.08
N MET I 108 14.91 78.27 -12.21
CA MET I 108 15.34 79.10 -11.07
C MET I 108 14.39 80.26 -10.83
N ALA I 109 13.70 80.66 -11.89
CA ALA I 109 12.67 81.64 -11.77
C ALA I 109 11.40 81.03 -11.14
N GLN I 110 11.16 79.74 -11.36
CA GLN I 110 10.08 79.05 -10.72
C GLN I 110 10.44 78.82 -9.22
N MET I 111 11.72 78.50 -8.93
CA MET I 111 12.15 78.28 -7.54
C MET I 111 12.00 79.60 -6.74
N GLN I 112 12.40 80.69 -7.36
CA GLN I 112 12.31 81.99 -6.77
C GLN I 112 10.85 82.40 -6.55
N GLU I 113 9.94 82.11 -7.50
CA GLU I 113 8.47 82.29 -7.28
C GLU I 113 8.01 81.45 -6.12
N ILE I 114 8.38 80.15 -6.10
CA ILE I 114 8.04 79.27 -4.92
C ILE I 114 8.50 79.85 -3.54
N LEU I 115 9.71 80.39 -3.52
CA LEU I 115 10.25 80.91 -2.25
C LEU I 115 9.57 82.22 -1.83
N ASP I 116 9.49 83.16 -2.79
CA ASP I 116 8.69 84.43 -2.64
C ASP I 116 7.28 84.24 -2.07
N LEU I 117 6.63 83.17 -2.50
CA LEU I 117 5.30 82.80 -2.10
C LEU I 117 5.25 82.19 -0.70
N GLY I 118 6.41 81.96 -0.07
CA GLY I 118 6.44 81.39 1.27
C GLY I 118 6.40 79.87 1.36
N ILE I 119 6.43 79.21 0.20
CA ILE I 119 6.55 77.76 0.08
C ILE I 119 8.02 77.30 0.32
N ARG I 120 8.14 76.23 1.07
CA ARG I 120 9.43 75.79 1.59
C ARG I 120 9.82 74.37 1.22
N ILE I 121 9.01 73.72 0.42
CA ILE I 121 9.30 72.33 0.07
C ILE I 121 9.04 72.33 -1.42
N VAL I 122 9.92 71.64 -2.15
CA VAL I 122 9.75 71.48 -3.59
C VAL I 122 9.43 70.03 -4.08
N ASN I 123 8.58 69.92 -5.11
CA ASN I 123 8.17 68.66 -5.68
C ASN I 123 8.66 68.52 -7.12
N LEU I 124 9.23 67.38 -7.49
CA LEU I 124 9.68 67.17 -8.86
C LEU I 124 9.15 65.87 -9.39
N GLU I 125 8.59 65.91 -10.60
CA GLU I 125 7.96 64.73 -11.23
C GLU I 125 8.37 64.81 -12.67
N PRO I 126 9.69 64.68 -12.96
CA PRO I 126 10.16 65.00 -14.29
C PRO I 126 9.81 63.93 -15.32
N GLY I 127 9.26 62.80 -14.88
CA GLY I 127 8.92 61.75 -15.82
C GLY I 127 7.57 62.08 -16.51
N VAL I 128 6.80 63.01 -15.92
CA VAL I 128 5.53 63.47 -16.46
C VAL I 128 5.58 64.83 -17.10
N TRP I 129 6.78 65.34 -17.35
CA TRP I 129 6.92 66.60 -18.11
C TRP I 129 6.66 66.49 -19.62
N ALA I 130 6.25 67.60 -20.23
CA ALA I 130 6.04 67.56 -21.70
C ALA I 130 7.15 66.78 -22.42
N THR I 131 8.40 67.02 -22.02
CA THR I 131 9.54 66.17 -22.37
C THR I 131 10.06 65.49 -21.08
N PRO I 132 9.76 64.21 -20.95
CA PRO I 132 10.03 63.52 -19.71
C PRO I 132 11.53 63.32 -19.54
N MET I 133 12.03 63.47 -18.34
CA MET I 133 13.45 63.12 -18.14
C MET I 133 13.51 62.33 -16.83
N HIS I 134 14.62 61.67 -16.57
CA HIS I 134 14.84 60.96 -15.34
C HIS I 134 15.29 61.90 -14.21
N VAL I 135 14.99 61.54 -12.98
CA VAL I 135 15.39 62.29 -11.78
C VAL I 135 16.89 62.55 -11.64
N ASP I 136 17.71 61.73 -12.29
CA ASP I 136 19.14 61.93 -12.25
C ASP I 136 19.63 62.56 -13.55
N ASP I 137 18.72 63.22 -14.32
CA ASP I 137 19.18 63.93 -15.52
C ASP I 137 20.15 65.00 -15.10
N ARG I 138 21.22 65.17 -15.89
CA ARG I 138 22.24 66.14 -15.57
C ARG I 138 21.62 67.49 -15.38
N ARG I 139 20.59 67.78 -16.16
CA ARG I 139 19.92 69.06 -16.12
C ARG I 139 19.26 69.42 -14.79
N LEU I 140 18.80 68.45 -13.99
CA LEU I 140 18.23 68.75 -12.68
C LEU I 140 19.35 68.92 -11.63
N TYR I 141 20.60 68.50 -11.90
CA TYR I 141 21.63 68.62 -10.85
C TYR I 141 21.85 70.07 -10.28
N PRO I 142 21.84 71.13 -11.14
CA PRO I 142 21.89 72.50 -10.52
C PRO I 142 20.72 72.73 -9.55
N LEU I 143 19.55 72.23 -9.85
CA LEU I 143 18.42 72.36 -8.91
C LEU I 143 18.72 71.63 -7.59
N TYR I 144 19.20 70.40 -7.65
CA TYR I 144 19.47 69.72 -6.42
C TYR I 144 20.55 70.42 -5.60
N ALA I 145 21.51 71.07 -6.24
CA ALA I 145 22.60 71.66 -5.56
C ALA I 145 22.12 72.87 -4.81
N PHE I 146 21.22 73.65 -5.41
CA PHE I 146 20.62 74.81 -4.81
C PHE I 146 19.76 74.36 -3.56
N CYS I 147 19.05 73.24 -3.67
CA CYS I 147 18.24 72.67 -2.58
C CYS I 147 19.10 72.15 -1.48
N GLU I 148 20.17 71.45 -1.82
CA GLU I 148 21.07 70.93 -0.79
C GLU I 148 21.72 72.05 0.03
N ASP I 149 22.29 73.04 -0.65
CA ASP I 149 22.94 74.20 -0.02
C ASP I 149 22.01 75.00 0.86
N ASN I 150 20.73 75.02 0.55
CA ASN I 150 19.81 75.86 1.30
C ASN I 150 18.95 75.07 2.23
N GLY I 151 19.18 73.78 2.29
CA GLY I 151 18.47 72.97 3.24
C GLY I 151 16.99 72.75 2.94
N ILE I 152 16.60 72.89 1.65
CA ILE I 152 15.23 72.64 1.12
C ILE I 152 14.96 71.12 0.92
N PRO I 153 13.90 70.58 1.58
CA PRO I 153 13.50 69.18 1.28
C PRO I 153 12.83 69.10 -0.08
N VAL I 154 13.07 67.99 -0.77
CA VAL I 154 12.67 67.76 -2.18
C VAL I 154 11.90 66.47 -2.27
N ILE I 155 10.64 66.53 -2.73
CA ILE I 155 9.88 65.34 -3.01
C ILE I 155 10.05 65.02 -4.46
N MET I 156 10.32 63.73 -4.77
CA MET I 156 10.36 63.27 -6.14
C MET I 156 9.49 62.04 -6.29
N MET I 157 8.74 62.01 -7.39
CA MET I 157 7.89 60.89 -7.68
C MET I 157 8.79 59.90 -8.42
N THR I 158 9.16 58.83 -7.74
CA THR I 158 10.03 57.88 -8.36
C THR I 158 9.38 56.51 -8.25
N GLY I 159 8.15 56.41 -7.72
CA GLY I 159 7.38 55.20 -7.77
C GLY I 159 6.07 55.31 -8.59
N GLY I 160 5.33 54.20 -8.72
CA GLY I 160 4.07 54.17 -9.54
C GLY I 160 4.27 54.50 -11.03
N ASN I 161 3.29 55.26 -11.56
CA ASN I 161 3.37 55.78 -12.93
C ASN I 161 4.22 57.07 -13.01
N ALA I 162 5.49 56.95 -12.73
CA ALA I 162 6.32 58.14 -12.54
C ALA I 162 6.74 58.70 -13.89
N GLY I 163 6.63 57.88 -14.94
CA GLY I 163 6.99 58.29 -16.29
C GLY I 163 6.35 57.43 -17.33
N PRO I 164 6.77 57.56 -18.63
CA PRO I 164 6.17 56.81 -19.74
C PRO I 164 6.34 55.29 -19.67
N ASP I 165 7.32 54.81 -18.92
CA ASP I 165 7.55 53.37 -18.81
C ASP I 165 8.32 53.13 -17.53
N ILE I 166 8.62 51.88 -17.28
CA ILE I 166 9.05 51.44 -15.98
C ILE I 166 10.55 51.80 -15.76
N THR I 167 11.30 52.17 -16.80
CA THR I 167 12.64 52.75 -16.53
C THR I 167 12.59 53.93 -15.60
N TYR I 168 11.52 54.71 -15.67
CA TYR I 168 11.39 55.88 -14.82
C TYR I 168 11.25 55.63 -13.29
N THR I 169 11.04 54.39 -12.86
CA THR I 169 11.11 54.04 -11.46
C THR I 169 12.29 53.17 -11.14
N ASN I 170 13.15 52.87 -12.12
CA ASN I 170 14.34 52.07 -11.79
C ASN I 170 15.11 52.78 -10.63
N PRO I 171 15.37 52.06 -9.52
CA PRO I 171 15.97 52.69 -8.35
C PRO I 171 17.37 53.24 -8.61
N GLU I 172 18.04 52.86 -9.70
CA GLU I 172 19.33 53.55 -10.04
C GLU I 172 19.19 55.10 -10.10
N HIS I 173 18.04 55.63 -10.55
CA HIS I 173 17.94 57.06 -10.77
C HIS I 173 18.00 57.85 -9.46
N ILE I 174 17.20 57.43 -8.47
CA ILE I 174 17.12 58.14 -7.19
C ILE I 174 18.39 57.84 -6.36
N ASP I 175 19.00 56.65 -6.52
CA ASP I 175 20.19 56.31 -5.76
C ASP I 175 21.37 57.21 -6.24
N ARG I 176 21.40 57.56 -7.53
CA ARG I 176 22.53 58.42 -8.01
C ARG I 176 22.35 59.84 -7.44
N VAL I 177 21.13 60.35 -7.44
CA VAL I 177 20.85 61.67 -6.80
C VAL I 177 21.33 61.73 -5.35
N LEU I 178 20.99 60.68 -4.59
CA LEU I 178 21.38 60.59 -3.17
C LEU I 178 22.92 60.44 -3.03
N GLY I 179 23.56 59.62 -3.84
CA GLY I 179 25.01 59.55 -3.79
C GLY I 179 25.61 60.92 -4.04
N ASP I 180 25.03 61.67 -5.00
CA ASP I 180 25.69 62.93 -5.41
C ASP I 180 25.29 64.16 -4.57
N PHE I 181 24.17 64.05 -3.84
CA PHE I 181 23.73 65.11 -2.91
C PHE I 181 23.50 64.48 -1.54
N PRO I 182 24.60 64.15 -0.84
CA PRO I 182 24.52 63.32 0.35
C PRO I 182 23.89 64.01 1.57
N ASP I 183 23.76 65.33 1.47
CA ASP I 183 23.11 66.17 2.51
C ASP I 183 21.75 66.76 2.10
N LEU I 184 21.20 66.30 0.96
CA LEU I 184 19.84 66.71 0.52
C LEU I 184 18.76 65.79 1.10
N THR I 185 17.75 66.35 1.76
CA THR I 185 16.68 65.49 2.29
C THR I 185 15.73 65.20 1.14
N VAL I 186 15.42 63.94 0.94
CA VAL I 186 14.62 63.61 -0.25
C VAL I 186 13.51 62.72 0.22
N VAL I 187 12.30 62.95 -0.29
CA VAL I 187 11.19 62.02 -0.05
C VAL I 187 10.81 61.42 -1.38
N SER I 188 10.87 60.09 -1.47
CA SER I 188 10.37 59.39 -2.67
C SER I 188 8.88 59.22 -2.56
N SER I 189 8.05 59.93 -3.37
CA SER I 189 6.64 59.69 -3.27
C SER I 189 6.35 58.41 -4.03
N HIS I 190 5.37 57.64 -3.55
CA HIS I 190 5.00 56.28 -3.98
C HIS I 190 6.11 55.29 -3.62
N GLY I 191 7.06 55.72 -2.80
CA GLY I 191 8.18 54.93 -2.30
C GLY I 191 8.98 54.09 -3.29
N ASN I 192 9.02 54.57 -4.52
CA ASN I 192 9.79 53.95 -5.62
C ASN I 192 9.24 52.52 -5.95
N TRP I 193 7.97 52.32 -5.59
CA TRP I 193 7.25 51.12 -5.94
C TRP I 193 7.18 51.04 -7.47
N PRO I 194 7.45 49.84 -8.05
CA PRO I 194 7.37 48.56 -7.34
C PRO I 194 8.70 47.94 -6.93
N TRP I 195 9.81 48.68 -7.09
CA TRP I 195 11.17 48.17 -6.81
C TRP I 195 11.47 48.12 -5.33
N VAL I 196 10.68 47.34 -4.57
CA VAL I 196 10.68 47.58 -3.15
C VAL I 196 11.89 46.98 -2.45
N GLN I 197 12.24 45.78 -2.84
CA GLN I 197 13.43 45.15 -2.28
C GLN I 197 14.58 46.12 -2.46
N GLU I 198 14.63 46.78 -3.62
CA GLU I 198 15.78 47.64 -3.92
C GLU I 198 15.67 48.97 -3.19
N ILE I 199 14.46 49.56 -3.10
CA ILE I 199 14.39 50.88 -2.39
C ILE I 199 14.79 50.80 -0.90
N ILE I 200 14.52 49.68 -0.27
CA ILE I 200 14.91 49.45 1.10
C ILE I 200 16.41 49.52 1.28
N HIS I 201 17.16 48.89 0.39
CA HIS I 201 18.57 49.08 0.44
C HIS I 201 19.02 50.57 0.24
N VAL I 202 18.48 51.23 -0.77
CA VAL I 202 18.78 52.64 -1.03
C VAL I 202 18.60 53.40 0.29
N ALA I 203 17.48 53.17 1.01
CA ALA I 203 17.20 53.91 2.23
C ALA I 203 18.19 53.48 3.31
N PHE I 204 18.56 52.19 3.35
CA PHE I 204 19.59 51.64 4.25
C PHE I 204 20.89 52.34 3.96
N ARG I 205 21.24 52.49 2.71
CA ARG I 205 22.50 53.18 2.47
C ARG I 205 22.45 54.71 2.55
N ARG I 206 21.34 55.32 2.15
CA ARG I 206 21.32 56.78 1.97
C ARG I 206 20.47 57.36 3.09
N PRO I 207 21.12 57.89 4.16
CA PRO I 207 20.48 58.31 5.38
C PRO I 207 19.51 59.52 5.26
N ASN I 208 19.58 60.29 4.20
CA ASN I 208 18.60 61.40 4.10
CA ASN I 208 18.75 61.44 3.85
C ASN I 208 17.37 61.12 3.23
N LEU I 209 17.17 59.85 2.87
CA LEU I 209 16.01 59.43 2.07
C LEU I 209 14.89 59.01 2.98
N TYR I 210 13.72 59.57 2.68
CA TYR I 210 12.41 59.21 3.30
C TYR I 210 11.50 58.53 2.24
N LEU I 211 10.70 57.57 2.67
CA LEU I 211 9.85 56.83 1.76
C LEU I 211 8.43 57.15 2.08
N SER I 212 7.61 57.41 1.06
CA SER I 212 6.20 57.58 1.30
C SER I 212 5.45 56.70 0.30
N PRO I 213 5.24 55.43 0.60
CA PRO I 213 4.58 54.49 -0.30
C PRO I 213 3.13 54.85 -0.68
N ASP I 214 2.53 55.59 0.18
CA ASP I 214 1.14 56.03 -0.03
C ASP I 214 0.15 54.93 -0.48
N MET I 215 -0.48 55.14 -1.62
CA MET I 215 -1.45 54.23 -2.22
C MET I 215 -0.97 52.76 -2.47
N TYR I 216 0.26 52.59 -2.81
CA TYR I 216 0.93 51.36 -3.25
C TYR I 216 1.43 50.53 -2.10
N LEU I 217 1.11 50.98 -0.88
CA LEU I 217 1.21 50.13 0.33
C LEU I 217 0.06 49.09 0.49
N TYR I 218 -1.04 49.32 -0.19
CA TYR I 218 -2.22 48.48 0.06
C TYR I 218 -2.25 47.23 -0.84
N ASN I 219 -1.95 46.06 -0.29
CA ASN I 219 -2.30 44.76 -0.92
C ASN I 219 -1.48 44.49 -2.17
N LEU I 220 -0.26 45.02 -2.18
CA LEU I 220 0.56 44.97 -3.39
C LEU I 220 1.99 44.43 -3.06
N PRO I 221 2.74 43.96 -4.06
CA PRO I 221 4.12 43.52 -3.78
C PRO I 221 4.97 44.57 -3.00
N GLY I 222 5.81 44.07 -2.11
CA GLY I 222 6.56 44.98 -1.31
C GLY I 222 5.93 45.44 -0.02
N HIS I 223 4.66 45.08 0.25
CA HIS I 223 4.02 45.57 1.48
C HIS I 223 4.79 45.10 2.73
N ALA I 224 5.00 43.79 2.85
CA ALA I 224 5.76 43.17 3.98
C ALA I 224 7.15 43.78 4.10
N ASP I 225 7.79 44.10 2.97
CA ASP I 225 9.13 44.75 2.92
C ASP I 225 9.06 46.12 3.61
N PHE I 226 8.12 47.03 3.18
CA PHE I 226 7.94 48.33 3.86
C PHE I 226 7.64 48.17 5.33
N ILE I 227 6.69 47.29 5.67
CA ILE I 227 6.34 47.05 7.06
C ILE I 227 7.52 46.59 7.91
N GLN I 228 8.20 45.53 7.48
CA GLN I 228 9.42 45.12 8.14
C GLN I 228 10.43 46.30 8.33
N ALA I 229 10.60 47.13 7.31
CA ALA I 229 11.52 48.20 7.47
C ALA I 229 10.96 49.26 8.47
N ALA I 230 9.65 49.53 8.41
CA ALA I 230 9.02 50.46 9.37
C ALA I 230 9.18 50.00 10.86
N ASN I 231 9.28 48.70 11.11
CA ASN I 231 9.53 48.20 12.43
C ASN I 231 10.98 48.18 12.83
N SER I 232 11.84 48.65 11.93
CA SER I 232 13.28 48.56 12.05
C SER I 232 13.83 49.96 11.75
N PHE I 233 14.87 50.04 10.92
CA PHE I 233 15.56 51.29 10.75
C PHE I 233 14.72 52.40 10.06
N LEU I 234 13.68 52.03 9.32
CA LEU I 234 12.89 52.98 8.58
C LEU I 234 11.78 53.64 9.42
N ALA I 235 11.68 53.28 10.69
CA ALA I 235 10.71 53.90 11.60
C ALA I 235 10.84 55.42 11.50
N ASP I 236 12.09 55.90 11.46
CA ASP I 236 12.36 57.33 11.42
C ASP I 236 12.29 57.98 10.03
N ARG I 237 12.08 57.18 8.98
CA ARG I 237 12.05 57.69 7.63
C ARG I 237 10.94 57.25 6.67
N MET I 238 9.80 56.80 7.21
CA MET I 238 8.60 56.48 6.46
C MET I 238 7.61 57.60 6.81
N LEU I 239 6.84 58.01 5.85
CA LEU I 239 5.89 59.10 6.02
C LEU I 239 4.55 58.54 5.64
N PHE I 240 3.56 58.65 6.52
CA PHE I 240 2.20 58.26 6.16
C PHE I 240 1.68 59.22 5.11
N GLY I 241 0.96 58.68 4.12
CA GLY I 241 0.29 59.45 3.10
C GLY I 241 -0.78 58.64 2.36
N THR I 242 -1.87 59.32 1.96
CA THR I 242 -2.98 58.67 1.27
C THR I 242 -2.98 58.79 -0.22
N ALA I 243 -2.23 59.76 -0.79
CA ALA I 243 -2.41 60.12 -2.19
C ALA I 243 -3.93 60.52 -2.55
N TYR I 244 -4.73 60.88 -1.54
CA TYR I 244 -6.08 61.46 -1.82
C TYR I 244 -5.92 62.47 -2.95
N PRO I 245 -6.82 62.45 -3.97
CA PRO I 245 -8.05 61.69 -4.08
C PRO I 245 -7.96 60.26 -4.70
N MET I 246 -6.78 59.67 -4.87
CA MET I 246 -6.69 58.30 -5.41
C MET I 246 -7.17 57.24 -4.43
N CYS I 247 -6.90 57.45 -3.16
CA CYS I 247 -7.49 56.67 -2.10
C CYS I 247 -8.35 57.55 -1.26
N PRO I 248 -9.47 57.00 -0.73
CA PRO I 248 -10.26 57.71 0.26
C PRO I 248 -9.51 57.89 1.61
N LEU I 249 -9.75 59.02 2.28
CA LEU I 249 -9.10 59.39 3.54
C LEU I 249 -9.45 58.47 4.67
N LYS I 250 -10.74 58.39 5.00
CA LYS I 250 -11.21 57.62 6.15
C LYS I 250 -10.86 56.11 6.01
N GLU I 251 -11.15 55.49 4.87
CA GLU I 251 -10.85 54.07 4.69
C GLU I 251 -9.38 53.68 4.66
N TYR I 252 -8.55 54.41 3.89
CA TYR I 252 -7.11 54.19 3.91
C TYR I 252 -6.56 54.34 5.35
N THR I 253 -6.91 55.45 5.99
CA THR I 253 -6.39 55.73 7.35
C THR I 253 -6.77 54.68 8.39
N GLU I 254 -8.06 54.30 8.40
CA GLU I 254 -8.52 53.22 9.28
C GLU I 254 -7.67 51.97 9.07
N TRP I 255 -7.54 51.56 7.81
CA TRP I 255 -6.70 50.41 7.47
C TRP I 255 -5.28 50.56 7.95
N PHE I 256 -4.62 51.68 7.63
CA PHE I 256 -3.24 51.87 8.05
C PHE I 256 -3.02 51.75 9.59
N LEU I 257 -3.94 52.31 10.38
CA LEU I 257 -3.87 52.23 11.88
C LEU I 257 -3.95 50.82 12.45
N THR I 258 -4.40 49.88 11.61
CA THR I 258 -4.51 48.48 11.97
C THR I 258 -3.27 47.64 11.61
N LEU I 259 -2.29 48.24 10.94
CA LEU I 259 -1.11 47.46 10.55
C LEU I 259 -0.22 47.06 11.75
N PRO I 260 0.54 45.93 11.63
CA PRO I 260 1.38 45.55 12.78
C PRO I 260 2.70 46.36 12.77
N ILE I 261 2.59 47.64 13.11
CA ILE I 261 3.72 48.53 13.21
C ILE I 261 3.76 48.86 14.65
N LYS I 262 4.87 48.56 15.31
CA LYS I 262 5.03 48.88 16.75
C LYS I 262 4.67 50.36 17.09
N PRO I 263 4.04 50.63 18.27
CA PRO I 263 3.52 51.98 18.61
C PRO I 263 4.54 53.15 18.54
N ASP I 264 5.76 52.99 19.03
CA ASP I 264 6.71 54.08 18.89
C ASP I 264 6.95 54.33 17.42
N ALA I 265 7.05 53.27 16.59
CA ALA I 265 7.25 53.49 15.15
C ALA I 265 6.03 54.11 14.48
N MET I 266 4.85 53.73 14.93
CA MET I 266 3.60 54.18 14.36
C MET I 266 3.45 55.69 14.61
N GLU I 267 3.85 56.15 15.78
CA GLU I 267 3.78 57.59 16.07
C GLU I 267 4.66 58.43 15.19
N LYS I 268 5.86 57.93 14.91
CA LYS I 268 6.78 58.58 14.00
C LYS I 268 6.22 58.67 12.61
N ILE I 269 5.82 57.53 12.02
CA ILE I 269 5.29 57.48 10.65
C ILE I 269 4.03 58.35 10.41
N LEU I 270 3.07 58.29 11.34
CA LEU I 270 1.88 59.10 11.32
C LEU I 270 2.09 60.59 11.49
N HIS I 271 3.11 61.01 12.23
CA HIS I 271 3.26 62.42 12.60
CA HIS I 271 3.30 62.43 12.50
C HIS I 271 4.70 62.93 12.78
N GLY I 272 5.48 62.23 13.58
CA GLY I 272 6.75 62.77 14.06
C GLY I 272 7.77 62.97 12.95
N ASN I 273 7.83 62.05 11.97
CA ASN I 273 8.69 62.17 10.84
C ASN I 273 8.28 63.34 9.93
N ALA I 274 6.98 63.52 9.68
CA ALA I 274 6.55 64.67 8.90
C ALA I 274 6.92 66.00 9.63
N GLU I 275 6.65 66.04 10.93
CA GLU I 275 7.05 67.24 11.73
C GLU I 275 8.52 67.65 11.66
N ARG I 276 9.41 66.68 11.75
CA ARG I 276 10.83 66.94 11.62
C ARG I 276 11.13 67.53 10.27
N LEU I 277 10.52 66.99 9.24
CA LEU I 277 10.67 67.50 7.89
C LEU I 277 10.12 68.92 7.72
N LEU I 278 8.95 69.16 8.27
CA LEU I 278 8.39 70.55 8.25
C LEU I 278 9.20 71.54 9.15
N ALA I 279 9.88 71.04 10.19
CA ALA I 279 10.68 71.94 11.03
C ALA I 279 11.89 72.37 10.20
N GLN I 280 12.44 71.39 9.42
CA GLN I 280 13.65 71.61 8.58
C GLN I 280 13.34 72.65 7.46
N ALA I 281 12.19 72.49 6.82
CA ALA I 281 11.68 73.46 5.86
C ALA I 281 11.50 74.86 6.53
N GLY I 282 10.97 74.90 7.75
CA GLY I 282 11.04 76.10 8.61
C GLY I 282 12.44 76.72 8.81
N ARG I 283 13.50 75.95 8.64
CA ARG I 283 14.89 76.37 8.16
C ARG I 283 15.90 76.50 9.30
N LEU J 3 -7.32 4.54 -16.03
CA LEU J 3 -8.67 4.90 -15.44
C LEU J 3 -9.42 3.66 -14.92
N LYS J 4 -9.58 3.56 -13.61
CA LYS J 4 -10.30 2.42 -13.05
C LYS J 4 -11.43 2.99 -12.22
N ILE J 5 -12.57 2.34 -12.28
CA ILE J 5 -13.74 2.86 -11.66
C ILE J 5 -14.39 1.68 -11.01
N ILE J 6 -14.82 1.88 -9.79
CA ILE J 6 -15.69 0.94 -9.06
C ILE J 6 -17.13 1.45 -8.96
N ASP J 7 -18.04 0.74 -9.64
CA ASP J 7 -19.44 1.08 -9.61
C ASP J 7 -20.07 0.52 -8.34
N PHE J 8 -20.41 1.40 -7.39
CA PHE J 8 -20.94 0.97 -6.13
C PHE J 8 -22.35 0.42 -6.10
N ARG J 9 -23.08 0.45 -7.19
CA ARG J 9 -24.38 -0.21 -7.23
C ARG J 9 -24.59 -0.74 -8.63
N LEU J 10 -24.24 -1.99 -8.82
CA LEU J 10 -24.38 -2.59 -10.12
C LEU J 10 -25.16 -3.93 -9.96
N ARG J 11 -26.27 -4.05 -10.69
CA ARG J 11 -27.00 -5.34 -10.72
C ARG J 11 -26.94 -6.02 -12.10
N PRO J 12 -26.07 -7.05 -12.24
CA PRO J 12 -25.80 -7.59 -13.58
C PRO J 12 -26.93 -8.54 -14.14
N PRO J 13 -27.15 -8.54 -15.47
CA PRO J 13 -28.26 -9.35 -16.00
C PRO J 13 -27.81 -10.79 -16.10
N ALA J 14 -27.65 -11.45 -14.98
CA ALA J 14 -26.94 -12.73 -14.91
C ALA J 14 -27.54 -13.50 -13.80
N MET J 15 -27.80 -14.77 -14.06
CA MET J 15 -28.06 -15.75 -13.01
C MET J 15 -29.20 -15.29 -12.07
N GLY J 16 -29.00 -15.35 -10.75
CA GLY J 16 -30.01 -14.87 -9.78
C GLY J 16 -30.63 -13.51 -10.01
N PHE J 17 -29.93 -12.54 -10.62
CA PHE J 17 -30.53 -11.18 -10.72
C PHE J 17 -31.62 -11.10 -11.75
N LEU J 18 -31.65 -12.03 -12.70
CA LEU J 18 -32.72 -12.06 -13.68
C LEU J 18 -34.07 -12.33 -13.03
N ASN J 19 -34.05 -12.81 -11.78
CA ASN J 19 -35.29 -13.00 -11.01
C ASN J 19 -35.90 -11.68 -10.43
N ALA J 20 -35.14 -10.59 -10.47
CA ALA J 20 -35.57 -9.35 -9.78
C ALA J 20 -36.54 -8.57 -10.66
N ARG J 21 -37.39 -7.79 -10.00
CA ARG J 21 -38.35 -6.93 -10.68
C ARG J 21 -37.68 -6.03 -11.69
N ILE J 22 -36.47 -5.53 -11.37
CA ILE J 22 -35.68 -4.77 -12.36
C ILE J 22 -35.40 -5.42 -13.70
N TYR J 23 -35.40 -6.76 -13.77
CA TYR J 23 -35.29 -7.51 -15.01
C TYR J 23 -36.55 -8.24 -15.48
N THR J 24 -37.44 -8.62 -14.57
CA THR J 24 -38.66 -9.27 -14.98
C THR J 24 -39.70 -8.29 -15.49
N ARG J 25 -39.62 -7.03 -15.05
CA ARG J 25 -40.49 -5.96 -15.57
C ARG J 25 -39.69 -4.86 -16.30
N PRO J 26 -39.14 -5.16 -17.48
CA PRO J 26 -38.38 -4.20 -18.31
C PRO J 26 -39.17 -2.94 -18.63
N ASP J 27 -40.49 -3.10 -18.77
CA ASP J 27 -41.43 -2.00 -19.02
C ASP J 27 -41.41 -0.88 -17.95
N ILE J 28 -41.49 -1.27 -16.67
CA ILE J 28 -41.45 -0.36 -15.55
C ILE J 28 -40.07 0.25 -15.32
N ARG J 29 -39.03 -0.55 -15.56
CA ARG J 29 -37.65 -0.08 -15.40
C ARG J 29 -37.34 0.92 -16.51
N ASN J 30 -37.66 0.58 -17.76
CA ASN J 30 -37.43 1.53 -18.82
C ASN J 30 -38.14 2.85 -18.66
N ARG J 31 -39.31 2.86 -18.07
CA ARG J 31 -40.05 4.09 -17.86
C ARG J 31 -39.31 5.02 -16.91
N PHE J 32 -38.76 4.43 -15.85
CA PHE J 32 -38.03 5.14 -14.80
C PHE J 32 -36.78 5.74 -15.40
N THR J 33 -35.99 4.89 -16.08
CA THR J 33 -34.79 5.31 -16.80
C THR J 33 -35.03 6.50 -17.74
N ARG J 34 -36.07 6.37 -18.58
CA ARG J 34 -36.50 7.46 -19.43
C ARG J 34 -37.02 8.70 -18.68
N GLN J 35 -37.76 8.54 -17.58
CA GLN J 35 -38.12 9.74 -16.83
C GLN J 35 -36.90 10.52 -16.30
N LEU J 36 -35.88 9.78 -15.84
CA LEU J 36 -34.61 10.38 -15.43
C LEU J 36 -33.89 11.10 -16.59
N GLY J 37 -34.11 10.61 -17.83
CA GLY J 37 -33.55 11.19 -19.04
C GLY J 37 -32.46 10.37 -19.73
N PHE J 38 -32.43 9.06 -19.47
CA PHE J 38 -31.52 8.16 -20.17
C PHE J 38 -32.29 7.26 -21.11
N GLU J 39 -31.61 6.74 -22.13
CA GLU J 39 -32.08 5.54 -22.86
C GLU J 39 -31.66 4.26 -22.16
N PRO J 40 -32.52 3.23 -22.21
CA PRO J 40 -32.15 1.96 -21.57
C PRO J 40 -30.83 1.42 -22.08
N ALA J 41 -30.10 0.66 -21.25
CA ALA J 41 -28.86 0.01 -21.70
C ALA J 41 -29.23 -1.14 -22.64
N PRO J 42 -28.56 -1.21 -23.83
CA PRO J 42 -28.64 -2.36 -24.74
C PRO J 42 -28.36 -3.66 -24.01
N SER J 43 -27.41 -3.71 -23.06
CA SER J 43 -27.15 -4.97 -22.35
C SER J 43 -28.30 -5.34 -21.39
N ALA J 44 -29.03 -4.36 -20.87
CA ALA J 44 -30.12 -4.69 -19.93
C ALA J 44 -31.37 -5.15 -20.68
N GLU J 45 -31.61 -4.56 -21.85
CA GLU J 45 -32.71 -4.92 -22.73
C GLU J 45 -32.53 -6.30 -23.35
N GLU J 46 -31.32 -6.61 -23.79
CA GLU J 46 -31.03 -7.96 -24.31
C GLU J 46 -30.79 -8.94 -23.16
N LYS J 47 -30.81 -8.48 -21.91
CA LYS J 47 -30.42 -9.30 -20.72
C LYS J 47 -29.20 -10.12 -21.01
N SER J 48 -28.21 -9.46 -21.59
CA SER J 48 -26.97 -10.07 -22.00
C SER J 48 -25.84 -9.62 -21.10
N LEU J 49 -25.26 -10.60 -20.44
CA LEU J 49 -24.12 -10.42 -19.60
C LEU J 49 -22.88 -10.06 -20.42
N GLU J 50 -22.70 -10.72 -21.58
CA GLU J 50 -21.60 -10.38 -22.52
C GLU J 50 -21.63 -8.92 -22.96
N LEU J 51 -22.74 -8.41 -23.47
CA LEU J 51 -22.86 -7.00 -23.80
C LEU J 51 -22.58 -6.06 -22.61
N MET J 52 -22.97 -6.50 -21.39
CA MET J 52 -22.71 -5.75 -20.17
C MET J 52 -21.21 -5.62 -19.92
N PHE J 53 -20.44 -6.72 -20.02
CA PHE J 53 -18.99 -6.60 -19.90
C PHE J 53 -18.32 -5.66 -20.89
N GLU J 54 -18.78 -5.69 -22.13
CA GLU J 54 -18.34 -4.74 -23.15
C GLU J 54 -18.59 -3.28 -22.79
N GLU J 55 -19.79 -2.99 -22.25
CA GLU J 55 -20.22 -1.64 -21.84
C GLU J 55 -19.39 -1.18 -20.63
N MET J 56 -19.17 -2.12 -19.70
CA MET J 56 -18.28 -1.94 -18.55
C MET J 56 -16.84 -1.49 -18.94
N ALA J 57 -16.21 -2.25 -19.85
CA ALA J 57 -14.84 -1.95 -20.24
C ALA J 57 -14.80 -0.69 -21.08
N ALA J 58 -15.86 -0.40 -21.83
CA ALA J 58 -15.92 0.80 -22.62
C ALA J 58 -15.99 2.08 -21.74
N ALA J 59 -16.70 1.98 -20.61
CA ALA J 59 -16.90 3.07 -19.71
C ALA J 59 -15.70 3.28 -18.79
N GLY J 60 -14.83 2.27 -18.64
CA GLY J 60 -13.75 2.37 -17.69
C GLY J 60 -14.06 1.79 -16.34
N ILE J 61 -15.20 1.10 -16.25
CA ILE J 61 -15.59 0.45 -14.98
C ILE J 61 -14.92 -0.97 -14.89
N GLU J 62 -14.09 -1.17 -13.89
CA GLU J 62 -13.31 -2.38 -13.72
C GLU J 62 -14.02 -3.35 -12.77
N GLN J 63 -14.74 -2.82 -11.80
CA GLN J 63 -15.48 -3.64 -10.85
C GLN J 63 -16.78 -3.00 -10.40
N GLY J 64 -17.67 -3.83 -9.90
CA GLY J 64 -18.88 -3.26 -9.40
C GLY J 64 -19.27 -3.95 -8.11
N VAL J 65 -20.07 -3.26 -7.32
CA VAL J 65 -20.60 -3.84 -6.14
C VAL J 65 -22.05 -4.27 -6.43
N CYS J 66 -22.29 -5.53 -6.12
CA CYS J 66 -23.53 -6.21 -6.41
C CYS J 66 -24.43 -6.32 -5.17
N VAL J 67 -25.59 -5.70 -5.22
CA VAL J 67 -26.50 -5.73 -4.11
C VAL J 67 -27.75 -6.54 -4.53
N GLY J 68 -28.13 -7.50 -3.72
CA GLY J 68 -29.35 -8.25 -3.92
C GLY J 68 -30.50 -7.85 -3.04
N ARG J 69 -31.34 -8.83 -2.73
CA ARG J 69 -32.63 -8.61 -2.07
C ARG J 69 -33.02 -9.93 -1.41
N ASN J 70 -32.80 -10.09 -0.12
CA ASN J 70 -32.99 -11.37 0.54
C ASN J 70 -34.41 -11.58 1.04
N SER J 71 -35.37 -11.32 0.19
CA SER J 71 -36.79 -11.41 0.47
C SER J 71 -37.45 -12.77 0.66
N SER J 72 -36.97 -13.77 -0.06
CA SER J 72 -37.64 -15.06 -0.18
C SER J 72 -38.86 -15.05 -1.13
N VAL J 73 -39.75 -14.11 -1.01
CA VAL J 73 -40.93 -14.23 -1.81
C VAL J 73 -41.06 -14.08 -3.32
N LEU J 74 -40.66 -13.01 -3.92
CA LEU J 74 -40.81 -12.93 -5.38
C LEU J 74 -39.94 -11.83 -5.83
N GLY J 75 -39.05 -12.12 -6.75
CA GLY J 75 -38.01 -11.16 -7.13
C GLY J 75 -36.91 -11.10 -6.08
N SER J 76 -36.77 -12.13 -5.25
CA SER J 76 -35.68 -12.13 -4.34
C SER J 76 -34.39 -12.53 -5.09
N VAL J 77 -33.28 -11.86 -4.78
CA VAL J 77 -31.97 -12.27 -5.21
C VAL J 77 -31.21 -12.55 -3.93
N SER J 78 -31.08 -13.84 -3.59
CA SER J 78 -30.75 -14.24 -2.20
C SER J 78 -29.27 -14.03 -2.03
N ASN J 79 -28.75 -14.13 -0.82
CA ASN J 79 -27.28 -13.99 -0.61
C ASN J 79 -26.48 -15.10 -1.29
N ALA J 80 -26.99 -16.31 -1.25
CA ALA J 80 -26.36 -17.36 -2.05
C ALA J 80 -26.12 -16.97 -3.51
N ASP J 81 -27.12 -16.34 -4.11
CA ASP J 81 -27.12 -15.95 -5.51
C ASP J 81 -26.16 -14.82 -5.77
N VAL J 82 -26.21 -13.81 -4.92
CA VAL J 82 -25.24 -12.75 -5.04
C VAL J 82 -23.83 -13.37 -4.91
N ALA J 83 -23.60 -14.21 -3.91
CA ALA J 83 -22.27 -14.73 -3.73
C ALA J 83 -21.90 -15.62 -4.93
N ALA J 84 -22.90 -16.35 -5.45
CA ALA J 84 -22.68 -17.11 -6.68
C ALA J 84 -22.14 -16.29 -7.87
N VAL J 85 -22.64 -15.04 -8.01
CA VAL J 85 -22.24 -14.19 -9.11
C VAL J 85 -20.81 -13.78 -8.92
N ALA J 86 -20.44 -13.35 -7.70
CA ALA J 86 -19.05 -13.01 -7.41
C ALA J 86 -18.08 -14.23 -7.63
N LYS J 87 -18.41 -15.42 -7.14
CA LYS J 87 -17.61 -16.63 -7.45
C LYS J 87 -17.48 -16.85 -8.96
N ALA J 88 -18.51 -16.50 -9.76
CA ALA J 88 -18.41 -16.69 -11.21
C ALA J 88 -17.45 -15.65 -11.82
N TYR J 89 -17.41 -14.40 -11.33
CA TYR J 89 -16.50 -13.40 -11.92
C TYR J 89 -15.79 -12.64 -10.81
N PRO J 90 -14.83 -13.31 -10.15
CA PRO J 90 -14.40 -12.76 -8.84
C PRO J 90 -13.55 -11.52 -9.00
N ASP J 91 -12.98 -11.31 -10.19
CA ASP J 91 -12.26 -10.06 -10.54
C ASP J 91 -13.23 -8.92 -10.94
N LYS J 92 -14.54 -9.20 -11.01
CA LYS J 92 -15.47 -8.17 -11.51
C LYS J 92 -16.48 -7.60 -10.51
N PHE J 93 -16.87 -8.45 -9.56
CA PHE J 93 -18.04 -8.20 -8.71
C PHE J 93 -17.76 -8.43 -7.24
N HIS J 94 -18.05 -7.39 -6.45
CA HIS J 94 -17.99 -7.52 -4.99
C HIS J 94 -19.43 -7.74 -4.45
N PRO J 95 -19.67 -8.91 -3.83
CA PRO J 95 -20.94 -9.28 -3.23
C PRO J 95 -21.14 -8.59 -1.87
N VAL J 96 -22.36 -8.16 -1.60
CA VAL J 96 -22.79 -7.61 -0.38
C VAL J 96 -23.97 -8.53 0.05
N GLY J 97 -24.04 -8.81 1.35
CA GLY J 97 -25.12 -9.57 1.95
C GLY J 97 -26.27 -8.72 2.42
N SER J 98 -27.48 -9.15 2.17
CA SER J 98 -28.62 -8.37 2.59
CA SER J 98 -28.64 -8.37 2.56
C SER J 98 -29.41 -9.09 3.68
N ILE J 99 -29.82 -8.29 4.66
CA ILE J 99 -30.63 -8.78 5.76
C ILE J 99 -32.04 -8.29 5.58
N GLU J 100 -32.98 -9.23 5.74
CA GLU J 100 -34.37 -8.89 5.74
C GLU J 100 -35.08 -9.77 6.78
N ALA J 101 -35.40 -9.25 7.97
CA ALA J 101 -35.84 -10.16 9.04
C ALA J 101 -36.99 -9.62 9.90
N ALA J 102 -37.98 -10.46 10.20
CA ALA J 102 -38.95 -10.06 11.23
C ALA J 102 -38.25 -9.75 12.60
N THR J 103 -37.44 -10.70 13.07
CA THR J 103 -36.93 -10.73 14.44
C THR J 103 -35.42 -10.82 14.52
N ARG J 104 -34.89 -10.62 15.73
CA ARG J 104 -33.44 -10.48 15.92
C ARG J 104 -32.74 -11.80 15.67
N LYS J 105 -33.42 -12.86 16.05
CA LYS J 105 -32.96 -14.21 15.82
C LYS J 105 -32.83 -14.51 14.30
N GLU J 106 -33.87 -14.19 13.52
CA GLU J 106 -33.82 -14.26 12.07
C GLU J 106 -32.63 -13.44 11.51
N ALA J 107 -32.49 -12.17 11.91
CA ALA J 107 -31.44 -11.30 11.39
C ALA J 107 -30.03 -11.88 11.66
N MET J 108 -29.83 -12.44 12.85
CA MET J 108 -28.53 -12.96 13.22
C MET J 108 -28.30 -14.32 12.56
N ALA J 109 -29.34 -15.13 12.30
CA ALA J 109 -29.12 -16.29 11.44
C ALA J 109 -28.70 -15.83 10.00
N GLN J 110 -29.35 -14.78 9.45
CA GLN J 110 -28.92 -14.34 8.11
C GLN J 110 -27.52 -13.73 8.14
N MET J 111 -27.15 -13.10 9.25
CA MET J 111 -25.84 -12.50 9.33
C MET J 111 -24.77 -13.62 9.40
N GLN J 112 -25.07 -14.67 10.14
CA GLN J 112 -24.17 -15.81 10.15
C GLN J 112 -23.96 -16.42 8.73
N GLU J 113 -25.04 -16.46 7.94
CA GLU J 113 -25.00 -17.05 6.60
C GLU J 113 -24.16 -16.13 5.66
N ILE J 114 -24.35 -14.82 5.80
CA ILE J 114 -23.53 -13.85 5.05
C ILE J 114 -22.01 -14.02 5.36
N LEU J 115 -21.67 -14.09 6.65
CA LEU J 115 -20.30 -14.39 7.05
C LEU J 115 -19.78 -15.77 6.53
N ASP J 116 -20.62 -16.77 6.54
CA ASP J 116 -20.31 -18.11 5.93
C ASP J 116 -20.01 -18.07 4.44
N LEU J 117 -20.75 -17.24 3.70
CA LEU J 117 -20.41 -16.99 2.34
C LEU J 117 -19.10 -16.16 2.13
N GLY J 118 -18.44 -15.75 3.21
CA GLY J 118 -17.25 -14.94 3.07
C GLY J 118 -17.48 -13.44 2.95
N ILE J 119 -18.71 -12.98 3.20
CA ILE J 119 -19.06 -11.56 2.97
C ILE J 119 -19.03 -10.75 4.27
N ARG J 120 -18.36 -9.61 4.18
CA ARG J 120 -18.22 -8.77 5.42
C ARG J 120 -18.70 -7.33 5.15
N ILE J 121 -19.58 -7.19 4.14
CA ILE J 121 -20.39 -5.96 3.88
C ILE J 121 -21.85 -6.33 3.78
N VAL J 122 -22.67 -5.63 4.54
CA VAL J 122 -24.05 -5.97 4.70
C VAL J 122 -24.96 -4.79 4.18
N ASN J 123 -26.19 -5.09 3.80
CA ASN J 123 -27.04 -4.14 3.13
C ASN J 123 -28.35 -4.26 3.72
N LEU J 124 -29.01 -3.11 3.92
CA LEU J 124 -30.28 -3.10 4.58
C LEU J 124 -31.22 -2.19 3.87
N GLU J 125 -32.43 -2.67 3.60
CA GLU J 125 -33.39 -1.74 2.91
C GLU J 125 -34.70 -1.91 3.62
N PRO J 126 -34.75 -1.47 4.89
CA PRO J 126 -35.85 -1.96 5.70
C PRO J 126 -37.18 -1.31 5.33
N GLY J 127 -37.15 -0.23 4.54
CA GLY J 127 -38.43 0.42 4.18
C GLY J 127 -39.21 -0.40 3.14
N VAL J 128 -38.55 -1.35 2.52
CA VAL J 128 -39.16 -2.16 1.47
C VAL J 128 -39.32 -3.63 1.86
N TRP J 129 -39.14 -3.95 3.14
CA TRP J 129 -39.47 -5.27 3.67
C TRP J 129 -40.99 -5.52 3.64
N ALA J 130 -41.44 -6.76 3.91
CA ALA J 130 -42.90 -7.09 3.97
C ALA J 130 -43.67 -6.30 5.03
N THR J 131 -43.11 -6.16 6.26
CA THR J 131 -43.53 -5.09 7.19
C THR J 131 -42.39 -4.11 7.19
N PRO J 132 -42.61 -2.97 6.55
CA PRO J 132 -41.56 -1.96 6.49
C PRO J 132 -41.19 -1.34 7.86
N MET J 133 -39.94 -0.92 8.03
CA MET J 133 -39.53 -0.20 9.24
C MET J 133 -38.49 0.83 8.86
N HIS J 134 -38.34 1.82 9.73
CA HIS J 134 -37.35 2.83 9.51
C HIS J 134 -36.01 2.31 9.92
N VAL J 135 -34.96 2.92 9.38
CA VAL J 135 -33.63 2.41 9.69
C VAL J 135 -33.16 2.67 11.15
N ASP J 136 -33.79 3.62 11.86
CA ASP J 136 -33.50 3.80 13.30
C ASP J 136 -34.49 3.05 14.22
N ASP J 137 -35.20 2.06 13.68
CA ASP J 137 -36.13 1.23 14.51
C ASP J 137 -35.35 0.53 15.58
N ARG J 138 -35.91 0.42 16.79
CA ARG J 138 -35.22 -0.19 17.95
C ARG J 138 -34.71 -1.62 17.60
N ARG J 139 -35.56 -2.36 16.88
CA ARG J 139 -35.26 -3.74 16.48
C ARG J 139 -34.01 -3.92 15.63
N LEU J 140 -33.58 -2.87 14.90
CA LEU J 140 -32.30 -2.91 14.19
C LEU J 140 -31.05 -2.66 14.96
N TYR J 141 -31.18 -2.04 16.13
CA TYR J 141 -30.00 -1.57 16.86
C TYR J 141 -29.09 -2.73 17.26
N PRO J 142 -29.66 -3.90 17.70
CA PRO J 142 -28.72 -5.02 17.97
C PRO J 142 -27.79 -5.43 16.78
N LEU J 143 -28.29 -5.33 15.56
CA LEU J 143 -27.53 -5.60 14.32
C LEU J 143 -26.46 -4.52 14.06
N TYR J 144 -26.82 -3.25 14.26
CA TYR J 144 -25.85 -2.18 14.16
C TYR J 144 -24.76 -2.36 15.22
N ALA J 145 -25.15 -2.73 16.46
CA ALA J 145 -24.15 -3.00 17.54
C ALA J 145 -23.14 -4.12 17.11
N PHE J 146 -23.66 -5.18 16.55
CA PHE J 146 -22.81 -6.25 16.06
C PHE J 146 -21.82 -5.73 14.96
N CYS J 147 -22.36 -4.96 14.03
CA CYS J 147 -21.61 -4.52 12.87
C CYS J 147 -20.51 -3.51 13.23
N GLU J 148 -20.82 -2.54 14.09
CA GLU J 148 -19.81 -1.66 14.64
C GLU J 148 -18.75 -2.44 15.39
N ASP J 149 -19.13 -3.36 16.30
CA ASP J 149 -18.10 -4.14 17.08
C ASP J 149 -17.17 -4.95 16.19
N ASN J 150 -17.68 -5.41 15.05
CA ASN J 150 -16.90 -6.29 14.13
C ASN J 150 -16.24 -5.56 12.96
N GLY J 151 -16.45 -4.26 12.89
CA GLY J 151 -15.97 -3.47 11.73
C GLY J 151 -16.58 -3.80 10.38
N ILE J 152 -17.82 -4.28 10.37
CA ILE J 152 -18.57 -4.52 9.14
C ILE J 152 -19.28 -3.22 8.68
N PRO J 153 -18.86 -2.65 7.54
CA PRO J 153 -19.73 -1.60 6.89
C PRO J 153 -21.15 -2.01 6.57
N VAL J 154 -22.10 -1.08 6.81
CA VAL J 154 -23.46 -1.28 6.44
C VAL J 154 -23.87 -0.30 5.35
N ILE J 155 -24.40 -0.81 4.27
CA ILE J 155 -25.06 0.00 3.22
C ILE J 155 -26.52 0.05 3.58
N MET J 156 -27.10 1.24 3.74
CA MET J 156 -28.54 1.30 4.00
C MET J 156 -29.24 2.22 3.01
N MET J 157 -30.38 1.80 2.49
CA MET J 157 -31.05 2.61 1.48
C MET J 157 -31.89 3.66 2.18
N THR J 158 -31.46 4.90 2.09
CA THR J 158 -32.20 5.94 2.83
C THR J 158 -32.50 7.13 1.92
N GLY J 159 -32.39 6.97 0.61
CA GLY J 159 -32.88 8.00 -0.27
C GLY J 159 -33.63 7.32 -1.38
N GLY J 160 -34.12 8.13 -2.33
CA GLY J 160 -35.04 7.63 -3.35
C GLY J 160 -36.31 7.03 -2.79
N ASN J 161 -36.77 5.92 -3.38
CA ASN J 161 -38.03 5.28 -3.00
C ASN J 161 -37.70 4.21 -1.95
N ALA J 162 -37.21 4.65 -0.80
CA ALA J 162 -36.62 3.76 0.22
C ALA J 162 -37.73 3.09 1.09
N GLY J 163 -38.96 3.62 1.02
CA GLY J 163 -40.08 3.05 1.78
C GLY J 163 -41.37 3.38 1.10
N PRO J 164 -42.51 3.08 1.74
CA PRO J 164 -43.85 3.36 1.20
C PRO J 164 -44.15 4.85 0.98
N ASP J 165 -43.51 5.71 1.78
CA ASP J 165 -43.60 7.20 1.61
C ASP J 165 -42.29 7.93 1.96
N ILE J 166 -42.33 9.25 1.88
CA ILE J 166 -41.09 10.06 1.98
C ILE J 166 -40.58 10.07 3.45
N THR J 167 -41.38 9.67 4.47
CA THR J 167 -40.82 9.70 5.81
C THR J 167 -39.67 8.73 5.91
N TYR J 168 -39.64 7.72 5.05
CA TYR J 168 -38.66 6.68 5.12
C TYR J 168 -37.31 7.21 4.56
N THR J 169 -37.31 8.40 3.97
CA THR J 169 -36.03 9.03 3.60
C THR J 169 -35.76 10.23 4.56
N ASN J 170 -36.60 10.45 5.58
CA ASN J 170 -36.40 11.71 6.36
C ASN J 170 -35.04 11.61 7.09
N PRO J 171 -34.16 12.64 6.96
CA PRO J 171 -32.78 12.47 7.45
C PRO J 171 -32.64 12.27 8.97
N GLU J 172 -33.71 12.50 9.76
CA GLU J 172 -33.67 12.16 11.18
C GLU J 172 -33.35 10.69 11.50
N HIS J 173 -33.75 9.77 10.62
CA HIS J 173 -33.55 8.33 10.92
C HIS J 173 -32.11 7.95 10.77
N ILE J 174 -31.50 8.22 9.62
CA ILE J 174 -30.04 7.91 9.48
C ILE J 174 -29.22 8.65 10.54
N ASP J 175 -29.61 9.88 10.84
CA ASP J 175 -28.92 10.65 11.88
C ASP J 175 -28.88 10.03 13.24
N ARG J 176 -30.04 9.56 13.74
CA ARG J 176 -30.05 8.83 15.00
C ARG J 176 -29.04 7.67 14.95
N VAL J 177 -29.10 6.86 13.88
CA VAL J 177 -28.22 5.68 13.78
C VAL J 177 -26.74 6.09 13.87
N LEU J 178 -26.33 7.05 13.04
CA LEU J 178 -24.91 7.55 13.00
C LEU J 178 -24.44 8.07 14.36
N GLY J 179 -25.32 8.85 14.99
CA GLY J 179 -25.10 9.35 16.32
C GLY J 179 -25.03 8.29 17.44
N ASP J 180 -25.83 7.22 17.38
CA ASP J 180 -25.80 6.16 18.35
C ASP J 180 -24.73 5.09 18.08
N PHE J 181 -24.19 5.06 16.85
CA PHE J 181 -23.18 4.10 16.50
C PHE J 181 -22.07 4.85 15.78
N PRO J 182 -21.28 5.64 16.55
CA PRO J 182 -20.35 6.64 16.02
C PRO J 182 -19.11 6.00 15.40
N ASP J 183 -18.91 4.71 15.62
CA ASP J 183 -17.84 3.94 14.97
C ASP J 183 -18.28 3.02 13.87
N LEU J 184 -19.46 3.24 13.31
CA LEU J 184 -20.02 2.27 12.36
C LEU J 184 -19.89 2.95 11.05
N THR J 185 -19.33 2.23 10.06
CA THR J 185 -19.23 2.84 8.72
C THR J 185 -20.52 2.57 8.00
N VAL J 186 -21.13 3.65 7.51
CA VAL J 186 -22.44 3.58 6.89
C VAL J 186 -22.43 4.16 5.48
N VAL J 187 -22.96 3.43 4.50
CA VAL J 187 -23.10 3.98 3.18
C VAL J 187 -24.59 4.25 2.97
N SER J 188 -24.93 5.49 2.66
CA SER J 188 -26.31 5.86 2.36
C SER J 188 -26.47 5.67 0.86
N SER J 189 -27.17 4.57 0.49
CA SER J 189 -27.40 4.37 -0.98
C SER J 189 -28.54 5.29 -1.41
N HIS J 190 -28.35 5.93 -2.57
CA HIS J 190 -29.24 7.06 -3.10
C HIS J 190 -28.98 8.34 -2.33
N GLY J 191 -28.05 8.25 -1.37
CA GLY J 191 -27.48 9.38 -0.65
C GLY J 191 -28.46 10.24 0.06
N ASN J 192 -29.49 9.58 0.62
CA ASN J 192 -30.59 10.19 1.27
C ASN J 192 -31.34 11.30 0.45
N TRP J 193 -31.26 11.22 -0.86
CA TRP J 193 -31.99 12.11 -1.80
C TRP J 193 -33.49 11.85 -1.54
N PRO J 194 -34.36 12.88 -1.49
CA PRO J 194 -34.10 14.25 -1.87
C PRO J 194 -33.73 15.25 -0.75
N TRP J 195 -33.43 14.79 0.47
CA TRP J 195 -33.14 15.74 1.52
C TRP J 195 -31.67 16.18 1.53
N VAL J 196 -31.23 16.83 0.49
CA VAL J 196 -29.80 16.95 0.27
C VAL J 196 -29.15 18.00 1.17
N GLN J 197 -29.78 19.18 1.30
CA GLN J 197 -29.24 20.20 2.20
C GLN J 197 -29.00 19.56 3.54
N GLU J 198 -29.98 18.81 4.09
CA GLU J 198 -29.82 18.18 5.40
C GLU J 198 -28.79 17.07 5.42
N ILE J 199 -28.75 16.19 4.40
CA ILE J 199 -27.76 15.14 4.45
C ILE J 199 -26.29 15.62 4.34
N ILE J 200 -26.09 16.79 3.78
CA ILE J 200 -24.73 17.33 3.76
C ILE J 200 -24.25 17.74 5.18
N HIS J 201 -25.18 18.33 5.96
CA HIS J 201 -24.94 18.58 7.35
C HIS J 201 -24.65 17.28 8.09
N VAL J 202 -25.51 16.25 7.91
CA VAL J 202 -25.30 14.94 8.57
C VAL J 202 -23.90 14.37 8.29
N ALA J 203 -23.52 14.22 7.01
CA ALA J 203 -22.14 13.89 6.66
C ALA J 203 -21.08 14.80 7.30
N PHE J 204 -21.35 16.11 7.31
CA PHE J 204 -20.38 17.08 7.85
C PHE J 204 -20.14 16.75 9.34
N ARG J 205 -21.23 16.44 10.05
CA ARG J 205 -21.21 16.13 11.49
C ARG J 205 -20.74 14.69 11.78
N ARG J 206 -21.15 13.70 10.96
CA ARG J 206 -20.91 12.29 11.28
C ARG J 206 -19.83 11.74 10.38
N PRO J 207 -18.60 11.61 10.91
CA PRO J 207 -17.41 11.30 10.09
C PRO J 207 -17.47 9.94 9.43
N ASN J 208 -18.35 9.06 9.90
CA ASN J 208 -18.52 7.65 9.49
CA ASN J 208 -18.31 7.70 9.31
C ASN J 208 -19.45 7.47 8.28
N LEU J 209 -20.18 8.53 7.90
CA LEU J 209 -21.11 8.46 6.76
C LEU J 209 -20.47 8.67 5.40
N TYR J 210 -20.84 7.78 4.46
CA TYR J 210 -20.42 7.86 3.05
C TYR J 210 -21.69 8.03 2.27
N LEU J 211 -21.63 8.82 1.21
CA LEU J 211 -22.84 9.08 0.40
C LEU J 211 -22.71 8.49 -1.00
N SER J 212 -23.75 7.80 -1.45
CA SER J 212 -23.74 7.25 -2.80
C SER J 212 -25.03 7.61 -3.56
N PRO J 213 -25.15 8.82 -4.07
CA PRO J 213 -26.41 9.25 -4.69
C PRO J 213 -26.80 8.47 -5.96
N ASP J 214 -25.82 7.97 -6.66
CA ASP J 214 -26.05 7.18 -7.84
C ASP J 214 -26.92 7.87 -8.89
N MET J 215 -28.02 7.22 -9.19
CA MET J 215 -28.94 7.71 -10.19
C MET J 215 -29.52 9.09 -9.88
N TYR J 216 -29.63 9.42 -8.63
CA TYR J 216 -30.33 10.64 -8.23
C TYR J 216 -29.44 11.89 -8.32
N LEU J 217 -28.19 11.73 -8.75
CA LEU J 217 -27.30 12.87 -8.98
C LEU J 217 -27.61 13.51 -10.30
N TYR J 218 -28.28 12.80 -11.19
CA TYR J 218 -28.46 13.21 -12.59
C TYR J 218 -29.65 14.19 -12.75
N ASN J 219 -29.35 15.46 -13.07
CA ASN J 219 -30.35 16.51 -13.31
C ASN J 219 -31.50 16.64 -12.26
N LEU J 220 -31.19 16.60 -10.97
CA LEU J 220 -32.22 16.59 -9.94
C LEU J 220 -31.85 17.54 -8.84
N PRO J 221 -32.82 17.85 -7.94
CA PRO J 221 -32.46 18.81 -6.92
C PRO J 221 -31.35 18.27 -6.08
N GLY J 222 -30.48 19.17 -5.67
CA GLY J 222 -29.39 18.79 -4.75
C GLY J 222 -28.14 18.39 -5.46
N HIS J 223 -28.17 18.42 -6.78
CA HIS J 223 -27.02 17.98 -7.55
C HIS J 223 -25.83 18.89 -7.18
N ALA J 224 -26.07 20.22 -7.14
CA ALA J 224 -25.02 21.22 -6.93
C ALA J 224 -24.46 21.09 -5.47
N ASP J 225 -25.33 20.78 -4.49
CA ASP J 225 -24.91 20.49 -3.10
C ASP J 225 -23.98 19.27 -3.05
N PHE J 226 -24.28 18.20 -3.80
CA PHE J 226 -23.44 16.99 -3.73
C PHE J 226 -22.09 17.33 -4.32
N ILE J 227 -22.07 18.05 -5.44
CA ILE J 227 -20.78 18.42 -6.08
C ILE J 227 -19.90 19.42 -5.21
N GLN J 228 -20.51 20.47 -4.65
CA GLN J 228 -19.75 21.32 -3.73
C GLN J 228 -19.11 20.57 -2.56
N ALA J 229 -19.87 19.68 -1.91
CA ALA J 229 -19.34 18.80 -0.88
C ALA J 229 -18.25 17.89 -1.40
N ALA J 230 -18.38 17.41 -2.62
CA ALA J 230 -17.37 16.52 -3.19
C ALA J 230 -16.05 17.29 -3.45
N ASN J 231 -16.14 18.57 -3.76
CA ASN J 231 -14.92 19.37 -3.92
C ASN J 231 -14.42 19.93 -2.58
N SER J 232 -15.03 19.49 -1.47
CA SER J 232 -14.57 20.05 -0.18
C SER J 232 -14.43 18.92 0.87
N PHE J 233 -15.10 19.05 1.99
CA PHE J 233 -14.98 18.02 3.05
C PHE J 233 -15.42 16.62 2.63
N LEU J 234 -16.19 16.46 1.54
CA LEU J 234 -16.83 15.15 1.30
C LEU J 234 -16.07 14.33 0.25
N ALA J 235 -14.92 14.85 -0.20
CA ALA J 235 -14.15 14.18 -1.24
C ALA J 235 -13.77 12.73 -0.81
N ASP J 236 -13.44 12.50 0.46
CA ASP J 236 -13.09 11.12 0.88
C ASP J 236 -14.37 10.28 1.23
N ARG J 237 -15.58 10.87 1.03
CA ARG J 237 -16.78 10.14 1.50
C ARG J 237 -17.98 10.02 0.52
N MET J 238 -17.72 10.27 -0.75
CA MET J 238 -18.67 10.01 -1.80
C MET J 238 -18.21 8.83 -2.67
N LEU J 239 -19.18 8.11 -3.23
CA LEU J 239 -18.95 6.85 -3.93
C LEU J 239 -19.71 6.88 -5.26
N PHE J 240 -18.99 6.88 -6.36
CA PHE J 240 -19.54 6.70 -7.72
C PHE J 240 -20.46 5.47 -7.82
N GLY J 241 -21.64 5.60 -8.41
CA GLY J 241 -22.50 4.39 -8.60
C GLY J 241 -23.46 4.75 -9.68
N THR J 242 -23.81 3.78 -10.54
CA THR J 242 -24.81 4.02 -11.61
C THR J 242 -26.24 3.55 -11.29
N ALA J 243 -26.37 2.62 -10.34
CA ALA J 243 -27.64 1.89 -10.03
C ALA J 243 -28.06 1.05 -11.27
N TYR J 244 -27.06 0.68 -12.09
CA TYR J 244 -27.32 -0.18 -13.30
C TYR J 244 -28.10 -1.42 -12.82
N PRO J 245 -29.17 -1.86 -13.53
CA PRO J 245 -29.63 -1.42 -14.86
C PRO J 245 -30.59 -0.21 -14.93
N MET J 246 -30.88 0.46 -13.83
CA MET J 246 -31.73 1.64 -13.80
C MET J 246 -31.16 2.76 -14.65
N CYS J 247 -29.84 2.85 -14.74
CA CYS J 247 -29.09 3.83 -15.61
C CYS J 247 -28.06 3.09 -16.41
N PRO J 248 -27.91 3.42 -17.71
CA PRO J 248 -26.87 2.77 -18.59
C PRO J 248 -25.43 3.06 -18.07
N LEU J 249 -24.51 2.11 -18.22
CA LEU J 249 -23.16 2.27 -17.73
C LEU J 249 -22.44 3.33 -18.53
N LYS J 250 -22.60 3.28 -19.85
CA LYS J 250 -21.79 4.16 -20.73
C LYS J 250 -22.22 5.63 -20.57
N GLU J 251 -23.50 5.92 -20.74
CA GLU J 251 -23.86 7.29 -20.76
C GLU J 251 -23.74 7.90 -19.39
N TYR J 252 -24.19 7.22 -18.34
CA TYR J 252 -23.99 7.75 -17.00
C TYR J 252 -22.54 8.06 -16.78
N THR J 253 -21.65 7.11 -17.05
CA THR J 253 -20.25 7.23 -16.75
C THR J 253 -19.56 8.42 -17.48
N GLU J 254 -19.80 8.56 -18.78
CA GLU J 254 -19.41 9.72 -19.57
C GLU J 254 -19.90 11.02 -19.00
N TRP J 255 -21.14 11.08 -18.53
CA TRP J 255 -21.66 12.36 -18.02
C TRP J 255 -20.92 12.67 -16.68
N PHE J 256 -20.75 11.65 -15.85
CA PHE J 256 -20.16 11.84 -14.54
C PHE J 256 -18.75 12.35 -14.71
N LEU J 257 -18.01 11.75 -15.64
CA LEU J 257 -16.71 12.27 -16.00
C LEU J 257 -16.61 13.73 -16.43
N THR J 258 -17.70 14.30 -16.93
CA THR J 258 -17.71 15.71 -17.29
C THR J 258 -18.03 16.65 -16.12
N LEU J 259 -18.43 16.12 -14.95
CA LEU J 259 -18.72 16.96 -13.79
C LEU J 259 -17.51 17.74 -13.32
N PRO J 260 -17.75 18.98 -12.80
CA PRO J 260 -16.71 19.85 -12.32
C PRO J 260 -16.21 19.44 -10.93
N ILE J 261 -15.70 18.22 -10.83
CA ILE J 261 -15.11 17.74 -9.58
C ILE J 261 -13.57 17.75 -9.72
N LYS J 262 -12.84 18.28 -8.76
CA LYS J 262 -11.39 18.48 -8.97
C LYS J 262 -10.72 17.09 -8.96
N PRO J 263 -9.57 16.99 -9.61
CA PRO J 263 -8.99 15.71 -9.96
C PRO J 263 -8.70 14.75 -8.80
N ASP J 264 -8.16 15.22 -7.66
CA ASP J 264 -7.94 14.27 -6.56
C ASP J 264 -9.30 13.81 -5.96
N ALA J 265 -10.30 14.68 -5.83
CA ALA J 265 -11.61 14.20 -5.38
C ALA J 265 -12.18 13.16 -6.36
N MET J 266 -11.89 13.35 -7.65
CA MET J 266 -12.51 12.54 -8.70
C MET J 266 -12.00 11.11 -8.58
N GLU J 267 -10.69 10.98 -8.42
CA GLU J 267 -10.08 9.67 -8.20
C GLU J 267 -10.61 8.96 -6.95
N LYS J 268 -10.87 9.71 -5.88
CA LYS J 268 -11.38 9.15 -4.64
C LYS J 268 -12.80 8.63 -4.87
N ILE J 269 -13.62 9.42 -5.56
CA ILE J 269 -15.04 9.14 -5.72
C ILE J 269 -15.29 7.97 -6.68
N LEU J 270 -14.47 7.91 -7.71
CA LEU J 270 -14.42 6.87 -8.72
C LEU J 270 -13.95 5.52 -8.17
N HIS J 271 -13.03 5.54 -7.24
CA HIS J 271 -12.51 4.31 -6.68
C HIS J 271 -11.77 4.29 -5.38
N GLY J 272 -11.05 5.36 -5.05
CA GLY J 272 -10.27 5.36 -3.84
C GLY J 272 -11.08 5.13 -2.59
N ASN J 273 -12.21 5.80 -2.51
CA ASN J 273 -13.17 5.63 -1.43
C ASN J 273 -13.78 4.22 -1.35
N ALA J 274 -14.18 3.64 -2.49
CA ALA J 274 -14.67 2.26 -2.46
C ALA J 274 -13.58 1.28 -2.03
N GLU J 275 -12.35 1.56 -2.44
CA GLU J 275 -11.20 0.73 -2.11
C GLU J 275 -10.93 0.77 -0.62
N ARG J 276 -11.12 1.93 0.02
CA ARG J 276 -11.04 1.98 1.48
C ARG J 276 -12.12 1.13 2.22
N LEU J 277 -13.35 1.18 1.74
CA LEU J 277 -14.42 0.40 2.31
C LEU J 277 -14.18 -1.10 2.12
N LEU J 278 -13.81 -1.53 0.90
CA LEU J 278 -13.42 -2.94 0.64
C LEU J 278 -12.24 -3.47 1.47
N ALA J 279 -11.17 -2.69 1.60
CA ALA J 279 -10.02 -3.06 2.47
C ALA J 279 -10.41 -3.10 3.95
N GLN J 280 -11.30 -2.20 4.35
CA GLN J 280 -11.78 -2.18 5.74
C GLN J 280 -12.55 -3.46 6.07
N ALA J 281 -13.42 -3.85 5.14
CA ALA J 281 -14.32 -4.97 5.32
C ALA J 281 -13.49 -6.22 5.08
N GLY J 282 -12.71 -6.19 4.03
CA GLY J 282 -12.02 -7.33 3.56
C GLY J 282 -12.88 -8.56 3.42
N ARG J 283 -12.23 -9.64 3.71
CA ARG J 283 -12.63 -10.98 3.51
C ARG J 283 -13.68 -11.34 2.49
N LEU K 3 -15.79 51.31 6.98
CA LEU K 3 -16.94 50.47 7.51
C LEU K 3 -16.70 49.84 8.91
N LYS K 4 -17.79 49.81 9.70
CA LYS K 4 -17.85 49.40 11.11
C LYS K 4 -18.61 48.08 11.23
N ILE K 5 -18.03 47.04 11.81
CA ILE K 5 -18.77 45.80 11.87
C ILE K 5 -19.11 45.44 13.31
N ILE K 6 -20.31 44.94 13.53
CA ILE K 6 -20.65 44.19 14.77
C ILE K 6 -20.71 42.69 14.46
N ASP K 7 -19.84 41.91 15.08
CA ASP K 7 -19.80 40.49 14.84
C ASP K 7 -20.74 39.89 15.85
N PHE K 8 -21.81 39.26 15.38
CA PHE K 8 -22.86 38.76 16.31
C PHE K 8 -22.51 37.48 17.04
N ARG K 9 -21.38 36.87 16.72
CA ARG K 9 -20.99 35.72 17.61
C ARG K 9 -19.50 35.69 17.78
N LEU K 10 -19.04 36.23 18.90
CA LEU K 10 -17.63 36.30 19.16
C LEU K 10 -17.39 35.88 20.57
N ARG K 11 -16.52 34.89 20.75
CA ARG K 11 -16.16 34.44 22.10
C ARG K 11 -14.66 34.69 22.25
N PRO K 12 -14.29 35.79 22.97
CA PRO K 12 -12.86 36.21 23.05
C PRO K 12 -12.04 35.34 23.98
N PRO K 13 -10.72 35.22 23.71
CA PRO K 13 -9.88 34.39 24.58
C PRO K 13 -9.53 35.14 25.88
N ALA K 14 -10.55 35.42 26.69
CA ALA K 14 -10.43 36.34 27.83
C ALA K 14 -11.09 35.73 29.02
N MET K 15 -10.36 35.74 30.12
CA MET K 15 -10.88 35.55 31.47
C MET K 15 -11.74 34.29 31.51
N GLY K 16 -13.01 34.41 31.89
CA GLY K 16 -13.84 33.23 32.06
C GLY K 16 -14.02 32.35 30.83
N PHE K 17 -13.89 32.92 29.62
CA PHE K 17 -14.01 32.14 28.35
C PHE K 17 -12.90 31.11 28.16
N LEU K 18 -11.79 31.26 28.84
CA LEU K 18 -10.67 30.32 28.74
C LEU K 18 -10.99 28.98 29.36
N ASN K 19 -12.12 28.91 30.05
CA ASN K 19 -12.64 27.66 30.63
C ASN K 19 -13.58 26.92 29.73
N ALA K 20 -13.95 27.49 28.58
CA ALA K 20 -14.90 26.84 27.67
C ALA K 20 -14.20 25.78 26.81
N ARG K 21 -14.93 24.74 26.43
CA ARG K 21 -14.41 23.71 25.49
C ARG K 21 -13.76 24.24 24.14
N ILE K 22 -14.40 25.23 23.48
CA ILE K 22 -13.73 25.88 22.37
C ILE K 22 -12.28 26.29 22.66
N TYR K 23 -11.90 26.61 23.90
CA TYR K 23 -10.48 26.88 24.24
C TYR K 23 -9.72 25.79 25.01
N THR K 24 -10.39 25.01 25.86
CA THR K 24 -9.70 23.89 26.54
C THR K 24 -9.35 22.66 25.60
N ARG K 25 -10.14 22.47 24.54
CA ARG K 25 -9.91 21.42 23.54
C ARG K 25 -9.62 22.09 22.23
N PRO K 26 -8.48 22.77 22.14
CA PRO K 26 -8.23 23.35 20.80
C PRO K 26 -8.18 22.31 19.62
N ASP K 27 -7.84 21.04 19.92
CA ASP K 27 -7.75 19.96 18.93
C ASP K 27 -9.09 19.66 18.22
N ILE K 28 -10.17 19.59 19.02
CA ILE K 28 -11.47 19.47 18.50
C ILE K 28 -11.83 20.72 17.60
N ARG K 29 -11.65 21.92 18.14
CA ARG K 29 -12.07 23.14 17.47
C ARG K 29 -11.32 23.31 16.16
N ASN K 30 -10.00 23.08 16.18
CA ASN K 30 -9.23 23.20 14.93
C ASN K 30 -9.68 22.18 13.89
N ARG K 31 -10.21 21.04 14.32
CA ARG K 31 -10.69 20.06 13.35
C ARG K 31 -11.88 20.64 12.59
N PHE K 32 -12.72 21.32 13.35
CA PHE K 32 -13.98 21.82 12.80
C PHE K 32 -13.67 22.95 11.80
N THR K 33 -12.85 23.89 12.25
CA THR K 33 -12.33 25.03 11.47
C THR K 33 -11.69 24.56 10.15
N ARG K 34 -10.81 23.57 10.24
CA ARG K 34 -10.14 23.12 9.01
C ARG K 34 -11.11 22.40 8.06
N GLN K 35 -12.06 21.64 8.61
CA GLN K 35 -13.08 21.00 7.80
C GLN K 35 -13.94 22.01 7.03
N LEU K 36 -14.24 23.12 7.69
CA LEU K 36 -14.99 24.20 7.07
C LEU K 36 -14.13 24.90 5.96
N GLY K 37 -12.82 24.90 6.10
CA GLY K 37 -11.98 25.39 4.99
C GLY K 37 -11.11 26.57 5.35
N PHE K 38 -10.98 26.81 6.67
CA PHE K 38 -10.17 27.87 7.27
C PHE K 38 -8.97 27.33 8.03
N GLU K 39 -7.94 28.17 8.20
CA GLU K 39 -6.87 27.92 9.19
C GLU K 39 -7.30 28.55 10.49
N PRO K 40 -6.96 27.93 11.64
CA PRO K 40 -7.21 28.57 12.94
C PRO K 40 -6.59 29.99 13.02
N ALA K 41 -7.25 30.89 13.74
CA ALA K 41 -6.72 32.22 14.06
C ALA K 41 -5.49 32.10 14.98
N PRO K 42 -4.40 32.82 14.65
CA PRO K 42 -3.28 32.78 15.62
C PRO K 42 -3.73 33.07 17.06
N SER K 43 -4.53 34.12 17.23
CA SER K 43 -5.01 34.61 18.52
CA SER K 43 -4.94 34.59 18.54
C SER K 43 -5.68 33.52 19.37
N ALA K 44 -6.45 32.66 18.72
CA ALA K 44 -7.12 31.59 19.41
C ALA K 44 -6.13 30.47 19.76
N GLU K 45 -5.26 30.09 18.82
CA GLU K 45 -4.21 29.10 19.04
C GLU K 45 -3.27 29.54 20.15
N GLU K 46 -2.98 30.83 20.25
CA GLU K 46 -2.13 31.37 21.32
C GLU K 46 -2.92 31.90 22.50
N LYS K 47 -4.24 31.91 22.35
CA LYS K 47 -5.19 32.25 23.42
C LYS K 47 -4.85 33.66 23.91
N SER K 48 -4.56 34.55 22.99
CA SER K 48 -4.05 35.85 23.30
C SER K 48 -5.09 36.91 23.10
N LEU K 49 -5.51 37.62 24.13
CA LEU K 49 -6.50 38.68 23.90
C LEU K 49 -5.96 39.88 23.10
N GLU K 50 -4.70 40.23 23.34
CA GLU K 50 -3.97 41.23 22.52
C GLU K 50 -3.94 40.96 21.03
N LEU K 51 -3.54 39.74 20.64
CA LEU K 51 -3.52 39.35 19.23
C LEU K 51 -4.96 39.44 18.65
N MET K 52 -5.96 38.96 19.40
CA MET K 52 -7.30 39.05 18.92
C MET K 52 -7.78 40.48 18.65
N PHE K 53 -7.54 41.39 19.60
CA PHE K 53 -7.87 42.81 19.42
C PHE K 53 -7.23 43.35 18.13
N GLU K 54 -5.99 42.95 17.86
CA GLU K 54 -5.31 43.34 16.59
C GLU K 54 -6.02 42.74 15.38
N GLU K 55 -6.51 41.52 15.53
CA GLU K 55 -7.18 40.81 14.41
C GLU K 55 -8.56 41.41 14.18
N MET K 56 -9.29 41.64 15.26
CA MET K 56 -10.57 42.37 15.26
C MET K 56 -10.43 43.67 14.50
N ALA K 57 -9.54 44.55 14.95
CA ALA K 57 -9.28 45.84 14.28
C ALA K 57 -8.98 45.70 12.78
N ALA K 58 -8.05 44.80 12.44
CA ALA K 58 -7.65 44.56 11.04
C ALA K 58 -8.80 44.03 10.19
N ALA K 59 -9.81 43.39 10.84
CA ALA K 59 -10.96 42.84 10.12
C ALA K 59 -12.02 43.91 9.90
N GLY K 60 -11.92 45.03 10.63
CA GLY K 60 -12.87 46.13 10.50
C GLY K 60 -14.03 45.91 11.47
N ILE K 61 -13.85 44.96 12.40
CA ILE K 61 -14.89 44.63 13.39
C ILE K 61 -14.66 45.51 14.63
N GLU K 62 -15.61 46.42 14.92
CA GLU K 62 -15.45 47.31 16.08
C GLU K 62 -16.06 46.75 17.36
N GLN K 63 -17.10 45.92 17.24
CA GLN K 63 -17.70 45.29 18.42
C GLN K 63 -18.10 43.85 18.27
N GLY K 64 -18.26 43.16 19.38
CA GLY K 64 -18.63 41.76 19.30
C GLY K 64 -19.68 41.45 20.31
N VAL K 65 -20.43 40.41 20.02
CA VAL K 65 -21.45 40.03 20.92
C VAL K 65 -20.97 38.71 21.45
N CYS K 66 -20.71 38.68 22.77
CA CYS K 66 -20.18 37.51 23.43
CA CYS K 66 -20.18 37.50 23.41
C CYS K 66 -21.27 36.68 24.15
N VAL K 67 -21.34 35.40 23.78
CA VAL K 67 -22.29 34.44 24.29
C VAL K 67 -21.52 33.38 25.11
N GLY K 68 -22.04 33.00 26.27
CA GLY K 68 -21.36 31.98 27.08
C GLY K 68 -22.15 30.70 27.26
N ARG K 69 -21.86 29.97 28.33
CA ARG K 69 -22.34 28.60 28.48
C ARG K 69 -22.67 28.46 29.99
N ASN K 70 -23.88 28.80 30.36
CA ASN K 70 -24.18 28.91 31.78
C ASN K 70 -24.59 27.54 32.42
N SER K 71 -23.87 26.48 32.04
CA SER K 71 -24.13 25.14 32.54
C SER K 71 -23.61 25.19 33.96
N SER K 72 -23.74 24.18 34.79
CA SER K 72 -23.12 24.49 36.10
C SER K 72 -21.92 23.62 36.44
N VAL K 73 -21.17 23.32 35.38
CA VAL K 73 -20.25 22.20 35.31
C VAL K 73 -18.97 22.58 34.52
N LEU K 74 -17.99 21.69 34.51
CA LEU K 74 -16.74 21.86 33.75
C LEU K 74 -17.07 22.42 32.35
N GLY K 75 -16.48 23.55 31.97
CA GLY K 75 -16.73 24.09 30.64
C GLY K 75 -17.69 25.27 30.57
N SER K 76 -18.23 25.67 31.73
CA SER K 76 -19.13 26.82 31.75
C SER K 76 -18.42 28.19 31.73
N VAL K 77 -19.08 29.18 31.12
CA VAL K 77 -18.68 30.58 31.32
C VAL K 77 -19.92 31.27 31.87
N SER K 78 -19.87 31.60 33.16
CA SER K 78 -21.09 32.03 33.88
C SER K 78 -21.54 33.36 33.34
N ASN K 79 -22.76 33.73 33.68
CA ASN K 79 -23.22 35.06 33.38
C ASN K 79 -22.39 36.12 34.07
N ALA K 80 -21.86 35.81 35.26
CA ALA K 80 -21.05 36.81 35.97
C ALA K 80 -19.79 37.02 35.18
N ASP K 81 -19.29 35.94 34.58
CA ASP K 81 -18.00 35.96 33.89
C ASP K 81 -18.14 36.71 32.59
N VAL K 82 -19.26 36.51 31.88
CA VAL K 82 -19.54 37.23 30.65
C VAL K 82 -19.69 38.71 30.95
N ALA K 83 -20.43 39.06 31.99
CA ALA K 83 -20.58 40.48 32.41
C ALA K 83 -19.23 41.16 32.77
N ALA K 84 -18.33 40.41 33.42
CA ALA K 84 -16.98 40.94 33.79
C ALA K 84 -16.09 41.24 32.58
N VAL K 85 -16.26 40.49 31.49
CA VAL K 85 -15.54 40.80 30.24
C VAL K 85 -16.02 42.08 29.58
N ALA K 86 -17.32 42.33 29.58
CA ALA K 86 -17.86 43.59 29.05
C ALA K 86 -17.51 44.85 29.90
N LYS K 87 -17.39 44.64 31.21
CA LYS K 87 -17.03 45.69 32.17
C LYS K 87 -15.59 46.08 31.93
N ALA K 88 -14.72 45.07 31.82
CA ALA K 88 -13.31 45.24 31.41
C ALA K 88 -13.09 45.94 30.05
N TYR K 89 -13.94 45.66 29.06
CA TYR K 89 -13.77 46.22 27.72
C TYR K 89 -15.12 46.68 27.19
N PRO K 90 -15.67 47.74 27.82
CA PRO K 90 -17.08 48.06 27.67
C PRO K 90 -17.43 48.48 26.24
N ASP K 91 -16.43 48.98 25.54
CA ASP K 91 -16.56 49.51 24.19
C ASP K 91 -16.45 48.44 23.14
N LYS K 92 -15.97 47.26 23.54
CA LYS K 92 -15.71 46.18 22.61
C LYS K 92 -16.74 45.05 22.62
N PHE K 93 -17.23 44.69 23.79
CA PHE K 93 -18.04 43.51 23.96
C PHE K 93 -19.40 43.77 24.59
N HIS K 94 -20.43 43.24 23.95
CA HIS K 94 -21.81 43.37 24.40
C HIS K 94 -22.16 42.04 25.04
N PRO K 95 -22.42 42.04 26.36
CA PRO K 95 -22.61 40.72 27.03
C PRO K 95 -24.00 40.13 26.73
N VAL K 96 -24.08 38.80 26.61
CA VAL K 96 -25.36 38.14 26.44
C VAL K 96 -25.51 37.14 27.58
N GLY K 97 -26.67 37.13 28.21
CA GLY K 97 -26.90 36.25 29.34
C GLY K 97 -27.55 34.92 28.93
N SER K 98 -26.96 33.78 29.33
CA SER K 98 -27.58 32.52 28.94
C SER K 98 -28.33 31.82 30.11
N ILE K 99 -29.53 31.30 29.83
CA ILE K 99 -30.30 30.49 30.80
C ILE K 99 -30.17 29.00 30.49
N GLU K 100 -29.75 28.23 31.50
CA GLU K 100 -29.65 26.81 31.37
C GLU K 100 -30.13 26.27 32.71
N ALA K 101 -31.34 25.71 32.73
CA ALA K 101 -31.99 25.38 34.01
C ALA K 101 -32.82 24.12 34.00
N ALA K 102 -32.87 23.40 35.14
CA ALA K 102 -33.76 22.22 35.26
C ALA K 102 -35.23 22.54 35.68
N THR K 103 -35.47 23.68 36.33
CA THR K 103 -36.79 24.02 36.85
C THR K 103 -37.04 25.52 36.63
N ARG K 104 -38.31 25.91 36.53
CA ARG K 104 -38.66 27.29 36.27
C ARG K 104 -38.08 28.19 37.34
N LYS K 105 -38.11 27.78 38.61
CA LYS K 105 -37.60 28.69 39.65
C LYS K 105 -36.09 28.95 39.57
N GLU K 106 -35.29 27.98 39.13
CA GLU K 106 -33.89 28.27 38.69
C GLU K 106 -33.83 29.27 37.57
N ALA K 107 -34.61 29.06 36.50
CA ALA K 107 -34.59 29.94 35.34
C ALA K 107 -34.87 31.40 35.70
N MET K 108 -35.85 31.64 36.59
CA MET K 108 -36.22 32.98 37.03
C MET K 108 -35.09 33.57 37.82
N ALA K 109 -34.48 32.76 38.69
CA ALA K 109 -33.39 33.24 39.52
C ALA K 109 -32.19 33.60 38.58
N GLN K 110 -31.95 32.78 37.55
CA GLN K 110 -30.94 33.12 36.54
C GLN K 110 -31.23 34.39 35.79
N MET K 111 -32.50 34.56 35.42
CA MET K 111 -32.94 35.77 34.74
C MET K 111 -32.74 37.00 35.64
N GLN K 112 -33.16 36.93 36.90
CA GLN K 112 -32.87 38.01 37.84
C GLN K 112 -31.35 38.36 37.88
N GLU K 113 -30.47 37.40 38.01
CA GLU K 113 -29.06 37.75 38.04
C GLU K 113 -28.57 38.41 36.74
N ILE K 114 -28.98 37.86 35.61
CA ILE K 114 -28.75 38.42 34.29
C ILE K 114 -29.09 39.93 34.23
N LEU K 115 -30.26 40.27 34.73
CA LEU K 115 -30.76 41.66 34.76
C LEU K 115 -30.01 42.53 35.77
N ASP K 116 -29.83 42.03 36.99
CA ASP K 116 -28.97 42.66 38.02
C ASP K 116 -27.52 42.95 37.52
N LEU K 117 -27.00 42.12 36.62
CA LEU K 117 -25.67 42.34 36.00
C LEU K 117 -25.65 43.38 34.90
N GLY K 118 -26.82 43.86 34.48
CA GLY K 118 -26.86 44.89 33.44
C GLY K 118 -27.05 44.32 32.04
N ILE K 119 -27.20 43.01 31.96
CA ILE K 119 -27.34 42.34 30.67
C ILE K 119 -28.77 42.47 30.19
N ARG K 120 -28.93 42.72 28.89
CA ARG K 120 -30.24 42.97 28.28
C ARG K 120 -30.60 42.05 27.10
N ILE K 121 -29.78 41.04 26.84
CA ILE K 121 -30.08 40.08 25.78
C ILE K 121 -29.95 38.70 26.38
N VAL K 122 -30.90 37.80 26.10
CA VAL K 122 -30.75 36.37 26.52
C VAL K 122 -30.43 35.35 25.41
N ASN K 123 -29.72 34.30 25.79
CA ASN K 123 -29.34 33.23 24.89
C ASN K 123 -29.89 31.94 25.42
N LEU K 124 -30.28 31.02 24.54
CA LEU K 124 -30.73 29.74 25.00
C LEU K 124 -30.27 28.73 23.99
N GLU K 125 -29.65 27.65 24.47
CA GLU K 125 -29.22 26.57 23.67
C GLU K 125 -29.74 25.27 24.29
N PRO K 126 -31.05 25.02 24.29
CA PRO K 126 -31.56 23.88 25.06
C PRO K 126 -31.21 22.47 24.53
N GLY K 127 -30.78 22.35 23.27
CA GLY K 127 -30.32 21.07 22.74
C GLY K 127 -29.03 20.60 23.37
N VAL K 128 -28.29 21.47 24.03
CA VAL K 128 -27.01 21.14 24.62
C VAL K 128 -26.99 21.15 26.12
N TRP K 129 -28.14 21.34 26.74
CA TRP K 129 -28.28 21.14 28.16
C TRP K 129 -28.01 19.67 28.55
N ALA K 130 -27.65 19.44 29.80
CA ALA K 130 -27.49 18.06 30.33
C ALA K 130 -28.81 17.21 30.19
N THR K 131 -29.94 17.89 30.20
CA THR K 131 -31.16 17.28 29.76
C THR K 131 -31.68 18.08 28.60
N PRO K 132 -31.55 17.53 27.38
CA PRO K 132 -31.75 18.26 26.14
C PRO K 132 -33.21 18.46 25.88
N MET K 133 -33.56 19.64 25.37
CA MET K 133 -34.94 19.87 24.96
C MET K 133 -34.98 20.68 23.68
N HIS K 134 -36.09 20.55 22.97
CA HIS K 134 -36.37 21.40 21.82
C HIS K 134 -36.69 22.86 22.24
N VAL K 135 -36.31 23.83 21.41
CA VAL K 135 -36.70 25.27 21.58
C VAL K 135 -38.18 25.54 21.78
N ASP K 136 -39.06 24.70 21.20
CA ASP K 136 -40.46 24.84 21.46
C ASP K 136 -41.02 23.93 22.56
N ASP K 137 -40.17 23.45 23.47
CA ASP K 137 -40.67 22.61 24.60
C ASP K 137 -41.54 23.49 25.46
N ARG K 138 -42.62 22.90 26.00
CA ARG K 138 -43.56 23.65 26.80
C ARG K 138 -42.88 24.34 27.97
N ARG K 139 -41.87 23.71 28.57
CA ARG K 139 -41.15 24.25 29.75
C ARG K 139 -40.50 25.61 29.49
N LEU K 140 -40.12 25.92 28.24
CA LEU K 140 -39.45 27.17 27.89
C LEU K 140 -40.44 28.31 27.58
N TYR K 141 -41.71 27.99 27.36
CA TYR K 141 -42.77 29.00 27.05
C TYR K 141 -42.94 30.12 28.12
N PRO K 142 -42.88 29.81 29.44
CA PRO K 142 -42.88 30.91 30.42
C PRO K 142 -41.70 31.90 30.26
N LEU K 143 -40.49 31.41 30.00
CA LEU K 143 -39.39 32.26 29.64
C LEU K 143 -39.67 33.13 28.45
N TYR K 144 -40.15 32.58 27.33
CA TYR K 144 -40.51 33.43 26.15
C TYR K 144 -41.56 34.49 26.45
N ALA K 145 -42.51 34.17 27.34
CA ALA K 145 -43.60 35.09 27.68
C ALA K 145 -43.02 36.28 28.43
N PHE K 146 -42.14 35.98 29.37
CA PHE K 146 -41.50 36.98 30.15
C PHE K 146 -40.66 37.88 29.21
N CYS K 147 -39.89 37.29 28.30
CA CYS K 147 -39.15 38.13 27.33
C CYS K 147 -39.98 38.88 26.29
N GLU K 148 -41.08 38.29 25.83
CA GLU K 148 -41.97 38.95 24.90
C GLU K 148 -42.55 40.22 25.59
N ASP K 149 -43.08 40.04 26.79
CA ASP K 149 -43.63 41.13 27.60
C ASP K 149 -42.65 42.26 27.93
N ASN K 150 -41.39 41.92 28.15
CA ASN K 150 -40.40 42.88 28.64
C ASN K 150 -39.49 43.43 27.51
N GLY K 151 -39.75 43.05 26.27
CA GLY K 151 -39.02 43.68 25.17
C GLY K 151 -37.62 43.13 25.02
N ILE K 152 -37.37 41.94 25.57
CA ILE K 152 -36.02 41.34 25.64
C ILE K 152 -35.79 40.46 24.41
N PRO K 153 -34.79 40.80 23.56
CA PRO K 153 -34.41 39.98 22.46
C PRO K 153 -33.84 38.64 22.90
N VAL K 154 -34.16 37.57 22.18
CA VAL K 154 -33.68 36.23 22.54
C VAL K 154 -32.93 35.59 21.41
N ILE K 155 -31.72 35.11 21.69
CA ILE K 155 -30.89 34.35 20.74
C ILE K 155 -31.11 32.87 21.06
N MET K 156 -31.47 32.06 20.06
CA MET K 156 -31.59 30.62 20.31
C MET K 156 -30.80 29.87 19.26
N MET K 157 -29.98 28.89 19.67
CA MET K 157 -29.26 28.10 18.71
C MET K 157 -30.18 27.07 18.01
N THR K 158 -30.64 27.35 16.79
CA THR K 158 -31.46 26.34 16.11
C THR K 158 -30.85 25.83 14.81
N GLY K 159 -29.58 26.11 14.63
CA GLY K 159 -28.80 25.61 13.47
C GLY K 159 -27.57 24.84 13.92
N GLY K 160 -27.02 24.06 13.00
CA GLY K 160 -25.75 23.37 13.27
C GLY K 160 -25.97 22.28 14.26
N ASN K 161 -25.01 22.05 15.14
CA ASN K 161 -25.13 20.98 16.13
C ASN K 161 -25.91 21.47 17.35
N ALA K 162 -27.14 21.85 17.13
CA ALA K 162 -27.97 22.52 18.13
C ALA K 162 -28.44 21.53 19.21
N GLY K 163 -28.39 20.24 18.91
CA GLY K 163 -28.81 19.20 19.85
C GLY K 163 -28.13 17.92 19.44
N PRO K 164 -28.57 16.80 20.04
CA PRO K 164 -27.89 15.49 19.90
C PRO K 164 -28.15 14.86 18.51
N ASP K 165 -29.19 15.33 17.80
CA ASP K 165 -29.40 14.89 16.43
C ASP K 165 -30.13 15.97 15.66
N ILE K 166 -30.39 15.70 14.41
CA ILE K 166 -30.91 16.71 13.48
C ILE K 166 -32.35 17.11 13.73
N THR K 167 -33.14 16.35 14.48
CA THR K 167 -34.44 16.84 14.87
C THR K 167 -34.31 18.16 15.67
N TYR K 168 -33.14 18.43 16.29
CA TYR K 168 -32.95 19.65 17.08
C TYR K 168 -32.76 20.92 16.23
N THR K 169 -32.68 20.73 14.94
CA THR K 169 -32.79 21.87 14.04
C THR K 169 -33.99 21.84 13.15
N ASN K 170 -34.91 20.87 13.29
CA ASN K 170 -36.08 20.87 12.40
C ASN K 170 -36.76 22.23 12.54
N PRO K 171 -37.03 22.92 11.43
CA PRO K 171 -37.62 24.28 11.52
C PRO K 171 -39.02 24.32 12.17
N GLU K 172 -39.69 23.16 12.29
CA GLU K 172 -40.99 23.15 13.01
C GLU K 172 -40.87 23.72 14.40
N HIS K 173 -39.72 23.49 15.06
CA HIS K 173 -39.56 24.02 16.45
C HIS K 173 -39.50 25.58 16.62
N ILE K 174 -38.59 26.29 15.93
CA ILE K 174 -38.54 27.68 16.04
C ILE K 174 -39.80 28.34 15.43
N ASP K 175 -40.42 27.73 14.41
CA ASP K 175 -41.61 28.30 13.81
C ASP K 175 -42.76 28.24 14.79
N ARG K 176 -42.83 27.22 15.64
CA ARG K 176 -43.92 27.27 16.67
C ARG K 176 -43.70 28.39 17.72
N VAL K 177 -42.42 28.57 18.15
CA VAL K 177 -42.10 29.66 19.09
C VAL K 177 -42.49 31.02 18.47
N LEU K 178 -42.13 31.21 17.21
CA LEU K 178 -42.46 32.46 16.52
C LEU K 178 -43.98 32.67 16.36
N GLY K 179 -44.72 31.60 16.03
CA GLY K 179 -46.18 31.69 15.92
C GLY K 179 -46.77 32.09 17.26
N ASP K 180 -46.25 31.50 18.34
CA ASP K 180 -46.86 31.64 19.66
C ASP K 180 -46.43 32.88 20.41
N PHE K 181 -45.31 33.51 19.99
CA PHE K 181 -44.89 34.73 20.55
C PHE K 181 -44.61 35.67 19.40
N PRO K 182 -45.69 36.24 18.81
CA PRO K 182 -45.49 37.05 17.60
C PRO K 182 -44.78 38.41 17.79
N ASP K 183 -44.63 38.85 19.02
CA ASP K 183 -43.99 40.14 19.26
C ASP K 183 -42.62 39.96 19.94
N LEU K 184 -42.05 38.76 19.80
CA LEU K 184 -40.76 38.42 20.43
C LEU K 184 -39.73 38.50 19.30
N THR K 185 -38.75 39.36 19.48
CA THR K 185 -37.53 39.38 18.68
C THR K 185 -36.67 38.14 18.97
N VAL K 186 -36.44 37.33 17.96
CA VAL K 186 -35.64 36.11 18.13
C VAL K 186 -34.51 36.15 17.12
N VAL K 187 -33.33 35.75 17.54
CA VAL K 187 -32.23 35.58 16.65
C VAL K 187 -31.92 34.09 16.63
N SER K 188 -32.03 33.44 15.47
CA SER K 188 -31.54 32.06 15.24
C SER K 188 -30.04 32.06 14.99
N SER K 189 -29.28 31.65 16.01
CA SER K 189 -27.86 31.46 15.82
C SER K 189 -27.65 30.18 15.03
N HIS K 190 -26.67 30.24 14.13
CA HIS K 190 -26.43 29.32 13.03
C HIS K 190 -27.51 29.31 11.93
N GLY K 191 -28.43 30.27 11.97
CA GLY K 191 -29.48 30.42 10.95
C GLY K 191 -30.39 29.21 10.63
N ASN K 192 -30.53 28.32 11.59
CA ASN K 192 -31.31 27.12 11.36
C ASN K 192 -30.74 26.24 10.22
N TRP K 193 -29.48 26.50 9.83
CA TRP K 193 -28.77 25.62 8.92
C TRP K 193 -28.85 24.20 9.54
N PRO K 194 -29.11 23.13 8.73
CA PRO K 194 -29.18 23.04 7.25
C PRO K 194 -30.50 23.30 6.54
N TRP K 195 -31.60 23.49 7.31
CA TRP K 195 -32.92 23.63 6.71
C TRP K 195 -33.10 25.00 6.07
N VAL K 196 -32.29 25.31 5.07
CA VAL K 196 -32.30 26.67 4.64
C VAL K 196 -33.49 27.06 3.75
N GLN K 197 -33.92 26.21 2.83
CA GLN K 197 -35.10 26.55 1.98
C GLN K 197 -36.26 26.85 2.95
N GLU K 198 -36.28 26.08 4.05
CA GLU K 198 -37.42 26.10 4.98
C GLU K 198 -37.35 27.34 5.85
N ILE K 199 -36.15 27.67 6.34
CA ILE K 199 -36.02 28.88 7.23
C ILE K 199 -36.24 30.26 6.55
N ILE K 200 -35.99 30.32 5.26
CA ILE K 200 -36.28 31.52 4.54
C ILE K 200 -37.80 31.72 4.51
N HIS K 201 -38.54 30.69 4.20
CA HIS K 201 -40.02 30.70 4.48
C HIS K 201 -40.39 31.19 5.87
N VAL K 202 -39.86 30.56 6.90
CA VAL K 202 -40.17 30.97 8.27
C VAL K 202 -39.84 32.48 8.49
N ALA K 203 -38.69 32.96 8.00
CA ALA K 203 -38.39 34.38 8.15
C ALA K 203 -39.34 35.23 7.29
N PHE K 204 -39.81 34.66 6.20
CA PHE K 204 -40.76 35.40 5.35
C PHE K 204 -42.06 35.61 6.12
N ARG K 205 -42.56 34.55 6.75
CA ARG K 205 -43.81 34.62 7.47
C ARG K 205 -43.70 35.31 8.88
N ARG K 206 -42.61 35.12 9.61
CA ARG K 206 -42.45 35.61 10.99
C ARG K 206 -41.60 36.87 11.04
N PRO K 207 -42.24 38.04 11.15
CA PRO K 207 -41.53 39.29 10.92
C PRO K 207 -40.46 39.56 11.96
N ASN K 208 -40.51 38.89 13.09
CA ASN K 208 -39.58 39.23 14.12
C ASN K 208 -38.39 38.29 14.26
N LEU K 209 -38.22 37.40 13.26
CA LEU K 209 -37.06 36.47 13.21
C LEU K 209 -35.81 37.14 12.52
N TYR K 210 -34.68 37.18 13.21
CA TYR K 210 -33.42 37.56 12.54
C TYR K 210 -32.62 36.24 12.30
N LEU K 211 -31.72 36.26 11.35
CA LEU K 211 -31.01 35.03 11.07
C LEU K 211 -29.57 35.29 11.19
N SER K 212 -28.84 34.42 11.89
CA SER K 212 -27.39 34.63 11.91
C SER K 212 -26.62 33.33 11.57
N PRO K 213 -26.43 33.05 10.28
CA PRO K 213 -25.82 31.80 9.84
C PRO K 213 -24.39 31.62 10.26
N ASP K 214 -23.70 32.72 10.44
CA ASP K 214 -22.32 32.71 10.88
C ASP K 214 -21.44 31.77 9.99
N MET K 215 -20.77 30.86 10.65
CA MET K 215 -19.87 29.93 10.01
C MET K 215 -20.48 29.09 8.89
N TYR K 216 -21.73 28.71 9.04
CA TYR K 216 -22.47 27.87 8.08
C TYR K 216 -22.85 28.50 6.75
N LEU K 217 -22.76 29.82 6.67
CA LEU K 217 -22.77 30.53 5.37
C LEU K 217 -21.59 30.09 4.49
N TYR K 218 -20.53 29.55 5.07
CA TYR K 218 -19.35 29.39 4.24
C TYR K 218 -19.28 28.10 3.41
N ASN K 219 -19.60 28.16 2.12
CA ASN K 219 -19.40 27.05 1.13
C ASN K 219 -20.21 25.80 1.46
N LEU K 220 -21.40 25.98 2.01
CA LEU K 220 -22.28 24.93 2.42
C LEU K 220 -23.67 25.12 1.79
N PRO K 221 -24.49 24.02 1.67
CA PRO K 221 -25.80 24.16 0.99
C PRO K 221 -26.58 25.31 1.63
N GLY K 222 -27.41 25.99 0.85
CA GLY K 222 -28.21 27.06 1.46
C GLY K 222 -27.57 28.46 1.31
N HIS K 223 -26.26 28.46 0.98
CA HIS K 223 -25.55 29.70 0.79
C HIS K 223 -26.30 30.68 -0.17
N ALA K 224 -26.72 30.18 -1.33
CA ALA K 224 -27.37 31.00 -2.35
C ALA K 224 -28.74 31.47 -1.87
N ASP K 225 -29.49 30.60 -1.18
CA ASP K 225 -30.74 30.99 -0.52
C ASP K 225 -30.56 32.18 0.41
N PHE K 226 -29.57 32.13 1.34
CA PHE K 226 -29.28 33.27 2.25
C PHE K 226 -28.94 34.55 1.50
N ILE K 227 -28.01 34.47 0.57
CA ILE K 227 -27.62 35.68 -0.23
C ILE K 227 -28.79 36.24 -1.06
N GLN K 228 -29.55 35.39 -1.75
CA GLN K 228 -30.78 35.89 -2.39
C GLN K 228 -31.82 36.54 -1.37
N ALA K 229 -31.88 36.05 -0.15
CA ALA K 229 -32.80 36.66 0.80
C ALA K 229 -32.19 37.98 1.35
N ALA K 230 -30.89 37.95 1.62
CA ALA K 230 -30.17 39.18 2.05
C ALA K 230 -30.41 40.30 1.00
N ASN K 231 -30.52 39.95 -0.28
CA ASN K 231 -30.74 40.97 -1.30
C ASN K 231 -32.17 41.38 -1.51
N SER K 232 -33.08 40.74 -0.81
CA SER K 232 -34.49 40.90 -0.98
C SER K 232 -35.03 41.24 0.42
N PHE K 233 -36.03 40.53 0.96
CA PHE K 233 -36.70 40.99 2.18
C PHE K 233 -35.87 40.77 3.47
N LEU K 234 -34.88 39.88 3.41
CA LEU K 234 -34.08 39.56 4.61
C LEU K 234 -32.88 40.51 4.85
N ALA K 235 -32.66 41.51 3.97
CA ALA K 235 -31.75 42.66 4.24
C ALA K 235 -31.79 43.26 5.66
N ASP K 236 -32.99 43.46 6.22
CA ASP K 236 -33.15 44.04 7.56
C ASP K 236 -33.13 43.06 8.72
N ARG K 237 -32.97 41.77 8.42
CA ARG K 237 -33.00 40.77 9.43
C ARG K 237 -31.88 39.72 9.34
N MET K 238 -30.80 39.98 8.64
CA MET K 238 -29.70 39.04 8.71
C MET K 238 -28.57 39.73 9.50
N LEU K 239 -27.79 38.96 10.24
CA LEU K 239 -26.76 39.52 11.14
C LEU K 239 -25.46 38.86 10.79
N PHE K 240 -24.43 39.66 10.52
CA PHE K 240 -23.08 39.13 10.25
C PHE K 240 -22.57 38.56 11.55
N GLY K 241 -21.93 37.40 11.47
CA GLY K 241 -21.31 36.74 12.61
C GLY K 241 -20.20 35.79 12.13
N THR K 242 -19.10 35.70 12.86
CA THR K 242 -17.96 34.83 12.51
C THR K 242 -17.95 33.52 13.30
N ALA K 243 -18.64 33.50 14.48
CA ALA K 243 -18.54 32.37 15.43
C ALA K 243 -17.10 32.17 15.99
N TYR K 244 -16.23 33.13 15.80
CA TYR K 244 -14.91 33.12 16.39
C TYR K 244 -14.97 32.57 17.83
N PRO K 245 -14.07 31.66 18.17
CA PRO K 245 -12.91 31.22 17.39
C PRO K 245 -13.10 30.00 16.47
N MET K 246 -14.33 29.51 16.27
CA MET K 246 -14.58 28.49 15.21
C MET K 246 -14.08 28.97 13.83
N CYS K 247 -14.23 30.28 13.53
CA CYS K 247 -13.71 30.85 12.28
C CYS K 247 -12.76 32.00 12.59
N PRO K 248 -11.63 32.15 11.85
CA PRO K 248 -10.69 33.29 11.96
C PRO K 248 -11.34 34.60 11.52
N LEU K 249 -11.21 35.66 12.33
CA LEU K 249 -11.90 36.94 12.06
C LEU K 249 -11.53 37.51 10.71
N LYS K 250 -10.22 37.48 10.47
CA LYS K 250 -9.69 38.17 9.31
C LYS K 250 -10.18 37.49 8.00
N GLU K 251 -9.96 36.18 7.85
CA GLU K 251 -10.32 35.48 6.61
C GLU K 251 -11.83 35.32 6.37
N TYR K 252 -12.57 35.20 7.46
CA TYR K 252 -14.01 35.10 7.32
C TYR K 252 -14.60 36.43 6.84
N THR K 253 -14.19 37.53 7.50
CA THR K 253 -14.67 38.89 7.19
C THR K 253 -14.28 39.32 5.82
N GLU K 254 -13.00 39.12 5.44
CA GLU K 254 -12.54 39.41 4.08
C GLU K 254 -13.39 38.74 2.96
N TRP K 255 -13.54 37.42 3.03
CA TRP K 255 -14.46 36.67 2.18
C TRP K 255 -15.87 37.27 2.23
N PHE K 256 -16.46 37.39 3.43
CA PHE K 256 -17.83 37.94 3.51
C PHE K 256 -17.99 39.27 2.70
N LEU K 257 -17.07 40.21 2.92
CA LEU K 257 -17.01 41.48 2.22
C LEU K 257 -17.02 41.43 0.68
N THR K 258 -16.68 40.28 0.09
CA THR K 258 -16.73 40.14 -1.35
C THR K 258 -17.99 39.44 -1.87
N LEU K 259 -18.94 39.14 -1.01
CA LEU K 259 -20.16 38.52 -1.45
C LEU K 259 -21.05 39.44 -2.32
N PRO K 260 -21.81 38.89 -3.27
CA PRO K 260 -22.72 39.71 -4.11
C PRO K 260 -23.97 40.19 -3.35
N ILE K 261 -23.80 41.11 -2.42
CA ILE K 261 -24.91 41.59 -1.59
C ILE K 261 -24.88 43.06 -1.86
N LYS K 262 -26.04 43.64 -2.19
CA LYS K 262 -26.01 45.05 -2.61
C LYS K 262 -25.65 45.97 -1.43
N PRO K 263 -25.08 47.12 -1.75
CA PRO K 263 -24.45 47.96 -0.71
C PRO K 263 -25.35 48.38 0.53
N ASP K 264 -26.61 48.79 0.31
CA ASP K 264 -27.48 49.18 1.42
CA ASP K 264 -27.45 49.20 1.43
C ASP K 264 -27.76 47.97 2.33
N ALA K 265 -27.99 46.80 1.72
CA ALA K 265 -28.18 45.52 2.44
C ALA K 265 -26.94 45.17 3.25
N MET K 266 -25.77 45.48 2.69
CA MET K 266 -24.51 45.02 3.25
C MET K 266 -24.26 45.84 4.54
N GLU K 267 -24.50 47.15 4.52
CA GLU K 267 -24.46 47.97 5.71
C GLU K 267 -25.39 47.47 6.82
N LYS K 268 -26.60 47.09 6.46
CA LYS K 268 -27.54 46.64 7.50
C LYS K 268 -27.01 45.40 8.14
N ILE K 269 -26.56 44.46 7.32
CA ILE K 269 -26.15 43.16 7.77
C ILE K 269 -24.87 43.23 8.62
N LEU K 270 -23.92 44.07 8.16
CA LEU K 270 -22.68 44.30 8.83
C LEU K 270 -22.79 44.99 10.18
N HIS K 271 -23.65 46.01 10.30
CA HIS K 271 -23.87 46.67 11.60
C HIS K 271 -25.30 47.17 11.93
N GLY K 272 -26.05 47.60 10.92
CA GLY K 272 -27.27 48.37 11.13
C GLY K 272 -28.32 47.56 11.85
N ASN K 273 -28.54 46.33 11.38
CA ASN K 273 -29.47 45.38 12.06
C ASN K 273 -29.05 45.10 13.47
N ALA K 274 -27.77 44.80 13.68
CA ALA K 274 -27.32 44.60 15.09
C ALA K 274 -27.51 45.88 15.94
N GLU K 275 -27.19 47.05 15.43
CA GLU K 275 -27.46 48.30 16.22
C GLU K 275 -28.91 48.39 16.70
N ARG K 276 -29.82 47.98 15.82
CA ARG K 276 -31.21 48.04 16.07
C ARG K 276 -31.61 47.14 17.26
N LEU K 277 -31.12 45.90 17.21
CA LEU K 277 -31.34 44.94 18.29
C LEU K 277 -30.77 45.42 19.59
N LEU K 278 -29.57 46.00 19.51
CA LEU K 278 -28.92 46.60 20.66
C LEU K 278 -29.76 47.77 21.21
N ALA K 279 -30.35 48.55 20.30
CA ALA K 279 -31.13 49.70 20.68
C ALA K 279 -32.35 49.20 21.37
N GLN K 280 -33.00 48.17 20.79
CA GLN K 280 -34.13 47.53 21.44
C GLN K 280 -33.81 47.15 22.88
N ALA K 281 -32.67 46.52 23.09
CA ALA K 281 -32.37 45.93 24.37
C ALA K 281 -32.11 46.99 25.51
N GLY K 282 -31.53 48.16 25.14
CA GLY K 282 -31.50 49.35 26.01
C GLY K 282 -32.90 49.88 26.39
N ARG K 283 -33.97 49.18 26.01
CA ARG K 283 -35.39 49.56 26.26
C ARG K 283 -35.71 50.95 25.75
N LEU L 3 -49.82 33.15 -27.69
CA LEU L 3 -49.49 32.16 -26.63
C LEU L 3 -50.58 32.16 -25.56
N LYS L 4 -51.55 31.24 -25.66
CA LYS L 4 -52.63 31.08 -24.68
C LYS L 4 -52.16 30.76 -23.27
N ILE L 5 -52.80 31.36 -22.26
CA ILE L 5 -52.43 31.19 -20.85
C ILE L 5 -53.69 30.94 -20.00
N ILE L 6 -53.66 29.91 -19.17
CA ILE L 6 -54.72 29.70 -18.19
C ILE L 6 -54.08 29.89 -16.84
N ASP L 7 -54.62 30.82 -16.04
CA ASP L 7 -54.06 31.13 -14.74
C ASP L 7 -54.71 30.20 -13.72
N PHE L 8 -53.90 29.36 -13.07
CA PHE L 8 -54.43 28.39 -12.12
C PHE L 8 -54.82 28.90 -10.74
N ARG L 9 -54.50 30.13 -10.40
CA ARG L 9 -55.03 30.63 -9.12
C ARG L 9 -55.42 32.08 -9.27
N LEU L 10 -56.66 32.31 -9.63
CA LEU L 10 -57.04 33.69 -9.81
C LEU L 10 -58.35 33.99 -9.10
N ARG L 11 -58.33 34.89 -8.09
CA ARG L 11 -59.50 35.32 -7.30
C ARG L 11 -59.90 36.77 -7.70
N PRO L 12 -60.91 36.88 -8.58
CA PRO L 12 -61.23 38.20 -9.11
C PRO L 12 -61.99 39.10 -8.12
N PRO L 13 -61.90 40.40 -8.25
CA PRO L 13 -62.57 41.25 -7.29
C PRO L 13 -64.06 41.41 -7.64
N ALA L 14 -64.80 40.32 -7.58
CA ALA L 14 -66.20 40.36 -7.91
C ALA L 14 -67.18 39.62 -7.02
N MET L 15 -68.33 40.24 -6.78
CA MET L 15 -69.38 39.51 -6.11
C MET L 15 -68.88 39.00 -4.79
N GLY L 16 -68.95 37.72 -4.59
CA GLY L 16 -68.60 37.08 -3.36
C GLY L 16 -67.18 37.31 -2.94
N PHE L 17 -66.26 37.36 -3.87
CA PHE L 17 -64.86 37.54 -3.58
C PHE L 17 -64.48 38.81 -2.79
N LEU L 18 -65.22 39.87 -2.91
CA LEU L 18 -64.97 41.09 -2.17
C LEU L 18 -65.19 40.97 -0.63
N ASN L 19 -65.90 39.92 -0.17
CA ASN L 19 -65.96 39.55 1.28
C ASN L 19 -64.73 38.85 1.82
N ALA L 20 -63.83 38.40 0.95
CA ALA L 20 -62.58 37.76 1.41
C ALA L 20 -61.55 38.77 1.93
N ARG L 21 -60.79 38.33 2.94
CA ARG L 21 -59.75 39.14 3.58
C ARG L 21 -58.71 39.71 2.58
N ILE L 22 -58.49 39.02 1.47
CA ILE L 22 -57.58 39.48 0.42
C ILE L 22 -58.12 40.75 -0.23
N TYR L 23 -59.38 41.09 0.03
CA TYR L 23 -59.94 42.36 -0.48
C TYR L 23 -60.34 43.31 0.61
N THR L 24 -60.83 42.77 1.72
CA THR L 24 -61.28 43.56 2.86
C THR L 24 -60.07 44.05 3.70
N ARG L 25 -58.94 43.35 3.64
CA ARG L 25 -57.73 43.82 4.31
C ARG L 25 -56.55 44.07 3.33
N PRO L 26 -56.74 45.02 2.40
CA PRO L 26 -55.70 45.20 1.40
C PRO L 26 -54.36 45.67 2.04
N ASP L 27 -54.43 46.41 3.13
CA ASP L 27 -53.23 46.73 3.93
C ASP L 27 -52.29 45.51 4.21
N ILE L 28 -52.89 44.39 4.59
CA ILE L 28 -52.19 43.16 4.87
C ILE L 28 -51.69 42.51 3.58
N ARG L 29 -52.54 42.50 2.55
CA ARG L 29 -52.19 41.85 1.31
C ARG L 29 -51.08 42.63 0.63
N ASN L 30 -51.17 43.94 0.71
CA ASN L 30 -50.22 44.79 0.03
C ASN L 30 -48.81 44.67 0.62
N ARG L 31 -48.72 44.42 1.93
CA ARG L 31 -47.43 44.11 2.57
C ARG L 31 -46.82 42.82 2.06
N PHE L 32 -47.68 41.85 1.87
CA PHE L 32 -47.25 40.57 1.37
C PHE L 32 -46.66 40.71 -0.05
N THR L 33 -47.47 41.26 -0.95
CA THR L 33 -47.08 41.50 -2.30
C THR L 33 -45.76 42.27 -2.39
N ARG L 34 -45.64 43.39 -1.68
CA ARG L 34 -44.42 44.19 -1.73
C ARG L 34 -43.22 43.45 -1.12
N GLN L 35 -43.45 42.64 -0.08
CA GLN L 35 -42.34 41.81 0.46
C GLN L 35 -41.86 40.83 -0.61
N LEU L 36 -42.79 40.25 -1.38
CA LEU L 36 -42.42 39.36 -2.47
C LEU L 36 -41.58 40.04 -3.57
N GLY L 37 -41.80 41.32 -3.85
CA GLY L 37 -40.99 42.05 -4.82
C GLY L 37 -41.85 42.76 -5.86
N PHE L 38 -43.16 42.78 -5.66
CA PHE L 38 -44.10 43.32 -6.66
C PHE L 38 -44.78 44.54 -6.08
N GLU L 39 -45.11 45.48 -6.98
CA GLU L 39 -46.15 46.47 -6.76
C GLU L 39 -47.52 45.85 -6.85
N PRO L 40 -48.43 46.22 -5.93
CA PRO L 40 -49.80 45.70 -5.97
C PRO L 40 -50.47 45.96 -7.33
N ALA L 41 -51.36 45.07 -7.79
CA ALA L 41 -52.06 45.25 -9.06
C ALA L 41 -53.05 46.41 -8.92
N PRO L 42 -53.05 47.34 -9.89
CA PRO L 42 -54.07 48.42 -9.84
C PRO L 42 -55.53 47.90 -9.78
N SER L 43 -55.86 46.86 -10.53
CA SER L 43 -57.20 46.30 -10.44
C SER L 43 -57.50 45.75 -9.05
N ALA L 44 -56.48 45.24 -8.36
CA ALA L 44 -56.63 44.81 -6.95
C ALA L 44 -56.93 46.03 -6.05
N GLU L 45 -56.12 47.08 -6.13
CA GLU L 45 -56.32 48.29 -5.30
C GLU L 45 -57.65 48.99 -5.52
N GLU L 46 -58.11 49.04 -6.76
CA GLU L 46 -59.32 49.79 -7.13
C GLU L 46 -60.50 48.85 -6.98
N LYS L 47 -60.20 47.56 -6.68
CA LYS L 47 -61.21 46.49 -6.63
C LYS L 47 -62.13 46.57 -7.85
N SER L 48 -61.54 46.60 -9.02
CA SER L 48 -62.29 46.80 -10.22
C SER L 48 -62.12 45.58 -11.08
N LEU L 49 -63.24 44.90 -11.29
CA LEU L 49 -63.30 43.77 -12.16
C LEU L 49 -63.00 44.16 -13.64
N GLU L 50 -63.58 45.27 -14.09
CA GLU L 50 -63.28 45.78 -15.42
C GLU L 50 -61.83 46.03 -15.68
N LEU L 51 -61.14 46.69 -14.73
CA LEU L 51 -59.70 46.94 -14.86
C LEU L 51 -58.95 45.57 -14.84
N MET L 52 -59.50 44.62 -14.09
CA MET L 52 -58.87 43.30 -14.03
C MET L 52 -58.92 42.60 -15.40
N PHE L 53 -60.09 42.58 -16.06
CA PHE L 53 -60.19 42.05 -17.42
C PHE L 53 -59.19 42.72 -18.40
N GLU L 54 -59.01 44.04 -18.28
CA GLU L 54 -58.09 44.78 -19.14
C GLU L 54 -56.67 44.31 -18.91
N GLU L 55 -56.27 44.14 -17.65
CA GLU L 55 -54.99 43.53 -17.32
C GLU L 55 -54.82 42.05 -17.81
N MET L 56 -55.79 41.20 -17.51
CA MET L 56 -55.79 39.80 -17.97
C MET L 56 -55.55 39.82 -19.47
N ALA L 57 -56.28 40.70 -20.20
CA ALA L 57 -56.23 40.71 -21.67
C ALA L 57 -54.90 41.22 -22.17
N ALA L 58 -54.36 42.26 -21.53
CA ALA L 58 -53.02 42.75 -21.84
C ALA L 58 -51.91 41.74 -21.48
N ALA L 59 -52.17 40.85 -20.52
CA ALA L 59 -51.12 39.84 -20.14
C ALA L 59 -51.15 38.56 -20.99
N GLY L 60 -52.23 38.36 -21.76
CA GLY L 60 -52.46 37.19 -22.58
C GLY L 60 -53.14 36.08 -21.77
N ILE L 61 -53.81 36.42 -20.65
CA ILE L 61 -54.47 35.41 -19.83
C ILE L 61 -55.87 35.27 -20.32
N GLU L 62 -56.10 34.13 -20.97
CA GLU L 62 -57.42 33.81 -21.51
C GLU L 62 -58.44 33.51 -20.42
N GLN L 63 -58.04 32.73 -19.41
CA GLN L 63 -58.97 32.10 -18.45
C GLN L 63 -58.27 31.92 -17.09
N GLY L 64 -59.12 31.79 -16.07
CA GLY L 64 -58.69 31.77 -14.71
C GLY L 64 -59.42 30.73 -13.92
N VAL L 65 -58.66 30.00 -13.08
CA VAL L 65 -59.25 29.03 -12.17
C VAL L 65 -59.51 29.75 -10.85
N CYS L 66 -60.78 29.77 -10.44
CA CYS L 66 -61.24 30.55 -9.33
C CYS L 66 -61.50 29.70 -8.13
N VAL L 67 -60.76 30.02 -7.09
CA VAL L 67 -60.78 29.26 -5.87
C VAL L 67 -61.36 30.09 -4.76
N GLY L 68 -62.38 29.56 -4.13
CA GLY L 68 -63.01 30.13 -2.96
C GLY L 68 -62.35 29.84 -1.63
N ARG L 69 -62.54 30.69 -0.69
CA ARG L 69 -61.86 30.57 0.57
C ARG L 69 -62.86 30.05 1.53
N ASN L 70 -63.97 29.70 0.94
CA ASN L 70 -65.07 29.03 1.56
C ASN L 70 -65.81 29.50 2.74
N SER L 71 -65.91 28.58 3.69
CA SER L 71 -66.74 28.63 4.85
C SER L 71 -66.18 29.17 6.15
N SER L 72 -67.02 29.58 7.09
CA SER L 72 -68.43 29.95 6.91
C SER L 72 -68.78 31.27 7.56
N VAL L 73 -67.77 31.83 8.15
CA VAL L 73 -67.76 33.00 8.95
C VAL L 73 -67.26 34.16 8.13
N LEU L 74 -67.10 35.32 8.73
CA LEU L 74 -66.57 36.46 8.00
C LEU L 74 -65.36 36.10 7.09
N GLY L 75 -65.45 36.54 5.83
CA GLY L 75 -64.39 36.40 4.84
C GLY L 75 -64.52 35.16 3.98
N SER L 76 -65.66 34.50 4.13
CA SER L 76 -65.89 33.32 3.35
C SER L 76 -66.25 33.78 1.90
N VAL L 77 -65.97 32.95 0.89
CA VAL L 77 -66.62 33.03 -0.42
C VAL L 77 -67.21 31.66 -0.74
N SER L 78 -68.53 31.57 -0.68
CA SER L 78 -69.14 30.23 -0.69
C SER L 78 -69.12 29.63 -2.09
N ASN L 79 -69.45 28.35 -2.16
CA ASN L 79 -69.55 27.66 -3.43
C ASN L 79 -70.60 28.22 -4.41
N ALA L 80 -71.83 28.43 -3.93
CA ALA L 80 -72.81 29.19 -4.72
C ALA L 80 -72.25 30.55 -5.26
N ASP L 81 -71.42 31.23 -4.48
CA ASP L 81 -70.91 32.53 -4.93
C ASP L 81 -69.91 32.39 -6.04
N VAL L 82 -69.10 31.33 -5.92
CA VAL L 82 -68.07 31.00 -6.88
C VAL L 82 -68.76 30.55 -8.17
N ALA L 83 -69.90 29.83 -8.05
CA ALA L 83 -70.60 29.30 -9.21
C ALA L 83 -71.31 30.44 -9.96
N ALA L 84 -71.72 31.46 -9.21
CA ALA L 84 -72.37 32.69 -9.74
C ALA L 84 -71.39 33.57 -10.57
N VAL L 85 -70.15 33.64 -10.12
CA VAL L 85 -69.11 34.40 -10.81
C VAL L 85 -68.80 33.75 -12.16
N ALA L 86 -68.58 32.43 -12.13
CA ALA L 86 -68.27 31.62 -13.31
C ALA L 86 -69.41 31.72 -14.29
N LYS L 87 -70.65 31.60 -13.77
CA LYS L 87 -71.86 31.69 -14.61
C LYS L 87 -72.05 33.11 -15.20
N ALA L 88 -71.71 34.16 -14.45
CA ALA L 88 -71.64 35.52 -15.02
C ALA L 88 -70.56 35.68 -16.10
N TYR L 89 -69.44 34.97 -15.98
CA TYR L 89 -68.34 35.09 -16.96
C TYR L 89 -67.78 33.74 -17.41
N PRO L 90 -68.64 32.92 -18.08
CA PRO L 90 -68.40 31.51 -18.48
C PRO L 90 -67.18 31.29 -19.38
N ASP L 91 -66.85 32.28 -20.15
CA ASP L 91 -65.69 32.20 -21.01
C ASP L 91 -64.39 32.50 -20.21
N LYS L 92 -64.50 33.05 -19.01
CA LYS L 92 -63.31 33.63 -18.28
C LYS L 92 -62.87 32.86 -17.02
N PHE L 93 -63.82 32.23 -16.37
CA PHE L 93 -63.61 31.65 -15.04
C PHE L 93 -64.05 30.21 -14.97
N HIS L 94 -63.18 29.39 -14.42
CA HIS L 94 -63.47 28.01 -14.20
C HIS L 94 -63.76 27.90 -12.68
N PRO L 95 -64.98 27.48 -12.29
CA PRO L 95 -65.23 27.46 -10.83
C PRO L 95 -64.63 26.23 -10.12
N VAL L 96 -64.14 26.44 -8.91
CA VAL L 96 -63.58 25.35 -8.04
C VAL L 96 -64.39 25.43 -6.76
N GLY L 97 -64.83 24.31 -6.30
CA GLY L 97 -65.72 24.24 -5.12
C GLY L 97 -64.90 23.81 -3.92
N SER L 98 -64.98 24.56 -2.84
CA SER L 98 -64.12 24.14 -1.76
C SER L 98 -64.94 23.46 -0.63
N ILE L 99 -64.34 22.46 0.00
CA ILE L 99 -64.96 21.82 1.15
C ILE L 99 -64.23 22.27 2.43
N GLU L 100 -65.04 22.62 3.42
CA GLU L 100 -64.54 22.91 4.74
C GLU L 100 -65.62 22.42 5.73
N ALA L 101 -65.37 21.30 6.40
CA ALA L 101 -66.41 20.66 7.21
C ALA L 101 -65.82 19.97 8.42
N ALA L 102 -66.58 19.98 9.53
CA ALA L 102 -66.10 19.37 10.79
C ALA L 102 -66.16 17.85 10.59
N THR L 103 -67.37 17.41 10.25
CA THR L 103 -67.77 15.99 10.14
C THR L 103 -68.01 15.52 8.69
N ARG L 104 -67.87 14.21 8.48
CA ARG L 104 -67.99 13.59 7.15
C ARG L 104 -69.36 13.85 6.52
N LYS L 105 -70.41 13.85 7.31
CA LYS L 105 -71.72 14.13 6.77
C LYS L 105 -71.90 15.59 6.29
N GLU L 106 -71.27 16.56 6.98
CA GLU L 106 -71.26 17.95 6.51
C GLU L 106 -70.49 18.03 5.20
N ALA L 107 -69.39 17.30 5.15
CA ALA L 107 -68.55 17.31 3.98
C ALA L 107 -69.27 16.76 2.75
N MET L 108 -70.17 15.79 2.94
CA MET L 108 -70.80 15.17 1.76
C MET L 108 -72.07 15.93 1.36
N ALA L 109 -72.63 16.69 2.29
CA ALA L 109 -73.74 17.55 1.96
C ALA L 109 -73.15 18.70 1.14
N GLN L 110 -71.95 19.15 1.52
CA GLN L 110 -71.15 20.13 0.73
C GLN L 110 -70.71 19.68 -0.65
N MET L 111 -70.20 18.46 -0.73
CA MET L 111 -69.88 17.90 -2.05
C MET L 111 -71.12 17.82 -3.01
N GLN L 112 -72.28 17.38 -2.50
CA GLN L 112 -73.47 17.17 -3.31
C GLN L 112 -73.94 18.53 -3.86
N GLU L 113 -73.80 19.56 -3.04
CA GLU L 113 -74.06 20.94 -3.42
C GLU L 113 -73.08 21.42 -4.50
N ILE L 114 -71.79 21.18 -4.31
CA ILE L 114 -70.79 21.47 -5.37
C ILE L 114 -71.14 20.84 -6.75
N LEU L 115 -71.44 19.53 -6.77
CA LEU L 115 -71.85 18.80 -7.98
C LEU L 115 -73.19 19.30 -8.56
N ASP L 116 -74.14 19.65 -7.69
CA ASP L 116 -75.37 20.31 -8.10
C ASP L 116 -75.14 21.67 -8.77
N LEU L 117 -74.12 22.42 -8.35
CA LEU L 117 -73.84 23.71 -8.97
C LEU L 117 -73.10 23.61 -10.28
N GLY L 118 -72.78 22.38 -10.69
CA GLY L 118 -72.07 22.20 -11.93
C GLY L 118 -70.57 22.31 -11.78
N ILE L 119 -70.10 22.38 -10.54
CA ILE L 119 -68.63 22.50 -10.33
C ILE L 119 -68.01 21.12 -10.40
N ARG L 120 -66.82 21.01 -11.03
CA ARG L 120 -66.17 19.69 -11.24
C ARG L 120 -64.76 19.52 -10.68
N ILE L 121 -64.38 20.41 -9.79
CA ILE L 121 -63.04 20.36 -9.22
C ILE L 121 -63.27 20.77 -7.79
N VAL L 122 -62.61 20.07 -6.86
CA VAL L 122 -62.73 20.36 -5.48
C VAL L 122 -61.43 20.92 -4.96
N ASN L 123 -61.55 21.82 -4.01
CA ASN L 123 -60.39 22.47 -3.36
C ASN L 123 -60.46 22.19 -1.86
N LEU L 124 -59.35 21.83 -1.26
CA LEU L 124 -59.23 21.69 0.24
C LEU L 124 -58.01 22.46 0.77
N GLU L 125 -58.24 23.32 1.74
CA GLU L 125 -57.18 24.00 2.47
C GLU L 125 -57.34 23.68 3.95
N PRO L 126 -57.16 22.42 4.38
CA PRO L 126 -57.68 22.11 5.76
C PRO L 126 -56.86 22.71 6.91
N GLY L 127 -55.66 23.19 6.56
CA GLY L 127 -54.82 23.95 7.47
C GLY L 127 -55.40 25.30 7.91
N VAL L 128 -56.29 25.90 7.12
CA VAL L 128 -56.92 27.16 7.55
C VAL L 128 -58.37 27.01 7.96
N TRP L 129 -58.78 25.80 8.34
CA TRP L 129 -60.12 25.59 8.83
C TRP L 129 -60.13 26.10 10.23
N ALA L 130 -61.34 26.40 10.75
CA ALA L 130 -61.49 26.86 12.16
C ALA L 130 -60.89 25.87 13.15
N THR L 131 -60.97 24.58 12.89
CA THR L 131 -60.00 23.69 13.56
C THR L 131 -59.11 23.08 12.49
N PRO L 132 -57.85 23.53 12.42
CA PRO L 132 -56.94 23.09 11.36
C PRO L 132 -56.69 21.61 11.38
N MET L 133 -56.71 20.93 10.23
CA MET L 133 -56.08 19.59 10.12
C MET L 133 -55.02 19.47 9.01
N HIS L 134 -54.20 18.42 9.07
CA HIS L 134 -53.28 18.05 7.99
C HIS L 134 -54.02 17.33 6.86
N VAL L 135 -53.40 17.36 5.69
CA VAL L 135 -54.09 16.84 4.48
C VAL L 135 -54.18 15.34 4.45
N ASP L 136 -53.31 14.69 5.25
CA ASP L 136 -53.43 13.29 5.43
C ASP L 136 -54.21 12.84 6.68
N ASP L 137 -54.94 13.76 7.30
CA ASP L 137 -55.87 13.36 8.36
C ASP L 137 -56.82 12.21 7.95
N ARG L 138 -56.86 11.15 8.77
CA ARG L 138 -57.82 10.09 8.64
C ARG L 138 -59.25 10.54 8.21
N ARG L 139 -59.67 11.68 8.75
CA ARG L 139 -60.99 12.20 8.50
C ARG L 139 -61.23 12.65 7.08
N LEU L 140 -60.18 12.90 6.30
CA LEU L 140 -60.30 13.31 4.95
C LEU L 140 -60.28 12.15 3.95
N TYR L 141 -59.81 11.01 4.40
CA TYR L 141 -59.76 9.86 3.49
C TYR L 141 -61.03 9.46 2.79
N PRO L 142 -62.19 9.36 3.47
CA PRO L 142 -63.44 9.07 2.77
C PRO L 142 -63.78 10.06 1.61
N LEU L 143 -63.42 11.33 1.75
CA LEU L 143 -63.50 12.28 0.64
C LEU L 143 -62.49 11.95 -0.48
N TYR L 144 -61.26 11.61 -0.14
CA TYR L 144 -60.30 11.23 -1.20
C TYR L 144 -60.77 10.02 -1.94
N ALA L 145 -61.36 9.06 -1.25
CA ALA L 145 -61.89 7.85 -1.92
C ALA L 145 -63.03 8.16 -2.90
N PHE L 146 -64.02 8.92 -2.47
CA PHE L 146 -65.01 9.51 -3.35
C PHE L 146 -64.41 10.21 -4.61
N CYS L 147 -63.48 11.16 -4.43
CA CYS L 147 -62.85 11.85 -5.58
C CYS L 147 -62.00 10.92 -6.49
N GLU L 148 -61.22 9.99 -5.93
CA GLU L 148 -60.55 8.97 -6.70
C GLU L 148 -61.50 8.07 -7.55
N ASP L 149 -62.57 7.56 -6.94
CA ASP L 149 -63.54 6.72 -7.59
C ASP L 149 -64.29 7.40 -8.73
N ASN L 150 -64.52 8.70 -8.61
CA ASN L 150 -65.29 9.46 -9.56
C ASN L 150 -64.49 10.30 -10.56
N GLY L 151 -63.17 10.19 -10.51
CA GLY L 151 -62.31 11.01 -11.40
C GLY L 151 -62.32 12.52 -11.14
N ILE L 152 -62.55 12.93 -9.91
CA ILE L 152 -62.58 14.36 -9.56
C ILE L 152 -61.18 14.85 -9.16
N PRO L 153 -60.62 15.80 -9.94
CA PRO L 153 -59.35 16.37 -9.49
C PRO L 153 -59.57 17.18 -8.21
N VAL L 154 -58.54 17.13 -7.38
CA VAL L 154 -58.53 17.80 -6.09
C VAL L 154 -57.31 18.73 -6.02
N ILE L 155 -57.59 19.99 -5.74
CA ILE L 155 -56.59 20.95 -5.45
C ILE L 155 -56.44 20.99 -3.91
N MET L 156 -55.23 20.91 -3.41
CA MET L 156 -55.06 21.00 -1.96
C MET L 156 -53.92 21.98 -1.71
N MET L 157 -54.12 22.83 -0.71
CA MET L 157 -53.10 23.85 -0.37
C MET L 157 -52.11 23.18 0.56
N THR L 158 -50.90 23.00 0.08
CA THR L 158 -49.88 22.36 0.93
C THR L 158 -48.54 23.09 0.89
N GLY L 159 -48.57 24.27 0.28
CA GLY L 159 -47.44 25.16 0.34
C GLY L 159 -47.83 26.50 0.93
N GLY L 160 -46.82 27.35 1.00
CA GLY L 160 -46.89 28.64 1.71
C GLY L 160 -47.44 28.59 3.14
N ASN L 161 -48.38 29.51 3.42
CA ASN L 161 -48.97 29.58 4.73
C ASN L 161 -50.20 28.63 4.85
N ALA L 162 -49.94 27.33 4.74
CA ALA L 162 -51.03 26.38 4.54
C ALA L 162 -51.68 26.04 5.86
N GLY L 163 -51.04 26.36 6.99
CA GLY L 163 -51.62 26.06 8.30
C GLY L 163 -51.02 27.02 9.32
N PRO L 164 -51.30 26.79 10.61
CA PRO L 164 -50.77 27.70 11.67
C PRO L 164 -49.20 27.75 11.72
N ASP L 165 -48.56 26.70 11.17
CA ASP L 165 -47.11 26.56 11.22
C ASP L 165 -46.63 25.63 10.11
N ILE L 166 -45.32 25.48 10.07
CA ILE L 166 -44.73 24.84 8.93
C ILE L 166 -44.94 23.35 8.87
N THR L 167 -45.44 22.71 9.96
CA THR L 167 -45.67 21.28 9.95
C THR L 167 -46.74 21.06 8.86
N TYR L 168 -47.55 22.11 8.58
CA TYR L 168 -48.66 21.98 7.64
C TYR L 168 -48.23 21.94 6.19
N THR L 169 -46.99 22.27 5.91
CA THR L 169 -46.51 22.08 4.55
C THR L 169 -45.46 20.94 4.48
N ASN L 170 -45.14 20.29 5.56
CA ASN L 170 -44.21 19.13 5.44
C ASN L 170 -44.71 18.12 4.35
N PRO L 171 -43.84 17.80 3.38
CA PRO L 171 -44.19 16.90 2.27
C PRO L 171 -44.62 15.48 2.63
N GLU L 172 -44.31 15.00 3.84
CA GLU L 172 -44.87 13.70 4.24
C GLU L 172 -46.38 13.70 4.21
N HIS L 173 -47.05 14.84 4.37
CA HIS L 173 -48.53 14.79 4.42
C HIS L 173 -49.14 14.52 3.04
N ILE L 174 -48.66 15.25 2.02
CA ILE L 174 -49.20 15.08 0.69
C ILE L 174 -48.72 13.74 0.10
N ASP L 175 -47.48 13.35 0.41
CA ASP L 175 -47.00 12.04 0.01
C ASP L 175 -47.79 10.83 0.55
N ARG L 176 -48.25 10.87 1.81
CA ARG L 176 -49.21 9.79 2.25
C ARG L 176 -50.46 9.73 1.41
N VAL L 177 -51.12 10.86 1.15
CA VAL L 177 -52.34 10.87 0.34
C VAL L 177 -52.16 10.26 -1.05
N LEU L 178 -51.08 10.65 -1.75
CA LEU L 178 -50.75 10.21 -3.10
C LEU L 178 -50.44 8.70 -3.12
N GLY L 179 -49.71 8.19 -2.16
CA GLY L 179 -49.54 6.75 -2.19
C GLY L 179 -50.79 5.98 -1.70
N ASP L 180 -51.73 6.63 -1.01
CA ASP L 180 -52.89 5.86 -0.48
C ASP L 180 -54.05 5.97 -1.55
N PHE L 181 -53.96 6.94 -2.46
CA PHE L 181 -54.95 7.21 -3.59
C PHE L 181 -54.14 7.41 -4.85
N PRO L 182 -53.55 6.29 -5.36
CA PRO L 182 -52.52 6.40 -6.41
C PRO L 182 -53.17 6.82 -7.74
N ASP L 183 -54.50 6.79 -7.84
CA ASP L 183 -55.17 7.20 -9.09
C ASP L 183 -55.83 8.53 -8.96
N LEU L 184 -55.64 9.18 -7.82
CA LEU L 184 -56.22 10.51 -7.63
C LEU L 184 -55.33 11.65 -8.20
N THR L 185 -55.97 12.54 -8.97
CA THR L 185 -55.34 13.74 -9.50
C THR L 185 -55.34 14.81 -8.43
N VAL L 186 -54.17 15.30 -8.11
CA VAL L 186 -54.06 16.26 -7.04
C VAL L 186 -53.19 17.38 -7.57
N VAL L 187 -53.62 18.63 -7.32
CA VAL L 187 -52.78 19.78 -7.61
C VAL L 187 -52.31 20.35 -6.26
N SER L 188 -51.00 20.49 -6.09
CA SER L 188 -50.53 21.09 -4.85
C SER L 188 -50.48 22.62 -5.04
N SER L 189 -51.40 23.35 -4.46
CA SER L 189 -51.33 24.79 -4.72
C SER L 189 -50.24 25.38 -3.84
N HIS L 190 -49.45 26.31 -4.38
CA HIS L 190 -48.22 26.79 -3.80
C HIS L 190 -47.08 25.78 -3.89
N GLY L 191 -47.29 24.67 -4.61
CA GLY L 191 -46.21 23.73 -4.95
C GLY L 191 -45.52 23.10 -3.73
N ASN L 192 -46.17 23.07 -2.56
CA ASN L 192 -45.55 22.58 -1.30
C ASN L 192 -44.28 23.39 -0.91
N TRP L 193 -44.19 24.59 -1.42
CA TRP L 193 -43.11 25.50 -1.03
C TRP L 193 -43.27 25.67 0.48
N PRO L 194 -42.13 25.67 1.30
CA PRO L 194 -40.74 25.82 0.81
C PRO L 194 -39.90 24.50 0.63
N TRP L 195 -40.52 23.35 0.89
CA TRP L 195 -39.92 21.99 0.77
C TRP L 195 -39.77 21.59 -0.68
N VAL L 196 -38.96 22.34 -1.46
CA VAL L 196 -38.94 22.12 -2.85
C VAL L 196 -38.13 20.88 -3.29
N GLN L 197 -36.97 20.67 -2.68
CA GLN L 197 -36.13 19.52 -3.00
C GLN L 197 -36.99 18.28 -2.81
N GLU L 198 -37.72 18.24 -1.70
CA GLU L 198 -38.65 17.18 -1.46
C GLU L 198 -39.82 16.95 -2.38
N ILE L 199 -40.65 17.99 -2.63
CA ILE L 199 -41.77 17.89 -3.52
C ILE L 199 -41.45 17.48 -4.91
N ILE L 200 -40.33 17.91 -5.44
CA ILE L 200 -39.84 17.41 -6.72
C ILE L 200 -39.69 15.88 -6.73
N HIS L 201 -39.08 15.32 -5.71
CA HIS L 201 -39.09 13.86 -5.55
C HIS L 201 -40.51 13.26 -5.41
N VAL L 202 -41.38 13.92 -4.64
CA VAL L 202 -42.74 13.31 -4.49
C VAL L 202 -43.39 13.31 -5.91
N ALA L 203 -43.08 14.34 -6.71
CA ALA L 203 -43.74 14.45 -8.00
C ALA L 203 -43.10 13.43 -9.00
N PHE L 204 -41.79 13.23 -8.85
CA PHE L 204 -41.08 12.20 -9.63
C PHE L 204 -41.71 10.86 -9.40
N ARG L 205 -42.08 10.58 -8.16
CA ARG L 205 -42.60 9.27 -7.76
C ARG L 205 -44.09 9.01 -7.98
N ARG L 206 -44.90 10.06 -7.78
CA ARG L 206 -46.34 10.04 -7.84
C ARG L 206 -46.89 10.68 -9.12
N PRO L 207 -47.26 9.86 -10.11
CA PRO L 207 -47.53 10.33 -11.48
C PRO L 207 -48.75 11.22 -11.64
N ASN L 208 -49.62 11.23 -10.66
CA ASN L 208 -50.82 12.05 -10.70
C ASN L 208 -50.76 13.38 -9.91
N LEU L 209 -49.59 13.75 -9.40
CA LEU L 209 -49.39 15.04 -8.70
C LEU L 209 -49.00 16.13 -9.69
N TYR L 210 -49.75 17.24 -9.66
CA TYR L 210 -49.43 18.42 -10.41
C TYR L 210 -49.00 19.51 -9.41
N LEU L 211 -48.01 20.33 -9.77
CA LEU L 211 -47.50 21.35 -8.86
C LEU L 211 -47.84 22.75 -9.41
N SER L 212 -48.29 23.63 -8.53
CA SER L 212 -48.63 24.97 -8.96
C SER L 212 -47.94 25.93 -7.99
N PRO L 213 -46.69 26.24 -8.19
CA PRO L 213 -45.97 27.10 -7.25
C PRO L 213 -46.51 28.53 -7.17
N ASP L 214 -47.09 29.01 -8.23
CA ASP L 214 -47.70 30.32 -8.25
C ASP L 214 -46.75 31.39 -7.74
N MET L 215 -47.16 32.14 -6.76
CA MET L 215 -46.40 33.22 -6.28
C MET L 215 -44.99 32.88 -5.78
N TYR L 216 -44.85 31.75 -5.14
CA TYR L 216 -43.58 31.35 -4.53
C TYR L 216 -42.42 30.96 -5.49
N LEU L 217 -42.73 30.82 -6.77
CA LEU L 217 -41.67 30.74 -7.82
C LEU L 217 -40.77 31.95 -7.89
N TYR L 218 -41.31 33.11 -7.50
CA TYR L 218 -40.65 34.36 -7.70
C TYR L 218 -39.55 34.67 -6.68
N ASN L 219 -38.30 34.46 -7.13
CA ASN L 219 -37.13 34.95 -6.41
C ASN L 219 -36.98 34.29 -5.03
N LEU L 220 -37.39 33.03 -4.91
CA LEU L 220 -37.42 32.34 -3.60
C LEU L 220 -36.67 31.02 -3.65
N PRO L 221 -36.28 30.43 -2.48
CA PRO L 221 -35.62 29.12 -2.55
C PRO L 221 -36.48 28.11 -3.33
N GLY L 222 -35.79 27.26 -4.09
CA GLY L 222 -36.43 26.26 -4.89
C GLY L 222 -36.72 26.63 -6.31
N HIS L 223 -36.46 27.88 -6.70
CA HIS L 223 -36.88 28.31 -8.06
C HIS L 223 -36.15 27.52 -9.14
N ALA L 224 -34.86 27.29 -8.91
CA ALA L 224 -34.01 26.58 -9.88
C ALA L 224 -34.38 25.09 -9.96
N ASP L 225 -34.73 24.48 -8.81
CA ASP L 225 -35.35 23.12 -8.71
C ASP L 225 -36.65 23.03 -9.52
N PHE L 226 -37.57 23.99 -9.33
CA PHE L 226 -38.80 24.03 -10.14
C PHE L 226 -38.52 24.12 -11.63
N ILE L 227 -37.63 25.02 -11.98
CA ILE L 227 -37.32 25.23 -13.38
C ILE L 227 -36.66 24.00 -13.94
N GLN L 228 -35.78 23.39 -13.16
CA GLN L 228 -35.03 22.24 -13.68
C GLN L 228 -35.99 21.12 -14.05
N ALA L 229 -36.96 20.84 -13.16
CA ALA L 229 -37.96 19.86 -13.34
C ALA L 229 -38.85 20.19 -14.52
N ALA L 230 -39.27 21.45 -14.65
CA ALA L 230 -40.07 21.88 -15.78
C ALA L 230 -39.47 21.54 -17.12
N ASN L 231 -38.14 21.71 -17.22
CA ASN L 231 -37.40 21.35 -18.42
C ASN L 231 -37.25 19.85 -18.63
N SER L 232 -37.65 19.09 -17.62
CA SER L 232 -37.51 17.62 -17.66
CA SER L 232 -37.50 17.64 -17.56
C SER L 232 -38.85 16.92 -17.45
N PHE L 233 -38.93 16.01 -16.47
CA PHE L 233 -40.06 15.12 -16.32
C PHE L 233 -41.31 15.85 -15.93
N LEU L 234 -41.18 17.03 -15.35
CA LEU L 234 -42.31 17.68 -14.79
C LEU L 234 -43.01 18.65 -15.78
N ALA L 235 -42.49 18.65 -17.00
CA ALA L 235 -43.05 19.46 -18.07
C ALA L 235 -44.56 19.29 -18.12
N ASP L 236 -45.03 18.05 -17.98
CA ASP L 236 -46.46 17.77 -18.07
C ASP L 236 -47.27 18.01 -16.80
N ARG L 237 -46.61 18.35 -15.69
CA ARG L 237 -47.40 18.50 -14.47
C ARG L 237 -47.17 19.79 -13.67
N MET L 238 -46.60 20.79 -14.32
CA MET L 238 -46.50 22.11 -13.73
C MET L 238 -47.65 23.00 -14.26
N LEU L 239 -48.23 23.85 -13.40
CA LEU L 239 -49.33 24.76 -13.76
C LEU L 239 -48.92 26.19 -13.43
N PHE L 240 -48.92 27.05 -14.45
CA PHE L 240 -48.81 28.48 -14.28
C PHE L 240 -49.97 28.98 -13.43
N GLY L 241 -49.65 29.86 -12.47
CA GLY L 241 -50.63 30.60 -11.72
C GLY L 241 -50.02 31.80 -11.06
N THR L 242 -50.82 32.82 -10.82
CA THR L 242 -50.30 34.06 -10.26
C THR L 242 -50.63 34.22 -8.80
N ALA L 243 -51.62 33.49 -8.26
CA ALA L 243 -52.23 33.81 -6.97
C ALA L 243 -52.89 35.20 -6.95
N TYR L 244 -53.14 35.82 -8.11
CA TYR L 244 -53.83 37.10 -8.12
C TYR L 244 -54.95 37.06 -7.05
N PRO L 245 -55.07 38.10 -6.20
CA PRO L 245 -54.41 39.44 -6.19
C PRO L 245 -53.08 39.54 -5.40
N MET L 246 -52.48 38.39 -5.02
CA MET L 246 -51.22 38.44 -4.27
C MET L 246 -50.10 39.02 -5.15
N CYS L 247 -50.16 38.70 -6.44
CA CYS L 247 -49.17 39.15 -7.44
C CYS L 247 -50.02 39.78 -8.55
N PRO L 248 -49.52 40.89 -9.17
CA PRO L 248 -50.13 41.51 -10.34
C PRO L 248 -50.08 40.58 -11.56
N LEU L 249 -51.15 40.59 -12.37
CA LEU L 249 -51.21 39.69 -13.51
C LEU L 249 -50.10 40.01 -14.51
N LYS L 250 -50.01 41.31 -14.84
CA LYS L 250 -49.11 41.80 -15.86
C LYS L 250 -47.67 41.49 -15.53
N GLU L 251 -47.15 41.99 -14.41
CA GLU L 251 -45.72 41.85 -14.10
C GLU L 251 -45.29 40.40 -13.84
N TYR L 252 -46.21 39.60 -13.22
CA TYR L 252 -45.93 38.21 -12.93
C TYR L 252 -45.85 37.45 -14.22
N THR L 253 -46.82 37.65 -15.11
CA THR L 253 -46.82 36.94 -16.41
C THR L 253 -45.64 37.36 -17.32
N GLU L 254 -45.32 38.63 -17.34
CA GLU L 254 -44.18 39.10 -18.14
C GLU L 254 -42.88 38.40 -17.75
N TRP L 255 -42.55 38.46 -16.46
CA TRP L 255 -41.43 37.75 -15.89
C TRP L 255 -41.47 36.26 -16.23
N PHE L 256 -42.60 35.59 -15.95
CA PHE L 256 -42.68 34.13 -16.12
C PHE L 256 -42.39 33.67 -17.56
N LEU L 257 -42.79 34.49 -18.53
CA LEU L 257 -42.50 34.24 -19.94
C LEU L 257 -41.02 34.47 -20.33
N THR L 258 -40.25 35.20 -19.55
CA THR L 258 -38.78 35.31 -19.82
C THR L 258 -37.93 34.15 -19.15
N LEU L 259 -38.55 33.33 -18.30
CA LEU L 259 -37.83 32.21 -17.70
C LEU L 259 -37.27 31.18 -18.71
N PRO L 260 -36.12 30.57 -18.38
CA PRO L 260 -35.52 29.61 -19.31
C PRO L 260 -36.19 28.26 -19.33
N ILE L 261 -37.39 28.21 -19.85
CA ILE L 261 -38.18 27.00 -19.97
C ILE L 261 -38.31 26.71 -21.47
N LYS L 262 -37.86 25.53 -21.90
CA LYS L 262 -38.02 25.11 -23.26
C LYS L 262 -39.46 25.28 -23.83
N PRO L 263 -39.57 25.75 -25.11
CA PRO L 263 -40.86 26.08 -25.80
C PRO L 263 -41.99 25.04 -25.59
N ASP L 264 -41.75 23.77 -25.87
CA ASP L 264 -42.83 22.76 -25.73
C ASP L 264 -43.28 22.56 -24.25
N ALA L 265 -42.36 22.67 -23.27
CA ALA L 265 -42.74 22.62 -21.87
C ALA L 265 -43.47 23.90 -21.57
N MET L 266 -43.02 25.01 -22.12
CA MET L 266 -43.67 26.32 -21.82
C MET L 266 -45.13 26.36 -22.17
N GLU L 267 -45.50 25.81 -23.30
CA GLU L 267 -46.94 25.73 -23.68
C GLU L 267 -47.71 24.73 -22.78
N LYS L 268 -47.01 23.70 -22.32
CA LYS L 268 -47.69 22.76 -21.40
C LYS L 268 -48.09 23.46 -20.09
N ILE L 269 -47.15 24.23 -19.52
CA ILE L 269 -47.29 24.84 -18.22
C ILE L 269 -48.17 26.05 -18.31
N LEU L 270 -48.09 26.80 -19.42
CA LEU L 270 -49.03 27.93 -19.58
C LEU L 270 -50.51 27.52 -19.81
N HIS L 271 -50.77 26.47 -20.56
CA HIS L 271 -52.17 26.11 -20.80
C HIS L 271 -52.45 24.63 -20.97
N GLY L 272 -51.55 23.87 -21.56
CA GLY L 272 -51.91 22.49 -21.95
C GLY L 272 -52.23 21.56 -20.77
N ASN L 273 -51.48 21.74 -19.66
CA ASN L 273 -51.65 20.92 -18.48
C ASN L 273 -52.96 21.24 -17.82
N ALA L 274 -53.25 22.53 -17.69
CA ALA L 274 -54.54 22.97 -17.20
C ALA L 274 -55.69 22.47 -18.07
N GLU L 275 -55.51 22.61 -19.39
CA GLU L 275 -56.54 22.03 -20.28
C GLU L 275 -56.81 20.53 -20.06
N ARG L 276 -55.79 19.74 -19.72
CA ARG L 276 -55.97 18.32 -19.44
C ARG L 276 -56.79 18.09 -18.14
N LEU L 277 -56.51 18.88 -17.14
CA LEU L 277 -57.33 18.76 -15.89
C LEU L 277 -58.79 19.10 -16.16
N LEU L 278 -58.99 20.25 -16.80
CA LEU L 278 -60.33 20.68 -17.22
C LEU L 278 -61.00 19.58 -18.05
N ALA L 279 -60.28 18.95 -18.97
CA ALA L 279 -60.92 17.87 -19.77
C ALA L 279 -61.31 16.69 -18.86
N GLN L 280 -60.43 16.29 -17.93
CA GLN L 280 -60.75 15.24 -16.98
C GLN L 280 -61.96 15.56 -16.08
N ALA L 281 -62.06 16.81 -15.61
CA ALA L 281 -63.23 17.27 -14.82
C ALA L 281 -64.57 17.18 -15.60
N GLY L 282 -64.49 17.49 -16.90
CA GLY L 282 -65.64 17.27 -17.83
C GLY L 282 -65.86 15.78 -18.06
N ARG L 283 -64.77 15.04 -17.95
CA ARG L 283 -64.69 13.58 -18.08
C ARG L 283 -64.11 13.04 -19.39
#